data_1WFM
#
_entry.id   1WFM
#
_entity_poly.entity_id   1
_entity_poly.type   'polypeptide(L)'
_entity_poly.pdbx_seq_one_letter_code
;GSSGSSGSWNQAPKLHYCLDYDCQKAELFVTRLEAVTSNHDGGCDCYVQGSVANRTGSVEAQTALKKRQLHTTWEEGLVL
PLAEEELPTATLTLTLRTCDRFSRHSVAGELRLGLDGTSVPLGAAQWGELKTSGPSSG
;
_entity_poly.pdbx_strand_id   A
#
# COMPACT_ATOMS: atom_id res chain seq x y z
N GLY A 1 -21.52 19.50 -4.28
CA GLY A 1 -20.23 19.39 -3.63
C GLY A 1 -19.48 20.73 -3.66
N SER A 2 -18.73 20.99 -2.60
CA SER A 2 -17.98 22.22 -2.49
C SER A 2 -17.02 22.14 -1.30
N SER A 3 -16.14 23.12 -1.22
CA SER A 3 -15.16 23.18 -0.14
C SER A 3 -14.19 22.00 -0.25
N GLY A 4 -12.99 22.23 0.26
CA GLY A 4 -11.96 21.20 0.22
C GLY A 4 -11.00 21.35 1.41
N SER A 5 -9.81 20.81 1.22
CA SER A 5 -8.79 20.88 2.27
C SER A 5 -7.43 20.44 1.70
N SER A 6 -6.40 20.63 2.52
CA SER A 6 -5.05 20.26 2.11
C SER A 6 -4.08 20.57 3.25
N GLY A 7 -2.86 20.06 3.09
CA GLY A 7 -1.82 20.27 4.09
C GLY A 7 -0.43 20.00 3.49
N SER A 8 0.55 20.00 4.38
CA SER A 8 1.93 19.77 3.95
C SER A 8 2.67 18.97 5.03
N TRP A 9 2.78 19.58 6.20
CA TRP A 9 3.46 18.95 7.31
C TRP A 9 4.94 18.81 6.94
N ASN A 10 5.77 18.71 7.97
CA ASN A 10 7.20 18.57 7.77
C ASN A 10 7.51 17.14 7.32
N GLN A 11 7.25 16.20 8.22
CA GLN A 11 7.51 14.79 7.92
C GLN A 11 6.42 14.25 7.00
N ALA A 12 6.68 13.06 6.47
CA ALA A 12 5.73 12.42 5.56
C ALA A 12 5.71 10.92 5.85
N PRO A 13 4.55 10.30 5.56
CA PRO A 13 4.37 8.87 5.78
C PRO A 13 5.10 8.07 4.69
N LYS A 14 5.95 7.15 5.15
CA LYS A 14 6.71 6.31 4.25
C LYS A 14 6.22 4.87 4.37
N LEU A 15 6.26 4.17 3.24
CA LEU A 15 5.82 2.78 3.20
C LEU A 15 6.78 1.98 2.33
N HIS A 16 7.35 0.94 2.92
CA HIS A 16 8.28 0.08 2.22
C HIS A 16 7.53 -1.09 1.58
N TYR A 17 7.95 -1.46 0.40
CA TYR A 17 7.33 -2.56 -0.32
C TYR A 17 8.25 -3.12 -1.40
N CYS A 18 8.24 -4.44 -1.52
CA CYS A 18 9.09 -5.10 -2.51
C CYS A 18 8.17 -5.77 -3.54
N LEU A 19 8.26 -5.27 -4.76
CA LEU A 19 7.44 -5.80 -5.85
C LEU A 19 8.21 -6.94 -6.52
N ASP A 20 7.47 -8.02 -6.78
CA ASP A 20 8.06 -9.19 -7.42
C ASP A 20 6.94 -10.05 -8.02
N TYR A 21 6.92 -10.10 -9.34
CA TYR A 21 5.91 -10.88 -10.03
C TYR A 21 6.49 -12.23 -10.48
N ASP A 22 5.97 -13.28 -9.86
CA ASP A 22 6.41 -14.63 -10.19
C ASP A 22 5.57 -15.18 -11.33
N CYS A 23 6.00 -14.87 -12.55
CA CYS A 23 5.29 -15.33 -13.73
C CYS A 23 4.86 -16.78 -13.51
N GLN A 24 5.71 -17.51 -12.79
CA GLN A 24 5.43 -18.91 -12.49
C GLN A 24 4.12 -19.03 -11.73
N LYS A 25 3.98 -18.22 -10.70
CA LYS A 25 2.78 -18.23 -9.88
C LYS A 25 1.79 -17.20 -10.42
N ALA A 26 2.24 -16.45 -11.41
CA ALA A 26 1.41 -15.43 -12.03
C ALA A 26 0.70 -14.63 -10.93
N GLU A 27 1.45 -14.35 -9.87
CA GLU A 27 0.90 -13.60 -8.75
C GLU A 27 1.88 -12.51 -8.31
N LEU A 28 1.35 -11.31 -8.17
CA LEU A 28 2.16 -10.18 -7.77
C LEU A 28 2.42 -10.26 -6.26
N PHE A 29 3.61 -9.82 -5.86
CA PHE A 29 3.99 -9.85 -4.46
C PHE A 29 4.47 -8.46 -4.00
N VAL A 30 4.11 -8.14 -2.77
CA VAL A 30 4.51 -6.85 -2.20
C VAL A 30 5.03 -7.06 -0.79
N THR A 31 6.21 -7.67 -0.72
CA THR A 31 6.84 -7.93 0.57
C THR A 31 7.62 -6.71 1.04
N ARG A 32 8.48 -6.95 2.02
CA ARG A 32 9.30 -5.88 2.57
C ARG A 32 8.41 -4.70 3.00
N LEU A 33 7.55 -4.97 3.97
CA LEU A 33 6.64 -3.95 4.48
C LEU A 33 7.30 -3.23 5.64
N GLU A 34 7.46 -1.93 5.48
CA GLU A 34 8.08 -1.11 6.51
C GLU A 34 7.52 0.31 6.46
N ALA A 35 6.47 0.54 7.23
CA ALA A 35 5.83 1.85 7.29
C ALA A 35 6.67 2.78 8.16
N VAL A 36 6.85 4.00 7.68
CA VAL A 36 7.62 4.99 8.41
C VAL A 36 6.75 6.21 8.68
N THR A 37 6.03 6.15 9.79
CA THR A 37 5.14 7.24 10.18
C THR A 37 5.43 7.67 11.62
N SER A 38 5.95 8.88 11.74
CA SER A 38 6.28 9.42 13.05
C SER A 38 5.13 10.29 13.56
N ASN A 39 4.39 9.76 14.51
CA ASN A 39 3.26 10.46 15.08
C ASN A 39 2.73 9.69 16.29
N HIS A 40 1.98 10.39 17.12
CA HIS A 40 1.40 9.78 18.31
C HIS A 40 0.04 10.40 18.60
N ASP A 41 -0.91 9.54 18.93
CA ASP A 41 -2.26 9.99 19.23
C ASP A 41 -3.19 8.78 19.33
N GLY A 42 -3.24 8.21 20.53
CA GLY A 42 -4.08 7.06 20.77
C GLY A 42 -3.37 5.76 20.36
N GLY A 43 -4.15 4.83 19.84
CA GLY A 43 -3.62 3.56 19.40
C GLY A 43 -4.55 2.87 18.40
N CYS A 44 -3.95 2.13 17.48
CA CYS A 44 -4.73 1.43 16.47
C CYS A 44 -3.79 0.42 15.79
N ASP A 45 -4.41 -0.62 15.24
CA ASP A 45 -3.66 -1.66 14.55
C ASP A 45 -3.55 -1.30 13.07
N CYS A 46 -2.43 -0.69 12.72
CA CYS A 46 -2.20 -0.29 11.34
C CYS A 46 -1.71 -1.52 10.56
N TYR A 47 -2.02 -1.53 9.28
CA TYR A 47 -1.62 -2.63 8.42
C TYR A 47 -1.50 -2.18 6.97
N VAL A 48 -0.74 -2.96 6.20
CA VAL A 48 -0.53 -2.65 4.79
C VAL A 48 -1.61 -3.36 3.96
N GLN A 49 -1.97 -2.72 2.86
CA GLN A 49 -2.98 -3.27 1.97
C GLN A 49 -2.62 -2.98 0.52
N GLY A 50 -2.49 -4.06 -0.25
CA GLY A 50 -2.15 -3.93 -1.66
C GLY A 50 -3.34 -4.26 -2.55
N SER A 51 -3.68 -3.31 -3.41
CA SER A 51 -4.80 -3.48 -4.32
C SER A 51 -4.30 -3.54 -5.76
N VAL A 52 -4.79 -4.53 -6.49
CA VAL A 52 -4.41 -4.72 -7.88
C VAL A 52 -5.66 -4.72 -8.75
N ALA A 53 -5.51 -4.13 -9.93
CA ALA A 53 -6.62 -4.05 -10.87
C ALA A 53 -6.20 -4.68 -12.20
N ASN A 54 -6.86 -5.79 -12.54
CA ASN A 54 -6.56 -6.49 -13.78
C ASN A 54 -7.77 -6.41 -14.71
N ARG A 55 -7.50 -6.54 -16.00
CA ARG A 55 -8.56 -6.48 -17.00
C ARG A 55 -9.71 -7.40 -16.60
N THR A 56 -9.39 -8.39 -15.78
CA THR A 56 -10.39 -9.34 -15.31
C THR A 56 -11.20 -8.74 -14.16
N GLY A 57 -10.53 -7.90 -13.38
CA GLY A 57 -11.17 -7.27 -12.25
C GLY A 57 -10.14 -6.57 -11.35
N SER A 58 -10.13 -6.97 -10.09
CA SER A 58 -9.21 -6.39 -9.13
C SER A 58 -9.03 -7.34 -7.93
N VAL A 59 -8.01 -7.08 -7.15
CA VAL A 59 -7.72 -7.89 -5.99
C VAL A 59 -7.29 -6.98 -4.83
N GLU A 60 -7.06 -7.61 -3.68
CA GLU A 60 -6.66 -6.88 -2.50
C GLU A 60 -6.02 -7.82 -1.48
N ALA A 61 -4.87 -7.40 -0.96
CA ALA A 61 -4.15 -8.20 0.01
C ALA A 61 -3.69 -7.30 1.16
N GLN A 62 -3.27 -7.93 2.24
CA GLN A 62 -2.80 -7.20 3.40
C GLN A 62 -1.99 -8.13 4.31
N THR A 63 -1.40 -7.53 5.34
CA THR A 63 -0.59 -8.28 6.29
C THR A 63 -1.30 -8.33 7.65
N ALA A 64 -0.65 -9.02 8.58
CA ALA A 64 -1.19 -9.15 9.92
C ALA A 64 -1.06 -7.81 10.66
N LEU A 65 -2.13 -7.45 11.34
CA LEU A 65 -2.14 -6.19 12.09
C LEU A 65 -0.87 -6.11 12.94
N LYS A 66 -0.48 -4.87 13.23
CA LYS A 66 0.71 -4.63 14.03
C LYS A 66 0.43 -3.50 15.03
N LYS A 67 1.48 -3.11 15.73
CA LYS A 67 1.36 -2.04 16.71
C LYS A 67 2.00 -0.77 16.16
N ARG A 68 1.14 0.18 15.81
CA ARG A 68 1.60 1.44 15.27
C ARG A 68 2.85 1.92 16.02
N GLN A 69 3.94 2.05 15.28
CA GLN A 69 5.19 2.50 15.86
C GLN A 69 5.87 3.51 14.93
N LEU A 70 7.04 3.96 15.37
CA LEU A 70 7.80 4.93 14.60
C LEU A 70 8.41 4.23 13.37
N HIS A 71 8.27 2.92 13.35
CA HIS A 71 8.80 2.13 12.25
C HIS A 71 8.35 0.68 12.40
N THR A 72 7.21 0.37 11.82
CA THR A 72 6.67 -0.97 11.88
C THR A 72 7.19 -1.81 10.71
N THR A 73 7.42 -3.09 11.00
CA THR A 73 7.93 -4.01 9.99
C THR A 73 7.18 -5.34 10.07
N TRP A 74 6.92 -5.90 8.89
CA TRP A 74 6.22 -7.17 8.82
C TRP A 74 7.24 -8.25 8.41
N GLU A 75 6.76 -9.48 8.36
CA GLU A 75 7.61 -10.60 7.99
C GLU A 75 7.19 -11.16 6.63
N GLU A 76 5.88 -11.14 6.40
CA GLU A 76 5.34 -11.64 5.15
C GLU A 76 5.00 -10.47 4.21
N GLY A 77 4.52 -10.83 3.02
CA GLY A 77 4.16 -9.83 2.04
C GLY A 77 2.79 -10.13 1.44
N LEU A 78 2.33 -9.20 0.61
CA LEU A 78 1.03 -9.35 -0.04
C LEU A 78 1.16 -10.30 -1.23
N VAL A 79 0.02 -10.61 -1.81
CA VAL A 79 -0.01 -11.52 -2.96
C VAL A 79 -1.27 -11.23 -3.79
N LEU A 80 -1.08 -10.44 -4.84
CA LEU A 80 -2.18 -10.09 -5.71
C LEU A 80 -2.08 -10.90 -7.00
N PRO A 81 -3.21 -11.57 -7.36
CA PRO A 81 -3.25 -12.38 -8.56
C PRO A 81 -3.33 -11.50 -9.81
N LEU A 82 -2.50 -11.82 -10.78
CA LEU A 82 -2.47 -11.07 -12.03
C LEU A 82 -1.84 -11.95 -13.12
N ALA A 83 -2.15 -11.58 -14.36
CA ALA A 83 -1.63 -12.32 -15.50
C ALA A 83 -0.54 -11.49 -16.19
N GLU A 84 0.50 -12.17 -16.60
CA GLU A 84 1.61 -11.52 -17.27
C GLU A 84 1.11 -10.73 -18.49
N GLU A 85 -0.09 -11.09 -18.93
CA GLU A 85 -0.69 -10.44 -20.07
C GLU A 85 -1.45 -9.18 -19.62
N GLU A 86 -1.57 -9.04 -18.31
CA GLU A 86 -2.27 -7.90 -17.75
C GLU A 86 -1.31 -7.06 -16.90
N LEU A 87 -0.03 -7.39 -17.01
CA LEU A 87 0.99 -6.68 -16.27
C LEU A 87 1.00 -5.20 -16.69
N PRO A 88 1.02 -4.99 -18.04
CA PRO A 88 1.02 -3.64 -18.57
C PRO A 88 -0.37 -3.00 -18.46
N THR A 89 -1.34 -3.84 -18.12
CA THR A 89 -2.71 -3.37 -17.98
C THR A 89 -3.20 -3.58 -16.55
N ALA A 90 -2.27 -3.51 -15.62
CA ALA A 90 -2.59 -3.69 -14.21
C ALA A 90 -1.70 -2.78 -13.37
N THR A 91 -2.24 -2.37 -12.24
CA THR A 91 -1.50 -1.50 -11.33
C THR A 91 -1.68 -1.96 -9.88
N LEU A 92 -0.69 -1.63 -9.06
CA LEU A 92 -0.73 -2.00 -7.66
C LEU A 92 -0.76 -0.74 -6.80
N THR A 93 -1.86 -0.56 -6.09
CA THR A 93 -2.03 0.60 -5.24
C THR A 93 -1.97 0.18 -3.76
N LEU A 94 -0.97 0.71 -3.07
CA LEU A 94 -0.79 0.40 -1.66
C LEU A 94 -1.64 1.36 -0.83
N THR A 95 -2.13 0.83 0.29
CA THR A 95 -2.95 1.63 1.19
C THR A 95 -2.70 1.23 2.64
N LEU A 96 -2.76 2.23 3.51
CA LEU A 96 -2.54 1.99 4.93
C LEU A 96 -3.81 2.37 5.70
N ARG A 97 -4.58 1.35 6.05
CA ARG A 97 -5.81 1.56 6.79
C ARG A 97 -5.60 1.26 8.28
N THR A 98 -6.30 2.01 9.11
CA THR A 98 -6.20 1.83 10.55
C THR A 98 -7.39 1.04 11.07
N CYS A 99 -7.08 -0.03 11.79
CA CYS A 99 -8.12 -0.87 12.36
C CYS A 99 -9.03 0.00 13.24
N ASP A 100 -10.21 0.27 12.71
CA ASP A 100 -11.18 1.08 13.43
C ASP A 100 -12.58 0.51 13.24
N ARG A 101 -13.52 1.04 14.01
CA ARG A 101 -14.90 0.58 13.92
C ARG A 101 -15.29 0.32 12.48
N PHE A 102 -15.32 1.38 11.69
CA PHE A 102 -15.67 1.28 10.29
C PHE A 102 -14.64 1.98 9.41
N SER A 103 -13.42 2.07 9.94
CA SER A 103 -12.34 2.70 9.22
C SER A 103 -12.69 4.16 8.91
N ARG A 104 -12.96 4.90 9.98
CA ARG A 104 -13.32 6.31 9.84
C ARG A 104 -12.13 7.11 9.30
N HIS A 105 -12.02 7.13 7.98
CA HIS A 105 -10.94 7.85 7.33
C HIS A 105 -10.77 7.34 5.90
N SER A 106 -11.17 6.09 5.71
CA SER A 106 -11.06 5.48 4.39
C SER A 106 -9.67 4.89 4.19
N VAL A 107 -8.68 5.77 4.17
CA VAL A 107 -7.31 5.37 3.99
C VAL A 107 -6.39 6.35 4.73
N ALA A 108 -5.38 5.78 5.38
CA ALA A 108 -4.43 6.60 6.12
C ALA A 108 -3.35 7.10 5.17
N GLY A 109 -3.04 6.29 4.18
CA GLY A 109 -2.03 6.63 3.19
C GLY A 109 -2.04 5.65 2.02
N GLU A 110 -2.25 6.19 0.83
CA GLU A 110 -2.27 5.37 -0.37
C GLU A 110 -1.03 5.63 -1.21
N LEU A 111 -0.55 4.56 -1.83
CA LEU A 111 0.64 4.65 -2.67
C LEU A 111 0.33 4.05 -4.05
N ARG A 112 0.93 4.64 -5.06
CA ARG A 112 0.73 4.17 -6.43
C ARG A 112 2.00 3.49 -6.95
N LEU A 113 1.81 2.39 -7.65
CA LEU A 113 2.93 1.64 -8.20
C LEU A 113 2.53 1.09 -9.58
N GLY A 114 3.52 0.50 -10.23
CA GLY A 114 3.29 -0.07 -11.55
C GLY A 114 3.83 -1.51 -11.63
N LEU A 115 3.14 -2.32 -12.42
CA LEU A 115 3.53 -3.70 -12.59
C LEU A 115 4.26 -3.88 -13.93
N ASP A 116 3.80 -3.09 -14.90
CA ASP A 116 4.39 -3.15 -16.23
C ASP A 116 5.92 -3.22 -16.10
N GLY A 117 6.44 -2.51 -15.11
CA GLY A 117 7.87 -2.49 -14.87
C GLY A 117 8.47 -1.12 -15.22
N THR A 118 7.71 -0.09 -14.87
CA THR A 118 8.15 1.28 -15.13
C THR A 118 8.43 2.01 -13.81
N SER A 119 7.37 2.55 -13.24
CA SER A 119 7.49 3.27 -11.98
C SER A 119 8.48 2.57 -11.07
N VAL A 120 8.10 1.39 -10.61
CA VAL A 120 8.96 0.61 -9.73
C VAL A 120 9.28 -0.73 -10.40
N PRO A 121 10.60 -1.09 -10.35
CA PRO A 121 11.06 -2.33 -10.95
C PRO A 121 10.67 -3.53 -10.08
N LEU A 122 10.89 -4.71 -10.63
CA LEU A 122 10.57 -5.94 -9.92
C LEU A 122 11.82 -6.46 -9.22
N GLY A 123 11.59 -7.20 -8.15
CA GLY A 123 12.69 -7.77 -7.38
C GLY A 123 13.58 -6.66 -6.80
N ALA A 124 13.06 -5.44 -6.86
CA ALA A 124 13.80 -4.29 -6.36
C ALA A 124 12.95 -3.58 -5.30
N ALA A 125 13.29 -3.85 -4.05
CA ALA A 125 12.58 -3.23 -2.94
C ALA A 125 12.98 -1.77 -2.82
N GLN A 126 11.99 -0.90 -2.85
CA GLN A 126 12.23 0.53 -2.75
C GLN A 126 11.18 1.18 -1.85
N TRP A 127 11.61 2.22 -1.15
CA TRP A 127 10.72 2.93 -0.25
C TRP A 127 9.81 3.84 -1.10
N GLY A 128 8.79 4.37 -0.46
CA GLY A 128 7.86 5.25 -1.13
C GLY A 128 6.96 5.98 -0.12
N GLU A 129 6.75 7.26 -0.39
CA GLU A 129 5.92 8.08 0.47
C GLU A 129 4.44 7.85 0.17
N LEU A 130 3.64 7.80 1.23
CA LEU A 130 2.21 7.59 1.08
C LEU A 130 1.57 8.88 0.59
N LYS A 131 0.71 8.73 -0.41
CA LYS A 131 0.00 9.87 -0.98
C LYS A 131 -1.31 10.09 -0.24
N THR A 132 -1.19 10.28 1.07
CA THR A 132 -2.36 10.50 1.90
C THR A 132 -3.39 11.36 1.17
N SER A 133 -2.89 12.34 0.43
CA SER A 133 -3.76 13.23 -0.32
C SER A 133 -4.79 13.86 0.61
N GLY A 134 -4.39 14.96 1.23
CA GLY A 134 -5.27 15.67 2.14
C GLY A 134 -4.72 15.64 3.57
N PRO A 135 -5.44 16.36 4.47
CA PRO A 135 -5.03 16.42 5.87
C PRO A 135 -5.38 15.13 6.59
N SER A 136 -6.63 14.73 6.46
CA SER A 136 -7.11 13.52 7.09
C SER A 136 -7.28 13.75 8.60
N SER A 137 -6.20 14.14 9.24
CA SER A 137 -6.21 14.39 10.66
C SER A 137 -7.00 15.68 10.96
N GLY A 138 -7.49 15.76 12.18
CA GLY A 138 -8.27 16.92 12.59
C GLY A 138 -9.72 16.80 12.15
N GLY A 1 -12.53 12.38 -11.16
CA GLY A 1 -11.75 12.75 -10.00
C GLY A 1 -10.87 13.97 -10.28
N SER A 2 -9.63 13.68 -10.69
CA SER A 2 -8.69 14.73 -11.00
C SER A 2 -8.52 15.66 -9.79
N SER A 3 -7.54 16.54 -9.89
CA SER A 3 -7.26 17.49 -8.83
C SER A 3 -6.85 16.74 -7.56
N GLY A 4 -6.02 17.39 -6.76
CA GLY A 4 -5.54 16.81 -5.52
C GLY A 4 -5.64 17.79 -4.37
N SER A 5 -4.82 18.83 -4.44
CA SER A 5 -4.79 19.85 -3.42
C SER A 5 -4.36 19.25 -2.08
N SER A 6 -4.18 20.13 -1.10
CA SER A 6 -3.77 19.69 0.22
C SER A 6 -2.35 19.11 0.17
N GLY A 7 -1.63 19.29 1.26
CA GLY A 7 -0.27 18.80 1.35
C GLY A 7 -0.14 17.76 2.46
N SER A 8 1.02 17.78 3.12
CA SER A 8 1.29 16.86 4.20
C SER A 8 2.04 17.56 5.32
N TRP A 9 3.16 18.17 4.95
CA TRP A 9 3.98 18.90 5.92
C TRP A 9 4.46 17.89 6.96
N ASN A 10 5.50 18.28 7.69
CA ASN A 10 6.06 17.44 8.71
C ASN A 10 6.38 16.06 8.12
N GLN A 11 7.00 15.22 8.94
CA GLN A 11 7.36 13.88 8.51
C GLN A 11 6.24 13.28 7.67
N ALA A 12 6.62 12.82 6.48
CA ALA A 12 5.66 12.21 5.57
C ALA A 12 5.60 10.71 5.83
N PRO A 13 4.41 10.12 5.51
CA PRO A 13 4.20 8.70 5.70
C PRO A 13 4.94 7.89 4.63
N LYS A 14 5.87 7.06 5.09
CA LYS A 14 6.64 6.23 4.18
C LYS A 14 6.16 4.78 4.29
N LEU A 15 6.22 4.08 3.16
CA LEU A 15 5.80 2.70 3.12
C LEU A 15 6.72 1.91 2.19
N HIS A 16 7.45 0.97 2.78
CA HIS A 16 8.37 0.15 2.02
C HIS A 16 7.62 -1.04 1.41
N TYR A 17 8.05 -1.41 0.22
CA TYR A 17 7.43 -2.53 -0.49
C TYR A 17 8.36 -3.09 -1.56
N CYS A 18 8.36 -4.40 -1.68
CA CYS A 18 9.20 -5.08 -2.66
C CYS A 18 8.28 -5.71 -3.71
N LEU A 19 8.32 -5.13 -4.91
CA LEU A 19 7.51 -5.62 -6.01
C LEU A 19 8.24 -6.78 -6.70
N ASP A 20 7.56 -7.91 -6.78
CA ASP A 20 8.13 -9.09 -7.41
C ASP A 20 7.00 -9.95 -7.99
N TYR A 21 7.00 -10.05 -9.31
CA TYR A 21 5.99 -10.84 -10.00
C TYR A 21 6.52 -12.22 -10.35
N ASP A 22 5.92 -13.23 -9.73
CA ASP A 22 6.32 -14.60 -9.98
C ASP A 22 5.46 -15.19 -11.09
N CYS A 23 5.91 -14.97 -12.31
CA CYS A 23 5.19 -15.47 -13.48
C CYS A 23 4.72 -16.90 -13.17
N GLN A 24 5.58 -17.62 -12.46
CA GLN A 24 5.26 -19.00 -12.09
C GLN A 24 3.92 -19.07 -11.37
N LYS A 25 3.76 -18.17 -10.41
CA LYS A 25 2.53 -18.13 -9.63
C LYS A 25 1.54 -17.20 -10.33
N ALA A 26 2.07 -16.26 -11.10
CA ALA A 26 1.24 -15.31 -11.82
C ALA A 26 0.53 -14.40 -10.83
N GLU A 27 1.27 -14.02 -9.80
CA GLU A 27 0.72 -13.13 -8.77
C GLU A 27 1.77 -12.12 -8.33
N LEU A 28 1.33 -10.87 -8.20
CA LEU A 28 2.22 -9.80 -7.79
C LEU A 28 2.45 -9.89 -6.28
N PHE A 29 3.67 -9.58 -5.88
CA PHE A 29 4.03 -9.62 -4.48
C PHE A 29 4.59 -8.27 -4.01
N VAL A 30 4.26 -7.91 -2.78
CA VAL A 30 4.72 -6.66 -2.21
C VAL A 30 5.30 -6.92 -0.82
N THR A 31 6.46 -7.58 -0.81
CA THR A 31 7.13 -7.90 0.44
C THR A 31 7.88 -6.67 0.96
N ARG A 32 8.76 -6.92 1.92
CA ARG A 32 9.54 -5.85 2.51
C ARG A 32 8.63 -4.69 2.90
N LEU A 33 7.68 -4.98 3.78
CA LEU A 33 6.75 -3.97 4.24
C LEU A 33 7.31 -3.29 5.50
N GLU A 34 7.51 -1.99 5.39
CA GLU A 34 8.05 -1.22 6.51
C GLU A 34 7.51 0.21 6.46
N ALA A 35 6.37 0.41 7.13
CA ALA A 35 5.76 1.72 7.17
C ALA A 35 6.58 2.64 8.06
N VAL A 36 6.78 3.86 7.58
CA VAL A 36 7.54 4.85 8.31
C VAL A 36 6.66 6.05 8.63
N THR A 37 5.84 5.90 9.66
CA THR A 37 4.94 6.95 10.07
C THR A 37 5.16 7.30 11.55
N SER A 38 5.30 8.59 11.80
CA SER A 38 5.52 9.07 13.16
C SER A 38 4.68 8.25 14.14
N ASN A 39 5.15 8.18 15.38
CA ASN A 39 4.45 7.45 16.41
C ASN A 39 2.99 7.88 16.44
N HIS A 40 2.80 9.19 16.60
CA HIS A 40 1.45 9.75 16.66
C HIS A 40 0.80 9.41 18.00
N ASP A 41 -0.19 10.20 18.36
CA ASP A 41 -0.90 10.00 19.60
C ASP A 41 -1.87 8.83 19.45
N GLY A 42 -2.41 8.72 18.24
CA GLY A 42 -3.36 7.65 17.95
C GLY A 42 -2.65 6.30 17.85
N GLY A 43 -2.80 5.51 18.90
CA GLY A 43 -2.19 4.19 18.95
C GLY A 43 -3.23 3.10 18.78
N CYS A 44 -3.34 2.61 17.55
CA CYS A 44 -4.29 1.56 17.24
C CYS A 44 -3.58 0.51 16.38
N ASP A 45 -4.37 -0.44 15.89
CA ASP A 45 -3.84 -1.50 15.05
C ASP A 45 -3.89 -1.06 13.58
N CYS A 46 -2.72 -0.93 13.00
CA CYS A 46 -2.61 -0.53 11.61
C CYS A 46 -2.03 -1.69 10.81
N TYR A 47 -2.36 -1.70 9.52
CA TYR A 47 -1.88 -2.74 8.63
C TYR A 47 -1.77 -2.24 7.19
N VAL A 48 -0.96 -2.94 6.41
CA VAL A 48 -0.76 -2.57 5.03
C VAL A 48 -1.75 -3.33 4.15
N GLN A 49 -2.28 -2.63 3.16
CA GLN A 49 -3.24 -3.22 2.25
C GLN A 49 -2.92 -2.86 0.81
N GLY A 50 -2.74 -3.89 -0.01
CA GLY A 50 -2.42 -3.68 -1.41
C GLY A 50 -3.54 -4.19 -2.32
N SER A 51 -3.87 -3.38 -3.31
CA SER A 51 -4.92 -3.75 -4.25
C SER A 51 -4.39 -3.67 -5.68
N VAL A 52 -4.92 -4.55 -6.52
CA VAL A 52 -4.52 -4.60 -7.92
C VAL A 52 -5.75 -4.53 -8.81
N ALA A 53 -5.55 -4.00 -10.01
CA ALA A 53 -6.64 -3.86 -10.96
C ALA A 53 -6.19 -4.43 -12.31
N ASN A 54 -6.82 -5.53 -12.69
CA ASN A 54 -6.50 -6.17 -13.96
C ASN A 54 -7.66 -5.97 -14.93
N ARG A 55 -7.50 -6.54 -16.12
CA ARG A 55 -8.53 -6.43 -17.14
C ARG A 55 -9.64 -7.45 -16.88
N THR A 56 -9.52 -8.14 -15.76
CA THR A 56 -10.50 -9.14 -15.38
C THR A 56 -11.27 -8.69 -14.14
N GLY A 57 -10.65 -7.79 -13.38
CA GLY A 57 -11.26 -7.28 -12.18
C GLY A 57 -10.22 -6.58 -11.30
N SER A 58 -10.23 -6.95 -10.02
CA SER A 58 -9.29 -6.37 -9.07
C SER A 58 -9.08 -7.33 -7.90
N VAL A 59 -8.02 -7.07 -7.14
CA VAL A 59 -7.70 -7.89 -6.00
C VAL A 59 -7.26 -7.00 -4.84
N GLU A 60 -7.11 -7.63 -3.68
CA GLU A 60 -6.70 -6.89 -2.48
C GLU A 60 -6.01 -7.84 -1.50
N ALA A 61 -4.94 -7.35 -0.90
CA ALA A 61 -4.19 -8.14 0.07
C ALA A 61 -3.73 -7.23 1.21
N GLN A 62 -3.27 -7.86 2.27
CA GLN A 62 -2.80 -7.13 3.44
C GLN A 62 -1.96 -8.05 4.34
N THR A 63 -1.42 -7.45 5.38
CA THR A 63 -0.60 -8.20 6.33
C THR A 63 -1.28 -8.26 7.69
N ALA A 64 -0.61 -8.93 8.63
CA ALA A 64 -1.14 -9.06 9.98
C ALA A 64 -0.99 -7.74 10.72
N LEU A 65 -2.05 -7.37 11.42
CA LEU A 65 -2.05 -6.12 12.17
C LEU A 65 -0.79 -6.05 13.04
N LYS A 66 -0.31 -4.84 13.23
CA LYS A 66 0.89 -4.62 14.03
C LYS A 66 0.69 -3.37 14.89
N LYS A 67 1.44 -3.33 15.99
CA LYS A 67 1.37 -2.20 16.90
C LYS A 67 2.05 -0.99 16.27
N ARG A 68 1.27 0.06 16.07
CA ARG A 68 1.78 1.28 15.48
C ARG A 68 3.16 1.60 16.05
N GLN A 69 4.09 1.86 15.14
CA GLN A 69 5.45 2.18 15.54
C GLN A 69 6.07 3.17 14.56
N LEU A 70 7.17 3.78 14.99
CA LEU A 70 7.86 4.75 14.15
C LEU A 70 8.41 4.05 12.90
N HIS A 71 8.46 2.72 12.98
CA HIS A 71 8.95 1.93 11.87
C HIS A 71 8.49 0.48 12.04
N THR A 72 7.23 0.25 11.70
CA THR A 72 6.65 -1.08 11.80
C THR A 72 7.17 -1.98 10.67
N THR A 73 7.20 -3.28 10.94
CA THR A 73 7.68 -4.24 9.97
C THR A 73 6.80 -5.49 10.01
N TRP A 74 6.78 -6.19 8.88
CA TRP A 74 6.00 -7.41 8.77
C TRP A 74 6.93 -8.53 8.33
N GLU A 75 6.58 -9.75 8.73
CA GLU A 75 7.37 -10.91 8.39
C GLU A 75 6.77 -11.64 7.19
N GLU A 76 6.20 -10.85 6.29
CA GLU A 76 5.57 -11.41 5.09
C GLU A 76 5.33 -10.30 4.06
N GLY A 77 4.68 -10.69 2.98
CA GLY A 77 4.37 -9.75 1.91
C GLY A 77 2.99 -10.01 1.32
N LEU A 78 2.50 -9.04 0.56
CA LEU A 78 1.21 -9.15 -0.06
C LEU A 78 1.31 -10.07 -1.29
N VAL A 79 0.16 -10.42 -1.83
CA VAL A 79 0.10 -11.30 -2.99
C VAL A 79 -1.19 -11.02 -3.77
N LEU A 80 -1.03 -10.44 -4.93
CA LEU A 80 -2.17 -10.12 -5.78
C LEU A 80 -2.08 -10.94 -7.08
N PRO A 81 -3.22 -11.59 -7.42
CA PRO A 81 -3.27 -12.39 -8.63
C PRO A 81 -3.37 -11.51 -9.88
N LEU A 82 -2.40 -11.71 -10.77
CA LEU A 82 -2.36 -10.95 -12.01
C LEU A 82 -1.69 -11.79 -13.10
N ALA A 83 -2.18 -11.60 -14.32
CA ALA A 83 -1.64 -12.34 -15.45
C ALA A 83 -0.54 -11.51 -16.11
N GLU A 84 0.52 -12.20 -16.50
CA GLU A 84 1.65 -11.55 -17.14
C GLU A 84 1.18 -10.72 -18.34
N GLU A 85 -0.02 -11.06 -18.81
CA GLU A 85 -0.60 -10.35 -19.95
C GLU A 85 -1.33 -9.09 -19.48
N GLU A 86 -1.61 -9.06 -18.19
CA GLU A 86 -2.30 -7.93 -17.59
C GLU A 86 -1.33 -7.09 -16.77
N LEU A 87 -0.05 -7.39 -16.93
CA LEU A 87 0.99 -6.67 -16.21
C LEU A 87 1.00 -5.21 -16.66
N PRO A 88 1.06 -5.02 -18.00
CA PRO A 88 1.08 -3.70 -18.58
C PRO A 88 -0.31 -3.05 -18.52
N THR A 89 -1.29 -3.87 -18.19
CA THR A 89 -2.66 -3.40 -18.10
C THR A 89 -3.18 -3.54 -16.66
N ALA A 90 -2.26 -3.40 -15.73
CA ALA A 90 -2.61 -3.52 -14.31
C ALA A 90 -1.79 -2.52 -13.51
N THR A 91 -2.23 -2.28 -12.29
CA THR A 91 -1.55 -1.35 -11.40
C THR A 91 -1.75 -1.76 -9.94
N LEU A 92 -0.68 -1.63 -9.17
CA LEU A 92 -0.73 -1.98 -7.76
C LEU A 92 -0.86 -0.70 -6.93
N THR A 93 -1.92 -0.66 -6.13
CA THR A 93 -2.17 0.49 -5.29
C THR A 93 -2.09 0.10 -3.81
N LEU A 94 -1.02 0.55 -3.16
CA LEU A 94 -0.82 0.25 -1.76
C LEU A 94 -1.66 1.20 -0.91
N THR A 95 -2.11 0.69 0.23
CA THR A 95 -2.93 1.48 1.14
C THR A 95 -2.68 1.05 2.59
N LEU A 96 -2.77 2.02 3.48
CA LEU A 96 -2.56 1.75 4.89
C LEU A 96 -3.79 2.22 5.68
N ARG A 97 -4.65 1.26 5.99
CA ARG A 97 -5.86 1.57 6.74
C ARG A 97 -5.65 1.29 8.23
N THR A 98 -6.36 2.06 9.04
CA THR A 98 -6.26 1.91 10.49
C THR A 98 -7.45 1.11 11.03
N CYS A 99 -7.16 0.30 12.04
CA CYS A 99 -8.19 -0.53 12.65
C CYS A 99 -8.90 0.31 13.72
N ASP A 100 -10.11 0.72 13.39
CA ASP A 100 -10.90 1.52 14.32
C ASP A 100 -12.36 1.06 14.26
N ARG A 101 -13.13 1.53 15.23
CA ARG A 101 -14.54 1.18 15.31
C ARG A 101 -15.20 1.31 13.93
N PHE A 102 -15.21 2.53 13.43
CA PHE A 102 -15.80 2.81 12.13
C PHE A 102 -14.75 3.31 11.14
N SER A 103 -13.87 4.16 11.65
CA SER A 103 -12.81 4.72 10.82
C SER A 103 -13.41 5.58 9.72
N ARG A 104 -14.38 6.39 10.10
CA ARG A 104 -15.05 7.27 9.15
C ARG A 104 -14.04 8.22 8.51
N HIS A 105 -13.39 7.72 7.47
CA HIS A 105 -12.40 8.51 6.76
C HIS A 105 -11.68 7.63 5.74
N SER A 106 -10.78 8.26 4.99
CA SER A 106 -10.02 7.55 3.98
C SER A 106 -8.93 6.71 4.64
N VAL A 107 -8.04 6.18 3.81
CA VAL A 107 -6.95 5.35 4.31
C VAL A 107 -5.91 6.25 4.97
N ALA A 108 -5.03 5.61 5.73
CA ALA A 108 -3.98 6.34 6.44
C ALA A 108 -2.95 6.83 5.42
N GLY A 109 -3.04 6.29 4.21
CA GLY A 109 -2.12 6.67 3.16
C GLY A 109 -2.18 5.66 2.00
N GLU A 110 -2.33 6.20 0.79
CA GLU A 110 -2.40 5.36 -0.39
C GLU A 110 -1.14 5.54 -1.24
N LEU A 111 -0.72 4.44 -1.86
CA LEU A 111 0.46 4.46 -2.70
C LEU A 111 0.16 3.76 -4.02
N ARG A 112 0.76 4.27 -5.08
CA ARG A 112 0.57 3.71 -6.40
C ARG A 112 1.90 3.16 -6.95
N LEU A 113 1.79 2.04 -7.64
CA LEU A 113 2.97 1.42 -8.23
C LEU A 113 2.59 0.75 -9.55
N GLY A 114 3.61 0.29 -10.26
CA GLY A 114 3.39 -0.38 -11.53
C GLY A 114 3.93 -1.81 -11.50
N LEU A 115 3.49 -2.59 -12.49
CA LEU A 115 3.92 -3.98 -12.57
C LEU A 115 4.72 -4.17 -13.87
N ASP A 116 4.26 -3.50 -14.92
CA ASP A 116 4.91 -3.59 -16.21
C ASP A 116 6.43 -3.55 -16.02
N GLY A 117 6.85 -2.69 -15.08
CA GLY A 117 8.27 -2.55 -14.79
C GLY A 117 8.75 -1.14 -15.13
N THR A 118 7.82 -0.19 -15.04
CA THR A 118 8.14 1.20 -15.33
C THR A 118 8.38 1.98 -14.05
N SER A 119 7.30 2.45 -13.46
CA SER A 119 7.37 3.20 -12.22
C SER A 119 8.44 2.60 -11.30
N VAL A 120 8.11 1.44 -10.76
CA VAL A 120 9.03 0.74 -9.87
C VAL A 120 9.41 -0.60 -10.49
N PRO A 121 10.73 -0.94 -10.36
CA PRO A 121 11.23 -2.19 -10.91
C PRO A 121 10.81 -3.37 -10.03
N LEU A 122 11.08 -4.57 -10.54
CA LEU A 122 10.73 -5.78 -9.82
C LEU A 122 11.96 -6.27 -9.04
N GLY A 123 11.69 -7.02 -7.98
CA GLY A 123 12.75 -7.56 -7.15
C GLY A 123 13.67 -6.43 -6.63
N ALA A 124 13.12 -5.23 -6.64
CA ALA A 124 13.87 -4.07 -6.18
C ALA A 124 13.02 -3.30 -5.17
N ALA A 125 13.33 -3.51 -3.90
CA ALA A 125 12.60 -2.84 -2.83
C ALA A 125 12.83 -1.32 -2.94
N GLN A 126 11.74 -0.59 -2.84
CA GLN A 126 11.79 0.86 -2.92
C GLN A 126 11.12 1.49 -1.70
N TRP A 127 11.51 2.73 -1.44
CA TRP A 127 10.95 3.45 -0.30
C TRP A 127 10.05 4.57 -0.85
N GLY A 128 8.78 4.23 -1.02
CA GLY A 128 7.82 5.19 -1.54
C GLY A 128 7.02 5.83 -0.40
N GLU A 129 6.57 7.05 -0.65
CA GLU A 129 5.79 7.77 0.34
C GLU A 129 4.29 7.61 0.07
N LEU A 130 3.52 7.61 1.14
CA LEU A 130 2.08 7.46 1.03
C LEU A 130 1.48 8.77 0.51
N LYS A 131 0.66 8.64 -0.53
CA LYS A 131 0.03 9.80 -1.13
C LYS A 131 -1.28 10.09 -0.39
N THR A 132 -1.15 10.29 0.91
CA THR A 132 -2.31 10.58 1.74
C THR A 132 -3.30 11.49 0.99
N SER A 133 -2.74 12.52 0.37
CA SER A 133 -3.55 13.46 -0.38
C SER A 133 -4.82 13.80 0.40
N GLY A 134 -4.67 14.73 1.33
CA GLY A 134 -5.78 15.16 2.16
C GLY A 134 -5.32 15.56 3.55
N PRO A 135 -6.12 15.15 4.57
CA PRO A 135 -5.81 15.47 5.96
C PRO A 135 -4.67 14.58 6.46
N SER A 136 -3.71 15.22 7.13
CA SER A 136 -2.56 14.50 7.66
C SER A 136 -1.78 15.41 8.61
N SER A 137 -0.84 14.81 9.32
CA SER A 137 -0.01 15.55 10.26
C SER A 137 0.70 16.69 9.53
N GLY A 138 0.28 17.91 9.85
CA GLY A 138 0.87 19.09 9.24
C GLY A 138 -0.22 20.03 8.74
N GLY A 1 -20.20 12.70 2.70
CA GLY A 1 -18.80 13.08 2.83
C GLY A 1 -18.61 14.57 2.54
N SER A 2 -17.87 15.22 3.42
CA SER A 2 -17.59 16.64 3.28
C SER A 2 -16.72 17.13 4.43
N SER A 3 -16.35 18.40 4.35
CA SER A 3 -15.53 19.00 5.39
C SER A 3 -14.11 18.40 5.33
N GLY A 4 -14.04 17.11 5.58
CA GLY A 4 -12.76 16.41 5.56
C GLY A 4 -11.81 17.00 6.60
N SER A 5 -10.57 16.53 6.56
CA SER A 5 -9.55 16.99 7.49
C SER A 5 -8.24 16.23 7.25
N SER A 6 -7.19 16.72 7.90
CA SER A 6 -5.88 16.11 7.77
C SER A 6 -4.85 16.89 8.59
N GLY A 7 -3.68 16.29 8.73
CA GLY A 7 -2.61 16.92 9.48
C GLY A 7 -1.59 17.57 8.54
N SER A 8 -0.56 18.14 9.15
CA SER A 8 0.49 18.80 8.38
C SER A 8 1.58 19.33 9.31
N TRP A 9 2.75 19.53 8.75
CA TRP A 9 3.88 20.04 9.52
C TRP A 9 4.50 18.85 10.28
N ASN A 10 5.03 17.91 9.51
CA ASN A 10 5.65 16.74 10.09
C ASN A 10 6.12 15.81 8.97
N GLN A 11 6.99 14.88 9.35
CA GLN A 11 7.54 13.94 8.39
C GLN A 11 6.41 13.36 7.51
N ALA A 12 6.83 12.78 6.39
CA ALA A 12 5.87 12.19 5.47
C ALA A 12 5.76 10.69 5.74
N PRO A 13 4.58 10.13 5.37
CA PRO A 13 4.33 8.71 5.57
C PRO A 13 5.09 7.87 4.54
N LYS A 14 5.94 7.00 5.06
CA LYS A 14 6.74 6.13 4.19
C LYS A 14 6.23 4.69 4.32
N LEU A 15 6.19 4.01 3.19
CA LEU A 15 5.75 2.63 3.17
C LEU A 15 6.66 1.81 2.25
N HIS A 16 7.42 0.91 2.88
CA HIS A 16 8.34 0.07 2.14
C HIS A 16 7.57 -1.09 1.51
N TYR A 17 7.95 -1.41 0.28
CA TYR A 17 7.31 -2.50 -0.45
C TYR A 17 8.21 -3.02 -1.57
N CYS A 18 8.26 -4.33 -1.68
CA CYS A 18 9.08 -4.96 -2.70
C CYS A 18 8.14 -5.63 -3.72
N LEU A 19 8.10 -5.03 -4.91
CA LEU A 19 7.26 -5.55 -5.96
C LEU A 19 8.02 -6.64 -6.73
N ASP A 20 7.45 -7.83 -6.73
CA ASP A 20 8.05 -8.96 -7.42
C ASP A 20 6.95 -9.86 -7.98
N TYR A 21 6.86 -9.89 -9.29
CA TYR A 21 5.87 -10.70 -9.96
C TYR A 21 6.47 -12.03 -10.43
N ASP A 22 5.99 -13.11 -9.82
CA ASP A 22 6.47 -14.44 -10.16
C ASP A 22 5.62 -14.99 -11.31
N CYS A 23 6.04 -14.66 -12.52
CA CYS A 23 5.33 -15.13 -13.70
C CYS A 23 4.97 -16.59 -13.50
N GLN A 24 5.87 -17.30 -12.84
CA GLN A 24 5.66 -18.72 -12.58
C GLN A 24 4.36 -18.93 -11.80
N LYS A 25 4.19 -18.12 -10.76
CA LYS A 25 3.01 -18.21 -9.93
C LYS A 25 1.99 -17.18 -10.40
N ALA A 26 2.37 -16.44 -11.43
CA ALA A 26 1.50 -15.42 -11.99
C ALA A 26 0.80 -14.67 -10.85
N GLU A 27 1.56 -14.45 -9.78
CA GLU A 27 1.03 -13.75 -8.62
C GLU A 27 2.01 -12.67 -8.16
N LEU A 28 1.48 -11.46 -8.00
CA LEU A 28 2.28 -10.34 -7.57
C LEU A 28 2.65 -10.52 -6.09
N PHE A 29 3.66 -9.76 -5.68
CA PHE A 29 4.12 -9.83 -4.30
C PHE A 29 4.61 -8.46 -3.82
N VAL A 30 4.27 -8.15 -2.57
CA VAL A 30 4.66 -6.88 -1.99
C VAL A 30 5.34 -7.14 -0.64
N THR A 31 6.58 -7.58 -0.71
CA THR A 31 7.34 -7.87 0.48
C THR A 31 8.06 -6.60 0.98
N ARG A 32 8.94 -6.80 1.95
CA ARG A 32 9.69 -5.70 2.52
C ARG A 32 8.74 -4.66 3.12
N LEU A 33 7.62 -5.16 3.63
CA LEU A 33 6.62 -4.29 4.24
C LEU A 33 7.22 -3.64 5.50
N GLU A 34 7.62 -2.39 5.34
CA GLU A 34 8.20 -1.65 6.44
C GLU A 34 7.69 -0.20 6.45
N ALA A 35 6.54 -0.03 7.10
CA ALA A 35 5.94 1.29 7.19
C ALA A 35 6.85 2.22 7.99
N VAL A 36 6.81 3.50 7.64
CA VAL A 36 7.62 4.49 8.31
C VAL A 36 6.76 5.72 8.63
N THR A 37 5.88 5.55 9.60
CA THR A 37 5.00 6.63 10.01
C THR A 37 4.45 6.37 11.42
N SER A 38 4.68 7.34 12.29
CA SER A 38 4.22 7.23 13.67
C SER A 38 4.39 8.56 14.39
N ASN A 39 3.31 9.33 14.41
CA ASN A 39 3.33 10.63 15.06
C ASN A 39 2.18 10.71 16.07
N HIS A 40 2.32 11.64 16.99
CA HIS A 40 1.30 11.83 18.02
C HIS A 40 -0.08 11.90 17.37
N ASP A 41 -1.10 11.65 18.19
CA ASP A 41 -2.47 11.68 17.70
C ASP A 41 -2.72 10.45 16.82
N GLY A 42 -3.98 10.06 16.76
CA GLY A 42 -4.37 8.92 15.95
C GLY A 42 -3.50 7.70 16.28
N GLY A 43 -3.36 6.82 15.29
CA GLY A 43 -2.57 5.62 15.48
C GLY A 43 -3.44 4.36 15.43
N CYS A 44 -3.41 3.63 16.52
CA CYS A 44 -4.21 2.41 16.62
C CYS A 44 -3.55 1.35 15.73
N ASP A 45 -4.16 0.16 15.74
CA ASP A 45 -3.64 -0.94 14.94
C ASP A 45 -3.63 -0.54 13.47
N CYS A 46 -2.46 -0.72 12.85
CA CYS A 46 -2.31 -0.39 11.44
C CYS A 46 -1.86 -1.64 10.69
N TYR A 47 -2.07 -1.62 9.38
CA TYR A 47 -1.69 -2.75 8.56
C TYR A 47 -1.56 -2.33 7.08
N VAL A 48 -0.76 -3.08 6.35
CA VAL A 48 -0.55 -2.80 4.95
C VAL A 48 -1.57 -3.58 4.12
N GLN A 49 -2.03 -2.93 3.05
CA GLN A 49 -3.01 -3.55 2.16
C GLN A 49 -2.66 -3.25 0.71
N GLY A 50 -2.47 -4.32 -0.05
CA GLY A 50 -2.14 -4.19 -1.46
C GLY A 50 -3.34 -4.50 -2.34
N SER A 51 -3.57 -3.63 -3.31
CA SER A 51 -4.69 -3.79 -4.22
C SER A 51 -4.19 -3.73 -5.67
N VAL A 52 -4.65 -4.69 -6.46
CA VAL A 52 -4.26 -4.75 -7.86
C VAL A 52 -5.52 -4.79 -8.73
N ALA A 53 -5.46 -4.07 -9.83
CA ALA A 53 -6.59 -4.01 -10.76
C ALA A 53 -6.16 -4.60 -12.11
N ASN A 54 -6.81 -5.69 -12.48
CA ASN A 54 -6.50 -6.36 -13.73
C ASN A 54 -7.70 -6.21 -14.67
N ARG A 55 -7.44 -6.45 -15.95
CA ARG A 55 -8.48 -6.34 -16.96
C ARG A 55 -9.61 -7.33 -16.65
N THR A 56 -9.32 -8.26 -15.75
CA THR A 56 -10.30 -9.26 -15.36
C THR A 56 -11.15 -8.74 -14.20
N GLY A 57 -10.52 -7.93 -13.36
CA GLY A 57 -11.20 -7.35 -12.21
C GLY A 57 -10.22 -6.60 -11.31
N SER A 58 -10.20 -6.99 -10.05
CA SER A 58 -9.32 -6.36 -9.08
C SER A 58 -9.14 -7.26 -7.86
N VAL A 59 -7.93 -7.24 -7.32
CA VAL A 59 -7.62 -8.05 -6.16
C VAL A 59 -7.21 -7.14 -5.00
N GLU A 60 -7.17 -7.72 -3.81
CA GLU A 60 -6.80 -6.97 -2.62
C GLU A 60 -6.30 -7.92 -1.53
N ALA A 61 -5.33 -7.45 -0.77
CA ALA A 61 -4.75 -8.24 0.30
C ALA A 61 -4.21 -7.30 1.39
N GLN A 62 -3.86 -7.90 2.52
CA GLN A 62 -3.33 -7.15 3.64
C GLN A 62 -2.62 -8.07 4.61
N THR A 63 -1.83 -7.46 5.49
CA THR A 63 -1.09 -8.22 6.48
C THR A 63 -1.75 -8.08 7.86
N ALA A 64 -1.18 -8.79 8.83
CA ALA A 64 -1.70 -8.76 10.18
C ALA A 64 -1.62 -7.32 10.72
N LEU A 65 -2.38 -7.08 11.77
CA LEU A 65 -2.40 -5.77 12.39
C LEU A 65 -1.24 -5.66 13.39
N LYS A 66 -0.58 -4.51 13.34
CA LYS A 66 0.54 -4.26 14.22
C LYS A 66 0.36 -2.90 14.90
N LYS A 67 1.14 -2.69 15.95
CA LYS A 67 1.07 -1.45 16.70
C LYS A 67 1.88 -0.38 15.97
N ARG A 68 1.20 0.71 15.64
CA ARG A 68 1.85 1.81 14.94
C ARG A 68 3.22 2.09 15.55
N GLN A 69 4.25 1.92 14.72
CA GLN A 69 5.61 2.15 15.16
C GLN A 69 6.36 3.02 14.14
N LEU A 70 7.53 3.49 14.56
CA LEU A 70 8.35 4.32 13.70
C LEU A 70 8.87 3.48 12.54
N HIS A 71 8.78 2.17 12.70
CA HIS A 71 9.23 1.25 11.67
C HIS A 71 8.58 -0.12 11.88
N THR A 72 7.32 -0.20 11.48
CA THR A 72 6.57 -1.45 11.61
C THR A 72 6.97 -2.42 10.50
N THR A 73 7.41 -3.60 10.93
CA THR A 73 7.82 -4.62 9.99
C THR A 73 7.00 -5.89 10.20
N TRP A 74 6.58 -6.48 9.09
CA TRP A 74 5.79 -7.70 9.14
C TRP A 74 6.70 -8.88 8.80
N GLU A 75 6.16 -10.08 8.97
CA GLU A 75 6.93 -11.28 8.69
C GLU A 75 6.72 -11.71 7.23
N GLU A 76 5.53 -11.40 6.71
CA GLU A 76 5.19 -11.74 5.35
C GLU A 76 4.69 -10.51 4.60
N GLY A 77 4.76 -10.57 3.28
CA GLY A 77 4.31 -9.48 2.44
C GLY A 77 2.97 -9.80 1.80
N LEU A 78 2.57 -8.92 0.88
CA LEU A 78 1.31 -9.09 0.18
C LEU A 78 1.57 -9.78 -1.17
N VAL A 79 0.49 -10.17 -1.82
CA VAL A 79 0.58 -10.82 -3.11
C VAL A 79 -0.80 -10.85 -3.77
N LEU A 80 -0.89 -10.23 -4.93
CA LEU A 80 -2.15 -10.19 -5.67
C LEU A 80 -2.01 -11.00 -6.95
N PRO A 81 -3.10 -11.72 -7.30
CA PRO A 81 -3.11 -12.54 -8.51
C PRO A 81 -3.25 -11.67 -9.75
N LEU A 82 -2.32 -11.87 -10.68
CA LEU A 82 -2.31 -11.11 -11.92
C LEU A 82 -1.64 -11.94 -13.02
N ALA A 83 -1.98 -11.60 -14.25
CA ALA A 83 -1.41 -12.31 -15.39
C ALA A 83 -0.37 -11.41 -16.08
N GLU A 84 0.73 -12.02 -16.48
CA GLU A 84 1.80 -11.30 -17.15
C GLU A 84 1.26 -10.55 -18.37
N GLU A 85 0.11 -11.02 -18.85
CA GLU A 85 -0.52 -10.42 -20.01
C GLU A 85 -1.33 -9.19 -19.58
N GLU A 86 -1.44 -9.02 -18.28
CA GLU A 86 -2.19 -7.90 -17.73
C GLU A 86 -1.26 -6.99 -16.93
N LEU A 87 0.02 -7.30 -16.97
CA LEU A 87 1.02 -6.54 -16.26
C LEU A 87 0.95 -5.07 -16.72
N PRO A 88 0.97 -4.90 -18.07
CA PRO A 88 0.91 -3.57 -18.65
C PRO A 88 -0.51 -2.99 -18.56
N THR A 89 -1.44 -3.85 -18.18
CA THR A 89 -2.83 -3.43 -18.04
C THR A 89 -3.30 -3.63 -16.60
N ALA A 90 -2.35 -3.58 -15.69
CA ALA A 90 -2.66 -3.74 -14.28
C ALA A 90 -1.74 -2.85 -13.45
N THR A 91 -2.22 -2.46 -12.27
CA THR A 91 -1.46 -1.61 -11.38
C THR A 91 -1.61 -2.08 -9.94
N LEU A 92 -0.62 -1.73 -9.13
CA LEU A 92 -0.64 -2.10 -7.73
C LEU A 92 -0.80 -0.84 -6.87
N THR A 93 -1.95 -0.76 -6.22
CA THR A 93 -2.25 0.39 -5.37
C THR A 93 -2.15 0.00 -3.90
N LEU A 94 -1.07 0.46 -3.27
CA LEU A 94 -0.85 0.16 -1.87
C LEU A 94 -1.72 1.08 -1.02
N THR A 95 -2.21 0.52 0.09
CA THR A 95 -3.06 1.27 1.00
C THR A 95 -2.75 0.89 2.45
N LEU A 96 -2.89 1.89 3.32
CA LEU A 96 -2.63 1.68 4.74
C LEU A 96 -3.84 2.14 5.55
N ARG A 97 -4.61 1.16 6.02
CA ARG A 97 -5.80 1.45 6.81
C ARG A 97 -5.49 1.28 8.30
N THR A 98 -6.00 2.23 9.08
CA THR A 98 -5.78 2.20 10.52
C THR A 98 -7.06 1.73 11.23
N CYS A 99 -6.88 0.74 12.08
CA CYS A 99 -8.00 0.19 12.84
C CYS A 99 -8.81 1.34 13.41
N ASP A 100 -10.10 1.10 13.57
CA ASP A 100 -10.99 2.11 14.10
C ASP A 100 -10.31 2.84 15.27
N ARG A 101 -10.49 4.14 15.31
CA ARG A 101 -9.89 4.95 16.36
C ARG A 101 -10.42 6.38 16.30
N PHE A 102 -10.04 7.07 15.22
CA PHE A 102 -10.47 8.44 15.02
C PHE A 102 -11.47 8.54 13.86
N SER A 103 -11.15 7.84 12.79
CA SER A 103 -12.01 7.84 11.62
C SER A 103 -11.69 9.05 10.74
N ARG A 104 -10.40 9.39 10.68
CA ARG A 104 -9.96 10.52 9.89
C ARG A 104 -10.29 10.29 8.41
N HIS A 105 -9.57 9.35 7.82
CA HIS A 105 -9.77 9.03 6.42
C HIS A 105 -9.85 7.51 6.25
N SER A 106 -10.55 7.10 5.19
CA SER A 106 -10.72 5.69 4.91
C SER A 106 -9.35 5.03 4.73
N VAL A 107 -8.42 5.82 4.21
CA VAL A 107 -7.06 5.32 3.98
C VAL A 107 -6.07 6.25 4.67
N ALA A 108 -5.16 5.63 5.42
CA ALA A 108 -4.15 6.38 6.14
C ALA A 108 -3.13 6.95 5.13
N GLY A 109 -3.00 6.25 4.02
CA GLY A 109 -2.07 6.66 2.98
C GLY A 109 -2.15 5.74 1.77
N GLU A 110 -2.11 6.34 0.59
CA GLU A 110 -2.18 5.58 -0.64
C GLU A 110 -0.81 5.56 -1.33
N LEU A 111 -0.37 4.37 -1.67
CA LEU A 111 0.91 4.20 -2.33
C LEU A 111 0.70 3.54 -3.70
N ARG A 112 0.78 4.37 -4.73
CA ARG A 112 0.60 3.88 -6.09
C ARG A 112 1.91 3.29 -6.63
N LEU A 113 1.77 2.32 -7.51
CA LEU A 113 2.93 1.67 -8.10
C LEU A 113 2.53 1.09 -9.46
N GLY A 114 3.55 0.61 -10.17
CA GLY A 114 3.32 0.03 -11.49
C GLY A 114 3.95 -1.36 -11.58
N LEU A 115 3.29 -2.22 -12.34
CA LEU A 115 3.77 -3.59 -12.52
C LEU A 115 4.47 -3.70 -13.88
N ASP A 116 3.91 -2.97 -14.84
CA ASP A 116 4.48 -2.99 -16.19
C ASP A 116 6.00 -2.98 -16.11
N GLY A 117 6.50 -2.33 -15.07
CA GLY A 117 7.94 -2.22 -14.87
C GLY A 117 8.45 -0.83 -15.20
N THR A 118 7.59 0.15 -14.98
CA THR A 118 7.94 1.53 -15.26
C THR A 118 8.18 2.29 -13.95
N SER A 119 7.08 2.72 -13.33
CA SER A 119 7.16 3.44 -12.09
C SER A 119 8.23 2.83 -11.19
N VAL A 120 7.94 1.63 -10.69
CA VAL A 120 8.86 0.93 -9.82
C VAL A 120 9.23 -0.41 -10.46
N PRO A 121 10.54 -0.77 -10.33
CA PRO A 121 11.03 -2.01 -10.88
C PRO A 121 10.58 -3.20 -10.03
N LEU A 122 10.85 -4.40 -10.55
CA LEU A 122 10.48 -5.60 -9.85
C LEU A 122 11.69 -6.13 -9.07
N GLY A 123 11.40 -6.89 -8.02
CA GLY A 123 12.45 -7.45 -7.20
C GLY A 123 13.38 -6.36 -6.67
N ALA A 124 12.87 -5.14 -6.68
CA ALA A 124 13.63 -3.99 -6.20
C ALA A 124 12.82 -3.23 -5.16
N ALA A 125 13.15 -3.46 -3.91
CA ALA A 125 12.45 -2.80 -2.81
C ALA A 125 12.73 -1.30 -2.87
N GLN A 126 11.65 -0.53 -2.77
CA GLN A 126 11.77 0.92 -2.81
C GLN A 126 11.03 1.55 -1.63
N TRP A 127 11.44 2.75 -1.28
CA TRP A 127 10.84 3.47 -0.17
C TRP A 127 9.94 4.57 -0.74
N GLY A 128 8.69 4.22 -0.99
CA GLY A 128 7.74 5.16 -1.55
C GLY A 128 7.04 5.95 -0.43
N GLU A 129 6.49 7.09 -0.82
CA GLU A 129 5.80 7.95 0.14
C GLU A 129 4.29 7.88 -0.09
N LEU A 130 3.57 7.59 0.99
CA LEU A 130 2.12 7.50 0.92
C LEU A 130 1.55 8.83 0.44
N LYS A 131 0.65 8.74 -0.53
CA LYS A 131 0.02 9.93 -1.08
C LYS A 131 -1.36 10.10 -0.45
N THR A 132 -1.36 10.31 0.86
CA THR A 132 -2.60 10.49 1.59
C THR A 132 -3.61 11.27 0.74
N SER A 133 -3.08 12.19 -0.04
CA SER A 133 -3.92 13.01 -0.91
C SER A 133 -4.63 12.12 -1.94
N GLY A 134 -3.84 11.51 -2.80
CA GLY A 134 -4.37 10.65 -3.83
C GLY A 134 -5.34 11.40 -4.74
N PRO A 135 -5.51 10.87 -5.98
CA PRO A 135 -6.40 11.48 -6.94
C PRO A 135 -7.87 11.21 -6.59
N SER A 136 -8.75 11.77 -7.40
CA SER A 136 -10.18 11.59 -7.19
C SER A 136 -10.55 10.13 -7.39
N SER A 137 -10.78 9.45 -6.28
CA SER A 137 -11.15 8.04 -6.32
C SER A 137 -11.66 7.59 -4.95
N GLY A 138 -10.77 7.67 -3.97
CA GLY A 138 -11.11 7.28 -2.62
C GLY A 138 -10.04 6.38 -2.02
N GLY A 1 -13.57 13.85 -10.23
CA GLY A 1 -12.77 14.13 -9.05
C GLY A 1 -12.48 15.63 -8.92
N SER A 2 -12.95 16.20 -7.82
CA SER A 2 -12.76 17.62 -7.57
C SER A 2 -12.31 17.84 -6.12
N SER A 3 -13.14 17.36 -5.21
CA SER A 3 -12.85 17.49 -3.79
C SER A 3 -11.37 17.24 -3.53
N GLY A 4 -10.91 17.73 -2.39
CA GLY A 4 -9.51 17.57 -2.02
C GLY A 4 -9.04 18.75 -1.15
N SER A 5 -7.92 19.33 -1.55
CA SER A 5 -7.37 20.46 -0.82
C SER A 5 -6.95 20.01 0.58
N SER A 6 -6.18 20.87 1.24
CA SER A 6 -5.71 20.58 2.58
C SER A 6 -4.74 19.40 2.55
N GLY A 7 -3.63 19.57 3.26
CA GLY A 7 -2.62 18.54 3.32
C GLY A 7 -1.21 19.13 3.21
N SER A 8 -0.50 19.10 4.32
CA SER A 8 0.85 19.63 4.36
C SER A 8 1.49 19.33 5.72
N TRP A 9 2.79 19.06 5.69
CA TRP A 9 3.52 18.75 6.89
C TRP A 9 4.97 18.48 6.51
N ASN A 10 5.85 18.58 7.51
CA ASN A 10 7.27 18.35 7.29
C ASN A 10 7.51 16.85 7.10
N GLN A 11 7.16 16.09 8.14
CA GLN A 11 7.34 14.66 8.10
C GLN A 11 6.21 14.00 7.29
N ALA A 12 6.62 13.22 6.29
CA ALA A 12 5.66 12.53 5.45
C ALA A 12 5.69 11.03 5.75
N PRO A 13 4.53 10.36 5.50
CA PRO A 13 4.42 8.93 5.74
C PRO A 13 5.16 8.14 4.66
N LYS A 14 6.00 7.22 5.12
CA LYS A 14 6.77 6.38 4.21
C LYS A 14 6.30 4.94 4.33
N LEU A 15 6.29 4.26 3.19
CA LEU A 15 5.86 2.86 3.15
C LEU A 15 6.82 2.07 2.27
N HIS A 16 7.48 1.10 2.90
CA HIS A 16 8.42 0.26 2.19
C HIS A 16 7.70 -0.95 1.60
N TYR A 17 8.07 -1.30 0.38
CA TYR A 17 7.47 -2.43 -0.30
C TYR A 17 8.40 -2.97 -1.40
N CYS A 18 8.32 -4.28 -1.59
CA CYS A 18 9.14 -4.93 -2.60
C CYS A 18 8.21 -5.58 -3.63
N LEU A 19 8.24 -5.03 -4.83
CA LEU A 19 7.42 -5.53 -5.92
C LEU A 19 8.15 -6.67 -6.61
N ASP A 20 7.49 -7.81 -6.69
CA ASP A 20 8.07 -8.98 -7.33
C ASP A 20 6.94 -9.86 -7.89
N TYR A 21 6.93 -10.00 -9.20
CA TYR A 21 5.91 -10.81 -9.86
C TYR A 21 6.48 -12.18 -10.25
N ASP A 22 5.87 -13.21 -9.69
CA ASP A 22 6.31 -14.57 -9.98
C ASP A 22 5.49 -15.13 -11.14
N CYS A 23 5.95 -14.83 -12.34
CA CYS A 23 5.28 -15.30 -13.55
C CYS A 23 4.90 -16.77 -13.35
N GLN A 24 5.83 -17.51 -12.79
CA GLN A 24 5.60 -18.93 -12.53
C GLN A 24 4.24 -19.14 -11.88
N LYS A 25 3.97 -18.34 -10.86
CA LYS A 25 2.71 -18.42 -10.16
C LYS A 25 1.67 -17.52 -10.84
N ALA A 26 2.15 -16.38 -11.31
CA ALA A 26 1.29 -15.42 -11.98
C ALA A 26 0.59 -14.56 -10.94
N GLU A 27 1.28 -14.34 -9.82
CA GLU A 27 0.73 -13.52 -8.75
C GLU A 27 1.78 -12.53 -8.25
N LEU A 28 1.34 -11.30 -8.08
CA LEU A 28 2.22 -10.24 -7.62
C LEU A 28 2.57 -10.49 -6.15
N PHE A 29 3.59 -9.77 -5.69
CA PHE A 29 4.03 -9.90 -4.30
C PHE A 29 4.61 -8.58 -3.79
N VAL A 30 4.19 -8.21 -2.60
CA VAL A 30 4.65 -6.97 -1.99
C VAL A 30 5.20 -7.28 -0.60
N THR A 31 6.50 -7.52 -0.54
CA THR A 31 7.16 -7.83 0.71
C THR A 31 7.98 -6.63 1.19
N ARG A 32 8.83 -6.88 2.18
CA ARG A 32 9.68 -5.84 2.74
C ARG A 32 8.82 -4.68 3.24
N LEU A 33 7.73 -5.04 3.89
CA LEU A 33 6.82 -4.04 4.44
C LEU A 33 7.48 -3.37 5.65
N GLU A 34 7.66 -2.07 5.54
CA GLU A 34 8.27 -1.30 6.62
C GLU A 34 7.76 0.14 6.60
N ALA A 35 6.59 0.33 7.21
CA ALA A 35 5.99 1.66 7.27
C ALA A 35 6.95 2.62 7.96
N VAL A 36 6.73 3.91 7.72
CA VAL A 36 7.56 4.93 8.31
C VAL A 36 6.73 6.19 8.52
N THR A 37 5.80 6.10 9.46
CA THR A 37 4.93 7.23 9.77
C THR A 37 4.49 7.18 11.22
N SER A 38 4.89 8.20 11.97
CA SER A 38 4.54 8.29 13.37
C SER A 38 5.48 9.26 14.09
N ASN A 39 5.14 9.57 15.33
CA ASN A 39 5.94 10.48 16.13
C ASN A 39 5.63 10.26 17.61
N HIS A 40 4.39 10.58 17.98
CA HIS A 40 3.95 10.43 19.35
C HIS A 40 2.43 10.30 19.40
N ASP A 41 1.94 9.22 18.80
CA ASP A 41 0.51 8.97 18.76
C ASP A 41 0.23 7.74 17.89
N GLY A 42 -0.39 6.75 18.50
CA GLY A 42 -0.72 5.52 17.80
C GLY A 42 -1.24 4.46 18.77
N GLY A 43 -2.52 4.62 19.12
CA GLY A 43 -3.15 3.69 20.04
C GLY A 43 -4.12 2.76 19.30
N CYS A 44 -3.57 2.05 18.32
CA CYS A 44 -4.37 1.13 17.52
C CYS A 44 -3.42 0.31 16.65
N ASP A 45 -3.97 -0.74 16.05
CA ASP A 45 -3.20 -1.62 15.20
C ASP A 45 -3.37 -1.18 13.75
N CYS A 46 -2.25 -1.03 13.07
CA CYS A 46 -2.26 -0.62 11.67
C CYS A 46 -1.67 -1.76 10.83
N TYR A 47 -2.08 -1.80 9.57
CA TYR A 47 -1.60 -2.82 8.66
C TYR A 47 -1.52 -2.28 7.23
N VAL A 48 -0.77 -2.99 6.40
CA VAL A 48 -0.61 -2.60 5.01
C VAL A 48 -1.70 -3.27 4.16
N GLN A 49 -2.08 -2.58 3.10
CA GLN A 49 -3.10 -3.10 2.20
C GLN A 49 -2.68 -2.91 0.75
N GLY A 50 -2.90 -3.96 -0.04
CA GLY A 50 -2.55 -3.93 -1.45
C GLY A 50 -3.77 -4.16 -2.33
N SER A 51 -3.77 -3.51 -3.48
CA SER A 51 -4.87 -3.64 -4.42
C SER A 51 -4.33 -3.67 -5.85
N VAL A 52 -4.90 -4.58 -6.64
CA VAL A 52 -4.49 -4.71 -8.03
C VAL A 52 -5.73 -4.73 -8.92
N ALA A 53 -5.65 -3.95 -10.00
CA ALA A 53 -6.76 -3.87 -10.93
C ALA A 53 -6.31 -4.44 -12.29
N ASN A 54 -6.96 -5.52 -12.69
CA ASN A 54 -6.65 -6.15 -13.95
C ASN A 54 -7.85 -6.03 -14.89
N ARG A 55 -7.64 -6.45 -16.13
CA ARG A 55 -8.68 -6.39 -17.14
C ARG A 55 -9.75 -7.45 -16.83
N THR A 56 -9.48 -8.24 -15.82
CA THR A 56 -10.41 -9.30 -15.42
C THR A 56 -11.22 -8.86 -14.20
N GLY A 57 -10.63 -7.94 -13.45
CA GLY A 57 -11.29 -7.44 -12.24
C GLY A 57 -10.29 -6.69 -11.35
N SER A 58 -10.15 -7.17 -10.13
CA SER A 58 -9.24 -6.56 -9.18
C SER A 58 -9.06 -7.47 -7.96
N VAL A 59 -7.86 -7.44 -7.41
CA VAL A 59 -7.54 -8.26 -6.26
C VAL A 59 -7.00 -7.36 -5.14
N GLU A 60 -7.21 -7.81 -3.92
CA GLU A 60 -6.75 -7.05 -2.76
C GLU A 60 -6.10 -8.00 -1.74
N ALA A 61 -5.29 -7.40 -0.87
CA ALA A 61 -4.60 -8.18 0.15
C ALA A 61 -4.06 -7.23 1.22
N GLN A 62 -3.70 -7.81 2.36
CA GLN A 62 -3.17 -7.03 3.47
C GLN A 62 -2.25 -7.90 4.33
N THR A 63 -1.57 -7.24 5.26
CA THR A 63 -0.67 -7.94 6.16
C THR A 63 -1.32 -8.15 7.52
N ALA A 64 -0.59 -8.84 8.39
CA ALA A 64 -1.09 -9.11 9.72
C ALA A 64 -1.02 -7.85 10.56
N LEU A 65 -2.08 -7.62 11.34
CA LEU A 65 -2.15 -6.45 12.19
C LEU A 65 -0.86 -6.34 13.01
N LYS A 66 -0.58 -5.13 13.47
CA LYS A 66 0.60 -4.88 14.26
C LYS A 66 0.39 -3.62 15.12
N LYS A 67 1.44 -3.25 15.83
CA LYS A 67 1.37 -2.09 16.69
C LYS A 67 2.00 -0.88 15.96
N ARG A 68 1.23 0.20 15.93
CA ARG A 68 1.70 1.41 15.28
C ARG A 68 3.04 1.85 15.85
N GLN A 69 3.98 2.10 14.94
CA GLN A 69 5.31 2.53 15.34
C GLN A 69 5.89 3.50 14.32
N LEU A 70 7.09 3.98 14.61
CA LEU A 70 7.77 4.91 13.72
C LEU A 70 8.46 4.13 12.61
N HIS A 71 8.39 2.82 12.72
CA HIS A 71 9.01 1.95 11.73
C HIS A 71 8.55 0.50 11.95
N THR A 72 7.28 0.28 11.69
CA THR A 72 6.71 -1.04 11.87
C THR A 72 7.22 -1.99 10.77
N THR A 73 7.26 -3.27 11.12
CA THR A 73 7.73 -4.28 10.19
C THR A 73 6.83 -5.51 10.24
N TRP A 74 6.77 -6.21 9.12
CA TRP A 74 5.96 -7.41 9.01
C TRP A 74 6.86 -8.57 8.59
N GLU A 75 6.27 -9.74 8.52
CA GLU A 75 7.00 -10.94 8.12
C GLU A 75 6.58 -11.38 6.73
N GLU A 76 5.31 -11.13 6.42
CA GLU A 76 4.77 -11.50 5.12
C GLU A 76 4.52 -10.25 4.28
N GLY A 77 4.21 -10.48 3.01
CA GLY A 77 3.94 -9.38 2.09
C GLY A 77 2.52 -9.47 1.53
N LEU A 78 2.30 -8.72 0.46
CA LEU A 78 0.99 -8.70 -0.17
C LEU A 78 1.11 -9.29 -1.59
N VAL A 79 0.40 -10.39 -1.79
CA VAL A 79 0.41 -11.07 -3.08
C VAL A 79 -0.98 -10.98 -3.71
N LEU A 80 -1.00 -10.66 -5.00
CA LEU A 80 -2.26 -10.55 -5.72
C LEU A 80 -2.13 -11.28 -7.06
N PRO A 81 -3.23 -12.00 -7.43
CA PRO A 81 -3.26 -12.73 -8.68
C PRO A 81 -3.43 -11.80 -9.87
N LEU A 82 -2.58 -12.01 -10.87
CA LEU A 82 -2.62 -11.18 -12.07
C LEU A 82 -1.96 -11.94 -13.22
N ALA A 83 -2.46 -11.68 -14.42
CA ALA A 83 -1.93 -12.32 -15.62
C ALA A 83 -0.78 -11.49 -16.18
N GLU A 84 0.30 -12.17 -16.51
CA GLU A 84 1.47 -11.51 -17.07
C GLU A 84 1.09 -10.67 -18.28
N GLU A 85 -0.01 -11.07 -18.92
CA GLU A 85 -0.50 -10.37 -20.09
C GLU A 85 -1.27 -9.11 -19.67
N GLU A 86 -1.46 -8.97 -18.37
CA GLU A 86 -2.17 -7.83 -17.84
C GLU A 86 -1.24 -6.96 -16.99
N LEU A 87 -0.03 -7.47 -16.80
CA LEU A 87 0.97 -6.76 -16.02
C LEU A 87 0.96 -5.28 -16.41
N PRO A 88 1.04 -5.04 -17.75
CA PRO A 88 1.04 -3.68 -18.27
C PRO A 88 -0.36 -3.07 -18.20
N THR A 89 -1.36 -3.95 -18.25
CA THR A 89 -2.75 -3.51 -18.20
C THR A 89 -3.28 -3.63 -16.78
N ALA A 90 -2.38 -3.54 -15.82
CA ALA A 90 -2.76 -3.64 -14.42
C ALA A 90 -1.95 -2.64 -13.60
N THR A 91 -2.54 -2.22 -12.49
CA THR A 91 -1.88 -1.25 -11.62
C THR A 91 -2.12 -1.63 -10.15
N LEU A 92 -1.07 -1.47 -9.36
CA LEU A 92 -1.15 -1.78 -7.95
C LEU A 92 -1.32 -0.49 -7.15
N THR A 93 -2.01 -0.60 -6.02
CA THR A 93 -2.26 0.54 -5.16
C THR A 93 -2.18 0.13 -3.69
N LEU A 94 -1.13 0.62 -3.03
CA LEU A 94 -0.94 0.32 -1.63
C LEU A 94 -1.73 1.31 -0.78
N THR A 95 -2.25 0.81 0.33
CA THR A 95 -3.03 1.63 1.23
C THR A 95 -2.79 1.21 2.69
N LEU A 96 -2.53 2.20 3.53
CA LEU A 96 -2.28 1.95 4.93
C LEU A 96 -3.55 2.24 5.73
N ARG A 97 -4.26 1.17 6.05
CA ARG A 97 -5.49 1.29 6.82
C ARG A 97 -5.22 1.04 8.30
N THR A 98 -5.98 1.75 9.12
CA THR A 98 -5.85 1.62 10.57
C THR A 98 -7.00 0.81 11.15
N CYS A 99 -6.68 0.00 12.15
CA CYS A 99 -7.69 -0.83 12.79
C CYS A 99 -8.76 0.08 13.39
N ASP A 100 -9.99 -0.22 13.06
CA ASP A 100 -11.12 0.56 13.54
C ASP A 100 -12.42 -0.16 13.23
N ARG A 101 -13.51 0.36 13.76
CA ARG A 101 -14.82 -0.23 13.55
C ARG A 101 -14.94 -0.73 12.11
N PHE A 102 -14.71 0.18 11.17
CA PHE A 102 -14.78 -0.16 9.77
C PHE A 102 -13.90 0.77 8.92
N SER A 103 -12.72 0.27 8.60
CA SER A 103 -11.77 1.03 7.81
C SER A 103 -12.30 1.20 6.37
N ARG A 104 -13.47 1.81 6.28
CA ARG A 104 -14.10 2.04 4.99
C ARG A 104 -13.84 3.47 4.52
N HIS A 105 -13.53 3.60 3.24
CA HIS A 105 -13.26 4.91 2.67
C HIS A 105 -12.23 5.65 3.52
N SER A 106 -11.46 4.87 4.28
CA SER A 106 -10.44 5.44 5.14
C SER A 106 -9.08 4.81 4.82
N VAL A 107 -8.12 5.67 4.52
CA VAL A 107 -6.78 5.22 4.20
C VAL A 107 -5.76 6.17 4.83
N ALA A 108 -4.96 5.62 5.73
CA ALA A 108 -3.95 6.41 6.40
C ALA A 108 -2.95 6.95 5.36
N GLY A 109 -2.89 6.26 4.24
CA GLY A 109 -2.00 6.66 3.17
C GLY A 109 -2.10 5.71 1.98
N GLU A 110 -2.31 6.29 0.81
CA GLU A 110 -2.43 5.51 -0.41
C GLU A 110 -1.20 5.69 -1.30
N LEU A 111 -0.73 4.58 -1.86
CA LEU A 111 0.43 4.62 -2.72
C LEU A 111 0.10 3.93 -4.05
N ARG A 112 0.72 4.44 -5.11
CA ARG A 112 0.49 3.89 -6.44
C ARG A 112 1.78 3.27 -6.98
N LEU A 113 1.62 2.18 -7.70
CA LEU A 113 2.76 1.48 -8.27
C LEU A 113 2.35 0.86 -9.61
N GLY A 114 3.33 0.31 -10.30
CA GLY A 114 3.09 -0.31 -11.59
C GLY A 114 3.75 -1.69 -11.67
N LEU A 115 3.08 -2.60 -12.37
CA LEU A 115 3.59 -3.95 -12.52
C LEU A 115 4.04 -4.16 -13.98
N ASP A 116 4.48 -3.07 -14.58
CA ASP A 116 4.94 -3.12 -15.96
C ASP A 116 6.46 -3.21 -15.99
N GLY A 117 7.08 -2.50 -15.05
CA GLY A 117 8.53 -2.50 -14.95
C GLY A 117 9.08 -1.12 -15.32
N THR A 118 8.33 -0.09 -14.96
CA THR A 118 8.75 1.27 -15.24
C THR A 118 8.94 2.05 -13.94
N SER A 119 7.84 2.59 -13.44
CA SER A 119 7.87 3.36 -12.21
C SER A 119 8.78 2.67 -11.19
N VAL A 120 8.33 1.51 -10.74
CA VAL A 120 9.08 0.73 -9.77
C VAL A 120 9.47 -0.62 -10.38
N PRO A 121 10.77 -0.97 -10.21
CA PRO A 121 11.28 -2.22 -10.73
C PRO A 121 10.81 -3.40 -9.89
N LEU A 122 11.09 -4.60 -10.40
CA LEU A 122 10.70 -5.82 -9.71
C LEU A 122 11.89 -6.35 -8.91
N GLY A 123 11.57 -7.10 -7.87
CA GLY A 123 12.60 -7.67 -7.01
C GLY A 123 13.54 -6.58 -6.48
N ALA A 124 13.04 -5.35 -6.49
CA ALA A 124 13.81 -4.22 -6.02
C ALA A 124 12.97 -3.40 -5.05
N ALA A 125 13.22 -3.60 -3.76
CA ALA A 125 12.48 -2.89 -2.73
C ALA A 125 12.80 -1.40 -2.83
N GLN A 126 11.76 -0.59 -2.73
CA GLN A 126 11.92 0.85 -2.79
C GLN A 126 11.19 1.52 -1.62
N TRP A 127 11.62 2.74 -1.33
CA TRP A 127 11.02 3.49 -0.23
C TRP A 127 10.14 4.59 -0.84
N GLY A 128 8.85 4.29 -0.94
CA GLY A 128 7.90 5.23 -1.50
C GLY A 128 7.06 5.88 -0.39
N GLU A 129 6.69 7.13 -0.64
CA GLU A 129 5.89 7.87 0.32
C GLU A 129 4.40 7.64 0.06
N LEU A 130 3.62 7.74 1.12
CA LEU A 130 2.18 7.56 1.02
C LEU A 130 1.54 8.84 0.49
N LYS A 131 0.65 8.67 -0.48
CA LYS A 131 -0.03 9.80 -1.08
C LYS A 131 -1.32 10.09 -0.29
N THR A 132 -1.14 10.31 1.01
CA THR A 132 -2.27 10.59 1.88
C THR A 132 -3.28 11.49 1.17
N SER A 133 -4.51 11.02 1.12
CA SER A 133 -5.57 11.77 0.47
C SER A 133 -6.91 11.03 0.62
N GLY A 134 -7.51 11.19 1.79
CA GLY A 134 -8.78 10.54 2.08
C GLY A 134 -9.91 11.57 2.17
N PRO A 135 -11.16 11.09 1.95
CA PRO A 135 -12.32 11.94 2.01
C PRO A 135 -12.68 12.29 3.46
N SER A 136 -13.34 11.35 4.11
CA SER A 136 -13.74 11.54 5.50
C SER A 136 -12.52 11.92 6.35
N SER A 137 -11.41 11.27 6.05
CA SER A 137 -10.18 11.53 6.77
C SER A 137 -9.11 10.51 6.37
N GLY A 138 -7.99 10.57 7.08
CA GLY A 138 -6.89 9.66 6.81
C GLY A 138 -6.19 9.23 8.11
N GLY A 1 -6.69 12.62 -17.15
CA GLY A 1 -7.35 12.32 -15.88
C GLY A 1 -7.59 13.60 -15.08
N SER A 2 -7.77 13.42 -13.78
CA SER A 2 -8.01 14.54 -12.89
C SER A 2 -6.79 14.76 -11.99
N SER A 3 -6.82 15.87 -11.26
CA SER A 3 -5.73 16.20 -10.35
C SER A 3 -6.13 15.86 -8.92
N GLY A 4 -5.14 15.94 -8.03
CA GLY A 4 -5.37 15.65 -6.64
C GLY A 4 -4.70 16.69 -5.74
N SER A 5 -4.13 16.22 -4.64
CA SER A 5 -3.46 17.09 -3.70
C SER A 5 -2.40 16.31 -2.91
N SER A 6 -1.60 17.05 -2.17
CA SER A 6 -0.55 16.43 -1.37
C SER A 6 -0.47 17.12 0.00
N GLY A 7 0.32 16.51 0.88
CA GLY A 7 0.48 17.05 2.22
C GLY A 7 1.66 16.37 2.93
N SER A 8 2.07 17.00 4.03
CA SER A 8 3.19 16.48 4.81
C SER A 8 3.32 17.26 6.12
N TRP A 9 3.50 18.57 5.96
CA TRP A 9 3.64 19.44 7.12
C TRP A 9 4.60 18.76 8.11
N ASN A 10 5.89 18.89 7.82
CA ASN A 10 6.91 18.30 8.66
C ASN A 10 6.77 16.78 8.62
N GLN A 11 7.83 16.13 8.15
CA GLN A 11 7.85 14.68 8.06
C GLN A 11 6.76 14.20 7.09
N ALA A 12 6.91 12.96 6.65
CA ALA A 12 5.96 12.37 5.72
C ALA A 12 5.88 10.87 5.98
N PRO A 13 4.70 10.29 5.65
CA PRO A 13 4.49 8.87 5.82
C PRO A 13 5.21 8.06 4.74
N LYS A 14 6.08 7.17 5.20
CA LYS A 14 6.84 6.34 4.28
C LYS A 14 6.30 4.91 4.33
N LEU A 15 6.33 4.26 3.17
CA LEU A 15 5.86 2.89 3.07
C LEU A 15 6.78 2.09 2.15
N HIS A 16 7.51 1.17 2.77
CA HIS A 16 8.44 0.34 2.01
C HIS A 16 7.71 -0.88 1.47
N TYR A 17 8.08 -1.26 0.26
CA TYR A 17 7.47 -2.41 -0.39
C TYR A 17 8.37 -2.96 -1.50
N CYS A 18 8.42 -4.29 -1.58
CA CYS A 18 9.24 -4.95 -2.58
C CYS A 18 8.30 -5.66 -3.56
N LEU A 19 8.29 -5.15 -4.79
CA LEU A 19 7.45 -5.72 -5.83
C LEU A 19 8.21 -6.86 -6.50
N ASP A 20 7.50 -7.98 -6.66
CA ASP A 20 8.10 -9.15 -7.29
C ASP A 20 6.97 -10.03 -7.86
N TYR A 21 6.94 -10.12 -9.18
CA TYR A 21 5.94 -10.92 -9.85
C TYR A 21 6.48 -12.31 -10.19
N ASP A 22 5.81 -13.31 -9.64
CA ASP A 22 6.21 -14.69 -9.86
C ASP A 22 5.36 -15.29 -10.98
N CYS A 23 5.81 -15.08 -12.21
CA CYS A 23 5.11 -15.59 -13.38
C CYS A 23 4.63 -17.01 -13.06
N GLN A 24 5.45 -17.72 -12.30
CA GLN A 24 5.14 -19.09 -11.93
C GLN A 24 3.79 -19.13 -11.20
N LYS A 25 3.65 -18.24 -10.23
CA LYS A 25 2.43 -18.17 -9.45
C LYS A 25 1.44 -17.23 -10.14
N ALA A 26 1.97 -16.40 -11.03
CA ALA A 26 1.17 -15.45 -11.76
C ALA A 26 0.46 -14.52 -10.78
N GLU A 27 1.19 -14.13 -9.74
CA GLU A 27 0.65 -13.26 -8.72
C GLU A 27 1.70 -12.23 -8.29
N LEU A 28 1.26 -10.99 -8.12
CA LEU A 28 2.15 -9.92 -7.71
C LEU A 28 2.37 -10.00 -6.20
N PHE A 29 3.60 -9.71 -5.80
CA PHE A 29 3.95 -9.74 -4.38
C PHE A 29 4.51 -8.39 -3.93
N VAL A 30 4.19 -8.04 -2.70
CA VAL A 30 4.65 -6.79 -2.13
C VAL A 30 5.28 -7.05 -0.77
N THR A 31 6.47 -7.64 -0.80
CA THR A 31 7.18 -7.95 0.42
C THR A 31 7.91 -6.70 0.95
N ARG A 32 8.85 -6.94 1.85
CA ARG A 32 9.60 -5.86 2.45
C ARG A 32 8.68 -4.70 2.81
N LEU A 33 7.75 -4.98 3.70
CA LEU A 33 6.80 -3.98 4.15
C LEU A 33 7.36 -3.28 5.39
N GLU A 34 7.42 -1.95 5.30
CA GLU A 34 7.93 -1.15 6.40
C GLU A 34 7.38 0.27 6.33
N ALA A 35 6.38 0.53 7.17
CA ALA A 35 5.76 1.84 7.20
C ALA A 35 6.56 2.76 8.13
N VAL A 36 6.93 3.90 7.60
CA VAL A 36 7.70 4.87 8.36
C VAL A 36 6.84 6.12 8.61
N THR A 37 5.95 6.01 9.58
CA THR A 37 5.07 7.12 9.91
C THR A 37 5.43 7.69 11.28
N SER A 38 4.61 8.62 11.73
CA SER A 38 4.83 9.26 13.02
C SER A 38 3.51 9.74 13.60
N ASN A 39 3.53 10.04 14.89
CA ASN A 39 2.34 10.51 15.58
C ASN A 39 1.27 9.42 15.53
N HIS A 40 0.37 9.48 16.50
CA HIS A 40 -0.71 8.50 16.58
C HIS A 40 -2.05 9.22 16.48
N ASP A 41 -3.12 8.46 16.72
CA ASP A 41 -4.46 9.01 16.66
C ASP A 41 -5.33 8.36 17.73
N GLY A 42 -5.24 7.04 17.79
CA GLY A 42 -6.01 6.28 18.76
C GLY A 42 -5.37 4.91 19.03
N GLY A 43 -6.15 4.04 19.63
CA GLY A 43 -5.68 2.70 19.95
C GLY A 43 -6.23 1.68 18.95
N CYS A 44 -5.56 1.60 17.81
CA CYS A 44 -5.97 0.67 16.77
C CYS A 44 -4.70 0.11 16.11
N ASP A 45 -4.83 -1.10 15.59
CA ASP A 45 -3.72 -1.76 14.93
C ASP A 45 -3.62 -1.25 13.49
N CYS A 46 -2.38 -1.15 13.01
CA CYS A 46 -2.14 -0.67 11.66
C CYS A 46 -1.63 -1.86 10.84
N TYR A 47 -1.95 -1.82 9.55
CA TYR A 47 -1.53 -2.87 8.63
C TYR A 47 -1.45 -2.36 7.20
N VAL A 48 -0.64 -3.04 6.41
CA VAL A 48 -0.46 -2.67 5.01
C VAL A 48 -1.48 -3.41 4.16
N GLN A 49 -1.98 -2.71 3.15
CA GLN A 49 -2.95 -3.30 2.24
C GLN A 49 -2.59 -2.99 0.79
N GLY A 50 -2.71 -4.01 -0.05
CA GLY A 50 -2.41 -3.85 -1.45
C GLY A 50 -3.64 -4.13 -2.32
N SER A 51 -3.73 -3.39 -3.42
CA SER A 51 -4.85 -3.54 -4.33
C SER A 51 -4.34 -3.57 -5.78
N VAL A 52 -4.89 -4.50 -6.55
CA VAL A 52 -4.50 -4.64 -7.94
C VAL A 52 -5.76 -4.59 -8.81
N ALA A 53 -5.58 -4.01 -10.00
CA ALA A 53 -6.69 -3.89 -10.93
C ALA A 53 -6.24 -4.39 -12.31
N ASN A 54 -6.87 -5.48 -12.73
CA ASN A 54 -6.54 -6.08 -14.02
C ASN A 54 -7.72 -5.90 -14.97
N ARG A 55 -7.55 -6.41 -16.18
CA ARG A 55 -8.59 -6.30 -17.19
C ARG A 55 -9.73 -7.27 -16.87
N THR A 56 -9.47 -8.15 -15.92
CA THR A 56 -10.46 -9.13 -15.52
C THR A 56 -11.26 -8.61 -14.32
N GLY A 57 -10.60 -7.78 -13.52
CA GLY A 57 -11.24 -7.21 -12.34
C GLY A 57 -10.21 -6.52 -11.45
N SER A 58 -10.15 -6.98 -10.21
CA SER A 58 -9.22 -6.42 -9.24
C SER A 58 -9.08 -7.36 -8.05
N VAL A 59 -8.05 -7.10 -7.26
CA VAL A 59 -7.79 -7.91 -6.08
C VAL A 59 -7.38 -7.00 -4.92
N GLU A 60 -7.18 -7.63 -3.76
CA GLU A 60 -6.81 -6.89 -2.57
C GLU A 60 -6.16 -7.83 -1.55
N ALA A 61 -5.07 -7.37 -0.97
CA ALA A 61 -4.36 -8.16 0.03
C ALA A 61 -3.82 -7.23 1.11
N GLN A 62 -3.38 -7.83 2.20
CA GLN A 62 -2.84 -7.08 3.32
C GLN A 62 -2.04 -8.00 4.25
N THR A 63 -1.37 -7.38 5.21
CA THR A 63 -0.57 -8.12 6.16
C THR A 63 -1.25 -8.15 7.53
N ALA A 64 -0.64 -8.87 8.45
CA ALA A 64 -1.17 -8.99 9.80
C ALA A 64 -1.32 -7.60 10.41
N LEU A 65 -2.03 -7.54 11.52
CA LEU A 65 -2.24 -6.29 12.21
C LEU A 65 -1.10 -6.05 13.20
N LYS A 66 -0.48 -4.89 13.07
CA LYS A 66 0.63 -4.53 13.96
C LYS A 66 0.24 -3.31 14.78
N LYS A 67 1.15 -2.92 15.66
CA LYS A 67 0.92 -1.76 16.52
C LYS A 67 1.70 -0.57 15.98
N ARG A 68 1.01 0.55 15.84
CA ARG A 68 1.63 1.77 15.34
C ARG A 68 3.02 1.93 15.95
N GLN A 69 4.00 2.10 15.08
CA GLN A 69 5.37 2.27 15.52
C GLN A 69 6.13 3.20 14.55
N LEU A 70 7.24 3.72 15.04
CA LEU A 70 8.06 4.61 14.23
C LEU A 70 8.56 3.86 13.00
N HIS A 71 8.46 2.53 13.06
CA HIS A 71 8.90 1.70 11.96
C HIS A 71 8.27 0.31 12.09
N THR A 72 7.05 0.20 11.58
CA THR A 72 6.33 -1.06 11.63
C THR A 72 6.78 -1.98 10.49
N THR A 73 7.35 -3.11 10.87
CA THR A 73 7.82 -4.08 9.90
C THR A 73 7.03 -5.38 10.02
N TRP A 74 6.86 -6.04 8.89
CA TRP A 74 6.13 -7.30 8.84
C TRP A 74 7.12 -8.41 8.48
N GLU A 75 6.59 -9.61 8.34
CA GLU A 75 7.41 -10.76 7.98
C GLU A 75 7.04 -11.27 6.58
N GLU A 76 5.74 -11.32 6.34
CA GLU A 76 5.24 -11.79 5.06
C GLU A 76 4.89 -10.60 4.16
N GLY A 77 4.65 -10.90 2.89
CA GLY A 77 4.30 -9.87 1.93
C GLY A 77 2.92 -10.13 1.33
N LEU A 78 2.42 -9.13 0.61
CA LEU A 78 1.12 -9.23 -0.01
C LEU A 78 1.23 -10.16 -1.23
N VAL A 79 0.06 -10.52 -1.75
CA VAL A 79 0.00 -11.39 -2.91
C VAL A 79 -1.29 -11.12 -3.69
N LEU A 80 -1.12 -10.55 -4.87
CA LEU A 80 -2.25 -10.24 -5.72
C LEU A 80 -2.16 -11.04 -7.01
N PRO A 81 -3.30 -11.69 -7.38
CA PRO A 81 -3.36 -12.50 -8.59
C PRO A 81 -3.42 -11.60 -9.84
N LEU A 82 -2.44 -11.80 -10.70
CA LEU A 82 -2.36 -11.03 -11.94
C LEU A 82 -1.69 -11.87 -13.02
N ALA A 83 -2.18 -11.72 -14.24
CA ALA A 83 -1.63 -12.45 -15.37
C ALA A 83 -0.52 -11.62 -16.02
N GLU A 84 0.54 -12.32 -16.41
CA GLU A 84 1.67 -11.66 -17.04
C GLU A 84 1.20 -10.83 -18.24
N GLU A 85 0.01 -11.17 -18.73
CA GLU A 85 -0.56 -10.47 -19.86
C GLU A 85 -1.30 -9.22 -19.40
N GLU A 86 -1.56 -9.17 -18.10
CA GLU A 86 -2.26 -8.04 -17.52
C GLU A 86 -1.29 -7.19 -16.69
N LEU A 87 -0.01 -7.50 -16.84
CA LEU A 87 1.02 -6.77 -16.10
C LEU A 87 1.04 -5.32 -16.57
N PRO A 88 1.11 -5.15 -17.91
CA PRO A 88 1.15 -3.82 -18.51
C PRO A 88 -0.24 -3.17 -18.46
N THR A 89 -1.23 -3.99 -18.13
CA THR A 89 -2.60 -3.50 -18.05
C THR A 89 -3.13 -3.64 -16.62
N ALA A 90 -2.22 -3.52 -15.67
CA ALA A 90 -2.59 -3.62 -14.26
C ALA A 90 -1.78 -2.60 -13.46
N THR A 91 -2.24 -2.37 -12.23
CA THR A 91 -1.57 -1.43 -11.35
C THR A 91 -1.78 -1.83 -9.89
N LEU A 92 -0.70 -1.70 -9.13
CA LEU A 92 -0.75 -2.04 -7.72
C LEU A 92 -0.82 -0.77 -6.88
N THR A 93 -1.91 -0.65 -6.13
CA THR A 93 -2.11 0.52 -5.29
C THR A 93 -2.02 0.13 -3.81
N LEU A 94 -0.99 0.66 -3.16
CA LEU A 94 -0.78 0.38 -1.76
C LEU A 94 -1.63 1.33 -0.91
N THR A 95 -2.08 0.82 0.23
CA THR A 95 -2.90 1.61 1.13
C THR A 95 -2.66 1.19 2.57
N LEU A 96 -2.51 2.19 3.43
CA LEU A 96 -2.27 1.94 4.84
C LEU A 96 -3.56 2.22 5.63
N ARG A 97 -4.28 1.14 5.92
CA ARG A 97 -5.53 1.25 6.66
C ARG A 97 -5.30 0.87 8.13
N THR A 98 -6.23 1.32 8.96
CA THR A 98 -6.15 1.05 10.39
C THR A 98 -7.30 0.13 10.82
N CYS A 99 -7.07 -0.56 11.93
CA CYS A 99 -8.08 -1.48 12.46
C CYS A 99 -9.38 -0.70 12.63
N ASP A 100 -9.67 -0.35 13.88
CA ASP A 100 -10.88 0.40 14.19
C ASP A 100 -12.09 -0.52 13.99
N ARG A 101 -13.26 0.03 14.29
CA ARG A 101 -14.50 -0.72 14.16
C ARG A 101 -14.61 -1.29 12.75
N PHE A 102 -14.70 -0.40 11.77
CA PHE A 102 -14.82 -0.80 10.38
C PHE A 102 -13.97 0.10 9.48
N SER A 103 -12.75 0.34 9.91
CA SER A 103 -11.83 1.18 9.15
C SER A 103 -12.58 2.37 8.57
N ARG A 104 -13.19 3.14 9.46
CA ARG A 104 -13.95 4.32 9.06
C ARG A 104 -13.00 5.38 8.50
N HIS A 105 -13.58 6.28 7.71
CA HIS A 105 -12.80 7.35 7.11
C HIS A 105 -11.87 6.77 6.04
N SER A 106 -11.22 7.67 5.32
CA SER A 106 -10.30 7.27 4.27
C SER A 106 -9.17 6.43 4.86
N VAL A 107 -8.24 6.06 3.99
CA VAL A 107 -7.11 5.25 4.41
C VAL A 107 -6.06 6.16 5.07
N ALA A 108 -5.18 5.53 5.84
CA ALA A 108 -4.13 6.26 6.53
C ALA A 108 -3.14 6.81 5.50
N GLY A 109 -3.25 6.28 4.29
CA GLY A 109 -2.37 6.70 3.21
C GLY A 109 -2.43 5.72 2.03
N GLU A 110 -2.34 6.28 0.83
CA GLU A 110 -2.38 5.46 -0.37
C GLU A 110 -1.10 5.65 -1.18
N LEU A 111 -0.76 4.62 -1.94
CA LEU A 111 0.43 4.65 -2.76
C LEU A 111 0.14 3.99 -4.11
N ARG A 112 0.74 4.55 -5.15
CA ARG A 112 0.56 4.03 -6.49
C ARG A 112 1.85 3.39 -6.99
N LEU A 113 1.69 2.28 -7.71
CA LEU A 113 2.83 1.57 -8.25
C LEU A 113 2.43 0.90 -9.56
N GLY A 114 3.42 0.33 -10.23
CA GLY A 114 3.19 -0.36 -11.50
C GLY A 114 3.82 -1.74 -11.49
N LEU A 115 3.32 -2.58 -12.40
CA LEU A 115 3.83 -3.93 -12.52
C LEU A 115 4.59 -4.08 -13.85
N ASP A 116 4.21 -3.26 -14.80
CA ASP A 116 4.84 -3.29 -16.11
C ASP A 116 6.36 -3.24 -15.94
N GLY A 117 6.78 -2.53 -14.90
CA GLY A 117 8.20 -2.40 -14.62
C GLY A 117 8.70 -0.99 -14.95
N THR A 118 7.78 -0.04 -14.89
CA THR A 118 8.10 1.35 -15.17
C THR A 118 8.27 2.13 -13.87
N SER A 119 7.15 2.62 -13.37
CA SER A 119 7.17 3.40 -12.14
C SER A 119 8.18 2.80 -11.16
N VAL A 120 8.02 1.51 -10.90
CA VAL A 120 8.92 0.81 -9.99
C VAL A 120 9.26 -0.56 -10.58
N PRO A 121 10.58 -0.89 -10.49
CA PRO A 121 11.06 -2.16 -11.01
C PRO A 121 10.68 -3.32 -10.09
N LEU A 122 10.92 -4.53 -10.57
CA LEU A 122 10.60 -5.71 -9.80
C LEU A 122 11.84 -6.17 -9.03
N GLY A 123 11.59 -6.94 -7.98
CA GLY A 123 12.68 -7.44 -7.15
C GLY A 123 13.58 -6.30 -6.67
N ALA A 124 13.03 -5.09 -6.73
CA ALA A 124 13.78 -3.91 -6.32
C ALA A 124 12.96 -3.15 -5.28
N ALA A 125 13.33 -3.34 -4.01
CA ALA A 125 12.64 -2.68 -2.93
C ALA A 125 12.86 -1.16 -3.03
N GLN A 126 11.81 -0.42 -2.69
CA GLN A 126 11.88 1.02 -2.74
C GLN A 126 11.19 1.63 -1.51
N TRP A 127 11.64 2.83 -1.15
CA TRP A 127 11.08 3.53 -0.01
C TRP A 127 10.19 4.65 -0.53
N GLY A 128 9.00 4.28 -0.99
CA GLY A 128 8.06 5.25 -1.52
C GLY A 128 7.20 5.85 -0.39
N GLU A 129 6.90 7.12 -0.54
CA GLU A 129 6.09 7.82 0.44
C GLU A 129 4.60 7.63 0.13
N LEU A 130 3.79 7.78 1.17
CA LEU A 130 2.35 7.63 1.03
C LEU A 130 1.76 8.92 0.47
N LYS A 131 0.83 8.75 -0.46
CA LYS A 131 0.18 9.90 -1.08
C LYS A 131 -1.18 10.12 -0.44
N THR A 132 -1.15 10.38 0.86
CA THR A 132 -2.38 10.61 1.60
C THR A 132 -3.24 11.66 0.91
N SER A 133 -4.55 11.52 1.08
CA SER A 133 -5.49 12.45 0.47
C SER A 133 -6.88 12.24 1.07
N GLY A 134 -7.15 12.97 2.15
CA GLY A 134 -8.43 12.87 2.82
C GLY A 134 -8.59 13.98 3.86
N PRO A 135 -9.80 14.01 4.48
CA PRO A 135 -10.10 15.01 5.49
C PRO A 135 -9.39 14.68 6.81
N SER A 136 -9.51 13.42 7.21
CA SER A 136 -8.89 12.97 8.44
C SER A 136 -8.04 11.73 8.17
N SER A 137 -7.35 11.28 9.21
CA SER A 137 -6.51 10.11 9.11
C SER A 137 -6.69 9.21 10.33
N GLY A 138 -6.52 7.92 10.11
CA GLY A 138 -6.66 6.95 11.18
C GLY A 138 -8.04 6.28 11.14
N GLY A 1 -20.80 15.53 18.74
CA GLY A 1 -19.55 15.81 18.03
C GLY A 1 -19.40 17.31 17.77
N SER A 2 -18.23 17.67 17.25
CA SER A 2 -17.95 19.06 16.95
C SER A 2 -17.40 19.18 15.53
N SER A 3 -16.29 18.51 15.29
CA SER A 3 -15.66 18.53 13.98
C SER A 3 -14.40 17.66 13.98
N GLY A 4 -13.47 18.02 14.85
CA GLY A 4 -12.22 17.28 14.95
C GLY A 4 -11.02 18.18 14.70
N SER A 5 -9.87 17.55 14.56
CA SER A 5 -8.63 18.28 14.31
C SER A 5 -7.51 17.31 13.95
N SER A 6 -6.42 17.87 13.44
CA SER A 6 -5.28 17.07 13.04
C SER A 6 -4.01 17.91 13.10
N GLY A 7 -2.88 17.24 12.95
CA GLY A 7 -1.59 17.92 12.98
C GLY A 7 -1.51 18.99 11.88
N SER A 8 -0.28 19.34 11.55
CA SER A 8 -0.05 20.35 10.53
C SER A 8 0.86 19.78 9.43
N TRP A 9 2.14 19.68 9.77
CA TRP A 9 3.13 19.16 8.85
C TRP A 9 4.40 18.85 9.63
N ASN A 10 4.98 17.69 9.31
CA ASN A 10 6.19 17.26 9.98
C ASN A 10 6.47 15.79 9.64
N GLN A 11 7.48 15.58 8.81
CA GLN A 11 7.85 14.25 8.40
C GLN A 11 6.73 13.61 7.60
N ALA A 12 7.05 13.24 6.37
CA ALA A 12 6.07 12.62 5.49
C ALA A 12 6.03 11.12 5.76
N PRO A 13 4.84 10.52 5.50
CA PRO A 13 4.65 9.09 5.72
C PRO A 13 5.34 8.28 4.62
N LYS A 14 6.11 7.29 5.04
CA LYS A 14 6.82 6.43 4.11
C LYS A 14 6.28 5.01 4.21
N LEU A 15 6.31 4.32 3.08
CA LEU A 15 5.82 2.95 3.03
C LEU A 15 6.76 2.11 2.17
N HIS A 16 7.44 1.17 2.82
CA HIS A 16 8.37 0.30 2.14
C HIS A 16 7.62 -0.89 1.54
N TYR A 17 8.04 -1.29 0.36
CA TYR A 17 7.43 -2.41 -0.33
C TYR A 17 8.36 -3.00 -1.38
N CYS A 18 8.37 -4.33 -1.44
CA CYS A 18 9.22 -5.03 -2.39
C CYS A 18 8.31 -5.78 -3.37
N LEU A 19 8.13 -5.19 -4.55
CA LEU A 19 7.31 -5.80 -5.57
C LEU A 19 8.05 -6.98 -6.19
N ASP A 20 7.29 -8.05 -6.45
CA ASP A 20 7.87 -9.25 -7.04
C ASP A 20 6.75 -10.09 -7.67
N TYR A 21 6.77 -10.14 -8.99
CA TYR A 21 5.77 -10.90 -9.72
C TYR A 21 6.37 -12.21 -10.27
N ASP A 22 5.86 -13.32 -9.74
CA ASP A 22 6.33 -14.63 -10.15
C ASP A 22 5.51 -15.10 -11.35
N CYS A 23 5.94 -14.68 -12.53
CA CYS A 23 5.26 -15.05 -13.75
C CYS A 23 4.91 -16.54 -13.68
N GLN A 24 5.81 -17.29 -13.07
CA GLN A 24 5.62 -18.73 -12.93
C GLN A 24 4.30 -19.01 -12.21
N LYS A 25 4.08 -18.28 -11.13
CA LYS A 25 2.87 -18.44 -10.34
C LYS A 25 1.86 -17.37 -10.75
N ALA A 26 2.27 -16.53 -11.69
CA ALA A 26 1.41 -15.46 -12.18
C ALA A 26 0.81 -14.72 -10.98
N GLU A 27 1.53 -14.75 -9.88
CA GLU A 27 1.08 -14.08 -8.67
C GLU A 27 2.04 -12.97 -8.28
N LEU A 28 1.47 -11.85 -7.83
CA LEU A 28 2.28 -10.71 -7.43
C LEU A 28 2.66 -10.86 -5.96
N PHE A 29 3.59 -10.01 -5.54
CA PHE A 29 4.06 -10.05 -4.17
C PHE A 29 4.67 -8.71 -3.77
N VAL A 30 4.27 -8.22 -2.59
CA VAL A 30 4.77 -6.96 -2.09
C VAL A 30 5.39 -7.18 -0.71
N THR A 31 6.57 -7.78 -0.71
CA THR A 31 7.26 -8.05 0.54
C THR A 31 7.99 -6.80 1.02
N ARG A 32 8.90 -7.00 1.97
CA ARG A 32 9.66 -5.90 2.52
C ARG A 32 8.73 -4.73 2.87
N LEU A 33 7.76 -5.02 3.72
CA LEU A 33 6.81 -4.01 4.13
C LEU A 33 7.31 -3.31 5.40
N GLU A 34 7.48 -2.02 5.31
CA GLU A 34 7.95 -1.23 6.43
C GLU A 34 7.42 0.20 6.36
N ALA A 35 6.38 0.44 7.13
CA ALA A 35 5.75 1.75 7.15
C ALA A 35 6.61 2.70 8.00
N VAL A 36 6.85 3.89 7.45
CA VAL A 36 7.65 4.88 8.13
C VAL A 36 6.81 6.14 8.35
N THR A 37 6.03 6.11 9.41
CA THR A 37 5.17 7.25 9.74
C THR A 37 5.53 7.80 11.11
N SER A 38 5.53 6.90 12.09
CA SER A 38 5.86 7.28 13.46
C SER A 38 4.68 8.05 14.08
N ASN A 39 4.80 8.29 15.38
CA ASN A 39 3.76 9.00 16.10
C ASN A 39 3.27 10.17 15.25
N HIS A 40 2.01 10.09 14.83
CA HIS A 40 1.42 11.13 14.02
C HIS A 40 -0.02 10.74 13.65
N ASP A 41 -0.91 10.91 14.62
CA ASP A 41 -2.31 10.59 14.41
C ASP A 41 -2.45 9.08 14.21
N GLY A 42 -2.63 8.39 15.32
CA GLY A 42 -2.78 6.94 15.29
C GLY A 42 -3.28 6.41 16.63
N GLY A 43 -3.22 5.09 16.77
CA GLY A 43 -3.65 4.45 18.00
C GLY A 43 -3.97 2.97 17.75
N CYS A 44 -5.02 2.74 16.99
CA CYS A 44 -5.45 1.39 16.67
C CYS A 44 -4.33 0.70 15.89
N ASP A 45 -4.56 -0.55 15.55
CA ASP A 45 -3.59 -1.33 14.81
C ASP A 45 -3.65 -0.93 13.34
N CYS A 46 -2.46 -0.79 12.75
CA CYS A 46 -2.37 -0.41 11.35
C CYS A 46 -1.83 -1.61 10.56
N TYR A 47 -2.03 -1.57 9.26
CA TYR A 47 -1.57 -2.64 8.39
C TYR A 47 -1.46 -2.16 6.94
N VAL A 48 -0.68 -2.90 6.16
CA VAL A 48 -0.49 -2.56 4.77
C VAL A 48 -1.53 -3.30 3.92
N GLN A 49 -2.03 -2.59 2.91
CA GLN A 49 -3.03 -3.16 2.02
C GLN A 49 -2.59 -3.01 0.56
N GLY A 50 -2.75 -4.09 -0.18
CA GLY A 50 -2.37 -4.09 -1.58
C GLY A 50 -3.57 -4.42 -2.47
N SER A 51 -3.81 -3.54 -3.44
CA SER A 51 -4.92 -3.72 -4.35
C SER A 51 -4.40 -3.74 -5.80
N VAL A 52 -4.79 -4.78 -6.51
CA VAL A 52 -4.38 -4.92 -7.90
C VAL A 52 -5.62 -4.96 -8.79
N ALA A 53 -5.60 -4.10 -9.81
CA ALA A 53 -6.72 -4.02 -10.74
C ALA A 53 -6.25 -4.50 -12.11
N ASN A 54 -6.84 -5.60 -12.56
CA ASN A 54 -6.50 -6.16 -13.85
C ASN A 54 -7.71 -6.02 -14.79
N ARG A 55 -7.53 -6.55 -16.00
CA ARG A 55 -8.58 -6.49 -17.00
C ARG A 55 -9.61 -7.59 -16.77
N THR A 56 -9.42 -8.30 -15.66
CA THR A 56 -10.32 -9.39 -15.31
C THR A 56 -11.16 -9.01 -14.09
N GLY A 57 -10.66 -8.04 -13.33
CA GLY A 57 -11.35 -7.57 -12.15
C GLY A 57 -10.41 -6.77 -11.24
N SER A 58 -10.27 -7.26 -10.01
CA SER A 58 -9.41 -6.61 -9.04
C SER A 58 -9.16 -7.54 -7.86
N VAL A 59 -7.93 -7.48 -7.36
CA VAL A 59 -7.54 -8.31 -6.23
C VAL A 59 -7.05 -7.42 -5.09
N GLU A 60 -7.13 -7.96 -3.89
CA GLU A 60 -6.68 -7.22 -2.71
C GLU A 60 -5.99 -8.17 -1.72
N ALA A 61 -5.10 -7.59 -0.92
CA ALA A 61 -4.37 -8.36 0.06
C ALA A 61 -3.79 -7.42 1.12
N GLN A 62 -3.78 -7.90 2.35
CA GLN A 62 -3.25 -7.11 3.45
C GLN A 62 -2.39 -7.99 4.37
N THR A 63 -1.75 -7.33 5.33
CA THR A 63 -0.89 -8.04 6.27
C THR A 63 -1.51 -8.01 7.67
N ALA A 64 -0.88 -8.74 8.57
CA ALA A 64 -1.35 -8.80 9.95
C ALA A 64 -1.25 -7.41 10.58
N LEU A 65 -2.30 -7.06 11.32
CA LEU A 65 -2.35 -5.77 11.98
C LEU A 65 -1.22 -5.69 13.02
N LYS A 66 -0.50 -4.57 12.98
CA LYS A 66 0.61 -4.36 13.90
C LYS A 66 0.43 -3.01 14.59
N LYS A 67 0.97 -2.93 15.80
CA LYS A 67 0.88 -1.70 16.57
C LYS A 67 1.76 -0.62 15.92
N ARG A 68 1.24 0.60 15.92
CA ARG A 68 1.96 1.72 15.34
C ARG A 68 3.36 1.82 15.94
N GLN A 69 4.34 1.98 15.08
CA GLN A 69 5.73 2.10 15.51
C GLN A 69 6.49 3.05 14.60
N LEU A 70 7.57 3.59 15.14
CA LEU A 70 8.40 4.52 14.39
C LEU A 70 8.85 3.85 13.08
N HIS A 71 8.78 2.53 13.08
CA HIS A 71 9.18 1.77 11.91
C HIS A 71 8.63 0.34 12.01
N THR A 72 7.36 0.21 11.66
CA THR A 72 6.70 -1.08 11.70
C THR A 72 7.19 -1.98 10.56
N THR A 73 7.15 -3.28 10.81
CA THR A 73 7.58 -4.24 9.81
C THR A 73 6.71 -5.49 9.85
N TRP A 74 6.67 -6.19 8.73
CA TRP A 74 5.87 -7.40 8.64
C TRP A 74 6.79 -8.54 8.17
N GLU A 75 6.30 -9.76 8.35
CA GLU A 75 7.07 -10.93 7.95
C GLU A 75 6.76 -11.30 6.49
N GLU A 76 5.48 -11.29 6.17
CA GLU A 76 5.04 -11.62 4.83
C GLU A 76 4.72 -10.35 4.05
N GLY A 77 4.46 -10.52 2.75
CA GLY A 77 4.15 -9.40 1.89
C GLY A 77 2.72 -9.51 1.34
N LEU A 78 2.43 -8.66 0.37
CA LEU A 78 1.11 -8.65 -0.24
C LEU A 78 1.21 -9.24 -1.66
N VAL A 79 0.55 -10.38 -1.84
CA VAL A 79 0.56 -11.04 -3.13
C VAL A 79 -0.85 -11.00 -3.72
N LEU A 80 -0.90 -10.70 -5.01
CA LEU A 80 -2.17 -10.62 -5.72
C LEU A 80 -2.06 -11.36 -7.05
N PRO A 81 -3.17 -12.04 -7.43
CA PRO A 81 -3.20 -12.78 -8.69
C PRO A 81 -3.32 -11.83 -9.88
N LEU A 82 -2.41 -12.00 -10.83
CA LEU A 82 -2.41 -11.17 -12.02
C LEU A 82 -1.78 -11.95 -13.17
N ALA A 83 -2.12 -11.55 -14.38
CA ALA A 83 -1.60 -12.20 -15.57
C ALA A 83 -0.53 -11.31 -16.21
N GLU A 84 0.56 -11.95 -16.61
CA GLU A 84 1.66 -11.23 -17.24
C GLU A 84 1.15 -10.39 -18.40
N GLU A 85 0.01 -10.82 -18.94
CA GLU A 85 -0.59 -10.12 -20.08
C GLU A 85 -1.39 -8.90 -19.58
N GLU A 86 -1.53 -8.83 -18.26
CA GLU A 86 -2.27 -7.73 -17.65
C GLU A 86 -1.33 -6.87 -16.80
N LEU A 87 -0.05 -7.20 -16.88
CA LEU A 87 0.96 -6.47 -16.12
C LEU A 87 0.89 -4.99 -16.52
N PRO A 88 0.95 -4.74 -17.86
CA PRO A 88 0.90 -3.39 -18.38
C PRO A 88 -0.51 -2.81 -18.28
N THR A 89 -1.48 -3.71 -18.10
CA THR A 89 -2.87 -3.30 -18.00
C THR A 89 -3.37 -3.49 -16.57
N ALA A 90 -2.43 -3.42 -15.63
CA ALA A 90 -2.77 -3.59 -14.23
C ALA A 90 -1.96 -2.58 -13.39
N THR A 91 -2.46 -2.32 -12.19
CA THR A 91 -1.80 -1.39 -11.30
C THR A 91 -1.97 -1.83 -9.85
N LEU A 92 -0.89 -1.69 -9.10
CA LEU A 92 -0.90 -2.08 -7.70
C LEU A 92 -0.94 -0.82 -6.82
N THR A 93 -2.07 -0.63 -6.15
CA THR A 93 -2.24 0.53 -5.29
C THR A 93 -2.24 0.10 -3.82
N LEU A 94 -1.17 0.47 -3.14
CA LEU A 94 -1.03 0.13 -1.73
C LEU A 94 -1.85 1.11 -0.89
N THR A 95 -2.42 0.58 0.18
CA THR A 95 -3.23 1.39 1.07
C THR A 95 -2.95 1.04 2.53
N LEU A 96 -2.83 2.08 3.35
CA LEU A 96 -2.56 1.88 4.76
C LEU A 96 -3.78 2.34 5.58
N ARG A 97 -4.60 1.36 5.95
CA ARG A 97 -5.79 1.65 6.73
C ARG A 97 -5.53 1.39 8.22
N THR A 98 -6.36 2.00 9.04
CA THR A 98 -6.24 1.84 10.49
C THR A 98 -7.41 1.05 11.05
N CYS A 99 -7.09 0.08 11.90
CA CYS A 99 -8.11 -0.75 12.51
C CYS A 99 -9.30 0.13 12.89
N ASP A 100 -10.49 -0.43 12.76
CA ASP A 100 -11.70 0.30 13.08
C ASP A 100 -11.55 0.94 14.47
N ARG A 101 -12.09 2.15 14.57
CA ARG A 101 -12.02 2.88 15.83
C ARG A 101 -13.12 3.94 15.90
N PHE A 102 -13.23 4.70 14.81
CA PHE A 102 -14.23 5.75 14.72
C PHE A 102 -14.66 5.97 13.26
N SER A 103 -14.57 4.90 12.49
CA SER A 103 -14.96 4.97 11.09
C SER A 103 -14.25 6.13 10.40
N ARG A 104 -12.93 6.00 10.28
CA ARG A 104 -12.13 7.03 9.65
C ARG A 104 -12.34 7.01 8.13
N HIS A 105 -12.29 8.21 7.55
CA HIS A 105 -12.47 8.34 6.11
C HIS A 105 -11.12 8.16 5.41
N SER A 106 -11.20 7.75 4.15
CA SER A 106 -10.00 7.54 3.36
C SER A 106 -9.03 6.62 4.12
N VAL A 107 -7.90 6.36 3.48
CA VAL A 107 -6.89 5.50 4.08
C VAL A 107 -5.85 6.37 4.79
N ALA A 108 -5.06 5.72 5.63
CA ALA A 108 -4.02 6.43 6.38
C ALA A 108 -2.96 6.93 5.41
N GLY A 109 -2.92 6.30 4.24
CA GLY A 109 -1.96 6.68 3.22
C GLY A 109 -2.08 5.78 1.99
N GLU A 110 -1.82 6.37 0.84
CA GLU A 110 -1.90 5.64 -0.42
C GLU A 110 -0.54 5.64 -1.12
N LEU A 111 -0.20 4.48 -1.69
CA LEU A 111 1.06 4.33 -2.39
C LEU A 111 0.83 3.55 -3.69
N ARG A 112 0.84 4.28 -4.79
CA ARG A 112 0.64 3.67 -6.10
C ARG A 112 1.94 3.05 -6.59
N LEU A 113 1.79 2.04 -7.45
CA LEU A 113 2.94 1.35 -8.00
C LEU A 113 2.56 0.76 -9.37
N GLY A 114 3.58 0.23 -10.04
CA GLY A 114 3.36 -0.36 -11.35
C GLY A 114 3.91 -1.80 -11.39
N LEU A 115 3.36 -2.58 -12.31
CA LEU A 115 3.79 -3.96 -12.47
C LEU A 115 4.56 -4.10 -13.77
N ASP A 116 4.19 -3.27 -14.73
CA ASP A 116 4.85 -3.30 -16.03
C ASP A 116 6.35 -3.13 -15.85
N GLY A 117 6.71 -2.45 -14.77
CA GLY A 117 8.10 -2.21 -14.46
C GLY A 117 8.55 -0.83 -14.95
N THR A 118 7.60 0.10 -14.92
CA THR A 118 7.87 1.46 -15.37
C THR A 118 8.07 2.37 -14.16
N SER A 119 7.07 2.38 -13.29
CA SER A 119 7.12 3.20 -12.09
C SER A 119 8.17 2.65 -11.12
N VAL A 120 7.99 1.39 -10.75
CA VAL A 120 8.91 0.74 -9.83
C VAL A 120 9.26 -0.65 -10.37
N PRO A 121 10.57 -0.99 -10.24
CA PRO A 121 11.05 -2.29 -10.70
C PRO A 121 10.61 -3.40 -9.76
N LEU A 122 10.81 -4.63 -10.22
CA LEU A 122 10.44 -5.80 -9.43
C LEU A 122 11.68 -6.33 -8.70
N GLY A 123 11.42 -7.10 -7.65
CA GLY A 123 12.49 -7.67 -6.86
C GLY A 123 13.50 -6.60 -6.45
N ALA A 124 13.02 -5.36 -6.41
CA ALA A 124 13.87 -4.24 -6.03
C ALA A 124 13.20 -3.46 -4.90
N ALA A 125 13.66 -3.72 -3.69
CA ALA A 125 13.12 -3.05 -2.51
C ALA A 125 13.28 -1.53 -2.68
N GLN A 126 12.15 -0.85 -2.57
CA GLN A 126 12.15 0.60 -2.71
C GLN A 126 11.21 1.22 -1.67
N TRP A 127 11.43 2.51 -1.42
CA TRP A 127 10.62 3.23 -0.46
C TRP A 127 9.67 4.15 -1.23
N GLY A 128 8.54 4.44 -0.61
CA GLY A 128 7.54 5.29 -1.22
C GLY A 128 6.82 6.14 -0.18
N GLU A 129 6.48 7.36 -0.57
CA GLU A 129 5.80 8.28 0.32
C GLU A 129 4.28 8.13 0.17
N LEU A 130 3.63 7.89 1.29
CA LEU A 130 2.18 7.74 1.29
C LEU A 130 1.53 9.02 0.80
N LYS A 131 0.61 8.86 -0.14
CA LYS A 131 -0.10 10.00 -0.71
C LYS A 131 -1.44 10.17 0.01
N THR A 132 -1.37 10.31 1.32
CA THR A 132 -2.57 10.48 2.13
C THR A 132 -3.60 11.31 1.36
N SER A 133 -3.12 12.38 0.74
CA SER A 133 -3.99 13.26 -0.01
C SER A 133 -4.88 12.44 -0.96
N GLY A 134 -4.23 11.80 -1.92
CA GLY A 134 -4.94 10.98 -2.88
C GLY A 134 -6.09 11.77 -3.52
N PRO A 135 -6.81 11.06 -4.44
CA PRO A 135 -7.94 11.68 -5.12
C PRO A 135 -9.15 11.80 -4.19
N SER A 136 -9.47 10.69 -3.54
CA SER A 136 -10.60 10.67 -2.62
C SER A 136 -10.56 9.39 -1.78
N SER A 137 -10.58 8.26 -2.49
CA SER A 137 -10.56 6.97 -1.82
C SER A 137 -10.08 5.89 -2.80
N GLY A 138 -8.93 5.32 -2.49
CA GLY A 138 -8.38 4.27 -3.34
C GLY A 138 -7.68 4.86 -4.57
N GLY A 1 -22.82 21.85 -2.08
CA GLY A 1 -21.61 21.08 -1.88
C GLY A 1 -20.72 21.71 -0.82
N SER A 2 -19.72 20.95 -0.40
CA SER A 2 -18.78 21.43 0.61
C SER A 2 -17.45 20.70 0.47
N SER A 3 -16.42 21.31 1.06
CA SER A 3 -15.09 20.73 1.01
C SER A 3 -14.17 21.46 1.99
N GLY A 4 -12.96 20.94 2.12
CA GLY A 4 -11.97 21.53 3.02
C GLY A 4 -10.65 20.76 2.97
N SER A 5 -9.57 21.48 3.22
CA SER A 5 -8.25 20.88 3.21
C SER A 5 -7.25 21.80 3.93
N SER A 6 -6.33 21.17 4.63
CA SER A 6 -5.32 21.91 5.36
C SER A 6 -3.92 21.49 4.90
N GLY A 7 -3.53 20.29 5.30
CA GLY A 7 -2.22 19.75 4.93
C GLY A 7 -1.13 20.32 5.83
N SER A 8 0.02 20.58 5.22
CA SER A 8 1.15 21.12 5.95
C SER A 8 1.69 20.07 6.93
N TRP A 9 2.91 19.62 6.65
CA TRP A 9 3.55 18.63 7.49
C TRP A 9 5.05 18.67 7.21
N ASN A 10 5.83 18.26 8.20
CA ASN A 10 7.27 18.24 8.07
C ASN A 10 7.70 16.93 7.38
N GLN A 11 7.52 15.84 8.12
CA GLN A 11 7.87 14.53 7.59
C GLN A 11 6.72 13.95 6.79
N ALA A 12 7.06 12.96 5.95
CA ALA A 12 6.05 12.31 5.12
C ALA A 12 6.02 10.83 5.45
N PRO A 13 4.83 10.21 5.20
CA PRO A 13 4.65 8.79 5.46
C PRO A 13 5.36 7.94 4.40
N LYS A 14 6.16 7.01 4.88
CA LYS A 14 6.90 6.13 3.99
C LYS A 14 6.39 4.70 4.15
N LEU A 15 6.39 3.97 3.04
CA LEU A 15 5.92 2.60 3.05
C LEU A 15 6.84 1.75 2.16
N HIS A 16 7.58 0.86 2.82
CA HIS A 16 8.50 -0.01 2.11
C HIS A 16 7.73 -1.19 1.52
N TYR A 17 8.10 -1.54 0.29
CA TYR A 17 7.45 -2.66 -0.39
C TYR A 17 8.35 -3.20 -1.51
N CYS A 18 8.43 -4.52 -1.56
CA CYS A 18 9.24 -5.17 -2.57
C CYS A 18 8.31 -5.83 -3.59
N LEU A 19 8.27 -5.26 -4.78
CA LEU A 19 7.42 -5.77 -5.84
C LEU A 19 8.16 -6.89 -6.58
N ASP A 20 7.47 -8.01 -6.76
CA ASP A 20 8.05 -9.14 -7.45
C ASP A 20 6.94 -10.00 -8.03
N TYR A 21 6.90 -10.06 -9.36
CA TYR A 21 5.90 -10.85 -10.05
C TYR A 21 6.47 -12.18 -10.52
N ASP A 22 5.93 -13.25 -9.96
CA ASP A 22 6.37 -14.59 -10.31
C ASP A 22 5.52 -15.12 -11.47
N CYS A 23 5.93 -14.78 -12.68
CA CYS A 23 5.22 -15.21 -13.86
C CYS A 23 4.83 -16.68 -13.69
N GLN A 24 5.72 -17.41 -13.04
CA GLN A 24 5.48 -18.82 -12.79
C GLN A 24 4.18 -19.02 -12.01
N LYS A 25 4.02 -18.22 -10.97
CA LYS A 25 2.83 -18.29 -10.14
C LYS A 25 1.84 -17.22 -10.60
N ALA A 26 2.22 -16.51 -11.64
CA ALA A 26 1.37 -15.45 -12.19
C ALA A 26 0.71 -14.69 -11.03
N GLU A 27 1.47 -14.54 -9.96
CA GLU A 27 0.97 -13.84 -8.79
C GLU A 27 1.99 -12.80 -8.33
N LEU A 28 1.49 -11.59 -8.05
CA LEU A 28 2.34 -10.51 -7.60
C LEU A 28 2.72 -10.73 -6.14
N PHE A 29 3.74 -10.01 -5.71
CA PHE A 29 4.21 -10.11 -4.35
C PHE A 29 4.72 -8.77 -3.83
N VAL A 30 4.39 -8.48 -2.57
CA VAL A 30 4.82 -7.24 -1.96
C VAL A 30 5.47 -7.54 -0.60
N THR A 31 6.74 -7.91 -0.66
CA THR A 31 7.49 -8.23 0.54
C THR A 31 8.22 -7.00 1.05
N ARG A 32 8.95 -7.19 2.14
CA ARG A 32 9.71 -6.10 2.74
C ARG A 32 8.77 -4.94 3.09
N LEU A 33 7.72 -5.26 3.83
CA LEU A 33 6.75 -4.26 4.24
C LEU A 33 7.25 -3.56 5.50
N GLU A 34 7.37 -2.24 5.41
CA GLU A 34 7.83 -1.45 6.54
C GLU A 34 7.26 -0.03 6.45
N ALA A 35 6.32 0.25 7.33
CA ALA A 35 5.68 1.56 7.37
C ALA A 35 6.61 2.54 8.11
N VAL A 36 6.72 3.74 7.54
CA VAL A 36 7.56 4.76 8.13
C VAL A 36 6.73 6.04 8.32
N THR A 37 5.80 5.98 9.25
CA THR A 37 4.94 7.12 9.53
C THR A 37 5.41 7.84 10.80
N SER A 38 4.64 8.84 11.20
CA SER A 38 4.95 9.61 12.38
C SER A 38 3.67 10.15 13.01
N ASN A 39 3.17 9.43 14.00
CA ASN A 39 1.96 9.83 14.69
C ASN A 39 1.66 8.84 15.81
N HIS A 40 1.11 9.37 16.90
CA HIS A 40 0.76 8.54 18.04
C HIS A 40 -0.39 9.18 18.82
N ASP A 41 -1.58 8.71 18.52
CA ASP A 41 -2.78 9.23 19.18
C ASP A 41 -3.91 8.22 19.05
N GLY A 42 -4.11 7.45 20.12
CA GLY A 42 -5.15 6.44 20.14
C GLY A 42 -4.56 5.05 20.37
N GLY A 43 -5.40 4.04 20.19
CA GLY A 43 -4.99 2.66 20.38
C GLY A 43 -5.61 1.74 19.34
N CYS A 44 -5.15 1.88 18.11
CA CYS A 44 -5.65 1.08 17.01
C CYS A 44 -4.47 0.37 16.36
N ASP A 45 -4.79 -0.67 15.60
CA ASP A 45 -3.76 -1.45 14.92
C ASP A 45 -3.75 -1.07 13.43
N CYS A 46 -2.58 -0.69 12.96
CA CYS A 46 -2.42 -0.31 11.58
C CYS A 46 -1.99 -1.54 10.77
N TYR A 47 -2.37 -1.54 9.50
CA TYR A 47 -2.03 -2.65 8.63
C TYR A 47 -1.92 -2.19 7.17
N VAL A 48 -1.11 -2.90 6.41
CA VAL A 48 -0.91 -2.58 5.01
C VAL A 48 -1.92 -3.36 4.17
N GLN A 49 -2.30 -2.76 3.04
CA GLN A 49 -3.25 -3.39 2.15
C GLN A 49 -2.82 -3.19 0.69
N GLY A 50 -2.62 -4.32 0.01
CA GLY A 50 -2.21 -4.28 -1.38
C GLY A 50 -3.35 -4.67 -2.30
N SER A 51 -3.71 -3.75 -3.20
CA SER A 51 -4.79 -3.99 -4.13
C SER A 51 -4.27 -3.85 -5.57
N VAL A 52 -4.91 -4.58 -6.47
CA VAL A 52 -4.54 -4.54 -7.88
C VAL A 52 -5.79 -4.48 -8.74
N ALA A 53 -5.58 -4.12 -10.00
CA ALA A 53 -6.70 -4.01 -10.94
C ALA A 53 -6.27 -4.59 -12.29
N ASN A 54 -6.90 -5.70 -12.65
CA ASN A 54 -6.60 -6.35 -13.91
C ASN A 54 -7.77 -6.17 -14.87
N ARG A 55 -7.61 -6.73 -16.06
CA ARG A 55 -8.65 -6.64 -17.08
C ARG A 55 -9.79 -7.58 -16.75
N THR A 56 -9.61 -8.33 -15.67
CA THR A 56 -10.63 -9.28 -15.25
C THR A 56 -11.38 -8.74 -14.02
N GLY A 57 -10.76 -7.76 -13.37
CA GLY A 57 -11.35 -7.16 -12.19
C GLY A 57 -10.28 -6.49 -11.32
N SER A 58 -10.25 -6.90 -10.07
CA SER A 58 -9.29 -6.35 -9.12
C SER A 58 -9.10 -7.32 -7.95
N VAL A 59 -8.02 -7.10 -7.21
CA VAL A 59 -7.71 -7.93 -6.07
C VAL A 59 -7.35 -7.04 -4.87
N GLU A 60 -7.30 -7.67 -3.71
CA GLU A 60 -6.98 -6.96 -2.49
C GLU A 60 -6.36 -7.91 -1.46
N ALA A 61 -5.36 -7.41 -0.76
CA ALA A 61 -4.68 -8.20 0.25
C ALA A 61 -4.14 -7.27 1.34
N GLN A 62 -3.69 -7.90 2.43
CA GLN A 62 -3.15 -7.14 3.54
C GLN A 62 -2.29 -8.05 4.43
N THR A 63 -1.70 -7.44 5.46
CA THR A 63 -0.86 -8.18 6.37
C THR A 63 -1.50 -8.22 7.77
N ALA A 64 -0.84 -8.93 8.68
CA ALA A 64 -1.33 -9.05 10.03
C ALA A 64 -1.18 -7.72 10.75
N LEU A 65 -2.24 -7.34 11.46
CA LEU A 65 -2.24 -6.09 12.19
C LEU A 65 -0.87 -5.89 12.86
N LYS A 66 -0.57 -4.64 13.17
CA LYS A 66 0.69 -4.32 13.82
C LYS A 66 0.47 -3.17 14.80
N LYS A 67 1.46 -2.97 15.67
CA LYS A 67 1.39 -1.92 16.67
C LYS A 67 2.05 -0.66 16.12
N ARG A 68 1.24 0.38 15.98
CA ARG A 68 1.75 1.64 15.47
C ARG A 68 3.10 1.96 16.08
N GLN A 69 4.10 2.10 15.22
CA GLN A 69 5.45 2.41 15.66
C GLN A 69 6.10 3.41 14.70
N LEU A 70 7.20 3.99 15.16
CA LEU A 70 7.92 4.97 14.37
C LEU A 70 8.39 4.31 13.07
N HIS A 71 8.39 2.99 13.08
CA HIS A 71 8.82 2.24 11.91
C HIS A 71 8.35 0.78 12.04
N THR A 72 7.08 0.57 11.70
CA THR A 72 6.51 -0.76 11.76
C THR A 72 7.02 -1.62 10.62
N THR A 73 7.16 -2.91 10.90
CA THR A 73 7.65 -3.85 9.91
C THR A 73 6.84 -5.16 9.98
N TRP A 74 6.74 -5.80 8.83
CA TRP A 74 6.00 -7.05 8.75
C TRP A 74 6.99 -8.16 8.37
N GLU A 75 6.66 -9.37 8.79
CA GLU A 75 7.51 -10.51 8.50
C GLU A 75 7.12 -11.15 7.16
N GLU A 76 5.86 -10.95 6.80
CA GLU A 76 5.34 -11.49 5.55
C GLU A 76 5.00 -10.35 4.59
N GLY A 77 4.80 -10.73 3.33
CA GLY A 77 4.46 -9.76 2.30
C GLY A 77 3.11 -10.08 1.67
N LEU A 78 2.67 -9.19 0.79
CA LEU A 78 1.40 -9.36 0.11
C LEU A 78 1.63 -10.03 -1.24
N VAL A 79 0.54 -10.34 -1.91
CA VAL A 79 0.61 -10.98 -3.21
C VAL A 79 -0.76 -10.93 -3.88
N LEU A 80 -0.80 -10.26 -5.03
CA LEU A 80 -2.04 -10.13 -5.77
C LEU A 80 -1.94 -10.93 -7.07
N PRO A 81 -3.07 -11.61 -7.42
CA PRO A 81 -3.12 -12.41 -8.63
C PRO A 81 -3.22 -11.52 -9.87
N LEU A 82 -2.33 -11.78 -10.82
CA LEU A 82 -2.30 -11.01 -12.05
C LEU A 82 -1.65 -11.84 -13.16
N ALA A 83 -2.02 -11.53 -14.39
CA ALA A 83 -1.48 -12.24 -15.54
C ALA A 83 -0.42 -11.37 -16.21
N GLU A 84 0.66 -12.02 -16.63
CA GLU A 84 1.75 -11.32 -17.29
C GLU A 84 1.21 -10.51 -18.47
N GLU A 85 0.05 -10.91 -18.96
CA GLU A 85 -0.59 -10.24 -20.07
C GLU A 85 -1.36 -9.02 -19.59
N GLU A 86 -1.60 -8.99 -18.28
CA GLU A 86 -2.33 -7.89 -17.68
C GLU A 86 -1.40 -7.03 -16.84
N LEU A 87 -0.09 -7.25 -17.03
CA LEU A 87 0.91 -6.50 -16.30
C LEU A 87 0.86 -5.04 -16.73
N PRO A 88 0.90 -4.83 -18.08
CA PRO A 88 0.87 -3.49 -18.62
C PRO A 88 -0.54 -2.90 -18.54
N THR A 89 -1.48 -3.76 -18.21
CA THR A 89 -2.88 -3.33 -18.10
C THR A 89 -3.36 -3.49 -16.65
N ALA A 90 -2.42 -3.40 -15.73
CA ALA A 90 -2.72 -3.52 -14.32
C ALA A 90 -1.92 -2.49 -13.53
N THR A 91 -2.38 -2.23 -12.32
CA THR A 91 -1.72 -1.26 -11.46
C THR A 91 -1.93 -1.63 -9.99
N LEU A 92 -0.87 -1.44 -9.21
CA LEU A 92 -0.93 -1.74 -7.79
C LEU A 92 -1.13 -0.46 -7.00
N THR A 93 -1.83 -0.58 -5.88
CA THR A 93 -2.11 0.57 -5.03
C THR A 93 -2.16 0.14 -3.57
N LEU A 94 -1.03 0.33 -2.89
CA LEU A 94 -0.94 -0.03 -1.48
C LEU A 94 -1.66 1.04 -0.64
N THR A 95 -2.58 0.56 0.19
CA THR A 95 -3.33 1.46 1.05
C THR A 95 -3.10 1.11 2.52
N LEU A 96 -2.81 2.14 3.30
CA LEU A 96 -2.56 1.96 4.72
C LEU A 96 -3.81 2.33 5.51
N ARG A 97 -4.57 1.30 5.86
CA ARG A 97 -5.80 1.51 6.61
C ARG A 97 -5.59 1.15 8.09
N THR A 98 -6.33 1.84 8.94
CA THR A 98 -6.24 1.61 10.38
C THR A 98 -7.42 0.77 10.86
N CYS A 99 -7.10 -0.21 11.70
CA CYS A 99 -8.13 -1.08 12.24
C CYS A 99 -9.34 -0.23 12.61
N ASP A 100 -10.51 -0.86 12.56
CA ASP A 100 -11.74 -0.18 12.89
C ASP A 100 -11.52 0.70 14.13
N ARG A 101 -11.84 1.97 13.97
CA ARG A 101 -11.68 2.92 15.06
C ARG A 101 -13.04 3.49 15.48
N PHE A 102 -13.61 4.29 14.58
CA PHE A 102 -14.90 4.91 14.84
C PHE A 102 -15.78 4.86 13.60
N SER A 103 -15.36 4.05 12.64
CA SER A 103 -16.10 3.90 11.39
C SER A 103 -16.19 5.25 10.68
N ARG A 104 -15.03 5.86 10.49
CA ARG A 104 -14.97 7.15 9.82
C ARG A 104 -13.60 7.33 9.14
N HIS A 105 -12.56 6.99 9.88
CA HIS A 105 -11.21 7.10 9.36
C HIS A 105 -11.14 6.47 7.97
N SER A 106 -10.25 7.01 7.15
CA SER A 106 -10.07 6.52 5.80
C SER A 106 -8.63 6.04 5.61
N VAL A 107 -8.22 5.97 4.35
CA VAL A 107 -6.89 5.54 4.01
C VAL A 107 -5.87 6.43 4.74
N ALA A 108 -5.02 5.79 5.53
CA ALA A 108 -4.02 6.51 6.28
C ALA A 108 -2.93 7.01 5.32
N GLY A 109 -2.88 6.38 4.16
CA GLY A 109 -1.90 6.75 3.15
C GLY A 109 -1.99 5.82 1.94
N GLU A 110 -1.92 6.43 0.75
CA GLU A 110 -1.99 5.68 -0.48
C GLU A 110 -0.61 5.63 -1.15
N LEU A 111 -0.33 4.49 -1.76
CA LEU A 111 0.94 4.30 -2.45
C LEU A 111 0.69 3.68 -3.82
N ARG A 112 0.91 4.48 -4.85
CA ARG A 112 0.71 4.03 -6.21
C ARG A 112 2.00 3.39 -6.75
N LEU A 113 1.82 2.28 -7.46
CA LEU A 113 2.96 1.57 -8.03
C LEU A 113 2.54 0.95 -9.37
N GLY A 114 3.52 0.42 -10.06
CA GLY A 114 3.28 -0.21 -11.35
C GLY A 114 3.85 -1.63 -11.40
N LEU A 115 3.37 -2.39 -12.36
CA LEU A 115 3.81 -3.76 -12.53
C LEU A 115 4.54 -3.90 -13.87
N ASP A 116 4.02 -3.18 -14.86
CA ASP A 116 4.61 -3.21 -16.18
C ASP A 116 6.14 -3.15 -16.07
N GLY A 117 6.60 -2.50 -15.01
CA GLY A 117 8.02 -2.36 -14.77
C GLY A 117 8.49 -0.95 -15.07
N THR A 118 7.60 0.01 -14.83
CA THR A 118 7.91 1.40 -15.07
C THR A 118 8.11 2.13 -13.74
N SER A 119 6.99 2.54 -13.15
CA SER A 119 7.03 3.25 -11.88
C SER A 119 8.13 2.67 -10.98
N VAL A 120 7.90 1.44 -10.55
CA VAL A 120 8.85 0.75 -9.70
C VAL A 120 9.25 -0.57 -10.34
N PRO A 121 10.56 -0.90 -10.22
CA PRO A 121 11.09 -2.14 -10.77
C PRO A 121 10.67 -3.34 -9.94
N LEU A 122 10.95 -4.53 -10.47
CA LEU A 122 10.62 -5.76 -9.78
C LEU A 122 11.83 -6.27 -9.02
N GLY A 123 11.57 -7.05 -7.98
CA GLY A 123 12.62 -7.60 -7.16
C GLY A 123 13.57 -6.50 -6.67
N ALA A 124 13.02 -5.30 -6.58
CA ALA A 124 13.80 -4.16 -6.12
C ALA A 124 12.99 -3.38 -5.07
N ALA A 125 13.35 -3.60 -3.82
CA ALA A 125 12.67 -2.95 -2.72
C ALA A 125 12.88 -1.44 -2.83
N GLN A 126 11.79 -0.70 -2.64
CA GLN A 126 11.83 0.74 -2.73
C GLN A 126 11.12 1.37 -1.53
N TRP A 127 11.48 2.62 -1.25
CA TRP A 127 10.88 3.33 -0.13
C TRP A 127 9.95 4.41 -0.70
N GLY A 128 8.70 4.02 -0.93
CA GLY A 128 7.72 4.93 -1.47
C GLY A 128 7.09 5.78 -0.36
N GLU A 129 6.58 6.93 -0.75
CA GLU A 129 5.95 7.84 0.20
C GLU A 129 4.44 7.83 0.00
N LEU A 130 3.73 7.52 1.08
CA LEU A 130 2.28 7.48 1.05
C LEU A 130 1.74 8.85 0.65
N LYS A 131 0.82 8.84 -0.31
CA LYS A 131 0.22 10.07 -0.80
C LYS A 131 -1.10 10.31 -0.07
N THR A 132 -1.01 10.43 1.25
CA THR A 132 -2.19 10.65 2.06
C THR A 132 -3.16 11.61 1.36
N SER A 133 -2.59 12.66 0.79
CA SER A 133 -3.38 13.66 0.09
C SER A 133 -4.69 13.91 0.84
N GLY A 134 -4.58 14.71 1.89
CA GLY A 134 -5.73 15.04 2.71
C GLY A 134 -5.34 15.92 3.89
N PRO A 135 -6.38 16.32 4.68
CA PRO A 135 -6.15 17.16 5.84
C PRO A 135 -5.53 16.37 6.98
N SER A 136 -6.34 15.47 7.55
CA SER A 136 -5.88 14.64 8.66
C SER A 136 -5.35 13.32 8.12
N SER A 137 -4.57 12.66 8.95
CA SER A 137 -3.99 11.37 8.58
C SER A 137 -4.09 10.39 9.75
N GLY A 138 -4.15 9.11 9.40
CA GLY A 138 -4.25 8.07 10.41
C GLY A 138 -5.55 7.28 10.26
N GLY A 1 -9.39 12.87 -13.88
CA GLY A 1 -8.02 13.19 -13.52
C GLY A 1 -7.97 13.96 -12.20
N SER A 2 -8.46 15.19 -12.25
CA SER A 2 -8.48 16.03 -11.07
C SER A 2 -9.12 15.28 -9.90
N SER A 3 -8.67 15.63 -8.70
CA SER A 3 -9.19 15.01 -7.49
C SER A 3 -8.91 15.90 -6.29
N GLY A 4 -7.63 16.16 -6.05
CA GLY A 4 -7.22 16.99 -4.93
C GLY A 4 -5.71 17.19 -4.91
N SER A 5 -5.00 16.08 -4.71
CA SER A 5 -3.55 16.12 -4.66
C SER A 5 -3.08 16.85 -3.40
N SER A 6 -3.35 18.14 -3.37
CA SER A 6 -2.96 18.96 -2.24
C SER A 6 -3.45 18.32 -0.94
N GLY A 7 -2.62 18.46 0.10
CA GLY A 7 -2.96 17.90 1.39
C GLY A 7 -1.70 17.51 2.16
N SER A 8 -1.09 18.52 2.76
CA SER A 8 0.13 18.31 3.53
C SER A 8 0.43 19.53 4.40
N TRP A 9 1.33 19.34 5.35
CA TRP A 9 1.72 20.42 6.25
C TRP A 9 3.22 20.29 6.53
N ASN A 10 3.57 19.19 7.17
CA ASN A 10 4.97 18.93 7.51
C ASN A 10 5.16 17.43 7.73
N GLN A 11 6.26 16.93 7.19
CA GLN A 11 6.59 15.53 7.32
C GLN A 11 5.55 14.67 6.59
N ALA A 12 6.05 13.75 5.78
CA ALA A 12 5.17 12.87 5.03
C ALA A 12 5.39 11.43 5.48
N PRO A 13 4.33 10.60 5.29
CA PRO A 13 4.39 9.20 5.68
C PRO A 13 5.24 8.39 4.70
N LYS A 14 6.08 7.54 5.26
CA LYS A 14 6.95 6.70 4.45
C LYS A 14 6.43 5.27 4.45
N LEU A 15 6.75 4.54 3.38
CA LEU A 15 6.32 3.16 3.26
C LEU A 15 7.23 2.44 2.25
N HIS A 16 7.62 1.23 2.60
CA HIS A 16 8.46 0.43 1.75
C HIS A 16 7.70 -0.80 1.26
N TYR A 17 7.92 -1.12 -0.01
CA TYR A 17 7.25 -2.27 -0.60
C TYR A 17 8.17 -2.97 -1.61
N CYS A 18 8.14 -4.29 -1.57
CA CYS A 18 8.96 -5.09 -2.46
C CYS A 18 8.05 -5.74 -3.50
N LEU A 19 8.22 -5.30 -4.74
CA LEU A 19 7.41 -5.82 -5.84
C LEU A 19 8.16 -6.99 -6.49
N ASP A 20 7.40 -8.06 -6.75
CA ASP A 20 7.97 -9.24 -7.36
C ASP A 20 6.85 -10.08 -7.98
N TYR A 21 6.85 -10.13 -9.30
CA TYR A 21 5.83 -10.89 -10.01
C TYR A 21 6.39 -12.25 -10.47
N ASP A 22 5.85 -13.30 -9.88
CA ASP A 22 6.28 -14.64 -10.22
C ASP A 22 5.44 -15.17 -11.39
N CYS A 23 5.90 -14.85 -12.58
CA CYS A 23 5.21 -15.27 -13.79
C CYS A 23 4.79 -16.73 -13.61
N GLN A 24 5.64 -17.48 -12.91
CA GLN A 24 5.36 -18.89 -12.66
C GLN A 24 4.04 -19.04 -11.91
N LYS A 25 3.88 -18.23 -10.89
CA LYS A 25 2.67 -18.27 -10.07
C LYS A 25 1.70 -17.19 -10.57
N ALA A 26 2.13 -16.47 -11.60
CA ALA A 26 1.32 -15.42 -12.16
C ALA A 26 0.64 -14.64 -11.04
N GLU A 27 1.37 -14.45 -9.95
CA GLU A 27 0.85 -13.74 -8.80
C GLU A 27 1.87 -12.71 -8.32
N LEU A 28 1.39 -11.47 -8.18
CA LEU A 28 2.25 -10.39 -7.73
C LEU A 28 2.55 -10.57 -6.24
N PHE A 29 3.57 -9.86 -5.78
CA PHE A 29 3.97 -9.92 -4.38
C PHE A 29 4.42 -8.56 -3.88
N VAL A 30 4.01 -8.26 -2.65
CA VAL A 30 4.37 -6.99 -2.03
C VAL A 30 4.96 -7.25 -0.64
N THR A 31 6.18 -7.74 -0.63
CA THR A 31 6.86 -8.04 0.62
C THR A 31 7.66 -6.83 1.09
N ARG A 32 8.47 -7.05 2.11
CA ARG A 32 9.30 -5.99 2.66
C ARG A 32 8.45 -4.74 2.93
N LEU A 33 7.51 -4.90 3.85
CA LEU A 33 6.62 -3.80 4.21
C LEU A 33 7.17 -3.10 5.46
N GLU A 34 7.33 -1.79 5.34
CA GLU A 34 7.83 -1.00 6.44
C GLU A 34 7.30 0.44 6.36
N ALA A 35 6.30 0.71 7.20
CA ALA A 35 5.70 2.03 7.23
C ALA A 35 6.50 2.93 8.16
N VAL A 36 6.70 4.17 7.72
CA VAL A 36 7.44 5.13 8.50
C VAL A 36 6.64 6.43 8.61
N THR A 37 5.81 6.50 9.64
CA THR A 37 4.98 7.67 9.86
C THR A 37 5.43 8.41 11.12
N SER A 38 5.76 9.68 10.94
CA SER A 38 6.20 10.50 12.05
C SER A 38 5.25 10.33 13.24
N ASN A 39 4.13 11.03 13.17
CA ASN A 39 3.14 10.96 14.23
C ASN A 39 1.76 10.77 13.62
N HIS A 40 0.96 9.94 14.27
CA HIS A 40 -0.39 9.67 13.80
C HIS A 40 -1.17 8.95 14.90
N ASP A 41 -1.58 9.71 15.90
CA ASP A 41 -2.33 9.15 17.01
C ASP A 41 -3.47 8.27 16.46
N GLY A 42 -3.81 7.27 17.24
CA GLY A 42 -4.87 6.35 16.84
C GLY A 42 -5.04 5.23 17.88
N GLY A 43 -3.95 4.51 18.10
CA GLY A 43 -3.96 3.41 19.05
C GLY A 43 -4.35 2.09 18.37
N CYS A 44 -5.23 2.21 17.38
CA CYS A 44 -5.69 1.04 16.65
C CYS A 44 -4.47 0.36 16.02
N ASP A 45 -4.73 -0.73 15.32
CA ASP A 45 -3.67 -1.48 14.68
C ASP A 45 -3.50 -0.97 13.24
N CYS A 46 -2.25 -0.77 12.86
CA CYS A 46 -1.95 -0.29 11.52
C CYS A 46 -1.48 -1.48 10.67
N TYR A 47 -1.95 -1.52 9.44
CA TYR A 47 -1.60 -2.59 8.53
C TYR A 47 -1.53 -2.09 7.09
N VAL A 48 -0.75 -2.79 6.28
CA VAL A 48 -0.60 -2.42 4.88
C VAL A 48 -1.63 -3.19 4.05
N GLN A 49 -2.06 -2.54 2.98
CA GLN A 49 -3.04 -3.14 2.09
C GLN A 49 -2.72 -2.80 0.64
N GLY A 50 -2.59 -3.84 -0.17
CA GLY A 50 -2.28 -3.65 -1.58
C GLY A 50 -3.39 -4.24 -2.46
N SER A 51 -3.90 -3.41 -3.36
CA SER A 51 -4.95 -3.83 -4.27
C SER A 51 -4.46 -3.77 -5.71
N VAL A 52 -4.96 -4.70 -6.51
CA VAL A 52 -4.59 -4.77 -7.92
C VAL A 52 -5.84 -4.73 -8.78
N ALA A 53 -5.69 -4.14 -9.96
CA ALA A 53 -6.81 -4.03 -10.88
C ALA A 53 -6.38 -4.56 -12.26
N ASN A 54 -6.96 -5.68 -12.63
CA ASN A 54 -6.65 -6.31 -13.91
C ASN A 54 -7.89 -6.26 -14.81
N ARG A 55 -7.67 -6.58 -16.08
CA ARG A 55 -8.75 -6.58 -17.05
C ARG A 55 -9.80 -7.64 -16.68
N THR A 56 -9.41 -8.50 -15.75
CA THR A 56 -10.30 -9.57 -15.31
C THR A 56 -11.13 -9.09 -14.12
N GLY A 57 -10.55 -8.17 -13.36
CA GLY A 57 -11.24 -7.62 -12.20
C GLY A 57 -10.25 -6.88 -11.29
N SER A 58 -10.30 -7.23 -10.01
CA SER A 58 -9.43 -6.60 -9.03
C SER A 58 -9.16 -7.58 -7.88
N VAL A 59 -8.07 -7.30 -7.16
CA VAL A 59 -7.69 -8.13 -6.03
C VAL A 59 -7.24 -7.24 -4.88
N GLU A 60 -7.10 -7.86 -3.71
CA GLU A 60 -6.67 -7.15 -2.53
C GLU A 60 -5.99 -8.10 -1.54
N ALA A 61 -5.22 -7.52 -0.64
CA ALA A 61 -4.51 -8.30 0.36
C ALA A 61 -3.89 -7.36 1.39
N GLN A 62 -3.49 -7.95 2.51
CA GLN A 62 -2.87 -7.17 3.58
C GLN A 62 -2.06 -8.10 4.50
N THR A 63 -1.32 -7.46 5.40
CA THR A 63 -0.50 -8.20 6.33
C THR A 63 -1.18 -8.29 7.70
N ALA A 64 -0.51 -8.96 8.63
CA ALA A 64 -1.04 -9.11 9.97
C ALA A 64 -0.93 -7.79 10.73
N LEU A 65 -1.99 -7.45 11.42
CA LEU A 65 -2.03 -6.21 12.18
C LEU A 65 -0.76 -6.11 13.03
N LYS A 66 -0.36 -4.88 13.31
CA LYS A 66 0.83 -4.63 14.09
C LYS A 66 0.65 -3.32 14.88
N LYS A 67 1.17 -3.33 16.10
CA LYS A 67 1.08 -2.17 16.96
C LYS A 67 1.75 -0.98 16.27
N ARG A 68 1.09 0.17 16.35
CA ARG A 68 1.61 1.38 15.72
C ARG A 68 3.02 1.67 16.24
N GLN A 69 3.91 1.95 15.32
CA GLN A 69 5.28 2.25 15.66
C GLN A 69 5.89 3.23 14.66
N LEU A 70 6.88 3.97 15.13
CA LEU A 70 7.55 4.96 14.28
C LEU A 70 8.09 4.26 13.04
N HIS A 71 8.37 2.97 13.18
CA HIS A 71 8.89 2.19 12.08
C HIS A 71 8.42 0.74 12.21
N THR A 72 7.18 0.51 11.81
CA THR A 72 6.60 -0.82 11.87
C THR A 72 7.13 -1.69 10.74
N THR A 73 7.21 -2.98 11.01
CA THR A 73 7.70 -3.94 10.02
C THR A 73 6.89 -5.23 10.09
N TRP A 74 6.82 -5.90 8.95
CA TRP A 74 6.09 -7.15 8.86
C TRP A 74 7.06 -8.24 8.39
N GLU A 75 6.57 -9.47 8.38
CA GLU A 75 7.38 -10.60 7.96
C GLU A 75 6.95 -11.07 6.57
N GLU A 76 5.64 -11.19 6.40
CA GLU A 76 5.09 -11.63 5.13
C GLU A 76 4.71 -10.42 4.27
N GLY A 77 4.23 -10.72 3.07
CA GLY A 77 3.84 -9.68 2.14
C GLY A 77 2.45 -9.96 1.57
N LEU A 78 2.14 -9.26 0.48
CA LEU A 78 0.85 -9.42 -0.17
C LEU A 78 1.01 -10.37 -1.37
N VAL A 79 -0.12 -10.71 -1.97
CA VAL A 79 -0.11 -11.60 -3.11
C VAL A 79 -1.34 -11.30 -3.99
N LEU A 80 -1.11 -10.48 -5.00
CA LEU A 80 -2.18 -10.11 -5.91
C LEU A 80 -2.04 -10.92 -7.21
N PRO A 81 -3.15 -11.62 -7.55
CA PRO A 81 -3.16 -12.44 -8.76
C PRO A 81 -3.29 -11.57 -10.01
N LEU A 82 -2.33 -11.75 -10.91
CA LEU A 82 -2.33 -10.98 -12.15
C LEU A 82 -1.67 -11.82 -13.26
N ALA A 83 -1.99 -11.46 -14.48
CA ALA A 83 -1.44 -12.17 -15.63
C ALA A 83 -0.37 -11.30 -16.30
N GLU A 84 0.71 -11.95 -16.70
CA GLU A 84 1.81 -11.25 -17.35
C GLU A 84 1.30 -10.47 -18.56
N GLU A 85 0.13 -10.86 -19.03
CA GLU A 85 -0.47 -10.21 -20.17
C GLU A 85 -1.29 -8.99 -19.72
N GLU A 86 -1.49 -8.89 -18.42
CA GLU A 86 -2.23 -7.79 -17.85
C GLU A 86 -1.32 -6.89 -17.02
N LEU A 87 -0.06 -7.28 -16.97
CA LEU A 87 0.94 -6.52 -16.22
C LEU A 87 0.83 -5.05 -16.61
N PRO A 88 0.85 -4.80 -17.94
CA PRO A 88 0.76 -3.43 -18.44
C PRO A 88 -0.67 -2.90 -18.34
N THR A 89 -1.61 -3.83 -18.24
CA THR A 89 -3.02 -3.47 -18.14
C THR A 89 -3.49 -3.63 -16.70
N ALA A 90 -2.55 -3.51 -15.76
CA ALA A 90 -2.86 -3.64 -14.35
C ALA A 90 -2.03 -2.62 -13.56
N THR A 91 -2.52 -2.30 -12.38
CA THR A 91 -1.84 -1.36 -11.50
C THR A 91 -1.99 -1.76 -10.05
N LEU A 92 -0.90 -1.59 -9.29
CA LEU A 92 -0.90 -1.95 -7.89
C LEU A 92 -0.85 -0.65 -7.06
N THR A 93 -1.69 -0.62 -6.03
CA THR A 93 -1.76 0.54 -5.15
C THR A 93 -1.73 0.09 -3.69
N LEU A 94 -0.85 0.73 -2.92
CA LEU A 94 -0.71 0.42 -1.51
C LEU A 94 -1.62 1.34 -0.70
N THR A 95 -2.09 0.82 0.42
CA THR A 95 -2.96 1.57 1.30
C THR A 95 -2.75 1.16 2.76
N LEU A 96 -2.58 2.16 3.60
CA LEU A 96 -2.36 1.92 5.02
C LEU A 96 -3.62 2.33 5.80
N ARG A 97 -4.43 1.33 6.12
CA ARG A 97 -5.66 1.58 6.86
C ARG A 97 -5.46 1.27 8.34
N THR A 98 -6.34 1.83 9.16
CA THR A 98 -6.27 1.63 10.59
C THR A 98 -7.45 0.78 11.07
N CYS A 99 -7.13 -0.27 11.82
CA CYS A 99 -8.14 -1.16 12.34
C CYS A 99 -9.18 -0.33 13.09
N ASP A 100 -10.22 0.06 12.37
CA ASP A 100 -11.28 0.86 12.96
C ASP A 100 -12.62 0.45 12.35
N ARG A 101 -13.69 0.81 13.04
CA ARG A 101 -15.03 0.49 12.59
C ARG A 101 -15.21 0.92 11.13
N PHE A 102 -15.20 2.23 10.92
CA PHE A 102 -15.37 2.80 9.60
C PHE A 102 -14.06 3.37 9.08
N SER A 103 -13.31 3.97 9.99
CA SER A 103 -12.03 4.57 9.64
C SER A 103 -12.25 5.80 8.76
N ARG A 104 -13.08 6.70 9.25
CA ARG A 104 -13.39 7.91 8.52
C ARG A 104 -12.12 8.48 7.86
N HIS A 105 -12.33 9.33 6.88
CA HIS A 105 -11.22 9.94 6.17
C HIS A 105 -10.50 8.89 5.34
N SER A 106 -9.82 9.35 4.30
CA SER A 106 -9.08 8.46 3.43
C SER A 106 -8.14 7.58 4.25
N VAL A 107 -7.59 6.58 3.59
CA VAL A 107 -6.67 5.66 4.24
C VAL A 107 -5.59 6.47 4.97
N ALA A 108 -4.83 5.77 5.79
CA ALA A 108 -3.76 6.40 6.55
C ALA A 108 -2.61 6.76 5.60
N GLY A 109 -2.66 6.19 4.40
CA GLY A 109 -1.65 6.44 3.41
C GLY A 109 -1.80 5.49 2.22
N GLU A 110 -1.90 6.08 1.04
CA GLU A 110 -2.05 5.31 -0.19
C GLU A 110 -0.83 5.51 -1.09
N LEU A 111 -0.42 4.42 -1.72
CA LEU A 111 0.72 4.46 -2.62
C LEU A 111 0.33 3.83 -3.96
N ARG A 112 1.02 4.26 -5.00
CA ARG A 112 0.77 3.76 -6.34
C ARG A 112 2.04 3.15 -6.92
N LEU A 113 1.83 2.11 -7.73
CA LEU A 113 2.95 1.42 -8.36
C LEU A 113 2.51 0.87 -9.72
N GLY A 114 3.47 0.34 -10.45
CA GLY A 114 3.19 -0.23 -11.76
C GLY A 114 3.82 -1.61 -11.91
N LEU A 115 3.07 -2.51 -12.52
CA LEU A 115 3.54 -3.87 -12.73
C LEU A 115 4.04 -4.02 -14.16
N ASP A 116 4.25 -2.88 -14.80
CA ASP A 116 4.72 -2.86 -16.17
C ASP A 116 6.25 -2.89 -16.18
N GLY A 117 6.82 -2.46 -15.06
CA GLY A 117 8.26 -2.44 -14.91
C GLY A 117 8.82 -1.05 -15.28
N THR A 118 8.08 -0.03 -14.88
CA THR A 118 8.48 1.33 -15.14
C THR A 118 8.65 2.11 -13.83
N SER A 119 7.53 2.57 -13.30
CA SER A 119 7.54 3.31 -12.05
C SER A 119 8.54 2.68 -11.08
N VAL A 120 8.31 1.41 -10.80
CA VAL A 120 9.17 0.69 -9.88
C VAL A 120 9.52 -0.68 -10.48
N PRO A 121 10.81 -1.07 -10.33
CA PRO A 121 11.28 -2.33 -10.86
C PRO A 121 10.81 -3.50 -9.99
N LEU A 122 11.03 -4.70 -10.49
CA LEU A 122 10.63 -5.90 -9.76
C LEU A 122 11.83 -6.45 -8.99
N GLY A 123 11.52 -7.21 -7.95
CA GLY A 123 12.56 -7.80 -7.12
C GLY A 123 13.51 -6.73 -6.57
N ALA A 124 13.00 -5.50 -6.55
CA ALA A 124 13.79 -4.38 -6.07
C ALA A 124 13.02 -3.66 -4.95
N ALA A 125 13.42 -3.95 -3.72
CA ALA A 125 12.78 -3.35 -2.57
C ALA A 125 13.18 -1.88 -2.48
N GLN A 126 12.19 -1.02 -2.63
CA GLN A 126 12.43 0.42 -2.58
C GLN A 126 11.36 1.10 -1.71
N TRP A 127 11.78 2.18 -1.06
CA TRP A 127 10.88 2.93 -0.20
C TRP A 127 10.00 3.81 -1.09
N GLY A 128 8.92 4.30 -0.50
CA GLY A 128 7.99 5.16 -1.22
C GLY A 128 7.09 5.92 -0.25
N GLU A 129 7.00 7.22 -0.47
CA GLU A 129 6.16 8.07 0.38
C GLU A 129 4.68 7.78 0.11
N LEU A 130 3.93 7.70 1.19
CA LEU A 130 2.51 7.43 1.09
C LEU A 130 1.78 8.72 0.69
N LYS A 131 0.90 8.57 -0.30
CA LYS A 131 0.15 9.71 -0.79
C LYS A 131 -1.20 9.78 -0.05
N THR A 132 -1.10 10.00 1.25
CA THR A 132 -2.30 10.09 2.08
C THR A 132 -3.41 10.82 1.33
N SER A 133 -3.03 11.94 0.72
CA SER A 133 -3.99 12.73 -0.03
C SER A 133 -4.38 12.02 -1.32
N GLY A 134 -5.68 11.81 -1.47
CA GLY A 134 -6.20 11.14 -2.64
C GLY A 134 -7.25 10.10 -2.27
N PRO A 135 -8.11 9.74 -3.27
CA PRO A 135 -9.15 8.77 -3.05
C PRO A 135 -8.58 7.35 -2.99
N SER A 136 -9.37 6.45 -2.42
CA SER A 136 -8.96 5.06 -2.30
C SER A 136 -9.66 4.21 -3.36
N SER A 137 -8.87 3.75 -4.32
CA SER A 137 -9.40 2.93 -5.39
C SER A 137 -8.30 2.61 -6.40
N GLY A 138 -8.21 1.34 -6.76
CA GLY A 138 -7.21 0.90 -7.72
C GLY A 138 -7.51 1.44 -9.13
N GLY A 1 -15.46 11.60 -8.29
CA GLY A 1 -14.68 12.63 -8.98
C GLY A 1 -13.35 12.87 -8.27
N SER A 2 -13.35 13.87 -7.39
CA SER A 2 -12.15 14.21 -6.65
C SER A 2 -12.52 14.69 -5.25
N SER A 3 -11.56 14.62 -4.35
CA SER A 3 -11.77 15.05 -2.98
C SER A 3 -11.14 16.42 -2.74
N GLY A 4 -9.83 16.48 -2.94
CA GLY A 4 -9.10 17.72 -2.76
C GLY A 4 -7.73 17.45 -2.12
N SER A 5 -7.14 18.53 -1.62
CA SER A 5 -5.83 18.43 -0.98
C SER A 5 -5.95 17.61 0.30
N SER A 6 -4.79 17.15 0.78
CA SER A 6 -4.74 16.36 1.99
C SER A 6 -4.43 17.26 3.19
N GLY A 7 -3.28 17.91 3.11
CA GLY A 7 -2.84 18.79 4.17
C GLY A 7 -1.32 18.87 4.24
N SER A 8 -0.74 17.85 4.86
CA SER A 8 0.71 17.79 4.99
C SER A 8 1.22 18.99 5.79
N TRP A 9 2.49 18.93 6.15
CA TRP A 9 3.11 20.01 6.91
C TRP A 9 4.61 19.95 6.68
N ASN A 10 5.23 18.93 7.24
CA ASN A 10 6.67 18.75 7.10
C ASN A 10 6.95 17.28 6.78
N GLN A 11 6.85 16.45 7.80
CA GLN A 11 7.10 15.02 7.63
C GLN A 11 6.06 14.41 6.69
N ALA A 12 6.34 13.18 6.27
CA ALA A 12 5.45 12.47 5.37
C ALA A 12 5.49 10.98 5.69
N PRO A 13 4.36 10.30 5.41
CA PRO A 13 4.25 8.88 5.65
C PRO A 13 5.03 8.07 4.60
N LYS A 14 5.88 7.18 5.09
CA LYS A 14 6.68 6.36 4.21
C LYS A 14 6.21 4.91 4.30
N LEU A 15 6.28 4.22 3.16
CA LEU A 15 5.86 2.83 3.10
C LEU A 15 6.83 2.04 2.21
N HIS A 16 7.45 1.05 2.81
CA HIS A 16 8.40 0.22 2.08
C HIS A 16 7.68 -0.99 1.48
N TYR A 17 8.06 -1.32 0.26
CA TYR A 17 7.46 -2.45 -0.43
C TYR A 17 8.38 -2.97 -1.53
N CYS A 18 8.50 -4.28 -1.59
CA CYS A 18 9.35 -4.92 -2.58
C CYS A 18 8.45 -5.64 -3.58
N LEU A 19 8.27 -5.01 -4.73
CA LEU A 19 7.44 -5.58 -5.78
C LEU A 19 8.20 -6.72 -6.46
N ASP A 20 7.54 -7.86 -6.53
CA ASP A 20 8.13 -9.03 -7.15
C ASP A 20 7.03 -9.91 -7.74
N TYR A 21 7.02 -9.98 -9.07
CA TYR A 21 6.02 -10.78 -9.76
C TYR A 21 6.57 -12.16 -10.12
N ASP A 22 5.92 -13.17 -9.56
CA ASP A 22 6.34 -14.54 -9.80
C ASP A 22 5.53 -15.11 -10.97
N CYS A 23 6.02 -14.87 -12.17
CA CYS A 23 5.35 -15.35 -13.37
C CYS A 23 4.89 -16.78 -13.11
N GLN A 24 5.67 -17.49 -12.32
CA GLN A 24 5.35 -18.87 -11.99
C GLN A 24 3.98 -18.95 -11.31
N LYS A 25 3.80 -18.10 -10.31
CA LYS A 25 2.55 -18.07 -9.57
C LYS A 25 1.57 -17.13 -10.28
N ALA A 26 2.13 -16.22 -11.08
CA ALA A 26 1.33 -15.28 -11.82
C ALA A 26 0.58 -14.37 -10.83
N GLU A 27 1.30 -13.97 -9.79
CA GLU A 27 0.72 -13.10 -8.78
C GLU A 27 1.75 -12.06 -8.32
N LEU A 28 1.26 -10.86 -8.06
CA LEU A 28 2.11 -9.77 -7.62
C LEU A 28 2.35 -9.89 -6.11
N PHE A 29 3.57 -9.57 -5.71
CA PHE A 29 3.93 -9.63 -4.31
C PHE A 29 4.48 -8.28 -3.82
N VAL A 30 4.18 -7.97 -2.57
CA VAL A 30 4.64 -6.74 -1.98
C VAL A 30 5.27 -7.02 -0.61
N THR A 31 6.48 -7.55 -0.66
CA THR A 31 7.21 -7.89 0.55
C THR A 31 7.96 -6.66 1.07
N ARG A 32 8.81 -6.90 2.07
CA ARG A 32 9.58 -5.83 2.66
C ARG A 32 8.67 -4.67 3.07
N LEU A 33 7.70 -5.00 3.90
CA LEU A 33 6.75 -3.99 4.38
C LEU A 33 7.33 -3.29 5.60
N GLU A 34 7.62 -2.01 5.42
CA GLU A 34 8.19 -1.22 6.50
C GLU A 34 7.60 0.20 6.48
N ALA A 35 6.49 0.35 7.19
CA ALA A 35 5.82 1.64 7.26
C ALA A 35 6.67 2.61 8.08
N VAL A 36 6.78 3.83 7.58
CA VAL A 36 7.56 4.86 8.25
C VAL A 36 6.71 6.12 8.38
N THR A 37 5.70 6.04 9.22
CA THR A 37 4.82 7.16 9.45
C THR A 37 5.56 8.29 10.16
N SER A 38 6.20 7.93 11.26
CA SER A 38 6.95 8.90 12.04
C SER A 38 6.02 9.99 12.56
N ASN A 39 6.06 10.19 13.86
CA ASN A 39 5.22 11.20 14.50
C ASN A 39 3.80 11.09 13.95
N HIS A 40 3.00 10.29 14.64
CA HIS A 40 1.62 10.08 14.24
C HIS A 40 0.86 9.37 15.36
N ASP A 41 0.24 10.17 16.21
CA ASP A 41 -0.52 9.63 17.33
C ASP A 41 -1.65 8.75 16.78
N GLY A 42 -1.38 7.44 16.76
CA GLY A 42 -2.37 6.49 16.27
C GLY A 42 -2.71 5.46 17.35
N GLY A 43 -1.78 4.52 17.52
CA GLY A 43 -1.97 3.46 18.50
C GLY A 43 -2.77 2.29 17.92
N CYS A 44 -3.83 2.65 17.21
CA CYS A 44 -4.68 1.64 16.59
C CYS A 44 -3.78 0.65 15.84
N ASP A 45 -4.40 -0.42 15.36
CA ASP A 45 -3.68 -1.44 14.63
C ASP A 45 -3.52 -1.00 13.18
N CYS A 46 -2.29 -0.69 12.82
CA CYS A 46 -1.98 -0.25 11.46
C CYS A 46 -1.53 -1.47 10.66
N TYR A 47 -2.05 -1.56 9.45
CA TYR A 47 -1.71 -2.68 8.57
C TYR A 47 -1.57 -2.21 7.12
N VAL A 48 -0.78 -2.94 6.36
CA VAL A 48 -0.56 -2.62 4.97
C VAL A 48 -1.59 -3.36 4.11
N GLN A 49 -1.84 -2.80 2.93
CA GLN A 49 -2.80 -3.38 2.01
C GLN A 49 -2.42 -3.05 0.56
N GLY A 50 -2.36 -4.09 -0.26
CA GLY A 50 -2.01 -3.92 -1.66
C GLY A 50 -3.20 -4.23 -2.56
N SER A 51 -3.65 -3.21 -3.27
CA SER A 51 -4.78 -3.37 -4.17
C SER A 51 -4.30 -3.33 -5.62
N VAL A 52 -4.75 -4.32 -6.39
CA VAL A 52 -4.37 -4.41 -7.79
C VAL A 52 -5.63 -4.33 -8.65
N ALA A 53 -5.43 -3.87 -9.88
CA ALA A 53 -6.54 -3.74 -10.81
C ALA A 53 -6.10 -4.24 -12.19
N ASN A 54 -6.70 -5.35 -12.60
CA ASN A 54 -6.38 -5.94 -13.88
C ASN A 54 -7.61 -5.86 -14.80
N ARG A 55 -7.36 -6.02 -16.09
CA ARG A 55 -8.42 -5.96 -17.08
C ARG A 55 -9.52 -6.99 -16.74
N THR A 56 -9.13 -7.96 -15.91
CA THR A 56 -10.06 -9.00 -15.50
C THR A 56 -10.88 -8.53 -14.30
N GLY A 57 -10.30 -7.63 -13.54
CA GLY A 57 -10.97 -7.10 -12.36
C GLY A 57 -9.98 -6.40 -11.43
N SER A 58 -10.07 -6.75 -10.15
CA SER A 58 -9.19 -6.17 -9.16
C SER A 58 -9.03 -7.13 -7.98
N VAL A 59 -7.99 -6.89 -7.19
CA VAL A 59 -7.72 -7.72 -6.03
C VAL A 59 -7.33 -6.83 -4.84
N GLU A 60 -7.10 -7.47 -3.71
CA GLU A 60 -6.73 -6.76 -2.51
C GLU A 60 -6.09 -7.71 -1.49
N ALA A 61 -4.93 -7.31 -1.00
CA ALA A 61 -4.21 -8.12 -0.02
C ALA A 61 -3.74 -7.23 1.12
N GLN A 62 -3.38 -7.88 2.22
CA GLN A 62 -2.92 -7.15 3.40
C GLN A 62 -2.18 -8.11 4.34
N THR A 63 -1.62 -7.52 5.39
CA THR A 63 -0.89 -8.30 6.38
C THR A 63 -1.66 -8.36 7.70
N ALA A 64 -1.02 -8.97 8.69
CA ALA A 64 -1.63 -9.10 10.00
C ALA A 64 -1.43 -7.79 10.78
N LEU A 65 -2.52 -7.32 11.38
CA LEU A 65 -2.47 -6.09 12.15
C LEU A 65 -1.18 -6.07 12.98
N LYS A 66 -0.71 -4.85 13.24
CA LYS A 66 0.51 -4.67 14.01
C LYS A 66 0.32 -3.50 14.98
N LYS A 67 1.39 -3.22 15.72
CA LYS A 67 1.35 -2.13 16.68
C LYS A 67 2.09 -0.92 16.10
N ARG A 68 1.34 0.14 15.88
CA ARG A 68 1.92 1.37 15.34
C ARG A 68 3.25 1.67 16.02
N GLN A 69 4.27 1.82 15.19
CA GLN A 69 5.61 2.11 15.68
C GLN A 69 6.30 3.12 14.78
N LEU A 70 7.49 3.53 15.19
CA LEU A 70 8.27 4.48 14.43
C LEU A 70 8.84 3.80 13.19
N HIS A 71 8.63 2.49 13.13
CA HIS A 71 9.11 1.71 12.00
C HIS A 71 8.58 0.28 12.11
N THR A 72 7.31 0.12 11.80
CA THR A 72 6.67 -1.18 11.86
C THR A 72 7.15 -2.06 10.68
N THR A 73 7.31 -3.33 10.98
CA THR A 73 7.75 -4.28 9.96
C THR A 73 6.93 -5.57 10.03
N TRP A 74 6.75 -6.18 8.88
CA TRP A 74 5.98 -7.42 8.79
C TRP A 74 6.94 -8.54 8.38
N GLU A 75 6.46 -9.77 8.53
CA GLU A 75 7.25 -10.93 8.18
C GLU A 75 6.86 -11.46 6.79
N GLU A 76 5.56 -11.44 6.55
CA GLU A 76 5.03 -11.91 5.27
C GLU A 76 4.78 -10.73 4.34
N GLY A 77 4.48 -11.06 3.09
CA GLY A 77 4.22 -10.04 2.09
C GLY A 77 2.85 -10.25 1.43
N LEU A 78 2.38 -9.19 0.78
CA LEU A 78 1.09 -9.25 0.11
C LEU A 78 1.21 -10.12 -1.15
N VAL A 79 0.06 -10.53 -1.65
CA VAL A 79 0.03 -11.36 -2.84
C VAL A 79 -1.27 -11.10 -3.61
N LEU A 80 -1.11 -10.55 -4.80
CA LEU A 80 -2.25 -10.24 -5.64
C LEU A 80 -2.14 -11.01 -6.95
N PRO A 81 -3.30 -11.61 -7.36
CA PRO A 81 -3.34 -12.38 -8.59
C PRO A 81 -3.32 -11.46 -9.82
N LEU A 82 -2.34 -11.69 -10.67
CA LEU A 82 -2.20 -10.90 -11.89
C LEU A 82 -1.47 -11.71 -12.95
N ALA A 83 -2.01 -11.69 -14.16
CA ALA A 83 -1.41 -12.42 -15.26
C ALA A 83 -0.29 -11.57 -15.88
N GLU A 84 0.70 -12.26 -16.43
CA GLU A 84 1.82 -11.60 -17.06
C GLU A 84 1.36 -10.86 -18.32
N GLU A 85 0.20 -11.26 -18.81
CA GLU A 85 -0.36 -10.64 -20.01
C GLU A 85 -1.14 -9.39 -19.64
N GLU A 86 -1.27 -9.17 -18.34
CA GLU A 86 -2.00 -8.01 -17.84
C GLU A 86 -1.06 -7.08 -17.07
N LEU A 87 0.16 -7.57 -16.85
CA LEU A 87 1.15 -6.81 -16.14
C LEU A 87 1.08 -5.34 -16.58
N PRO A 88 1.12 -5.14 -17.92
CA PRO A 88 1.06 -3.81 -18.48
C PRO A 88 -0.36 -3.24 -18.40
N THR A 89 -1.32 -4.14 -18.36
CA THR A 89 -2.72 -3.75 -18.27
C THR A 89 -3.23 -3.89 -16.84
N ALA A 90 -2.30 -3.78 -15.90
CA ALA A 90 -2.65 -3.89 -14.49
C ALA A 90 -1.78 -2.93 -13.67
N THR A 91 -2.31 -2.54 -12.53
CA THR A 91 -1.60 -1.62 -11.65
C THR A 91 -1.85 -1.98 -10.19
N LEU A 92 -0.92 -1.58 -9.34
CA LEU A 92 -1.03 -1.85 -7.92
C LEU A 92 -1.19 -0.53 -7.16
N THR A 93 -1.87 -0.62 -6.02
CA THR A 93 -2.09 0.55 -5.20
C THR A 93 -2.06 0.18 -3.72
N LEU A 94 -1.01 0.62 -3.05
CA LEU A 94 -0.84 0.34 -1.64
C LEU A 94 -1.75 1.27 -0.83
N THR A 95 -2.27 0.74 0.27
CA THR A 95 -3.14 1.50 1.14
C THR A 95 -2.93 1.11 2.60
N LEU A 96 -2.62 2.11 3.40
CA LEU A 96 -2.39 1.89 4.82
C LEU A 96 -3.62 2.34 5.61
N ARG A 97 -4.43 1.36 5.99
CA ARG A 97 -5.64 1.64 6.75
C ARG A 97 -5.44 1.26 8.23
N THR A 98 -6.26 1.86 9.06
CA THR A 98 -6.20 1.59 10.50
C THR A 98 -7.38 0.74 10.94
N CYS A 99 -7.09 -0.23 11.79
CA CYS A 99 -8.12 -1.12 12.29
C CYS A 99 -9.33 -0.28 12.71
N ASP A 100 -10.44 -0.52 12.04
CA ASP A 100 -11.66 0.20 12.33
C ASP A 100 -12.86 -0.56 11.77
N ARG A 101 -14.05 -0.14 12.19
CA ARG A 101 -15.26 -0.78 11.72
C ARG A 101 -15.14 -1.16 10.25
N PHE A 102 -14.85 -0.16 9.43
CA PHE A 102 -14.70 -0.38 8.00
C PHE A 102 -13.90 0.75 7.36
N SER A 103 -12.62 0.48 7.16
CA SER A 103 -11.73 1.46 6.56
C SER A 103 -12.10 1.67 5.08
N ARG A 104 -13.35 2.05 4.87
CA ARG A 104 -13.83 2.28 3.51
C ARG A 104 -14.30 3.72 3.35
N HIS A 105 -13.38 4.64 3.63
CA HIS A 105 -13.68 6.06 3.51
C HIS A 105 -12.40 6.86 3.77
N SER A 106 -11.61 6.40 4.73
CA SER A 106 -10.38 7.06 5.07
C SER A 106 -9.19 6.12 4.86
N VAL A 107 -8.02 6.71 4.71
CA VAL A 107 -6.80 5.94 4.49
C VAL A 107 -5.63 6.66 5.15
N ALA A 108 -4.83 5.88 5.87
CA ALA A 108 -3.67 6.43 6.54
C ALA A 108 -2.63 6.87 5.51
N GLY A 109 -2.55 6.09 4.44
CA GLY A 109 -1.61 6.39 3.38
C GLY A 109 -1.80 5.43 2.19
N GLU A 110 -2.03 6.03 1.03
CA GLU A 110 -2.23 5.24 -0.18
C GLU A 110 -1.09 5.50 -1.18
N LEU A 111 -0.49 4.42 -1.64
CA LEU A 111 0.61 4.51 -2.58
C LEU A 111 0.16 3.93 -3.92
N ARG A 112 0.76 4.44 -4.98
CA ARG A 112 0.44 3.98 -6.33
C ARG A 112 1.68 3.37 -6.99
N LEU A 113 1.51 2.15 -7.48
CA LEU A 113 2.60 1.46 -8.13
C LEU A 113 2.11 0.90 -9.47
N GLY A 114 3.06 0.37 -10.24
CA GLY A 114 2.73 -0.20 -11.54
C GLY A 114 3.37 -1.58 -11.71
N LEU A 115 2.63 -2.46 -12.37
CA LEU A 115 3.12 -3.81 -12.61
C LEU A 115 3.56 -3.93 -14.08
N ASP A 116 3.89 -2.80 -14.65
CA ASP A 116 4.32 -2.76 -16.04
C ASP A 116 5.85 -2.70 -16.09
N GLY A 117 6.45 -2.59 -14.91
CA GLY A 117 7.90 -2.52 -14.80
C GLY A 117 8.40 -1.13 -15.20
N THR A 118 7.58 -0.14 -14.91
CA THR A 118 7.93 1.24 -15.23
C THR A 118 8.18 2.03 -13.95
N SER A 119 7.09 2.53 -13.37
CA SER A 119 7.18 3.31 -12.15
C SER A 119 8.24 2.71 -11.22
N VAL A 120 8.03 1.45 -10.88
CA VAL A 120 8.95 0.75 -10.00
C VAL A 120 9.27 -0.63 -10.59
N PRO A 121 10.57 -1.00 -10.53
CA PRO A 121 11.01 -2.28 -11.05
C PRO A 121 10.62 -3.42 -10.11
N LEU A 122 10.83 -4.64 -10.58
CA LEU A 122 10.51 -5.81 -9.80
C LEU A 122 11.77 -6.30 -9.07
N GLY A 123 11.54 -7.02 -7.98
CA GLY A 123 12.63 -7.54 -7.19
C GLY A 123 13.60 -6.43 -6.78
N ALA A 124 13.07 -5.22 -6.73
CA ALA A 124 13.86 -4.07 -6.35
C ALA A 124 13.19 -3.34 -5.18
N ALA A 125 13.72 -3.59 -3.99
CA ALA A 125 13.18 -2.97 -2.79
C ALA A 125 13.33 -1.45 -2.89
N GLN A 126 12.20 -0.77 -2.81
CA GLN A 126 12.20 0.68 -2.90
C GLN A 126 11.23 1.28 -1.88
N TRP A 127 11.55 2.48 -1.43
CA TRP A 127 10.72 3.16 -0.45
C TRP A 127 9.83 4.17 -1.20
N GLY A 128 8.56 4.20 -0.81
CA GLY A 128 7.61 5.10 -1.43
C GLY A 128 6.78 5.83 -0.38
N GLU A 129 6.56 7.12 -0.62
CA GLU A 129 5.79 7.93 0.29
C GLU A 129 4.29 7.79 0.00
N LEU A 130 3.52 7.66 1.07
CA LEU A 130 2.08 7.52 0.93
C LEU A 130 1.48 8.86 0.50
N LYS A 131 0.65 8.78 -0.55
CA LYS A 131 0.02 9.97 -1.08
C LYS A 131 -1.35 10.13 -0.43
N THR A 132 -1.59 9.33 0.60
CA THR A 132 -2.85 9.38 1.32
C THR A 132 -4.03 9.47 0.33
N SER A 133 -5.19 9.77 0.87
CA SER A 133 -6.38 9.90 0.05
C SER A 133 -7.53 10.48 0.88
N GLY A 134 -7.88 11.71 0.57
CA GLY A 134 -8.95 12.40 1.27
C GLY A 134 -8.42 13.17 2.48
N PRO A 135 -9.27 13.25 3.53
CA PRO A 135 -8.89 13.95 4.75
C PRO A 135 -7.91 13.11 5.58
N SER A 136 -7.55 13.66 6.73
CA SER A 136 -6.63 12.97 7.62
C SER A 136 -5.29 12.75 6.92
N SER A 137 -4.28 13.47 7.39
CA SER A 137 -2.95 13.37 6.82
C SER A 137 -1.92 13.92 7.80
N GLY A 138 -0.67 13.53 7.58
CA GLY A 138 0.42 13.97 8.43
C GLY A 138 1.73 14.07 7.64
N GLY A 1 -22.40 16.01 -1.81
CA GLY A 1 -21.45 16.73 -0.99
C GLY A 1 -20.44 17.49 -1.85
N SER A 2 -19.48 18.11 -1.17
CA SER A 2 -18.46 18.87 -1.87
C SER A 2 -17.49 19.49 -0.86
N SER A 3 -16.29 19.78 -1.33
CA SER A 3 -15.28 20.37 -0.48
C SER A 3 -14.86 19.38 0.62
N GLY A 4 -13.72 19.66 1.23
CA GLY A 4 -13.21 18.80 2.28
C GLY A 4 -12.29 19.59 3.22
N SER A 5 -11.37 18.86 3.84
CA SER A 5 -10.43 19.47 4.77
C SER A 5 -9.31 18.49 5.09
N SER A 6 -8.09 19.02 5.12
CA SER A 6 -6.93 18.20 5.42
C SER A 6 -5.66 19.06 5.41
N GLY A 7 -4.57 18.47 5.88
CA GLY A 7 -3.30 19.16 5.93
C GLY A 7 -2.18 18.24 6.41
N SER A 8 -1.01 18.82 6.56
CA SER A 8 0.15 18.05 7.00
C SER A 8 1.35 18.99 7.22
N TRP A 9 2.29 18.51 8.02
CA TRP A 9 3.47 19.30 8.32
C TRP A 9 4.58 18.33 8.73
N ASN A 10 4.35 17.64 9.84
CA ASN A 10 5.31 16.69 10.36
C ASN A 10 5.78 15.78 9.22
N GLN A 11 6.80 14.98 9.52
CA GLN A 11 7.35 14.07 8.53
C GLN A 11 6.23 13.45 7.70
N ALA A 12 6.59 13.00 6.51
CA ALA A 12 5.63 12.39 5.61
C ALA A 12 5.58 10.88 5.88
N PRO A 13 4.40 10.28 5.56
CA PRO A 13 4.20 8.86 5.75
C PRO A 13 4.95 8.05 4.68
N LYS A 14 5.83 7.17 5.16
CA LYS A 14 6.61 6.33 4.25
C LYS A 14 6.12 4.89 4.37
N LEU A 15 6.17 4.19 3.24
CA LEU A 15 5.74 2.81 3.19
C LEU A 15 6.69 2.01 2.30
N HIS A 16 7.35 1.04 2.91
CA HIS A 16 8.29 0.20 2.18
C HIS A 16 7.54 -0.98 1.56
N TYR A 17 7.97 -1.34 0.36
CA TYR A 17 7.35 -2.44 -0.36
C TYR A 17 8.29 -2.98 -1.45
N CYS A 18 8.32 -4.29 -1.55
CA CYS A 18 9.16 -4.95 -2.54
C CYS A 18 8.25 -5.64 -3.57
N LEU A 19 8.23 -5.07 -4.76
CA LEU A 19 7.41 -5.62 -5.83
C LEU A 19 8.18 -6.75 -6.52
N ASP A 20 7.57 -7.92 -6.53
CA ASP A 20 8.17 -9.09 -7.14
C ASP A 20 7.08 -9.98 -7.73
N TYR A 21 7.05 -10.03 -9.05
CA TYR A 21 6.06 -10.85 -9.74
C TYR A 21 6.64 -12.21 -10.13
N ASP A 22 5.79 -13.22 -10.04
CA ASP A 22 6.20 -14.58 -10.37
C ASP A 22 5.29 -15.14 -11.46
N CYS A 23 5.64 -14.83 -12.70
CA CYS A 23 4.86 -15.30 -13.83
C CYS A 23 4.43 -16.73 -13.56
N GLN A 24 5.30 -17.46 -12.88
CA GLN A 24 5.01 -18.85 -12.55
C GLN A 24 3.73 -18.95 -11.72
N LYS A 25 3.65 -18.12 -10.69
CA LYS A 25 2.48 -18.10 -9.83
C LYS A 25 1.46 -17.10 -10.37
N ALA A 26 1.92 -16.30 -11.33
CA ALA A 26 1.06 -15.31 -11.93
C ALA A 26 0.41 -14.46 -10.84
N GLU A 27 1.21 -14.15 -9.83
CA GLU A 27 0.72 -13.34 -8.72
C GLU A 27 1.78 -12.33 -8.29
N LEU A 28 1.33 -11.11 -8.09
CA LEU A 28 2.23 -10.04 -7.67
C LEU A 28 2.43 -10.09 -6.16
N PHE A 29 3.66 -9.82 -5.74
CA PHE A 29 3.99 -9.83 -4.33
C PHE A 29 4.51 -8.47 -3.87
N VAL A 30 4.11 -8.11 -2.66
CA VAL A 30 4.52 -6.83 -2.09
C VAL A 30 5.13 -7.06 -0.71
N THR A 31 6.33 -7.63 -0.72
CA THR A 31 7.03 -7.90 0.52
C THR A 31 7.80 -6.68 1.00
N ARG A 32 8.65 -6.89 2.00
CA ARG A 32 9.45 -5.80 2.54
C ARG A 32 8.54 -4.64 2.97
N LEU A 33 7.69 -4.91 3.94
CA LEU A 33 6.78 -3.90 4.44
C LEU A 33 7.41 -3.19 5.64
N GLU A 34 7.63 -1.89 5.48
CA GLU A 34 8.23 -1.10 6.53
C GLU A 34 7.63 0.31 6.53
N ALA A 35 6.54 0.45 7.27
CA ALA A 35 5.86 1.74 7.37
C ALA A 35 6.71 2.69 8.21
N VAL A 36 6.92 3.88 7.66
CA VAL A 36 7.71 4.89 8.36
C VAL A 36 6.83 6.12 8.62
N THR A 37 6.00 6.00 9.64
CA THR A 37 5.10 7.08 10.01
C THR A 37 5.39 7.53 11.45
N SER A 38 6.17 8.59 11.56
CA SER A 38 6.51 9.13 12.86
C SER A 38 5.28 9.11 13.78
N ASN A 39 4.26 9.82 13.35
CA ASN A 39 3.03 9.90 14.12
C ASN A 39 2.09 10.92 13.46
N HIS A 40 0.83 10.86 13.86
CA HIS A 40 -0.18 11.76 13.33
C HIS A 40 -1.49 11.60 14.12
N ASP A 41 -2.07 10.42 14.00
CA ASP A 41 -3.30 10.13 14.70
C ASP A 41 -3.69 8.66 14.47
N GLY A 42 -3.34 7.83 15.43
CA GLY A 42 -3.64 6.41 15.35
C GLY A 42 -3.95 5.83 16.72
N GLY A 43 -2.98 5.09 17.26
CA GLY A 43 -3.14 4.47 18.57
C GLY A 43 -3.70 3.06 18.44
N CYS A 44 -4.49 2.86 17.39
CA CYS A 44 -5.09 1.56 17.14
C CYS A 44 -4.12 0.74 16.30
N ASP A 45 -4.55 -0.47 15.96
CA ASP A 45 -3.74 -1.37 15.16
C ASP A 45 -3.87 -0.98 13.69
N CYS A 46 -2.74 -0.97 13.00
CA CYS A 46 -2.72 -0.62 11.59
C CYS A 46 -2.23 -1.85 10.80
N TYR A 47 -2.41 -1.77 9.49
CA TYR A 47 -1.98 -2.85 8.62
C TYR A 47 -1.80 -2.36 7.18
N VAL A 48 -1.03 -3.12 6.42
CA VAL A 48 -0.78 -2.78 5.03
C VAL A 48 -1.82 -3.44 4.14
N GLN A 49 -2.24 -2.71 3.12
CA GLN A 49 -3.24 -3.21 2.19
C GLN A 49 -2.80 -2.95 0.75
N GLY A 50 -2.81 -4.01 -0.04
CA GLY A 50 -2.41 -3.91 -1.44
C GLY A 50 -3.55 -4.35 -2.36
N SER A 51 -3.89 -3.47 -3.28
CA SER A 51 -4.96 -3.75 -4.23
C SER A 51 -4.41 -3.73 -5.66
N VAL A 52 -5.04 -4.52 -6.51
CA VAL A 52 -4.63 -4.59 -7.91
C VAL A 52 -5.87 -4.56 -8.80
N ALA A 53 -5.72 -3.88 -9.94
CA ALA A 53 -6.81 -3.77 -10.89
C ALA A 53 -6.33 -4.18 -12.28
N ASN A 54 -6.85 -5.30 -12.74
CA ASN A 54 -6.48 -5.82 -14.05
C ASN A 54 -7.64 -5.60 -15.02
N ARG A 55 -7.44 -6.08 -16.24
CA ARG A 55 -8.45 -5.95 -17.28
C ARG A 55 -9.50 -7.05 -17.15
N THR A 56 -9.36 -7.83 -16.07
CA THR A 56 -10.28 -8.93 -15.81
C THR A 56 -11.10 -8.65 -14.55
N GLY A 57 -10.48 -7.91 -13.64
CA GLY A 57 -11.14 -7.57 -12.39
C GLY A 57 -10.18 -6.80 -11.46
N SER A 58 -10.02 -7.35 -10.26
CA SER A 58 -9.15 -6.72 -9.28
C SER A 58 -8.95 -7.67 -8.09
N VAL A 59 -7.84 -7.45 -7.39
CA VAL A 59 -7.53 -8.27 -6.23
C VAL A 59 -7.00 -7.37 -5.11
N GLU A 60 -7.11 -7.88 -3.89
CA GLU A 60 -6.64 -7.15 -2.73
C GLU A 60 -6.02 -8.10 -1.71
N ALA A 61 -5.31 -7.51 -0.76
CA ALA A 61 -4.65 -8.29 0.28
C ALA A 61 -4.09 -7.34 1.35
N GLN A 62 -3.72 -7.93 2.48
CA GLN A 62 -3.17 -7.16 3.57
C GLN A 62 -2.26 -8.04 4.44
N THR A 63 -1.54 -7.39 5.33
CA THR A 63 -0.63 -8.09 6.22
C THR A 63 -1.25 -8.24 7.61
N ALA A 64 -0.50 -8.86 8.49
CA ALA A 64 -0.96 -9.07 9.85
C ALA A 64 -0.84 -7.77 10.65
N LEU A 65 -1.87 -7.48 11.43
CA LEU A 65 -1.88 -6.27 12.23
C LEU A 65 -0.56 -6.15 12.99
N LYS A 66 -0.14 -4.92 13.19
CA LYS A 66 1.11 -4.66 13.90
C LYS A 66 0.95 -3.38 14.73
N LYS A 67 1.52 -3.42 15.93
CA LYS A 67 1.47 -2.27 16.82
C LYS A 67 2.15 -1.07 16.16
N ARG A 68 1.45 0.05 16.20
CA ARG A 68 1.97 1.28 15.61
C ARG A 68 3.38 1.56 16.15
N GLN A 69 4.28 1.84 15.22
CA GLN A 69 5.66 2.13 15.58
C GLN A 69 6.26 3.12 14.58
N LEU A 70 7.29 3.82 15.04
CA LEU A 70 7.97 4.79 14.20
C LEU A 70 8.56 4.09 12.98
N HIS A 71 8.65 2.77 13.08
CA HIS A 71 9.19 1.97 11.99
C HIS A 71 8.69 0.53 12.13
N THR A 72 7.43 0.33 11.76
CA THR A 72 6.83 -0.99 11.83
C THR A 72 7.36 -1.88 10.72
N THR A 73 7.42 -3.17 11.01
CA THR A 73 7.91 -4.13 10.04
C THR A 73 7.06 -5.41 10.07
N TRP A 74 7.02 -6.09 8.94
CA TRP A 74 6.25 -7.32 8.83
C TRP A 74 7.22 -8.45 8.46
N GLU A 75 6.65 -9.63 8.33
CA GLU A 75 7.45 -10.80 7.97
C GLU A 75 7.09 -11.29 6.57
N GLU A 76 5.80 -11.17 6.25
CA GLU A 76 5.32 -11.60 4.94
C GLU A 76 5.02 -10.38 4.07
N GLY A 77 4.50 -10.66 2.88
CA GLY A 77 4.17 -9.59 1.95
C GLY A 77 2.76 -9.79 1.37
N LEU A 78 2.33 -8.81 0.60
CA LEU A 78 1.01 -8.87 -0.01
C LEU A 78 1.13 -9.49 -1.40
N VAL A 79 0.39 -10.58 -1.60
CA VAL A 79 0.40 -11.28 -2.87
C VAL A 79 -0.98 -11.17 -3.52
N LEU A 80 -0.98 -10.85 -4.80
CA LEU A 80 -2.22 -10.72 -5.54
C LEU A 80 -2.08 -11.42 -6.89
N PRO A 81 -3.20 -12.05 -7.34
CA PRO A 81 -3.21 -12.76 -8.61
C PRO A 81 -3.27 -11.78 -9.78
N LEU A 82 -2.24 -11.85 -10.62
CA LEU A 82 -2.15 -10.98 -11.78
C LEU A 82 -1.50 -11.74 -12.94
N ALA A 83 -2.15 -11.66 -14.09
CA ALA A 83 -1.64 -12.33 -15.28
C ALA A 83 -0.53 -11.49 -15.90
N GLU A 84 0.52 -12.17 -16.32
CA GLU A 84 1.66 -11.50 -16.93
C GLU A 84 1.19 -10.67 -18.14
N GLU A 85 0.10 -11.12 -18.73
CA GLU A 85 -0.46 -10.43 -19.89
C GLU A 85 -1.21 -9.19 -19.45
N GLU A 86 -1.47 -9.12 -18.15
CA GLU A 86 -2.19 -7.98 -17.60
C GLU A 86 -1.24 -7.06 -16.83
N LEU A 87 0.02 -7.49 -16.78
CA LEU A 87 1.05 -6.71 -16.10
C LEU A 87 0.98 -5.26 -16.56
N PRO A 88 1.00 -5.08 -17.91
CA PRO A 88 0.95 -3.76 -18.50
C PRO A 88 -0.46 -3.19 -18.43
N THR A 89 -1.41 -4.06 -18.12
CA THR A 89 -2.79 -3.65 -18.01
C THR A 89 -3.29 -3.82 -16.57
N ALA A 90 -2.35 -3.73 -15.64
CA ALA A 90 -2.67 -3.87 -14.23
C ALA A 90 -1.82 -2.89 -13.41
N THR A 91 -2.34 -2.53 -12.25
CA THR A 91 -1.64 -1.61 -11.37
C THR A 91 -1.69 -2.11 -9.93
N LEU A 92 -0.74 -1.64 -9.14
CA LEU A 92 -0.66 -2.02 -7.73
C LEU A 92 -0.65 -0.76 -6.86
N THR A 93 -1.77 -0.53 -6.20
CA THR A 93 -1.90 0.63 -5.33
C THR A 93 -1.86 0.20 -3.86
N LEU A 94 -0.93 0.79 -3.13
CA LEU A 94 -0.78 0.48 -1.72
C LEU A 94 -1.71 1.39 -0.90
N THR A 95 -2.20 0.83 0.20
CA THR A 95 -3.10 1.58 1.07
C THR A 95 -2.91 1.14 2.53
N LEU A 96 -2.66 2.12 3.38
CA LEU A 96 -2.47 1.86 4.79
C LEU A 96 -3.71 2.30 5.57
N ARG A 97 -4.52 1.31 5.92
CA ARG A 97 -5.75 1.58 6.67
C ARG A 97 -5.50 1.42 8.17
N THR A 98 -6.46 1.89 8.94
CA THR A 98 -6.37 1.80 10.40
C THR A 98 -7.50 0.92 10.96
N CYS A 99 -7.16 0.16 11.98
CA CYS A 99 -8.13 -0.72 12.61
C CYS A 99 -8.95 0.11 13.59
N ASP A 100 -10.23 0.27 13.26
CA ASP A 100 -11.14 1.03 14.09
C ASP A 100 -12.24 0.10 14.63
N ARG A 101 -12.86 0.54 15.72
CA ARG A 101 -13.91 -0.23 16.33
C ARG A 101 -14.79 -0.88 15.26
N PHE A 102 -15.22 -0.05 14.31
CA PHE A 102 -16.06 -0.53 13.23
C PHE A 102 -15.44 -0.21 11.87
N SER A 103 -15.14 1.07 11.68
CA SER A 103 -14.55 1.52 10.43
C SER A 103 -14.68 3.04 10.30
N ARG A 104 -14.07 3.73 11.25
CA ARG A 104 -14.12 5.19 11.26
C ARG A 104 -12.84 5.76 10.64
N HIS A 105 -12.56 5.31 9.43
CA HIS A 105 -11.37 5.77 8.72
C HIS A 105 -11.36 5.19 7.30
N SER A 106 -10.94 6.02 6.36
CA SER A 106 -10.89 5.60 4.97
C SER A 106 -9.53 4.97 4.66
N VAL A 107 -8.51 5.84 4.56
CA VAL A 107 -7.16 5.38 4.28
C VAL A 107 -6.17 6.32 4.98
N ALA A 108 -5.13 5.70 5.54
CA ALA A 108 -4.10 6.46 6.23
C ALA A 108 -3.10 7.00 5.21
N GLY A 109 -2.97 6.27 4.11
CA GLY A 109 -2.06 6.66 3.05
C GLY A 109 -2.10 5.66 1.90
N GLU A 110 -2.31 6.21 0.70
CA GLU A 110 -2.37 5.38 -0.49
C GLU A 110 -1.15 5.63 -1.37
N LEU A 111 -0.62 4.53 -1.91
CA LEU A 111 0.55 4.61 -2.77
C LEU A 111 0.20 4.04 -4.14
N ARG A 112 0.90 4.55 -5.15
CA ARG A 112 0.68 4.10 -6.51
C ARG A 112 1.95 3.44 -7.07
N LEU A 113 1.73 2.41 -7.88
CA LEU A 113 2.84 1.68 -8.47
C LEU A 113 2.38 1.07 -9.80
N GLY A 114 3.35 0.50 -10.51
CA GLY A 114 3.06 -0.12 -11.80
C GLY A 114 3.69 -1.52 -11.88
N LEU A 115 2.97 -2.41 -12.54
CA LEU A 115 3.44 -3.78 -12.69
C LEU A 115 3.93 -3.97 -14.13
N ASP A 116 4.17 -2.86 -14.81
CA ASP A 116 4.64 -2.89 -16.18
C ASP A 116 6.17 -3.00 -16.19
N GLY A 117 6.76 -2.63 -15.06
CA GLY A 117 8.20 -2.68 -14.92
C GLY A 117 8.84 -1.33 -15.32
N THR A 118 8.13 -0.27 -14.96
CA THR A 118 8.61 1.08 -15.26
C THR A 118 8.77 1.89 -13.97
N SER A 119 7.64 2.42 -13.51
CA SER A 119 7.65 3.22 -12.30
C SER A 119 8.58 2.59 -11.26
N VAL A 120 8.25 1.37 -10.88
CA VAL A 120 9.05 0.65 -9.90
C VAL A 120 9.44 -0.72 -10.47
N PRO A 121 10.75 -1.06 -10.29
CA PRO A 121 11.27 -2.32 -10.78
C PRO A 121 10.81 -3.49 -9.89
N LEU A 122 11.08 -4.69 -10.37
CA LEU A 122 10.71 -5.88 -9.64
C LEU A 122 11.90 -6.38 -8.83
N GLY A 123 11.59 -7.11 -7.76
CA GLY A 123 12.63 -7.65 -6.90
C GLY A 123 13.52 -6.53 -6.37
N ALA A 124 13.00 -5.31 -6.43
CA ALA A 124 13.75 -4.15 -5.96
C ALA A 124 12.89 -3.37 -4.97
N ALA A 125 13.18 -3.55 -3.70
CA ALA A 125 12.44 -2.86 -2.65
C ALA A 125 12.77 -1.37 -2.71
N GLN A 126 11.72 -0.56 -2.74
CA GLN A 126 11.88 0.88 -2.79
C GLN A 126 11.14 1.53 -1.62
N TRP A 127 11.58 2.74 -1.29
CA TRP A 127 10.97 3.49 -0.20
C TRP A 127 10.10 4.59 -0.80
N GLY A 128 8.82 4.30 -0.93
CA GLY A 128 7.88 5.26 -1.49
C GLY A 128 7.00 5.86 -0.40
N GLU A 129 6.70 7.14 -0.56
CA GLU A 129 5.87 7.85 0.41
C GLU A 129 4.39 7.62 0.09
N LEU A 130 3.59 7.72 1.14
CA LEU A 130 2.16 7.53 1.00
C LEU A 130 1.53 8.80 0.43
N LYS A 131 0.65 8.61 -0.55
CA LYS A 131 -0.01 9.73 -1.19
C LYS A 131 -1.38 9.94 -0.51
N THR A 132 -1.33 10.19 0.79
CA THR A 132 -2.54 10.41 1.55
C THR A 132 -3.55 11.21 0.73
N SER A 133 -3.05 12.28 0.12
CA SER A 133 -3.89 13.14 -0.69
C SER A 133 -3.05 13.89 -1.71
N GLY A 134 -2.72 13.20 -2.79
CA GLY A 134 -1.91 13.79 -3.84
C GLY A 134 -2.76 14.13 -5.07
N PRO A 135 -2.12 14.00 -6.27
CA PRO A 135 -2.81 14.29 -7.51
C PRO A 135 -3.78 13.15 -7.88
N SER A 136 -4.68 12.86 -6.95
CA SER A 136 -5.65 11.82 -7.17
C SER A 136 -6.49 11.61 -5.90
N SER A 137 -7.55 10.83 -6.04
CA SER A 137 -8.43 10.55 -4.93
C SER A 137 -8.39 9.06 -4.58
N GLY A 138 -8.64 8.77 -3.30
CA GLY A 138 -8.65 7.40 -2.84
C GLY A 138 -7.56 7.17 -1.78
N GLY A 1 -21.94 28.31 -1.67
CA GLY A 1 -20.55 28.73 -1.65
C GLY A 1 -20.01 28.82 -0.23
N SER A 2 -18.72 29.09 -0.13
CA SER A 2 -18.06 29.20 1.16
C SER A 2 -18.15 27.87 1.90
N SER A 3 -16.98 27.39 2.33
CA SER A 3 -16.90 26.13 3.05
C SER A 3 -15.72 26.15 4.01
N GLY A 4 -14.53 26.24 3.44
CA GLY A 4 -13.31 26.26 4.23
C GLY A 4 -12.23 25.41 3.59
N SER A 5 -11.09 25.33 4.28
CA SER A 5 -9.97 24.55 3.80
C SER A 5 -9.00 24.26 4.95
N SER A 6 -8.05 23.38 4.66
CA SER A 6 -7.05 23.02 5.66
C SER A 6 -5.78 22.51 4.96
N GLY A 7 -4.65 23.06 5.40
CA GLY A 7 -3.37 22.67 4.83
C GLY A 7 -2.41 22.21 5.93
N SER A 8 -1.18 21.91 5.51
CA SER A 8 -0.16 21.47 6.43
C SER A 8 1.21 21.47 5.75
N TRP A 9 2.23 21.16 6.53
CA TRP A 9 3.58 21.11 6.00
C TRP A 9 4.48 20.46 7.06
N ASN A 10 5.15 19.40 6.65
CA ASN A 10 6.04 18.68 7.55
C ASN A 10 6.41 17.34 6.93
N GLN A 11 7.13 16.54 7.71
CA GLN A 11 7.56 15.23 7.24
C GLN A 11 6.42 14.53 6.49
N ALA A 12 6.79 13.46 5.79
CA ALA A 12 5.81 12.70 5.04
C ALA A 12 5.91 11.22 5.41
N PRO A 13 4.78 10.50 5.22
CA PRO A 13 4.74 9.08 5.55
C PRO A 13 5.49 8.26 4.49
N LYS A 14 6.23 7.27 4.98
CA LYS A 14 7.00 6.41 4.11
C LYS A 14 6.46 4.97 4.21
N LEU A 15 6.56 4.26 3.10
CA LEU A 15 6.09 2.89 3.05
C LEU A 15 7.04 2.05 2.19
N HIS A 16 7.73 1.14 2.84
CA HIS A 16 8.67 0.27 2.14
C HIS A 16 7.92 -0.90 1.51
N TYR A 17 8.30 -1.22 0.28
CA TYR A 17 7.68 -2.31 -0.44
C TYR A 17 8.60 -2.87 -1.52
N CYS A 18 8.56 -4.17 -1.69
CA CYS A 18 9.39 -4.83 -2.69
C CYS A 18 8.48 -5.60 -3.64
N LEU A 19 8.30 -5.02 -4.83
CA LEU A 19 7.46 -5.64 -5.84
C LEU A 19 8.20 -6.82 -6.47
N ASP A 20 7.46 -7.90 -6.68
CA ASP A 20 8.03 -9.09 -7.27
C ASP A 20 6.92 -9.96 -7.85
N TYR A 21 6.90 -10.05 -9.17
CA TYR A 21 5.90 -10.84 -9.86
C TYR A 21 6.44 -12.21 -10.27
N ASP A 22 5.91 -13.25 -9.63
CA ASP A 22 6.35 -14.60 -9.91
C ASP A 22 5.48 -15.18 -11.04
N CYS A 23 5.90 -14.91 -12.26
CA CYS A 23 5.17 -15.39 -13.42
C CYS A 23 4.75 -16.84 -13.16
N GLN A 24 5.62 -17.55 -12.46
CA GLN A 24 5.36 -18.95 -12.13
C GLN A 24 4.03 -19.07 -11.38
N LYS A 25 3.87 -18.21 -10.38
CA LYS A 25 2.66 -18.21 -9.58
C LYS A 25 1.63 -17.27 -10.21
N ALA A 26 2.14 -16.36 -11.03
CA ALA A 26 1.28 -15.40 -11.70
C ALA A 26 0.59 -14.53 -10.66
N GLU A 27 1.34 -14.23 -9.60
CA GLU A 27 0.81 -13.41 -8.52
C GLU A 27 1.83 -12.34 -8.12
N LEU A 28 1.34 -11.12 -7.95
CA LEU A 28 2.19 -10.01 -7.57
C LEU A 28 2.48 -10.10 -6.07
N PHE A 29 3.70 -9.73 -5.72
CA PHE A 29 4.12 -9.75 -4.32
C PHE A 29 4.70 -8.40 -3.90
N VAL A 30 4.36 -8.01 -2.67
CA VAL A 30 4.83 -6.74 -2.14
C VAL A 30 5.51 -6.99 -0.79
N THR A 31 6.69 -7.58 -0.85
CA THR A 31 7.45 -7.87 0.35
C THR A 31 8.15 -6.61 0.87
N ARG A 32 8.97 -6.80 1.89
CA ARG A 32 9.69 -5.69 2.48
C ARG A 32 8.72 -4.57 2.89
N LEU A 33 7.76 -4.94 3.73
CA LEU A 33 6.77 -3.99 4.20
C LEU A 33 7.29 -3.28 5.45
N GLU A 34 7.47 -1.98 5.32
CA GLU A 34 7.97 -1.19 6.44
C GLU A 34 7.50 0.26 6.30
N ALA A 35 6.48 0.60 7.08
CA ALA A 35 5.93 1.95 7.06
C ALA A 35 6.77 2.86 7.96
N VAL A 36 7.01 4.07 7.48
CA VAL A 36 7.78 5.03 8.22
C VAL A 36 6.95 6.29 8.45
N THR A 37 6.02 6.18 9.38
CA THR A 37 5.15 7.30 9.70
C THR A 37 5.75 8.13 10.85
N SER A 38 6.43 9.19 10.47
CA SER A 38 7.07 10.07 11.44
C SER A 38 6.06 10.41 12.54
N ASN A 39 5.13 11.29 12.20
CA ASN A 39 4.12 11.72 13.16
C ASN A 39 2.86 10.87 12.96
N HIS A 40 2.32 10.40 14.07
CA HIS A 40 1.12 9.58 14.04
C HIS A 40 0.77 9.12 15.46
N ASP A 41 -0.45 9.44 15.85
CA ASP A 41 -0.92 9.07 17.17
C ASP A 41 -2.38 8.62 17.09
N GLY A 42 -2.67 7.53 17.76
CA GLY A 42 -4.02 6.98 17.77
C GLY A 42 -4.02 5.50 18.14
N GLY A 43 -5.22 4.97 18.35
CA GLY A 43 -5.36 3.57 18.71
C GLY A 43 -5.63 2.71 17.47
N CYS A 44 -6.01 1.47 17.73
CA CYS A 44 -6.30 0.54 16.65
C CYS A 44 -4.98 0.19 15.95
N ASP A 45 -4.84 -1.10 15.63
CA ASP A 45 -3.64 -1.57 14.97
C ASP A 45 -3.61 -1.07 13.53
N CYS A 46 -2.45 -1.19 12.90
CA CYS A 46 -2.28 -0.75 11.53
C CYS A 46 -1.86 -1.96 10.69
N TYR A 47 -2.06 -1.83 9.39
CA TYR A 47 -1.71 -2.89 8.46
C TYR A 47 -1.61 -2.37 7.03
N VAL A 48 -0.77 -3.03 6.25
CA VAL A 48 -0.59 -2.64 4.86
C VAL A 48 -1.57 -3.43 3.98
N GLN A 49 -2.03 -2.76 2.92
CA GLN A 49 -2.97 -3.38 2.00
C GLN A 49 -2.55 -3.12 0.56
N GLY A 50 -2.54 -4.18 -0.23
CA GLY A 50 -2.16 -4.06 -1.63
C GLY A 50 -3.31 -4.51 -2.54
N SER A 51 -3.77 -3.56 -3.35
CA SER A 51 -4.86 -3.84 -4.28
C SER A 51 -4.36 -3.74 -5.71
N VAL A 52 -4.79 -4.70 -6.53
CA VAL A 52 -4.39 -4.74 -7.92
C VAL A 52 -5.65 -4.72 -8.81
N ALA A 53 -5.54 -4.00 -9.91
CA ALA A 53 -6.65 -3.90 -10.85
C ALA A 53 -6.21 -4.42 -12.22
N ASN A 54 -6.55 -5.68 -12.47
CA ASN A 54 -6.21 -6.30 -13.73
C ASN A 54 -7.00 -5.65 -14.86
N ARG A 55 -6.60 -5.96 -16.08
CA ARG A 55 -7.27 -5.42 -17.25
C ARG A 55 -8.76 -5.20 -16.96
N THR A 56 -9.40 -6.26 -16.50
CA THR A 56 -10.81 -6.21 -16.19
C THR A 56 -11.09 -6.92 -14.85
N GLY A 57 -10.02 -7.13 -14.10
CA GLY A 57 -10.14 -7.79 -12.81
C GLY A 57 -9.53 -6.92 -11.70
N SER A 58 -9.69 -7.40 -10.48
CA SER A 58 -9.16 -6.68 -9.32
C SER A 58 -8.90 -7.67 -8.18
N VAL A 59 -7.89 -7.33 -7.39
CA VAL A 59 -7.51 -8.17 -6.25
C VAL A 59 -7.06 -7.28 -5.10
N GLU A 60 -7.05 -7.87 -3.91
CA GLU A 60 -6.63 -7.15 -2.72
C GLU A 60 -5.95 -8.10 -1.74
N ALA A 61 -5.14 -7.52 -0.86
CA ALA A 61 -4.42 -8.30 0.13
C ALA A 61 -3.94 -7.37 1.25
N GLN A 62 -3.60 -7.97 2.38
CA GLN A 62 -3.12 -7.21 3.52
C GLN A 62 -2.31 -8.12 4.45
N THR A 63 -1.57 -7.48 5.35
CA THR A 63 -0.75 -8.21 6.29
C THR A 63 -1.41 -8.23 7.67
N ALA A 64 -0.75 -8.89 8.61
CA ALA A 64 -1.26 -8.99 9.96
C ALA A 64 -1.18 -7.63 10.64
N LEU A 65 -2.19 -7.34 11.45
CA LEU A 65 -2.24 -6.07 12.15
C LEU A 65 -1.09 -6.00 13.15
N LYS A 66 -0.46 -4.83 13.20
CA LYS A 66 0.66 -4.62 14.09
C LYS A 66 0.41 -3.36 14.92
N LYS A 67 1.26 -3.19 15.93
CA LYS A 67 1.14 -2.02 16.81
C LYS A 67 1.68 -0.79 16.08
N ARG A 68 0.90 0.28 16.14
CA ARG A 68 1.28 1.52 15.50
C ARG A 68 2.57 2.07 16.13
N GLN A 69 3.67 1.84 15.43
CA GLN A 69 4.96 2.30 15.91
C GLN A 69 5.59 3.26 14.89
N LEU A 70 6.70 3.85 15.29
CA LEU A 70 7.41 4.78 14.42
C LEU A 70 7.95 4.04 13.21
N HIS A 71 8.01 2.72 13.34
CA HIS A 71 8.50 1.87 12.27
C HIS A 71 7.89 0.47 12.38
N THR A 72 6.82 0.27 11.64
CA THR A 72 6.13 -1.01 11.66
C THR A 72 6.60 -1.88 10.49
N THR A 73 6.89 -3.15 10.81
CA THR A 73 7.35 -4.09 9.81
C THR A 73 6.58 -5.41 9.93
N TRP A 74 6.51 -6.10 8.80
CA TRP A 74 5.81 -7.37 8.76
C TRP A 74 6.79 -8.44 8.27
N GLU A 75 6.35 -9.69 8.35
CA GLU A 75 7.18 -10.80 7.92
C GLU A 75 6.80 -11.23 6.49
N GLU A 76 5.50 -11.32 6.27
CA GLU A 76 4.98 -11.71 4.97
C GLU A 76 4.69 -10.48 4.11
N GLY A 77 4.47 -10.73 2.83
CA GLY A 77 4.18 -9.64 1.90
C GLY A 77 2.78 -9.78 1.33
N LEU A 78 2.36 -8.75 0.60
CA LEU A 78 1.05 -8.74 -0.01
C LEU A 78 1.08 -9.54 -1.30
N VAL A 79 0.19 -10.52 -1.38
CA VAL A 79 0.10 -11.38 -2.55
C VAL A 79 -1.20 -11.07 -3.30
N LEU A 80 -1.06 -10.86 -4.60
CA LEU A 80 -2.20 -10.56 -5.45
C LEU A 80 -2.08 -11.32 -6.76
N PRO A 81 -3.19 -12.01 -7.14
CA PRO A 81 -3.22 -12.77 -8.37
C PRO A 81 -3.33 -11.86 -9.59
N LEU A 82 -2.32 -11.93 -10.44
CA LEU A 82 -2.29 -11.12 -11.65
C LEU A 82 -1.63 -11.91 -12.78
N ALA A 83 -2.28 -11.91 -13.92
CA ALA A 83 -1.76 -12.61 -15.08
C ALA A 83 -0.66 -11.77 -15.73
N GLU A 84 0.25 -12.47 -16.41
CA GLU A 84 1.36 -11.81 -17.08
C GLU A 84 0.86 -11.05 -18.30
N GLU A 85 -0.34 -11.41 -18.74
CA GLU A 85 -0.94 -10.78 -19.90
C GLU A 85 -1.66 -9.50 -19.49
N GLU A 86 -1.73 -9.28 -18.18
CA GLU A 86 -2.37 -8.10 -17.64
C GLU A 86 -1.36 -7.21 -16.92
N LEU A 87 -0.15 -7.74 -16.80
CA LEU A 87 0.92 -7.00 -16.14
C LEU A 87 0.88 -5.54 -16.59
N PRO A 88 0.84 -5.35 -17.94
CA PRO A 88 0.80 -4.02 -18.51
C PRO A 88 -0.59 -3.40 -18.35
N THR A 89 -1.58 -4.27 -18.21
CA THR A 89 -2.95 -3.81 -18.05
C THR A 89 -3.40 -4.00 -16.60
N ALA A 90 -2.43 -3.95 -15.70
CA ALA A 90 -2.72 -4.11 -14.28
C ALA A 90 -1.79 -3.21 -13.48
N THR A 91 -2.30 -2.73 -12.35
CA THR A 91 -1.53 -1.86 -11.48
C THR A 91 -1.82 -2.18 -10.01
N LEU A 92 -0.83 -1.90 -9.18
CA LEU A 92 -0.96 -2.15 -7.76
C LEU A 92 -1.11 -0.82 -7.01
N THR A 93 -1.96 -0.84 -5.99
CA THR A 93 -2.21 0.36 -5.20
C THR A 93 -2.04 0.05 -3.71
N LEU A 94 -0.93 0.52 -3.16
CA LEU A 94 -0.65 0.30 -1.75
C LEU A 94 -1.48 1.27 -0.91
N THR A 95 -1.97 0.76 0.20
CA THR A 95 -2.79 1.55 1.10
C THR A 95 -2.58 1.12 2.55
N LEU A 96 -2.46 2.10 3.42
CA LEU A 96 -2.25 1.83 4.84
C LEU A 96 -3.53 2.17 5.60
N ARG A 97 -4.31 1.13 5.88
CA ARG A 97 -5.56 1.31 6.61
C ARG A 97 -5.35 1.00 8.09
N THR A 98 -6.24 1.56 8.91
CA THR A 98 -6.16 1.37 10.34
C THR A 98 -7.24 0.38 10.80
N CYS A 99 -6.89 -0.38 11.83
CA CYS A 99 -7.81 -1.37 12.37
C CYS A 99 -9.20 -0.74 12.44
N ASP A 100 -10.21 -1.61 12.41
CA ASP A 100 -11.59 -1.14 12.46
C ASP A 100 -11.74 -0.17 13.64
N ARG A 101 -11.89 1.10 13.29
CA ARG A 101 -12.05 2.14 14.29
C ARG A 101 -13.29 2.98 13.99
N PHE A 102 -13.28 3.58 12.81
CA PHE A 102 -14.39 4.41 12.38
C PHE A 102 -14.81 4.08 10.95
N SER A 103 -13.81 3.93 10.10
CA SER A 103 -14.05 3.62 8.70
C SER A 103 -14.63 4.84 7.98
N ARG A 104 -14.00 5.99 8.24
CA ARG A 104 -14.44 7.23 7.63
C ARG A 104 -13.82 7.38 6.24
N HIS A 105 -13.92 6.31 5.46
CA HIS A 105 -13.38 6.31 4.11
C HIS A 105 -11.92 6.75 4.15
N SER A 106 -11.29 6.73 2.98
CA SER A 106 -9.90 7.13 2.86
C SER A 106 -9.00 6.09 3.55
N VAL A 107 -7.70 6.35 3.49
CA VAL A 107 -6.73 5.47 4.11
C VAL A 107 -5.68 6.28 4.85
N ALA A 108 -4.89 5.59 5.66
CA ALA A 108 -3.85 6.25 6.43
C ALA A 108 -2.72 6.67 5.50
N GLY A 109 -2.80 6.20 4.25
CA GLY A 109 -1.80 6.52 3.26
C GLY A 109 -1.86 5.53 2.08
N GLU A 110 -1.79 6.10 0.88
CA GLU A 110 -1.83 5.30 -0.32
C GLU A 110 -0.51 5.41 -1.09
N LEU A 111 -0.09 4.27 -1.63
CA LEU A 111 1.16 4.22 -2.37
C LEU A 111 0.90 3.58 -3.74
N ARG A 112 0.98 4.40 -4.78
CA ARG A 112 0.76 3.93 -6.13
C ARG A 112 2.01 3.24 -6.66
N LEU A 113 1.79 2.19 -7.44
CA LEU A 113 2.89 1.44 -8.02
C LEU A 113 2.47 0.93 -9.40
N GLY A 114 3.44 0.34 -10.09
CA GLY A 114 3.19 -0.20 -11.42
C GLY A 114 3.79 -1.61 -11.57
N LEU A 115 3.07 -2.44 -12.29
CA LEU A 115 3.52 -3.81 -12.53
C LEU A 115 4.19 -3.90 -13.89
N ASP A 116 3.60 -3.18 -14.85
CA ASP A 116 4.14 -3.18 -16.20
C ASP A 116 5.65 -3.10 -16.15
N GLY A 117 6.15 -2.48 -15.08
CA GLY A 117 7.59 -2.34 -14.90
C GLY A 117 8.05 -0.92 -15.25
N THR A 118 7.22 0.04 -14.87
CA THR A 118 7.52 1.43 -15.15
C THR A 118 7.77 2.19 -13.84
N SER A 119 6.68 2.62 -13.22
CA SER A 119 6.77 3.34 -11.96
C SER A 119 7.87 2.75 -11.09
N VAL A 120 7.62 1.53 -10.63
CA VAL A 120 8.58 0.83 -9.79
C VAL A 120 8.95 -0.51 -10.43
N PRO A 121 10.27 -0.83 -10.38
CA PRO A 121 10.75 -2.07 -10.95
C PRO A 121 10.40 -3.27 -10.05
N LEU A 122 10.65 -4.45 -10.58
CA LEU A 122 10.36 -5.68 -9.84
C LEU A 122 11.64 -6.17 -9.16
N GLY A 123 11.45 -6.94 -8.10
CA GLY A 123 12.58 -7.47 -7.36
C GLY A 123 13.52 -6.36 -6.90
N ALA A 124 12.99 -5.15 -6.89
CA ALA A 124 13.77 -4.00 -6.47
C ALA A 124 13.00 -3.23 -5.40
N ALA A 125 13.41 -3.42 -4.16
CA ALA A 125 12.77 -2.76 -3.04
C ALA A 125 13.02 -1.25 -3.15
N GLN A 126 11.97 -0.50 -2.84
CA GLN A 126 12.05 0.96 -2.89
C GLN A 126 11.42 1.57 -1.64
N TRP A 127 11.64 2.87 -1.48
CA TRP A 127 11.11 3.59 -0.34
C TRP A 127 10.17 4.68 -0.86
N GLY A 128 8.90 4.31 -1.01
CA GLY A 128 7.91 5.24 -1.49
C GLY A 128 7.26 6.00 -0.33
N GLU A 129 6.64 7.13 -0.68
CA GLU A 129 5.98 7.95 0.32
C GLU A 129 4.46 7.87 0.15
N LEU A 130 3.80 7.53 1.25
CA LEU A 130 2.36 7.42 1.24
C LEU A 130 1.74 8.74 0.78
N LYS A 131 0.81 8.63 -0.17
CA LYS A 131 0.15 9.80 -0.71
C LYS A 131 -1.14 10.04 0.07
N THR A 132 -0.99 10.20 1.37
CA THR A 132 -2.14 10.45 2.23
C THR A 132 -3.14 11.37 1.55
N SER A 133 -4.15 10.75 0.96
CA SER A 133 -5.18 11.52 0.26
C SER A 133 -6.27 10.58 -0.25
N GLY A 134 -7.51 10.96 -0.03
CA GLY A 134 -8.64 10.17 -0.45
C GLY A 134 -9.92 11.00 -0.51
N PRO A 135 -10.90 10.52 -1.32
CA PRO A 135 -12.16 11.22 -1.48
C PRO A 135 -13.04 11.02 -0.24
N SER A 136 -12.50 11.40 0.91
CA SER A 136 -13.23 11.26 2.15
C SER A 136 -14.68 11.71 1.97
N SER A 137 -15.57 11.02 2.68
CA SER A 137 -16.98 11.34 2.59
C SER A 137 -17.75 10.54 3.64
N GLY A 138 -18.92 11.06 4.00
CA GLY A 138 -19.75 10.41 4.99
C GLY A 138 -20.98 11.28 5.33
N GLY A 1 -24.88 14.80 11.40
CA GLY A 1 -23.70 15.21 10.66
C GLY A 1 -22.42 14.68 11.32
N SER A 2 -21.29 15.07 10.74
CA SER A 2 -20.01 14.64 11.26
C SER A 2 -18.92 15.65 10.87
N SER A 3 -17.79 15.53 11.53
CA SER A 3 -16.66 16.41 11.28
C SER A 3 -15.39 15.86 11.91
N GLY A 4 -14.27 16.47 11.55
CA GLY A 4 -12.98 16.04 12.07
C GLY A 4 -11.96 17.17 11.97
N SER A 5 -10.70 16.79 12.21
CA SER A 5 -9.61 17.76 12.15
C SER A 5 -8.27 17.04 12.29
N SER A 6 -7.23 17.72 11.82
CA SER A 6 -5.89 17.16 11.89
C SER A 6 -4.87 18.18 11.39
N GLY A 7 -3.61 17.95 11.76
CA GLY A 7 -2.55 18.85 11.37
C GLY A 7 -1.19 18.35 11.88
N SER A 8 -0.16 18.63 11.11
CA SER A 8 1.18 18.21 11.48
C SER A 8 2.20 18.78 10.48
N TRP A 9 3.47 18.69 10.86
CA TRP A 9 4.53 19.18 10.00
C TRP A 9 5.87 18.75 10.62
N ASN A 10 6.50 17.79 9.97
CA ASN A 10 7.78 17.27 10.44
C ASN A 10 8.36 16.34 9.39
N GLN A 11 7.57 15.34 9.02
CA GLN A 11 8.00 14.37 8.02
C GLN A 11 6.79 13.80 7.28
N ALA A 12 7.07 13.13 6.18
CA ALA A 12 6.02 12.52 5.37
C ALA A 12 5.96 11.03 5.67
N PRO A 13 4.77 10.43 5.37
CA PRO A 13 4.56 9.02 5.59
C PRO A 13 5.28 8.18 4.53
N LYS A 14 6.07 7.23 5.02
CA LYS A 14 6.82 6.35 4.14
C LYS A 14 6.28 4.93 4.25
N LEU A 15 6.31 4.22 3.13
CA LEU A 15 5.83 2.86 3.09
C LEU A 15 6.78 2.01 2.23
N HIS A 16 7.45 1.08 2.89
CA HIS A 16 8.38 0.20 2.20
C HIS A 16 7.62 -0.99 1.61
N TYR A 17 8.00 -1.32 0.38
CA TYR A 17 7.36 -2.44 -0.32
C TYR A 17 8.27 -2.98 -1.42
N CYS A 18 8.37 -4.30 -1.47
CA CYS A 18 9.21 -4.95 -2.47
C CYS A 18 8.28 -5.66 -3.47
N LEU A 19 8.29 -5.17 -4.69
CA LEU A 19 7.47 -5.75 -5.74
C LEU A 19 8.24 -6.86 -6.44
N ASP A 20 7.55 -7.95 -6.70
CA ASP A 20 8.16 -9.09 -7.37
C ASP A 20 7.06 -9.97 -8.00
N TYR A 21 7.05 -9.97 -9.32
CA TYR A 21 6.06 -10.75 -10.05
C TYR A 21 6.64 -12.10 -10.47
N ASP A 22 5.97 -13.16 -10.06
CA ASP A 22 6.40 -14.51 -10.41
C ASP A 22 5.57 -15.03 -11.58
N CYS A 23 6.02 -14.70 -12.77
CA CYS A 23 5.33 -15.13 -13.99
C CYS A 23 4.93 -16.60 -13.82
N GLN A 24 5.80 -17.34 -13.14
CA GLN A 24 5.56 -18.75 -12.90
C GLN A 24 4.24 -18.94 -12.15
N LYS A 25 4.06 -18.12 -11.13
CA LYS A 25 2.85 -18.19 -10.32
C LYS A 25 1.86 -17.12 -10.79
N ALA A 26 2.27 -16.39 -11.83
CA ALA A 26 1.45 -15.34 -12.38
C ALA A 26 0.77 -14.57 -11.24
N GLU A 27 1.49 -14.47 -10.14
CA GLU A 27 0.97 -13.77 -8.97
C GLU A 27 1.99 -12.75 -8.47
N LEU A 28 1.50 -11.54 -8.25
CA LEU A 28 2.35 -10.46 -7.78
C LEU A 28 2.67 -10.69 -6.30
N PHE A 29 3.68 -9.97 -5.83
CA PHE A 29 4.10 -10.08 -4.44
C PHE A 29 4.57 -8.73 -3.90
N VAL A 30 4.18 -8.45 -2.67
CA VAL A 30 4.55 -7.20 -2.02
C VAL A 30 5.05 -7.49 -0.61
N THR A 31 6.31 -7.89 -0.53
CA THR A 31 6.90 -8.20 0.76
C THR A 31 7.68 -6.99 1.29
N ARG A 32 8.62 -7.27 2.19
CA ARG A 32 9.42 -6.22 2.78
C ARG A 32 8.56 -5.03 3.16
N LEU A 33 7.59 -5.29 4.02
CA LEU A 33 6.68 -4.25 4.47
C LEU A 33 7.30 -3.52 5.66
N GLU A 34 7.42 -2.21 5.52
CA GLU A 34 8.00 -1.39 6.56
C GLU A 34 7.53 0.06 6.42
N ALA A 35 6.52 0.40 7.19
CA ALA A 35 5.96 1.75 7.16
C ALA A 35 6.89 2.69 7.94
N VAL A 36 6.84 3.96 7.56
CA VAL A 36 7.66 4.97 8.21
C VAL A 36 6.87 6.27 8.34
N THR A 37 5.78 6.19 9.10
CA THR A 37 4.93 7.35 9.31
C THR A 37 5.62 8.35 10.24
N SER A 38 5.97 7.87 11.42
CA SER A 38 6.64 8.71 12.40
C SER A 38 5.79 9.96 12.67
N ASN A 39 4.68 9.74 13.36
CA ASN A 39 3.78 10.83 13.69
C ASN A 39 2.94 10.45 14.91
N HIS A 40 2.25 11.43 15.46
CA HIS A 40 1.41 11.21 16.62
C HIS A 40 0.11 10.55 16.20
N ASP A 41 -0.43 9.72 17.10
CA ASP A 41 -1.67 9.02 16.82
C ASP A 41 -2.17 8.36 18.10
N GLY A 42 -3.38 7.82 18.02
CA GLY A 42 -3.98 7.16 19.16
C GLY A 42 -3.85 5.65 19.06
N GLY A 43 -2.64 5.16 19.30
CA GLY A 43 -2.37 3.74 19.23
C GLY A 43 -3.06 3.11 18.02
N CYS A 44 -3.95 2.17 18.29
CA CYS A 44 -4.68 1.49 17.23
C CYS A 44 -3.68 0.67 16.41
N ASP A 45 -4.16 -0.45 15.90
CA ASP A 45 -3.32 -1.33 15.11
C ASP A 45 -3.48 -0.98 13.63
N CYS A 46 -2.35 -0.84 12.95
CA CYS A 46 -2.36 -0.50 11.54
C CYS A 46 -1.88 -1.73 10.75
N TYR A 47 -2.21 -1.73 9.47
CA TYR A 47 -1.82 -2.83 8.60
C TYR A 47 -1.69 -2.37 7.15
N VAL A 48 -0.93 -3.13 6.38
CA VAL A 48 -0.72 -2.81 4.98
C VAL A 48 -1.79 -3.51 4.14
N GLN A 49 -2.14 -2.85 3.03
CA GLN A 49 -3.15 -3.40 2.13
C GLN A 49 -2.72 -3.19 0.68
N GLY A 50 -2.73 -4.28 -0.07
CA GLY A 50 -2.35 -4.24 -1.46
C GLY A 50 -3.51 -4.67 -2.36
N SER A 51 -3.86 -3.78 -3.28
CA SER A 51 -4.96 -4.04 -4.20
C SER A 51 -4.48 -3.86 -5.64
N VAL A 52 -5.00 -4.71 -6.52
CA VAL A 52 -4.64 -4.65 -7.92
C VAL A 52 -5.90 -4.64 -8.77
N ALA A 53 -5.80 -4.00 -9.93
CA ALA A 53 -6.92 -3.90 -10.84
C ALA A 53 -6.49 -4.35 -12.24
N ASN A 54 -7.04 -5.48 -12.65
CA ASN A 54 -6.71 -6.02 -13.97
C ASN A 54 -7.96 -5.98 -14.85
N ARG A 55 -7.72 -5.93 -16.15
CA ARG A 55 -8.80 -5.87 -17.11
C ARG A 55 -9.84 -6.97 -16.81
N THR A 56 -9.37 -7.99 -16.11
CA THR A 56 -10.24 -9.10 -15.74
C THR A 56 -11.08 -8.73 -14.52
N GLY A 57 -10.47 -7.95 -13.63
CA GLY A 57 -11.15 -7.53 -12.42
C GLY A 57 -10.20 -6.78 -11.49
N SER A 58 -10.23 -7.17 -10.22
CA SER A 58 -9.37 -6.54 -9.23
C SER A 58 -9.14 -7.51 -8.06
N VAL A 59 -8.10 -7.21 -7.29
CA VAL A 59 -7.77 -8.04 -6.14
C VAL A 59 -7.44 -7.14 -4.95
N GLU A 60 -7.34 -7.77 -3.78
CA GLU A 60 -7.04 -7.04 -2.56
C GLU A 60 -6.36 -7.96 -1.55
N ALA A 61 -5.48 -7.37 -0.76
CA ALA A 61 -4.76 -8.13 0.26
C ALA A 61 -4.22 -7.17 1.31
N GLN A 62 -3.76 -7.75 2.42
CA GLN A 62 -3.22 -6.96 3.51
C GLN A 62 -2.39 -7.84 4.44
N THR A 63 -1.65 -7.19 5.32
CA THR A 63 -0.81 -7.90 6.26
C THR A 63 -1.51 -8.01 7.62
N ALA A 64 -0.82 -8.64 8.56
CA ALA A 64 -1.36 -8.82 9.90
C ALA A 64 -1.22 -7.52 10.69
N LEU A 65 -2.29 -7.16 11.38
CA LEU A 65 -2.30 -5.95 12.17
C LEU A 65 -0.95 -5.80 12.88
N LYS A 66 -0.66 -4.57 13.27
CA LYS A 66 0.59 -4.28 13.95
C LYS A 66 0.36 -3.17 14.98
N LYS A 67 1.41 -2.86 15.71
CA LYS A 67 1.34 -1.82 16.73
C LYS A 67 2.03 -0.55 16.22
N ARG A 68 1.21 0.47 15.99
CA ARG A 68 1.72 1.74 15.49
C ARG A 68 3.07 2.06 16.14
N GLN A 69 4.06 2.28 15.29
CA GLN A 69 5.40 2.59 15.76
C GLN A 69 6.07 3.59 14.82
N LEU A 70 7.25 4.05 15.24
CA LEU A 70 8.00 5.01 14.44
C LEU A 70 8.57 4.30 13.21
N HIS A 71 8.39 2.99 13.19
CA HIS A 71 8.89 2.19 12.08
C HIS A 71 8.42 0.75 12.24
N THR A 72 7.16 0.52 11.89
CA THR A 72 6.58 -0.81 11.98
C THR A 72 7.12 -1.70 10.86
N THR A 73 7.12 -3.00 11.14
CA THR A 73 7.59 -3.97 10.16
C THR A 73 6.72 -5.23 10.19
N TRP A 74 6.82 -6.00 9.13
CA TRP A 74 6.05 -7.23 9.02
C TRP A 74 7.01 -8.36 8.67
N GLU A 75 6.59 -9.57 9.02
CA GLU A 75 7.41 -10.75 8.75
C GLU A 75 6.83 -11.53 7.57
N GLU A 76 6.03 -10.85 6.77
CA GLU A 76 5.41 -11.47 5.61
C GLU A 76 5.28 -10.45 4.47
N GLY A 77 4.50 -10.83 3.48
CA GLY A 77 4.28 -9.96 2.33
C GLY A 77 2.93 -10.25 1.67
N LEU A 78 2.55 -9.36 0.77
CA LEU A 78 1.28 -9.50 0.06
C LEU A 78 1.54 -10.15 -1.30
N VAL A 79 0.46 -10.56 -1.94
CA VAL A 79 0.55 -11.19 -3.25
C VAL A 79 -0.82 -11.15 -3.93
N LEU A 80 -0.88 -10.41 -5.03
CA LEU A 80 -2.11 -10.28 -5.79
C LEU A 80 -1.98 -11.02 -7.11
N PRO A 81 -3.11 -11.66 -7.52
CA PRO A 81 -3.12 -12.41 -8.78
C PRO A 81 -3.18 -11.47 -9.98
N LEU A 82 -2.24 -11.69 -10.89
CA LEU A 82 -2.16 -10.88 -12.10
C LEU A 82 -1.41 -11.64 -13.18
N ALA A 83 -1.94 -11.56 -14.39
CA ALA A 83 -1.33 -12.24 -15.52
C ALA A 83 -0.24 -11.35 -16.12
N GLU A 84 0.71 -11.99 -16.79
CA GLU A 84 1.80 -11.28 -17.41
C GLU A 84 1.31 -10.50 -18.63
N GLU A 85 0.14 -10.89 -19.10
CA GLU A 85 -0.46 -10.25 -20.26
C GLU A 85 -1.30 -9.04 -19.83
N GLU A 86 -1.39 -8.87 -18.52
CA GLU A 86 -2.15 -7.76 -17.96
C GLU A 86 -1.25 -6.85 -17.13
N LEU A 87 0.00 -7.29 -16.98
CA LEU A 87 0.97 -6.53 -16.21
C LEU A 87 0.85 -5.05 -16.56
N PRO A 88 0.85 -4.77 -17.89
CA PRO A 88 0.74 -3.41 -18.38
C PRO A 88 -0.69 -2.90 -18.25
N THR A 89 -1.62 -3.84 -18.20
CA THR A 89 -3.03 -3.50 -18.08
C THR A 89 -3.50 -3.70 -16.65
N ALA A 90 -2.57 -3.58 -15.72
CA ALA A 90 -2.87 -3.74 -14.31
C ALA A 90 -2.04 -2.75 -13.49
N THR A 91 -2.57 -2.41 -12.33
CA THR A 91 -1.89 -1.47 -11.44
C THR A 91 -2.02 -1.92 -9.98
N LEU A 92 -0.97 -1.68 -9.22
CA LEU A 92 -0.96 -2.06 -7.82
C LEU A 92 -1.03 -0.80 -6.97
N THR A 93 -2.09 -0.74 -6.16
CA THR A 93 -2.29 0.41 -5.28
C THR A 93 -2.33 -0.03 -3.83
N LEU A 94 -1.33 0.41 -3.07
CA LEU A 94 -1.25 0.06 -1.66
C LEU A 94 -1.99 1.12 -0.84
N THR A 95 -2.58 0.66 0.26
CA THR A 95 -3.33 1.54 1.13
C THR A 95 -3.08 1.17 2.60
N LEU A 96 -2.62 2.16 3.36
CA LEU A 96 -2.34 1.95 4.77
C LEU A 96 -3.56 2.36 5.59
N ARG A 97 -4.36 1.37 5.95
CA ARG A 97 -5.56 1.61 6.74
C ARG A 97 -5.25 1.45 8.23
N THR A 98 -6.19 1.90 9.05
CA THR A 98 -6.03 1.82 10.49
C THR A 98 -7.19 1.03 11.10
N CYS A 99 -6.88 0.31 12.17
CA CYS A 99 -7.88 -0.49 12.87
C CYS A 99 -8.77 0.46 13.66
N ASP A 100 -9.84 0.92 13.01
CA ASP A 100 -10.77 1.82 13.65
C ASP A 100 -12.20 1.29 13.47
N ARG A 101 -13.10 1.81 14.28
CA ARG A 101 -14.50 1.40 14.21
C ARG A 101 -15.04 1.58 12.80
N PHE A 102 -15.10 2.84 12.38
CA PHE A 102 -15.60 3.17 11.06
C PHE A 102 -14.50 3.79 10.20
N SER A 103 -13.68 4.61 10.85
CA SER A 103 -12.59 5.28 10.15
C SER A 103 -13.10 5.92 8.87
N ARG A 104 -14.27 6.54 8.96
CA ARG A 104 -14.88 7.18 7.82
C ARG A 104 -13.80 7.85 6.95
N HIS A 105 -12.86 8.50 7.63
CA HIS A 105 -11.78 9.18 6.95
C HIS A 105 -11.12 8.22 5.95
N SER A 106 -10.40 8.80 5.01
CA SER A 106 -9.71 8.01 3.99
C SER A 106 -8.66 7.11 4.66
N VAL A 107 -7.86 6.49 3.81
CA VAL A 107 -6.82 5.60 4.30
C VAL A 107 -5.71 6.43 4.97
N ALA A 108 -4.90 5.74 5.75
CA ALA A 108 -3.80 6.39 6.45
C ALA A 108 -2.73 6.79 5.44
N GLY A 109 -2.86 6.27 4.24
CA GLY A 109 -1.91 6.57 3.18
C GLY A 109 -2.01 5.54 2.05
N GLU A 110 -1.99 6.05 0.83
CA GLU A 110 -2.08 5.20 -0.34
C GLU A 110 -0.78 5.28 -1.16
N LEU A 111 -0.25 4.10 -1.48
CA LEU A 111 0.98 4.03 -2.25
C LEU A 111 0.70 3.34 -3.58
N ARG A 112 0.70 4.14 -4.64
CA ARG A 112 0.45 3.61 -5.97
C ARG A 112 1.74 3.03 -6.57
N LEU A 113 1.57 1.98 -7.35
CA LEU A 113 2.70 1.33 -7.99
C LEU A 113 2.26 0.75 -9.33
N GLY A 114 3.24 0.26 -10.07
CA GLY A 114 2.96 -0.33 -11.37
C GLY A 114 3.63 -1.70 -11.51
N LEU A 115 3.11 -2.49 -12.43
CA LEU A 115 3.64 -3.83 -12.66
C LEU A 115 4.11 -3.93 -14.12
N ASP A 116 4.21 -2.78 -14.76
CA ASP A 116 4.64 -2.73 -16.15
C ASP A 116 6.17 -2.64 -16.19
N GLY A 117 6.77 -2.68 -15.01
CA GLY A 117 8.22 -2.61 -14.90
C GLY A 117 8.72 -1.21 -15.26
N THR A 118 7.88 -0.23 -14.99
CA THR A 118 8.22 1.16 -15.28
C THR A 118 8.38 1.95 -13.98
N SER A 119 7.24 2.38 -13.45
CA SER A 119 7.25 3.16 -12.22
C SER A 119 8.25 2.55 -11.23
N VAL A 120 7.98 1.32 -10.83
CA VAL A 120 8.85 0.63 -9.89
C VAL A 120 9.27 -0.72 -10.50
N PRO A 121 10.58 -1.04 -10.33
CA PRO A 121 11.11 -2.29 -10.85
C PRO A 121 10.68 -3.46 -9.98
N LEU A 122 10.98 -4.66 -10.47
CA LEU A 122 10.63 -5.87 -9.76
C LEU A 122 11.84 -6.38 -8.98
N GLY A 123 11.57 -7.14 -7.94
CA GLY A 123 12.64 -7.69 -7.11
C GLY A 123 13.58 -6.59 -6.64
N ALA A 124 13.03 -5.39 -6.53
CA ALA A 124 13.81 -4.24 -6.10
C ALA A 124 13.09 -3.55 -4.94
N ALA A 125 13.69 -3.64 -3.77
CA ALA A 125 13.12 -3.03 -2.57
C ALA A 125 13.35 -1.53 -2.62
N GLN A 126 12.25 -0.79 -2.63
CA GLN A 126 12.32 0.66 -2.67
C GLN A 126 11.31 1.27 -1.69
N TRP A 127 11.65 2.45 -1.18
CA TRP A 127 10.79 3.14 -0.24
C TRP A 127 9.94 4.13 -1.03
N GLY A 128 8.67 4.22 -0.65
CA GLY A 128 7.75 5.12 -1.30
C GLY A 128 6.96 5.93 -0.28
N GLU A 129 6.62 7.16 -0.67
CA GLU A 129 5.86 8.04 0.19
C GLU A 129 4.36 7.82 0.00
N LEU A 130 3.66 7.68 1.12
CA LEU A 130 2.23 7.47 1.09
C LEU A 130 1.55 8.70 0.47
N LYS A 131 0.58 8.42 -0.39
CA LYS A 131 -0.15 9.49 -1.06
C LYS A 131 -1.43 9.80 -0.27
N THR A 132 -1.26 10.01 1.02
CA THR A 132 -2.38 10.31 1.89
C THR A 132 -3.39 11.21 1.18
N SER A 133 -4.47 10.60 0.72
CA SER A 133 -5.50 11.33 0.02
C SER A 133 -6.57 11.82 1.01
N GLY A 134 -6.82 13.12 0.96
CA GLY A 134 -7.79 13.72 1.85
C GLY A 134 -8.73 14.66 1.08
N PRO A 135 -9.94 14.88 1.66
CA PRO A 135 -10.93 15.74 1.04
C PRO A 135 -10.54 17.22 1.21
N SER A 136 -10.11 17.55 2.42
CA SER A 136 -9.72 18.91 2.72
C SER A 136 -10.92 19.85 2.57
N SER A 137 -11.60 20.06 3.70
CA SER A 137 -12.77 20.92 3.71
C SER A 137 -12.49 22.19 2.89
N GLY A 138 -13.57 22.85 2.50
CA GLY A 138 -13.45 24.07 1.71
C GLY A 138 -14.41 24.05 0.52
N GLY A 1 -15.12 19.71 -7.07
CA GLY A 1 -14.57 20.98 -6.64
C GLY A 1 -14.21 20.95 -5.15
N SER A 2 -13.05 21.49 -4.85
CA SER A 2 -12.58 21.53 -3.47
C SER A 2 -13.00 22.86 -2.82
N SER A 3 -12.79 22.93 -1.51
CA SER A 3 -13.14 24.12 -0.76
C SER A 3 -12.13 24.35 0.36
N GLY A 4 -11.99 23.34 1.21
CA GLY A 4 -11.07 23.41 2.33
C GLY A 4 -9.62 23.32 1.84
N SER A 5 -8.71 23.60 2.76
CA SER A 5 -7.29 23.54 2.44
C SER A 5 -6.49 23.21 3.70
N SER A 6 -5.26 22.77 3.49
CA SER A 6 -4.39 22.41 4.59
C SER A 6 -2.99 22.04 4.06
N GLY A 7 -2.02 22.09 4.96
CA GLY A 7 -0.65 21.77 4.59
C GLY A 7 0.27 21.88 5.81
N SER A 8 1.51 22.27 5.53
CA SER A 8 2.50 22.41 6.58
C SER A 8 2.81 21.04 7.21
N TRP A 9 4.08 20.69 7.18
CA TRP A 9 4.52 19.43 7.74
C TRP A 9 6.05 19.37 7.66
N ASN A 10 6.62 18.47 8.45
CA ASN A 10 8.07 18.31 8.46
C ASN A 10 8.44 16.99 7.79
N GLN A 11 7.99 15.91 8.40
CA GLN A 11 8.26 14.58 7.86
C GLN A 11 7.10 14.11 6.99
N ALA A 12 7.29 12.94 6.39
CA ALA A 12 6.27 12.36 5.53
C ALA A 12 6.17 10.86 5.78
N PRO A 13 4.97 10.30 5.50
CA PRO A 13 4.74 8.88 5.70
C PRO A 13 5.42 8.06 4.59
N LYS A 14 6.20 7.08 5.03
CA LYS A 14 6.92 6.22 4.10
C LYS A 14 6.36 4.80 4.21
N LEU A 15 6.40 4.10 3.08
CA LEU A 15 5.91 2.73 3.04
C LEU A 15 6.87 1.88 2.20
N HIS A 16 7.63 1.05 2.89
CA HIS A 16 8.59 0.18 2.22
C HIS A 16 7.85 -1.00 1.58
N TYR A 17 8.29 -1.36 0.40
CA TYR A 17 7.68 -2.46 -0.34
C TYR A 17 8.64 -3.01 -1.41
N CYS A 18 8.60 -4.32 -1.56
CA CYS A 18 9.45 -4.98 -2.54
C CYS A 18 8.56 -5.74 -3.52
N LEU A 19 8.32 -5.12 -4.67
CA LEU A 19 7.49 -5.72 -5.69
C LEU A 19 8.27 -6.85 -6.37
N ASP A 20 7.57 -7.95 -6.61
CA ASP A 20 8.18 -9.11 -7.26
C ASP A 20 7.08 -9.98 -7.86
N TYR A 21 7.07 -10.02 -9.19
CA TYR A 21 6.09 -10.81 -9.90
C TYR A 21 6.67 -12.17 -10.32
N ASP A 22 6.00 -13.22 -9.88
CA ASP A 22 6.43 -14.57 -10.20
C ASP A 22 5.59 -15.12 -11.36
N CYS A 23 6.05 -14.81 -12.56
CA CYS A 23 5.35 -15.25 -13.77
C CYS A 23 4.95 -16.72 -13.56
N GLN A 24 5.83 -17.45 -12.89
CA GLN A 24 5.58 -18.86 -12.63
C GLN A 24 4.27 -19.03 -11.86
N LYS A 25 4.10 -18.21 -10.85
CA LYS A 25 2.90 -18.25 -10.03
C LYS A 25 1.92 -17.18 -10.51
N ALA A 26 2.31 -16.50 -11.58
CA ALA A 26 1.47 -15.46 -12.14
C ALA A 26 0.82 -14.66 -11.01
N GLU A 27 1.53 -14.57 -9.90
CA GLU A 27 1.04 -13.84 -8.75
C GLU A 27 2.08 -12.82 -8.28
N LEU A 28 1.61 -11.58 -8.12
CA LEU A 28 2.48 -10.51 -7.68
C LEU A 28 2.78 -10.67 -6.19
N PHE A 29 3.80 -9.96 -5.74
CA PHE A 29 4.20 -10.02 -4.35
C PHE A 29 4.71 -8.65 -3.86
N VAL A 30 4.33 -8.33 -2.64
CA VAL A 30 4.73 -7.06 -2.05
C VAL A 30 5.37 -7.32 -0.68
N THR A 31 6.59 -7.84 -0.72
CA THR A 31 7.31 -8.14 0.51
C THR A 31 8.11 -6.92 0.96
N ARG A 32 8.81 -7.09 2.07
CA ARG A 32 9.62 -6.02 2.63
C ARG A 32 8.74 -4.82 3.01
N LEU A 33 7.71 -5.11 3.79
CA LEU A 33 6.78 -4.09 4.22
C LEU A 33 7.32 -3.42 5.49
N GLU A 34 7.57 -2.12 5.38
CA GLU A 34 8.10 -1.36 6.50
C GLU A 34 7.55 0.07 6.47
N ALA A 35 6.42 0.26 7.14
CA ALA A 35 5.79 1.56 7.20
C ALA A 35 6.68 2.51 8.01
N VAL A 36 6.93 3.68 7.43
CA VAL A 36 7.75 4.68 8.09
C VAL A 36 6.94 5.97 8.26
N THR A 37 6.10 5.97 9.28
CA THR A 37 5.28 7.13 9.57
C THR A 37 5.78 7.87 10.80
N SER A 38 5.70 7.18 11.93
CA SER A 38 6.16 7.76 13.20
C SER A 38 5.09 8.70 13.75
N ASN A 39 4.24 8.14 14.59
CA ASN A 39 3.18 8.91 15.21
C ASN A 39 2.38 8.02 16.17
N HIS A 40 1.73 8.66 17.11
CA HIS A 40 0.94 7.94 18.10
C HIS A 40 -0.34 8.73 18.42
N ASP A 41 -1.13 8.95 17.38
CA ASP A 41 -2.37 9.68 17.54
C ASP A 41 -3.55 8.73 17.33
N GLY A 42 -3.51 8.02 16.21
CA GLY A 42 -4.57 7.08 15.89
C GLY A 42 -4.79 6.09 17.04
N GLY A 43 -3.73 5.34 17.34
CA GLY A 43 -3.80 4.36 18.41
C GLY A 43 -4.15 2.98 17.86
N CYS A 44 -5.24 2.96 17.09
CA CYS A 44 -5.70 1.71 16.50
C CYS A 44 -4.51 1.03 15.81
N ASP A 45 -4.74 -0.20 15.37
CA ASP A 45 -3.71 -0.97 14.71
C ASP A 45 -3.64 -0.55 13.23
N CYS A 46 -2.42 -0.47 12.73
CA CYS A 46 -2.21 -0.08 11.35
C CYS A 46 -1.74 -1.31 10.57
N TYR A 47 -2.23 -1.42 9.35
CA TYR A 47 -1.88 -2.55 8.49
C TYR A 47 -1.78 -2.11 7.03
N VAL A 48 -0.96 -2.84 6.29
CA VAL A 48 -0.75 -2.54 4.89
C VAL A 48 -1.76 -3.35 4.04
N GLN A 49 -2.21 -2.73 2.97
CA GLN A 49 -3.17 -3.37 2.09
C GLN A 49 -2.75 -3.17 0.62
N GLY A 50 -2.69 -4.28 -0.09
CA GLY A 50 -2.30 -4.25 -1.49
C GLY A 50 -3.46 -4.70 -2.39
N SER A 51 -3.86 -3.81 -3.29
CA SER A 51 -4.94 -4.10 -4.20
C SER A 51 -4.49 -3.89 -5.64
N VAL A 52 -4.99 -4.74 -6.52
CA VAL A 52 -4.65 -4.66 -7.93
C VAL A 52 -5.92 -4.65 -8.77
N ALA A 53 -5.80 -4.09 -9.96
CA ALA A 53 -6.94 -4.00 -10.87
C ALA A 53 -6.50 -4.47 -12.27
N ASN A 54 -7.04 -5.61 -12.67
CA ASN A 54 -6.72 -6.17 -13.98
C ASN A 54 -7.97 -6.15 -14.85
N ARG A 55 -7.75 -6.09 -16.15
CA ARG A 55 -8.84 -6.07 -17.11
C ARG A 55 -9.84 -7.19 -16.79
N THR A 56 -9.35 -8.19 -16.08
CA THR A 56 -10.19 -9.32 -15.72
C THR A 56 -11.03 -8.98 -14.48
N GLY A 57 -10.44 -8.16 -13.61
CA GLY A 57 -11.12 -7.75 -12.40
C GLY A 57 -10.17 -7.00 -11.47
N SER A 58 -10.28 -7.30 -10.18
CA SER A 58 -9.44 -6.66 -9.18
C SER A 58 -9.21 -7.61 -8.01
N VAL A 59 -8.08 -7.40 -7.34
CA VAL A 59 -7.72 -8.23 -6.20
C VAL A 59 -7.37 -7.33 -5.02
N GLU A 60 -7.35 -7.94 -3.84
CA GLU A 60 -7.03 -7.21 -2.63
C GLU A 60 -6.37 -8.14 -1.60
N ALA A 61 -5.55 -7.55 -0.76
CA ALA A 61 -4.85 -8.31 0.27
C ALA A 61 -4.30 -7.35 1.32
N GLN A 62 -3.90 -7.93 2.45
CA GLN A 62 -3.36 -7.14 3.54
C GLN A 62 -2.60 -8.03 4.51
N THR A 63 -1.90 -7.39 5.45
CA THR A 63 -1.13 -8.12 6.44
C THR A 63 -1.83 -8.07 7.80
N ALA A 64 -1.26 -8.80 8.75
CA ALA A 64 -1.82 -8.86 10.09
C ALA A 64 -1.56 -7.52 10.80
N LEU A 65 -2.60 -7.02 11.45
CA LEU A 65 -2.51 -5.76 12.16
C LEU A 65 -1.17 -5.70 12.90
N LYS A 66 -0.70 -4.49 13.12
CA LYS A 66 0.56 -4.27 13.81
C LYS A 66 0.51 -2.94 14.57
N LYS A 67 1.03 -2.98 15.78
CA LYS A 67 1.06 -1.78 16.62
C LYS A 67 1.79 -0.67 15.88
N ARG A 68 1.24 0.54 15.98
CA ARG A 68 1.83 1.70 15.33
C ARG A 68 3.23 1.96 15.88
N GLN A 69 4.19 2.08 14.98
CA GLN A 69 5.56 2.33 15.38
C GLN A 69 6.25 3.23 14.34
N LEU A 70 7.52 3.49 14.59
CA LEU A 70 8.30 4.34 13.70
C LEU A 70 8.82 3.50 12.53
N HIS A 71 8.83 2.19 12.76
CA HIS A 71 9.31 1.27 11.73
C HIS A 71 8.64 -0.09 11.93
N THR A 72 7.37 -0.17 11.52
CA THR A 72 6.61 -1.40 11.63
C THR A 72 6.93 -2.33 10.47
N THR A 73 7.55 -3.46 10.80
CA THR A 73 7.91 -4.44 9.80
C THR A 73 7.11 -5.73 10.00
N TRP A 74 6.62 -6.26 8.88
CA TRP A 74 5.83 -7.48 8.93
C TRP A 74 6.75 -8.65 8.56
N GLU A 75 6.30 -9.84 8.93
CA GLU A 75 7.07 -11.04 8.65
C GLU A 75 6.75 -11.57 7.26
N GLU A 76 5.60 -11.15 6.75
CA GLU A 76 5.16 -11.57 5.43
C GLU A 76 4.77 -10.36 4.59
N GLY A 77 4.57 -10.62 3.30
CA GLY A 77 4.20 -9.55 2.38
C GLY A 77 2.87 -9.86 1.70
N LEU A 78 2.49 -9.00 0.78
CA LEU A 78 1.24 -9.16 0.05
C LEU A 78 1.52 -9.89 -1.27
N VAL A 79 0.45 -10.36 -1.89
CA VAL A 79 0.56 -11.06 -3.16
C VAL A 79 -0.81 -11.08 -3.86
N LEU A 80 -0.87 -10.38 -4.96
CA LEU A 80 -2.11 -10.31 -5.73
C LEU A 80 -1.94 -11.08 -7.05
N PRO A 81 -3.04 -11.77 -7.46
CA PRO A 81 -3.02 -12.54 -8.68
C PRO A 81 -3.08 -11.64 -9.91
N LEU A 82 -2.10 -11.80 -10.77
CA LEU A 82 -2.03 -11.01 -11.99
C LEU A 82 -1.32 -11.81 -13.08
N ALA A 83 -1.87 -11.73 -14.28
CA ALA A 83 -1.29 -12.45 -15.41
C ALA A 83 -0.24 -11.57 -16.07
N GLU A 84 0.79 -12.22 -16.60
CA GLU A 84 1.88 -11.50 -17.26
C GLU A 84 1.35 -10.79 -18.51
N GLU A 85 0.17 -11.20 -18.95
CA GLU A 85 -0.45 -10.62 -20.12
C GLU A 85 -1.28 -9.40 -19.71
N GLU A 86 -1.33 -9.15 -18.41
CA GLU A 86 -2.09 -8.03 -17.89
C GLU A 86 -1.18 -7.10 -17.08
N LEU A 87 0.08 -7.53 -16.95
CA LEU A 87 1.04 -6.75 -16.20
C LEU A 87 0.90 -5.27 -16.58
N PRO A 88 0.89 -5.01 -17.91
CA PRO A 88 0.77 -3.65 -18.41
C PRO A 88 -0.67 -3.15 -18.27
N THR A 89 -1.59 -4.10 -18.17
CA THR A 89 -3.00 -3.79 -18.03
C THR A 89 -3.45 -3.98 -16.59
N ALA A 90 -2.52 -3.79 -15.67
CA ALA A 90 -2.81 -3.95 -14.25
C ALA A 90 -1.93 -3.00 -13.45
N THR A 91 -2.44 -2.63 -12.28
CA THR A 91 -1.72 -1.72 -11.40
C THR A 91 -1.86 -2.16 -9.95
N LEU A 92 -0.97 -1.64 -9.12
CA LEU A 92 -0.98 -1.97 -7.70
C LEU A 92 -1.01 -0.68 -6.88
N THR A 93 -2.01 -0.59 -6.03
CA THR A 93 -2.17 0.58 -5.18
C THR A 93 -2.23 0.17 -3.70
N LEU A 94 -1.14 0.45 -3.00
CA LEU A 94 -1.05 0.10 -1.59
C LEU A 94 -1.87 1.11 -0.78
N THR A 95 -2.61 0.59 0.19
CA THR A 95 -3.43 1.43 1.04
C THR A 95 -3.23 1.06 2.51
N LEU A 96 -2.89 2.07 3.30
CA LEU A 96 -2.66 1.87 4.73
C LEU A 96 -3.90 2.31 5.50
N ARG A 97 -4.73 1.34 5.85
CA ARG A 97 -5.93 1.62 6.60
C ARG A 97 -5.71 1.39 8.09
N THR A 98 -6.46 2.15 8.89
CA THR A 98 -6.36 2.03 10.34
C THR A 98 -7.51 1.21 10.90
N CYS A 99 -7.15 0.24 11.72
CA CYS A 99 -8.15 -0.63 12.34
C CYS A 99 -9.26 0.25 12.92
N ASP A 100 -10.35 0.33 12.19
CA ASP A 100 -11.48 1.13 12.62
C ASP A 100 -12.72 0.23 12.76
N ARG A 101 -13.25 -0.16 11.61
CA ARG A 101 -14.43 -1.02 11.60
C ARG A 101 -14.88 -1.27 10.15
N PHE A 102 -14.73 -0.24 9.34
CA PHE A 102 -15.11 -0.33 7.93
C PHE A 102 -13.94 0.02 7.01
N SER A 103 -13.22 1.06 7.40
CA SER A 103 -12.07 1.51 6.63
C SER A 103 -12.48 1.73 5.17
N ARG A 104 -13.65 2.32 5.01
CA ARG A 104 -14.17 2.60 3.68
C ARG A 104 -13.87 4.05 3.28
N HIS A 105 -13.32 4.19 2.08
CA HIS A 105 -12.99 5.51 1.57
C HIS A 105 -11.94 6.15 2.47
N SER A 106 -10.96 6.79 1.84
CA SER A 106 -9.90 7.45 2.57
C SER A 106 -9.07 6.42 3.34
N VAL A 107 -7.76 6.57 3.25
CA VAL A 107 -6.86 5.66 3.94
C VAL A 107 -5.80 6.47 4.69
N ALA A 108 -5.07 5.78 5.57
CA ALA A 108 -4.03 6.42 6.34
C ALA A 108 -2.93 6.92 5.41
N GLY A 109 -2.90 6.33 4.22
CA GLY A 109 -1.91 6.71 3.23
C GLY A 109 -1.98 5.79 2.01
N GLU A 110 -1.96 6.41 0.84
CA GLU A 110 -2.02 5.65 -0.41
C GLU A 110 -0.66 5.70 -1.12
N LEU A 111 -0.24 4.54 -1.59
CA LEU A 111 1.02 4.43 -2.29
C LEU A 111 0.80 3.78 -3.66
N ARG A 112 0.87 4.62 -4.69
CA ARG A 112 0.67 4.14 -6.05
C ARG A 112 1.92 3.42 -6.54
N LEU A 113 1.69 2.38 -7.33
CA LEU A 113 2.79 1.60 -7.88
C LEU A 113 2.43 1.12 -9.29
N GLY A 114 3.40 0.52 -9.95
CA GLY A 114 3.20 0.02 -11.29
C GLY A 114 3.84 -1.37 -11.47
N LEU A 115 3.12 -2.23 -12.18
CA LEU A 115 3.60 -3.57 -12.42
C LEU A 115 4.29 -3.63 -13.79
N ASP A 116 3.76 -2.85 -14.71
CA ASP A 116 4.30 -2.80 -16.05
C ASP A 116 5.84 -2.76 -15.97
N GLY A 117 6.33 -2.22 -14.87
CA GLY A 117 7.76 -2.13 -14.65
C GLY A 117 8.26 -0.71 -14.94
N THR A 118 7.41 0.26 -14.64
CA THR A 118 7.75 1.66 -14.86
C THR A 118 7.94 2.38 -13.52
N SER A 119 6.82 2.79 -12.95
CA SER A 119 6.84 3.49 -11.68
C SER A 119 7.88 2.87 -10.76
N VAL A 120 7.67 1.59 -10.46
CA VAL A 120 8.58 0.87 -9.58
C VAL A 120 8.96 -0.45 -10.25
N PRO A 121 10.29 -0.77 -10.20
CA PRO A 121 10.79 -2.00 -10.78
C PRO A 121 10.44 -3.21 -9.91
N LEU A 122 10.71 -4.38 -10.46
CA LEU A 122 10.43 -5.62 -9.74
C LEU A 122 11.72 -6.13 -9.09
N GLY A 123 11.54 -6.89 -8.01
CA GLY A 123 12.67 -7.44 -7.29
C GLY A 123 13.60 -6.33 -6.80
N ALA A 124 13.06 -5.12 -6.79
CA ALA A 124 13.83 -3.97 -6.35
C ALA A 124 13.05 -3.21 -5.27
N ALA A 125 13.44 -3.44 -4.03
CA ALA A 125 12.77 -2.79 -2.91
C ALA A 125 13.04 -1.29 -2.96
N GLN A 126 11.98 -0.53 -2.74
CA GLN A 126 12.09 0.92 -2.77
C GLN A 126 11.49 1.52 -1.49
N TRP A 127 11.59 2.83 -1.39
CA TRP A 127 11.08 3.54 -0.23
C TRP A 127 10.11 4.63 -0.72
N GLY A 128 8.90 4.20 -1.02
CA GLY A 128 7.89 5.13 -1.51
C GLY A 128 7.29 5.94 -0.36
N GLU A 129 6.55 6.98 -0.72
CA GLU A 129 5.93 7.84 0.26
C GLU A 129 4.41 7.85 0.08
N LEU A 130 3.71 7.72 1.20
CA LEU A 130 2.25 7.72 1.17
C LEU A 130 1.75 9.10 0.74
N LYS A 131 0.84 9.08 -0.22
CA LYS A 131 0.27 10.31 -0.73
C LYS A 131 -0.67 10.90 0.32
N THR A 132 -1.23 10.02 1.14
CA THR A 132 -2.15 10.43 2.19
C THR A 132 -3.04 11.57 1.69
N SER A 133 -3.37 12.46 2.62
CA SER A 133 -4.22 13.60 2.29
C SER A 133 -4.25 14.58 3.46
N GLY A 134 -5.00 15.66 3.27
CA GLY A 134 -5.13 16.67 4.30
C GLY A 134 -5.28 16.03 5.68
N PRO A 135 -4.80 16.78 6.72
CA PRO A 135 -4.88 16.30 8.09
C PRO A 135 -6.31 16.40 8.63
N SER A 136 -6.45 16.11 9.90
CA SER A 136 -7.75 16.17 10.55
C SER A 136 -8.72 15.19 9.88
N SER A 137 -8.67 13.95 10.33
CA SER A 137 -9.53 12.92 9.79
C SER A 137 -9.46 11.65 10.65
N GLY A 138 -10.18 11.71 11.77
CA GLY A 138 -10.20 10.59 12.69
C GLY A 138 -11.55 10.51 13.41
N GLY A 1 -22.51 14.07 -3.43
CA GLY A 1 -21.64 14.16 -2.27
C GLY A 1 -20.43 15.07 -2.54
N SER A 2 -19.70 15.35 -1.49
CA SER A 2 -18.53 16.20 -1.60
C SER A 2 -17.57 15.95 -0.43
N SER A 3 -16.31 16.24 -0.67
CA SER A 3 -15.28 16.05 0.36
C SER A 3 -14.76 17.40 0.83
N GLY A 4 -13.98 17.35 1.90
CA GLY A 4 -13.40 18.57 2.46
C GLY A 4 -12.30 18.24 3.46
N SER A 5 -12.68 17.53 4.51
CA SER A 5 -11.74 17.14 5.54
C SER A 5 -10.40 16.74 4.91
N SER A 6 -9.34 17.00 5.65
CA SER A 6 -8.00 16.68 5.16
C SER A 6 -6.95 17.15 6.18
N GLY A 7 -5.76 16.58 6.06
CA GLY A 7 -4.67 16.93 6.95
C GLY A 7 -3.33 16.90 6.22
N SER A 8 -2.43 16.08 6.73
CA SER A 8 -1.11 15.95 6.13
C SER A 8 -0.29 17.23 6.38
N TRP A 9 0.76 17.07 7.16
CA TRP A 9 1.62 18.20 7.49
C TRP A 9 2.82 17.67 8.25
N ASN A 10 3.97 18.29 8.01
CA ASN A 10 5.20 17.89 8.67
C ASN A 10 5.52 16.44 8.31
N GLN A 11 6.61 16.29 7.58
CA GLN A 11 7.05 14.97 7.15
C GLN A 11 5.93 14.28 6.35
N ALA A 12 6.35 13.29 5.57
CA ALA A 12 5.41 12.54 4.75
C ALA A 12 5.44 11.07 5.15
N PRO A 13 4.30 10.37 4.89
CA PRO A 13 4.20 8.96 5.21
C PRO A 13 4.99 8.11 4.22
N LYS A 14 5.85 7.26 4.77
CA LYS A 14 6.68 6.40 3.95
C LYS A 14 6.19 4.95 4.10
N LEU A 15 6.23 4.23 3.00
CA LEU A 15 5.79 2.84 2.99
C LEU A 15 6.80 2.00 2.21
N HIS A 16 7.41 1.05 2.90
CA HIS A 16 8.38 0.17 2.28
C HIS A 16 7.68 -1.04 1.68
N TYR A 17 8.10 -1.41 0.48
CA TYR A 17 7.52 -2.55 -0.20
C TYR A 17 8.48 -3.10 -1.26
N CYS A 18 8.33 -4.39 -1.54
CA CYS A 18 9.17 -5.05 -2.53
C CYS A 18 8.27 -5.70 -3.57
N LEU A 19 8.13 -5.01 -4.69
CA LEU A 19 7.30 -5.51 -5.78
C LEU A 19 8.03 -6.65 -6.49
N ASP A 20 7.36 -7.78 -6.59
CA ASP A 20 7.93 -8.94 -7.25
C ASP A 20 6.81 -9.79 -7.86
N TYR A 21 6.94 -10.05 -9.15
CA TYR A 21 5.95 -10.84 -9.85
C TYR A 21 6.50 -12.23 -10.19
N ASP A 22 5.78 -13.24 -9.72
CA ASP A 22 6.18 -14.62 -9.97
C ASP A 22 5.32 -15.20 -11.08
N CYS A 23 5.76 -14.96 -12.30
CA CYS A 23 5.03 -15.46 -13.47
C CYS A 23 4.55 -16.88 -13.17
N GLN A 24 5.41 -17.63 -12.48
CA GLN A 24 5.09 -18.99 -12.12
C GLN A 24 3.74 -19.06 -11.40
N LYS A 25 3.58 -18.15 -10.44
CA LYS A 25 2.35 -18.09 -9.68
C LYS A 25 1.38 -17.12 -10.35
N ALA A 26 1.94 -16.25 -11.18
CA ALA A 26 1.14 -15.28 -11.90
C ALA A 26 0.43 -14.37 -10.89
N GLU A 27 1.11 -14.13 -9.77
CA GLU A 27 0.56 -13.29 -8.73
C GLU A 27 1.64 -12.36 -8.17
N LEU A 28 1.39 -11.06 -8.28
CA LEU A 28 2.32 -10.07 -7.79
C LEU A 28 2.60 -10.32 -6.30
N PHE A 29 3.68 -9.72 -5.83
CA PHE A 29 4.06 -9.87 -4.43
C PHE A 29 4.67 -8.57 -3.89
N VAL A 30 4.32 -8.26 -2.65
CA VAL A 30 4.82 -7.06 -2.01
C VAL A 30 5.47 -7.44 -0.67
N THR A 31 6.72 -7.85 -0.75
CA THR A 31 7.46 -8.24 0.44
C THR A 31 8.25 -7.05 0.99
N ARG A 32 8.93 -7.29 2.10
CA ARG A 32 9.72 -6.26 2.73
C ARG A 32 8.84 -5.05 3.07
N LEU A 33 7.87 -5.31 3.93
CA LEU A 33 6.95 -4.26 4.35
C LEU A 33 7.55 -3.51 5.53
N GLU A 34 7.67 -2.19 5.38
CA GLU A 34 8.22 -1.36 6.43
C GLU A 34 7.73 0.08 6.26
N ALA A 35 6.70 0.41 7.04
CA ALA A 35 6.12 1.74 6.99
C ALA A 35 7.04 2.70 7.75
N VAL A 36 6.81 3.99 7.50
CA VAL A 36 7.61 5.02 8.15
C VAL A 36 6.75 6.26 8.37
N THR A 37 5.89 6.18 9.37
CA THR A 37 5.00 7.29 9.70
C THR A 37 5.52 8.04 10.92
N SER A 38 4.83 9.13 11.25
CA SER A 38 5.20 9.94 12.39
C SER A 38 3.96 10.30 13.20
N ASN A 39 3.78 9.58 14.30
CA ASN A 39 2.65 9.81 15.17
C ASN A 39 2.92 9.19 16.54
N HIS A 40 2.30 9.75 17.56
CA HIS A 40 2.46 9.26 18.92
C HIS A 40 1.15 9.41 19.68
N ASP A 41 1.09 8.76 20.83
CA ASP A 41 -0.10 8.82 21.67
C ASP A 41 -1.31 8.37 20.86
N GLY A 42 -1.67 7.10 21.03
CA GLY A 42 -2.80 6.55 20.33
C GLY A 42 -2.46 5.18 19.73
N GLY A 43 -2.67 4.14 20.53
CA GLY A 43 -2.39 2.79 20.09
C GLY A 43 -3.52 2.25 19.21
N CYS A 44 -3.24 2.15 17.93
CA CYS A 44 -4.22 1.65 16.98
C CYS A 44 -3.55 0.61 16.09
N ASP A 45 -4.25 -0.50 15.90
CA ASP A 45 -3.73 -1.58 15.08
C ASP A 45 -3.83 -1.20 13.60
N CYS A 46 -2.67 -0.99 13.00
CA CYS A 46 -2.62 -0.60 11.60
C CYS A 46 -2.11 -1.81 10.79
N TYR A 47 -2.38 -1.78 9.50
CA TYR A 47 -1.95 -2.85 8.62
C TYR A 47 -1.82 -2.35 7.18
N VAL A 48 -1.05 -3.11 6.40
CA VAL A 48 -0.83 -2.75 5.01
C VAL A 48 -1.90 -3.42 4.14
N GLN A 49 -2.22 -2.76 3.03
CA GLN A 49 -3.21 -3.27 2.12
C GLN A 49 -2.75 -3.09 0.67
N GLY A 50 -2.83 -4.18 -0.08
CA GLY A 50 -2.42 -4.15 -1.48
C GLY A 50 -3.60 -4.49 -2.40
N SER A 51 -3.94 -3.51 -3.23
CA SER A 51 -5.05 -3.70 -4.17
C SER A 51 -4.53 -3.57 -5.60
N VAL A 52 -5.04 -4.47 -6.46
CA VAL A 52 -4.64 -4.47 -7.85
C VAL A 52 -5.89 -4.37 -8.73
N ALA A 53 -5.70 -3.86 -9.93
CA ALA A 53 -6.79 -3.72 -10.88
C ALA A 53 -6.31 -4.09 -12.28
N ASN A 54 -6.60 -5.33 -12.65
CA ASN A 54 -6.20 -5.82 -13.97
C ASN A 54 -7.43 -5.92 -14.86
N ARG A 55 -7.18 -5.94 -16.16
CA ARG A 55 -8.25 -6.04 -17.14
C ARG A 55 -9.18 -7.21 -16.79
N THR A 56 -8.64 -8.14 -16.02
CA THR A 56 -9.39 -9.31 -15.61
C THR A 56 -10.33 -8.96 -14.45
N GLY A 57 -9.94 -7.95 -13.70
CA GLY A 57 -10.74 -7.50 -12.57
C GLY A 57 -9.87 -6.76 -11.55
N SER A 58 -10.23 -6.92 -10.28
CA SER A 58 -9.50 -6.27 -9.20
C SER A 58 -9.30 -7.24 -8.05
N VAL A 59 -8.28 -6.98 -7.25
CA VAL A 59 -7.97 -7.82 -6.11
C VAL A 59 -7.63 -6.93 -4.90
N GLU A 60 -7.39 -7.59 -3.78
CA GLU A 60 -7.06 -6.88 -2.56
C GLU A 60 -6.42 -7.83 -1.55
N ALA A 61 -5.44 -7.31 -0.83
CA ALA A 61 -4.74 -8.09 0.17
C ALA A 61 -4.19 -7.16 1.26
N GLN A 62 -3.70 -7.78 2.32
CA GLN A 62 -3.14 -7.03 3.43
C GLN A 62 -2.24 -7.91 4.28
N THR A 63 -1.58 -7.28 5.25
CA THR A 63 -0.67 -8.00 6.13
C THR A 63 -1.30 -8.15 7.51
N ALA A 64 -0.51 -8.71 8.42
CA ALA A 64 -0.97 -8.92 9.78
C ALA A 64 -0.83 -7.60 10.57
N LEU A 65 -1.85 -7.33 11.37
CA LEU A 65 -1.86 -6.11 12.17
C LEU A 65 -0.54 -6.01 12.93
N LYS A 66 -0.09 -4.77 13.11
CA LYS A 66 1.15 -4.51 13.82
C LYS A 66 1.00 -3.25 14.66
N LYS A 67 1.56 -3.30 15.87
CA LYS A 67 1.49 -2.18 16.78
C LYS A 67 2.14 -0.96 16.12
N ARG A 68 1.33 0.07 15.92
CA ARG A 68 1.81 1.29 15.30
C ARG A 68 3.18 1.67 15.87
N GLN A 69 4.11 1.91 14.95
CA GLN A 69 5.47 2.28 15.34
C GLN A 69 6.08 3.22 14.32
N LEU A 70 7.10 3.94 14.75
CA LEU A 70 7.78 4.88 13.88
C LEU A 70 8.40 4.12 12.70
N HIS A 71 8.55 2.82 12.89
CA HIS A 71 9.12 1.98 11.85
C HIS A 71 8.62 0.55 12.03
N THR A 72 7.38 0.34 11.63
CA THR A 72 6.77 -0.98 11.74
C THR A 72 7.32 -1.91 10.65
N THR A 73 7.36 -3.19 10.98
CA THR A 73 7.85 -4.18 10.04
C THR A 73 6.95 -5.42 10.05
N TRP A 74 7.01 -6.16 8.96
CA TRP A 74 6.21 -7.37 8.82
C TRP A 74 7.14 -8.51 8.41
N GLU A 75 6.62 -9.73 8.55
CA GLU A 75 7.39 -10.91 8.18
C GLU A 75 6.93 -11.46 6.83
N GLU A 76 5.66 -11.23 6.55
CA GLU A 76 5.08 -11.69 5.29
C GLU A 76 4.80 -10.50 4.37
N GLY A 77 4.61 -10.83 3.09
CA GLY A 77 4.34 -9.80 2.11
C GLY A 77 2.96 -10.01 1.47
N LEU A 78 2.55 -9.02 0.70
CA LEU A 78 1.26 -9.08 0.02
C LEU A 78 1.43 -9.76 -1.34
N VAL A 79 0.30 -10.23 -1.87
CA VAL A 79 0.32 -10.90 -3.16
C VAL A 79 -1.06 -10.79 -3.79
N LEU A 80 -1.07 -10.41 -5.06
CA LEU A 80 -2.31 -10.26 -5.79
C LEU A 80 -2.21 -11.01 -7.12
N PRO A 81 -3.37 -11.60 -7.55
CA PRO A 81 -3.41 -12.35 -8.79
C PRO A 81 -3.41 -11.41 -10.00
N LEU A 82 -2.40 -11.58 -10.83
CA LEU A 82 -2.26 -10.77 -12.02
C LEU A 82 -1.58 -11.58 -13.12
N ALA A 83 -2.13 -11.46 -14.32
CA ALA A 83 -1.59 -12.18 -15.47
C ALA A 83 -0.49 -11.33 -16.12
N GLU A 84 0.58 -12.02 -16.51
CA GLU A 84 1.70 -11.35 -17.14
C GLU A 84 1.24 -10.59 -18.38
N GLU A 85 0.08 -10.99 -18.88
CA GLU A 85 -0.49 -10.36 -20.05
C GLU A 85 -1.30 -9.12 -19.67
N GLU A 86 -1.34 -8.87 -18.37
CA GLU A 86 -2.06 -7.72 -17.84
C GLU A 86 -1.13 -6.84 -17.02
N LEU A 87 0.09 -7.30 -16.87
CA LEU A 87 1.10 -6.56 -16.10
C LEU A 87 1.00 -5.08 -16.46
N PRO A 88 1.04 -4.81 -17.79
CA PRO A 88 0.96 -3.45 -18.28
C PRO A 88 -0.46 -2.90 -18.18
N THR A 89 -1.41 -3.82 -18.13
CA THR A 89 -2.81 -3.45 -18.02
C THR A 89 -3.32 -3.68 -16.60
N ALA A 90 -2.41 -3.53 -15.64
CA ALA A 90 -2.74 -3.72 -14.25
C ALA A 90 -1.93 -2.74 -13.40
N THR A 91 -2.59 -2.20 -12.37
CA THR A 91 -1.95 -1.26 -11.47
C THR A 91 -2.21 -1.64 -10.02
N LEU A 92 -1.17 -1.54 -9.21
CA LEU A 92 -1.27 -1.86 -7.80
C LEU A 92 -1.46 -0.57 -6.99
N THR A 93 -2.36 -0.63 -6.04
CA THR A 93 -2.64 0.52 -5.19
C THR A 93 -2.52 0.14 -3.71
N LEU A 94 -1.37 0.48 -3.15
CA LEU A 94 -1.11 0.17 -1.75
C LEU A 94 -1.86 1.17 -0.86
N THR A 95 -2.40 0.66 0.23
CA THR A 95 -3.14 1.50 1.15
C THR A 95 -2.89 1.04 2.60
N LEU A 96 -2.64 2.03 3.45
CA LEU A 96 -2.39 1.75 4.85
C LEU A 96 -3.60 2.15 5.68
N ARG A 97 -4.42 1.16 6.00
CA ARG A 97 -5.63 1.39 6.78
C ARG A 97 -5.32 1.26 8.27
N THR A 98 -6.25 1.75 9.08
CA THR A 98 -6.09 1.69 10.53
C THR A 98 -7.25 0.92 11.15
N CYS A 99 -6.95 0.26 12.26
CA CYS A 99 -7.95 -0.52 12.97
C CYS A 99 -8.53 0.36 14.09
N ASP A 100 -8.48 1.66 13.87
CA ASP A 100 -9.00 2.60 14.84
C ASP A 100 -10.45 2.23 15.19
N ARG A 101 -11.06 3.10 15.98
CA ARG A 101 -12.44 2.87 16.41
C ARG A 101 -13.38 2.94 15.20
N PHE A 102 -13.37 4.10 14.55
CA PHE A 102 -14.21 4.30 13.39
C PHE A 102 -13.37 4.44 12.11
N SER A 103 -12.31 5.22 12.23
CA SER A 103 -11.41 5.44 11.10
C SER A 103 -12.05 6.41 10.11
N ARG A 104 -12.50 7.54 10.65
CA ARG A 104 -13.13 8.56 9.83
C ARG A 104 -12.14 9.11 8.81
N HIS A 105 -11.90 8.32 7.76
CA HIS A 105 -10.98 8.72 6.71
C HIS A 105 -10.69 7.54 5.80
N SER A 106 -10.48 7.84 4.53
CA SER A 106 -10.20 6.81 3.55
C SER A 106 -9.17 5.82 4.10
N VAL A 107 -7.91 6.18 3.90
CA VAL A 107 -6.82 5.34 4.38
C VAL A 107 -5.79 6.21 5.11
N ALA A 108 -4.84 5.54 5.74
CA ALA A 108 -3.79 6.23 6.47
C ALA A 108 -2.72 6.70 5.49
N GLY A 109 -2.67 6.03 4.36
CA GLY A 109 -1.70 6.36 3.32
C GLY A 109 -1.80 5.40 2.14
N GLU A 110 -1.90 5.99 0.95
CA GLU A 110 -2.01 5.21 -0.26
C GLU A 110 -0.71 5.28 -1.07
N LEU A 111 -0.30 4.13 -1.57
CA LEU A 111 0.92 4.06 -2.37
C LEU A 111 0.62 3.39 -3.71
N ARG A 112 0.60 4.22 -4.75
CA ARG A 112 0.32 3.72 -6.08
C ARG A 112 1.61 3.19 -6.72
N LEU A 113 1.49 2.00 -7.30
CA LEU A 113 2.63 1.37 -7.96
C LEU A 113 2.19 0.79 -9.30
N GLY A 114 3.16 0.31 -10.05
CA GLY A 114 2.89 -0.28 -11.35
C GLY A 114 3.62 -1.61 -11.52
N LEU A 115 2.98 -2.50 -12.26
CA LEU A 115 3.56 -3.82 -12.52
C LEU A 115 3.94 -3.93 -13.99
N ASP A 116 4.38 -2.82 -14.54
CA ASP A 116 4.78 -2.78 -15.94
C ASP A 116 6.30 -2.86 -16.03
N GLY A 117 6.95 -2.47 -14.94
CA GLY A 117 8.41 -2.51 -14.89
C GLY A 117 9.00 -1.15 -15.30
N THR A 118 8.32 -0.10 -14.87
CA THR A 118 8.77 1.25 -15.19
C THR A 118 8.93 2.08 -13.92
N SER A 119 7.80 2.57 -13.43
CA SER A 119 7.80 3.39 -12.22
C SER A 119 8.70 2.74 -11.17
N VAL A 120 8.40 1.50 -10.84
CA VAL A 120 9.17 0.77 -9.84
C VAL A 120 9.55 -0.60 -10.41
N PRO A 121 10.85 -0.97 -10.19
CA PRO A 121 11.35 -2.25 -10.67
C PRO A 121 10.83 -3.40 -9.82
N LEU A 122 11.10 -4.61 -10.28
CA LEU A 122 10.67 -5.80 -9.58
C LEU A 122 11.83 -6.35 -8.75
N GLY A 123 11.47 -7.05 -7.68
CA GLY A 123 12.47 -7.63 -6.81
C GLY A 123 13.45 -6.56 -6.30
N ALA A 124 12.96 -5.33 -6.28
CA ALA A 124 13.77 -4.21 -5.83
C ALA A 124 12.97 -3.38 -4.82
N ALA A 125 13.27 -3.60 -3.55
CA ALA A 125 12.58 -2.89 -2.49
C ALA A 125 12.84 -1.38 -2.64
N GLN A 126 11.77 -0.61 -2.52
CA GLN A 126 11.87 0.83 -2.65
C GLN A 126 11.13 1.51 -1.49
N TRP A 127 11.50 2.76 -1.26
CA TRP A 127 10.88 3.54 -0.19
C TRP A 127 9.94 4.55 -0.82
N GLY A 128 8.68 4.15 -0.93
CA GLY A 128 7.66 5.02 -1.52
C GLY A 128 7.06 5.94 -0.47
N GLU A 129 6.22 6.85 -0.94
CA GLU A 129 5.58 7.81 -0.06
C GLU A 129 4.06 7.75 -0.24
N LEU A 130 3.38 7.46 0.86
CA LEU A 130 1.92 7.37 0.84
C LEU A 130 1.34 8.74 0.51
N LYS A 131 0.62 8.78 -0.61
CA LYS A 131 0.01 10.02 -1.06
C LYS A 131 -1.40 10.12 -0.48
N THR A 132 -1.65 9.31 0.54
CA THR A 132 -2.95 9.29 1.19
C THR A 132 -4.07 9.40 0.14
N SER A 133 -5.10 10.14 0.51
CA SER A 133 -6.24 10.33 -0.38
C SER A 133 -5.76 10.83 -1.74
N GLY A 134 -6.20 10.13 -2.78
CA GLY A 134 -5.82 10.49 -4.14
C GLY A 134 -7.03 10.40 -5.08
N PRO A 135 -6.81 10.87 -6.34
CA PRO A 135 -7.85 10.85 -7.35
C PRO A 135 -8.07 9.43 -7.87
N SER A 136 -8.46 8.55 -6.97
CA SER A 136 -8.71 7.16 -7.33
C SER A 136 -8.72 6.29 -6.08
N SER A 137 -9.74 5.44 -6.00
CA SER A 137 -9.88 4.54 -4.86
C SER A 137 -10.93 3.48 -5.16
N GLY A 138 -10.62 2.26 -4.75
CA GLY A 138 -11.53 1.14 -4.97
C GLY A 138 -12.96 1.51 -4.60
N GLY A 1 -26.24 15.77 0.51
CA GLY A 1 -25.64 16.50 1.62
C GLY A 1 -24.35 15.82 2.09
N SER A 2 -23.30 16.62 2.17
CA SER A 2 -22.01 16.12 2.60
C SER A 2 -21.05 17.28 2.86
N SER A 3 -20.08 17.01 3.71
CA SER A 3 -19.09 18.03 4.07
C SER A 3 -18.05 17.44 5.02
N GLY A 4 -16.88 18.06 5.01
CA GLY A 4 -15.79 17.61 5.86
C GLY A 4 -14.55 18.49 5.69
N SER A 5 -13.54 18.20 6.49
CA SER A 5 -12.30 18.95 6.44
C SER A 5 -11.29 18.38 7.42
N SER A 6 -10.03 18.75 7.22
CA SER A 6 -8.96 18.27 8.08
C SER A 6 -7.62 18.89 7.65
N GLY A 7 -6.66 18.81 8.55
CA GLY A 7 -5.34 19.36 8.27
C GLY A 7 -4.28 18.67 9.14
N SER A 8 -3.03 18.79 8.69
CA SER A 8 -1.93 18.19 9.41
C SER A 8 -0.61 18.50 8.70
N TRP A 9 0.48 18.38 9.44
CA TRP A 9 1.81 18.64 8.89
C TRP A 9 2.84 18.25 9.94
N ASN A 10 3.56 17.18 9.63
CA ASN A 10 4.59 16.68 10.54
C ASN A 10 5.15 15.36 9.98
N GLN A 11 6.26 15.49 9.28
CA GLN A 11 6.91 14.31 8.70
C GLN A 11 5.99 13.67 7.65
N ALA A 12 6.62 13.07 6.66
CA ALA A 12 5.89 12.41 5.59
C ALA A 12 5.82 10.91 5.87
N PRO A 13 4.65 10.31 5.56
CA PRO A 13 4.45 8.89 5.77
C PRO A 13 5.18 8.07 4.69
N LYS A 14 5.98 7.13 5.17
CA LYS A 14 6.74 6.28 4.26
C LYS A 14 6.23 4.85 4.37
N LEU A 15 6.19 4.17 3.23
CA LEU A 15 5.73 2.80 3.18
C LEU A 15 6.62 1.99 2.24
N HIS A 16 7.45 1.14 2.83
CA HIS A 16 8.36 0.32 2.05
C HIS A 16 7.58 -0.85 1.43
N TYR A 17 8.01 -1.23 0.24
CA TYR A 17 7.38 -2.32 -0.48
C TYR A 17 8.31 -2.92 -1.53
N CYS A 18 8.33 -4.25 -1.57
CA CYS A 18 9.18 -4.95 -2.52
C CYS A 18 8.28 -5.71 -3.49
N LEU A 19 8.11 -5.13 -4.67
CA LEU A 19 7.28 -5.75 -5.70
C LEU A 19 8.03 -6.93 -6.31
N ASP A 20 7.27 -7.99 -6.60
CA ASP A 20 7.86 -9.19 -7.18
C ASP A 20 6.75 -10.03 -7.82
N TYR A 21 6.80 -10.11 -9.14
CA TYR A 21 5.81 -10.87 -9.88
C TYR A 21 6.39 -12.21 -10.36
N ASP A 22 5.87 -13.29 -9.79
CA ASP A 22 6.33 -14.61 -10.16
C ASP A 22 5.51 -15.12 -11.36
N CYS A 23 5.98 -14.77 -12.54
CA CYS A 23 5.31 -15.18 -13.76
C CYS A 23 4.91 -16.65 -13.63
N GLN A 24 5.73 -17.39 -12.88
CA GLN A 24 5.48 -18.80 -12.66
C GLN A 24 4.12 -18.99 -11.99
N LYS A 25 3.92 -18.25 -10.91
CA LYS A 25 2.67 -18.34 -10.16
C LYS A 25 1.72 -17.23 -10.64
N ALA A 26 2.19 -16.48 -11.63
CA ALA A 26 1.40 -15.39 -12.18
C ALA A 26 0.69 -14.66 -11.04
N GLU A 27 1.42 -14.52 -9.94
CA GLU A 27 0.87 -13.83 -8.78
C GLU A 27 1.87 -12.78 -8.28
N LEU A 28 1.38 -11.55 -8.22
CA LEU A 28 2.21 -10.44 -7.77
C LEU A 28 2.44 -10.57 -6.25
N PHE A 29 3.44 -9.84 -5.78
CA PHE A 29 3.77 -9.86 -4.36
C PHE A 29 4.27 -8.49 -3.90
N VAL A 30 3.84 -8.12 -2.70
CA VAL A 30 4.23 -6.84 -2.13
C VAL A 30 4.80 -7.07 -0.72
N THR A 31 5.97 -7.68 -0.69
CA THR A 31 6.62 -7.96 0.58
C THR A 31 7.41 -6.73 1.06
N ARG A 32 8.41 -7.00 1.88
CA ARG A 32 9.25 -5.93 2.41
C ARG A 32 8.38 -4.73 2.80
N LEU A 33 7.31 -5.02 3.53
CA LEU A 33 6.40 -3.97 3.97
C LEU A 33 6.93 -3.34 5.26
N GLU A 34 7.03 -2.03 5.24
CA GLU A 34 7.52 -1.29 6.39
C GLU A 34 7.05 0.16 6.33
N ALA A 35 6.16 0.49 7.26
CA ALA A 35 5.61 1.84 7.33
C ALA A 35 6.51 2.70 8.22
N VAL A 36 6.72 3.93 7.78
CA VAL A 36 7.56 4.85 8.52
C VAL A 36 6.73 6.08 8.92
N THR A 37 5.87 5.88 9.91
CA THR A 37 5.01 6.95 10.37
C THR A 37 4.38 6.58 11.72
N SER A 38 4.11 7.60 12.52
CA SER A 38 3.51 7.40 13.82
C SER A 38 2.31 8.32 14.00
N ASN A 39 1.26 7.77 14.58
CA ASN A 39 0.03 8.53 14.82
C ASN A 39 -0.17 8.69 16.33
N HIS A 40 -0.36 9.94 16.73
CA HIS A 40 -0.58 10.25 18.13
C HIS A 40 -2.08 10.36 18.41
N ASP A 41 -2.69 11.34 17.75
CA ASP A 41 -4.11 11.58 17.92
C ASP A 41 -4.90 10.44 17.26
N GLY A 42 -5.46 9.58 18.10
CA GLY A 42 -6.23 8.45 17.62
C GLY A 42 -5.33 7.45 16.88
N GLY A 43 -4.86 6.46 17.62
CA GLY A 43 -4.00 5.45 17.04
C GLY A 43 -4.58 4.05 17.26
N CYS A 44 -4.31 3.17 16.31
CA CYS A 44 -4.79 1.81 16.39
C CYS A 44 -3.88 0.92 15.54
N ASP A 45 -4.28 -0.34 15.42
CA ASP A 45 -3.50 -1.29 14.63
C ASP A 45 -3.37 -0.77 13.20
N CYS A 46 -2.16 -0.90 12.68
CA CYS A 46 -1.88 -0.46 11.32
C CYS A 46 -1.37 -1.65 10.52
N TYR A 47 -1.74 -1.67 9.24
CA TYR A 47 -1.32 -2.74 8.35
C TYR A 47 -1.23 -2.25 6.90
N VAL A 48 -0.39 -2.94 6.14
CA VAL A 48 -0.20 -2.58 4.74
C VAL A 48 -1.19 -3.38 3.88
N GLN A 49 -1.68 -2.73 2.84
CA GLN A 49 -2.64 -3.36 1.93
C GLN A 49 -2.29 -3.02 0.48
N GLY A 50 -2.16 -4.06 -0.31
CA GLY A 50 -1.84 -3.90 -1.72
C GLY A 50 -3.00 -4.35 -2.61
N SER A 51 -3.64 -3.38 -3.23
CA SER A 51 -4.77 -3.67 -4.11
C SER A 51 -4.33 -3.56 -5.58
N VAL A 52 -4.80 -4.51 -6.37
CA VAL A 52 -4.46 -4.53 -7.78
C VAL A 52 -5.75 -4.52 -8.61
N ALA A 53 -5.63 -4.00 -9.82
CA ALA A 53 -6.78 -3.91 -10.71
C ALA A 53 -6.36 -4.37 -12.11
N ASN A 54 -6.78 -5.57 -12.47
CA ASN A 54 -6.46 -6.13 -13.77
C ASN A 54 -7.74 -6.24 -14.60
N ARG A 55 -7.55 -6.60 -15.87
CA ARG A 55 -8.68 -6.75 -16.77
C ARG A 55 -9.62 -7.86 -16.27
N THR A 56 -9.06 -8.76 -15.48
CA THR A 56 -9.82 -9.86 -14.94
C THR A 56 -10.72 -9.37 -13.80
N GLY A 57 -10.27 -8.31 -13.14
CA GLY A 57 -11.03 -7.73 -12.04
C GLY A 57 -10.11 -6.93 -11.12
N SER A 58 -10.24 -7.21 -9.83
CA SER A 58 -9.44 -6.53 -8.83
C SER A 58 -9.13 -7.47 -7.67
N VAL A 59 -7.94 -7.31 -7.10
CA VAL A 59 -7.52 -8.14 -5.99
C VAL A 59 -7.01 -7.25 -4.85
N GLU A 60 -6.93 -7.83 -3.67
CA GLU A 60 -6.46 -7.10 -2.50
C GLU A 60 -5.78 -8.06 -1.52
N ALA A 61 -4.81 -7.51 -0.79
CA ALA A 61 -4.08 -8.30 0.18
C ALA A 61 -3.42 -7.37 1.20
N GLN A 62 -3.07 -7.94 2.34
CA GLN A 62 -2.44 -7.18 3.40
C GLN A 62 -1.78 -8.11 4.42
N THR A 63 -0.99 -7.52 5.29
CA THR A 63 -0.28 -8.29 6.31
C THR A 63 -1.04 -8.22 7.64
N ALA A 64 -0.55 -8.97 8.60
CA ALA A 64 -1.16 -9.01 9.92
C ALA A 64 -1.15 -7.60 10.51
N LEU A 65 -2.06 -7.38 11.45
CA LEU A 65 -2.18 -6.09 12.10
C LEU A 65 -1.07 -5.95 13.15
N LYS A 66 -0.36 -4.84 13.06
CA LYS A 66 0.73 -4.57 14.00
C LYS A 66 0.46 -3.25 14.72
N LYS A 67 0.96 -3.17 15.94
CA LYS A 67 0.79 -1.98 16.75
C LYS A 67 1.55 -0.82 16.11
N ARG A 68 0.96 0.36 16.22
CA ARG A 68 1.58 1.55 15.66
C ARG A 68 2.97 1.75 16.24
N GLN A 69 3.94 1.98 15.36
CA GLN A 69 5.31 2.19 15.77
C GLN A 69 5.99 3.20 14.84
N LEU A 70 7.03 3.83 15.39
CA LEU A 70 7.78 4.82 14.62
C LEU A 70 8.25 4.20 13.30
N HIS A 71 8.28 2.88 13.29
CA HIS A 71 8.70 2.15 12.11
C HIS A 71 8.21 0.71 12.18
N THR A 72 6.97 0.52 11.77
CA THR A 72 6.36 -0.80 11.79
C THR A 72 6.83 -1.61 10.58
N THR A 73 7.13 -2.88 10.84
CA THR A 73 7.59 -3.77 9.79
C THR A 73 6.87 -5.11 9.89
N TRP A 74 6.88 -5.83 8.77
CA TRP A 74 6.23 -7.13 8.71
C TRP A 74 7.26 -8.14 8.18
N GLU A 75 6.80 -9.38 8.07
CA GLU A 75 7.66 -10.45 7.58
C GLU A 75 7.10 -11.03 6.28
N GLU A 76 5.77 -11.08 6.22
CA GLU A 76 5.10 -11.61 5.05
C GLU A 76 4.74 -10.47 4.08
N GLY A 77 4.40 -10.86 2.87
CA GLY A 77 4.03 -9.88 1.85
C GLY A 77 2.70 -10.25 1.20
N LEU A 78 2.11 -9.27 0.53
CA LEU A 78 0.84 -9.47 -0.14
C LEU A 78 1.04 -10.35 -1.37
N VAL A 79 -0.08 -10.84 -1.90
CA VAL A 79 -0.03 -11.70 -3.08
C VAL A 79 -1.28 -11.44 -3.93
N LEU A 80 -1.09 -10.59 -4.94
CA LEU A 80 -2.19 -10.26 -5.83
C LEU A 80 -2.04 -11.04 -7.14
N PRO A 81 -3.13 -11.77 -7.50
CA PRO A 81 -3.13 -12.57 -8.71
C PRO A 81 -3.26 -11.69 -9.95
N LEU A 82 -2.30 -11.83 -10.85
CA LEU A 82 -2.30 -11.05 -12.07
C LEU A 82 -1.65 -11.86 -13.19
N ALA A 83 -2.07 -11.58 -14.42
CA ALA A 83 -1.53 -12.28 -15.58
C ALA A 83 -0.47 -11.40 -16.24
N GLU A 84 0.63 -12.05 -16.62
CA GLU A 84 1.72 -11.34 -17.27
C GLU A 84 1.21 -10.57 -18.49
N GLU A 85 0.04 -10.98 -18.97
CA GLU A 85 -0.56 -10.35 -20.12
C GLU A 85 -1.38 -9.13 -19.69
N GLU A 86 -1.54 -9.00 -18.38
CA GLU A 86 -2.30 -7.89 -17.82
C GLU A 86 -1.38 -6.96 -17.03
N LEU A 87 -0.13 -7.40 -16.89
CA LEU A 87 0.86 -6.62 -16.16
C LEU A 87 0.73 -5.14 -16.56
N PRO A 88 0.73 -4.91 -17.90
CA PRO A 88 0.62 -3.56 -18.43
C PRO A 88 -0.81 -3.05 -18.30
N THR A 89 -1.75 -3.97 -18.27
CA THR A 89 -3.16 -3.63 -18.15
C THR A 89 -3.61 -3.75 -16.69
N ALA A 90 -2.65 -3.63 -15.79
CA ALA A 90 -2.95 -3.72 -14.38
C ALA A 90 -2.13 -2.67 -13.61
N THR A 91 -2.63 -2.33 -12.44
CA THR A 91 -1.95 -1.34 -11.60
C THR A 91 -2.14 -1.67 -10.12
N LEU A 92 -1.08 -1.43 -9.36
CA LEU A 92 -1.11 -1.70 -7.94
C LEU A 92 -1.23 -0.38 -7.17
N THR A 93 -1.83 -0.46 -5.99
CA THR A 93 -2.02 0.71 -5.16
C THR A 93 -1.92 0.33 -3.68
N LEU A 94 -0.86 0.81 -3.06
CA LEU A 94 -0.63 0.53 -1.64
C LEU A 94 -1.55 1.43 -0.80
N THR A 95 -2.26 0.80 0.12
CA THR A 95 -3.16 1.52 1.00
C THR A 95 -2.95 1.11 2.45
N LEU A 96 -2.56 2.08 3.26
CA LEU A 96 -2.32 1.84 4.67
C LEU A 96 -3.54 2.26 5.48
N ARG A 97 -4.37 1.28 5.80
CA ARG A 97 -5.58 1.53 6.57
C ARG A 97 -5.32 1.30 8.06
N THR A 98 -6.15 1.93 8.87
CA THR A 98 -6.03 1.79 10.31
C THR A 98 -7.24 1.05 10.89
N CYS A 99 -6.96 0.15 11.81
CA CYS A 99 -8.00 -0.64 12.44
C CYS A 99 -9.02 0.33 13.05
N ASP A 100 -8.94 0.46 14.37
CA ASP A 100 -9.84 1.35 15.08
C ASP A 100 -11.28 0.92 14.82
N ARG A 101 -12.20 1.53 15.56
CA ARG A 101 -13.61 1.22 15.42
C ARG A 101 -14.37 2.43 14.88
N PHE A 102 -13.70 3.15 13.99
CA PHE A 102 -14.30 4.33 13.38
C PHE A 102 -14.47 4.15 11.87
N SER A 103 -13.43 3.61 11.25
CA SER A 103 -13.45 3.39 9.82
C SER A 103 -13.83 4.68 9.08
N ARG A 104 -13.34 5.79 9.61
CA ARG A 104 -13.61 7.08 9.03
C ARG A 104 -12.36 7.62 8.32
N HIS A 105 -12.59 8.54 7.40
CA HIS A 105 -11.49 9.13 6.64
C HIS A 105 -10.84 8.06 5.77
N SER A 106 -10.41 8.48 4.59
CA SER A 106 -9.76 7.58 3.66
C SER A 106 -8.62 6.84 4.36
N VAL A 107 -7.93 6.02 3.58
CA VAL A 107 -6.81 5.26 4.12
C VAL A 107 -5.81 6.20 4.77
N ALA A 108 -4.88 5.61 5.50
CA ALA A 108 -3.86 6.39 6.19
C ALA A 108 -2.89 6.97 5.15
N GLY A 109 -2.81 6.30 4.02
CA GLY A 109 -1.93 6.73 2.95
C GLY A 109 -2.11 5.86 1.70
N GLU A 110 -2.24 6.53 0.57
CA GLU A 110 -2.42 5.84 -0.70
C GLU A 110 -1.15 5.97 -1.55
N LEU A 111 -0.58 4.81 -1.87
CA LEU A 111 0.63 4.79 -2.68
C LEU A 111 0.32 4.11 -4.03
N ARG A 112 1.00 4.58 -5.06
CA ARG A 112 0.81 4.03 -6.39
C ARG A 112 2.09 3.33 -6.86
N LEU A 113 1.88 2.26 -7.63
CA LEU A 113 3.00 1.50 -8.16
C LEU A 113 2.62 0.91 -9.52
N GLY A 114 3.60 0.31 -10.16
CA GLY A 114 3.39 -0.30 -11.47
C GLY A 114 3.93 -1.73 -11.50
N LEU A 115 3.35 -2.52 -12.40
CA LEU A 115 3.76 -3.90 -12.53
C LEU A 115 4.45 -4.09 -13.89
N ASP A 116 4.05 -3.27 -14.84
CA ASP A 116 4.63 -3.33 -16.18
C ASP A 116 6.13 -3.12 -16.09
N GLY A 117 6.55 -2.52 -14.99
CA GLY A 117 7.96 -2.25 -14.76
C GLY A 117 8.34 -0.85 -15.25
N THR A 118 7.81 0.14 -14.56
CA THR A 118 8.08 1.53 -14.91
C THR A 118 8.28 2.38 -13.65
N SER A 119 7.18 2.65 -12.98
CA SER A 119 7.22 3.44 -11.77
C SER A 119 8.19 2.81 -10.77
N VAL A 120 8.07 1.50 -10.62
CA VAL A 120 8.92 0.76 -9.70
C VAL A 120 9.26 -0.60 -10.31
N PRO A 121 10.57 -0.97 -10.19
CA PRO A 121 11.04 -2.24 -10.72
C PRO A 121 10.59 -3.41 -9.84
N LEU A 122 10.76 -4.61 -10.37
CA LEU A 122 10.36 -5.81 -9.65
C LEU A 122 11.59 -6.38 -8.94
N GLY A 123 11.32 -7.17 -7.90
CA GLY A 123 12.38 -7.79 -7.14
C GLY A 123 13.34 -6.73 -6.58
N ALA A 124 12.89 -5.49 -6.58
CA ALA A 124 13.69 -4.40 -6.09
C ALA A 124 12.94 -3.69 -4.96
N ALA A 125 13.45 -3.86 -3.75
CA ALA A 125 12.84 -3.25 -2.58
C ALA A 125 13.21 -1.77 -2.54
N GLN A 126 12.18 -0.93 -2.51
CA GLN A 126 12.39 0.50 -2.46
C GLN A 126 11.35 1.16 -1.55
N TRP A 127 11.76 2.24 -0.92
CA TRP A 127 10.89 2.97 -0.02
C TRP A 127 10.02 3.90 -0.86
N GLY A 128 8.88 4.28 -0.28
CA GLY A 128 7.95 5.17 -0.97
C GLY A 128 7.11 5.95 0.03
N GLU A 129 6.92 7.23 -0.28
CA GLU A 129 6.13 8.10 0.58
C GLU A 129 4.65 8.01 0.22
N LEU A 130 3.82 7.87 1.25
CA LEU A 130 2.39 7.77 1.05
C LEU A 130 1.84 9.11 0.54
N LYS A 131 1.04 9.03 -0.50
CA LYS A 131 0.46 10.22 -1.10
C LYS A 131 -0.52 10.85 -0.11
N THR A 132 -1.16 9.98 0.67
CA THR A 132 -2.13 10.44 1.66
C THR A 132 -3.02 11.54 1.07
N SER A 133 -3.72 12.22 1.96
CA SER A 133 -4.61 13.29 1.54
C SER A 133 -5.33 12.91 0.25
N GLY A 134 -6.45 12.21 0.40
CA GLY A 134 -7.22 11.78 -0.75
C GLY A 134 -8.40 10.91 -0.32
N PRO A 135 -9.34 10.69 -1.28
CA PRO A 135 -10.52 9.88 -1.01
C PRO A 135 -10.15 8.39 -0.97
N SER A 136 -10.85 7.67 -0.11
CA SER A 136 -10.62 6.24 0.03
C SER A 136 -10.56 5.59 -1.35
N SER A 137 -9.68 4.60 -1.46
CA SER A 137 -9.50 3.88 -2.71
C SER A 137 -9.32 4.88 -3.86
N GLY A 138 -8.06 5.15 -4.18
CA GLY A 138 -7.74 6.07 -5.25
C GLY A 138 -6.24 6.12 -5.50
N GLY A 1 -21.53 17.60 -0.67
CA GLY A 1 -22.44 17.72 0.45
C GLY A 1 -21.86 18.64 1.54
N SER A 2 -22.72 19.51 2.03
CA SER A 2 -22.32 20.45 3.07
C SER A 2 -21.55 19.71 4.17
N SER A 3 -20.27 20.04 4.28
CA SER A 3 -19.43 19.42 5.28
C SER A 3 -18.07 20.13 5.34
N GLY A 4 -17.46 20.08 6.52
CA GLY A 4 -16.16 20.71 6.71
C GLY A 4 -15.34 19.97 7.78
N SER A 5 -14.04 20.06 7.65
CA SER A 5 -13.14 19.42 8.59
C SER A 5 -11.76 20.07 8.53
N SER A 6 -10.94 19.73 9.52
CA SER A 6 -9.60 20.28 9.60
C SER A 6 -8.60 19.17 9.94
N GLY A 7 -7.33 19.51 9.80
CA GLY A 7 -6.27 18.55 10.08
C GLY A 7 -4.98 19.27 10.52
N SER A 8 -3.88 18.55 10.44
CA SER A 8 -2.59 19.09 10.81
C SER A 8 -1.61 18.98 9.65
N TRP A 9 -0.46 19.64 9.81
CA TRP A 9 0.57 19.62 8.80
C TRP A 9 1.83 19.01 9.41
N ASN A 10 2.53 18.25 8.59
CA ASN A 10 3.75 17.60 9.03
C ASN A 10 4.35 16.78 7.88
N GLN A 11 5.49 16.16 8.16
CA GLN A 11 6.16 15.35 7.16
C GLN A 11 5.17 14.39 6.51
N ALA A 12 5.60 13.82 5.38
CA ALA A 12 4.76 12.87 4.67
C ALA A 12 5.04 11.45 5.18
N PRO A 13 4.01 10.58 5.00
CA PRO A 13 4.13 9.20 5.44
C PRO A 13 5.02 8.40 4.48
N LYS A 14 5.82 7.52 5.08
CA LYS A 14 6.73 6.69 4.30
C LYS A 14 6.24 5.24 4.33
N LEU A 15 6.50 4.54 3.23
CA LEU A 15 6.10 3.15 3.13
C LEU A 15 7.11 2.40 2.25
N HIS A 16 7.49 1.22 2.72
CA HIS A 16 8.44 0.40 1.99
C HIS A 16 7.73 -0.83 1.43
N TYR A 17 8.05 -1.16 0.18
CA TYR A 17 7.46 -2.31 -0.47
C TYR A 17 8.44 -2.95 -1.46
N CYS A 18 8.27 -4.25 -1.64
CA CYS A 18 9.14 -4.99 -2.54
C CYS A 18 8.26 -5.73 -3.55
N LEU A 19 8.16 -5.15 -4.74
CA LEU A 19 7.36 -5.73 -5.80
C LEU A 19 8.10 -6.93 -6.40
N ASP A 20 7.35 -7.98 -6.67
CA ASP A 20 7.91 -9.19 -7.23
C ASP A 20 6.80 -10.03 -7.86
N TYR A 21 6.89 -10.19 -9.17
CA TYR A 21 5.91 -10.97 -9.90
C TYR A 21 6.44 -12.36 -10.25
N ASP A 22 5.80 -13.37 -9.69
CA ASP A 22 6.20 -14.75 -9.94
C ASP A 22 5.35 -15.33 -11.07
N CYS A 23 5.81 -15.10 -12.29
CA CYS A 23 5.10 -15.59 -13.46
C CYS A 23 4.60 -17.01 -13.16
N GLN A 24 5.42 -17.74 -12.43
CA GLN A 24 5.07 -19.11 -12.06
C GLN A 24 3.72 -19.14 -11.35
N LYS A 25 3.57 -18.25 -10.38
CA LYS A 25 2.34 -18.17 -9.62
C LYS A 25 1.38 -17.20 -10.32
N ALA A 26 1.95 -16.36 -11.16
CA ALA A 26 1.16 -15.38 -11.89
C ALA A 26 0.43 -14.46 -10.91
N GLU A 27 1.14 -14.13 -9.84
CA GLU A 27 0.58 -13.27 -8.82
C GLU A 27 1.63 -12.28 -8.32
N LEU A 28 1.29 -11.00 -8.40
CA LEU A 28 2.20 -9.95 -7.96
C LEU A 28 2.34 -10.02 -6.45
N PHE A 29 3.57 -9.82 -6.00
CA PHE A 29 3.87 -9.85 -4.57
C PHE A 29 4.43 -8.51 -4.10
N VAL A 30 4.12 -8.18 -2.85
CA VAL A 30 4.58 -6.93 -2.27
C VAL A 30 5.22 -7.23 -0.90
N THR A 31 6.40 -7.82 -0.96
CA THR A 31 7.14 -8.15 0.24
C THR A 31 7.88 -6.92 0.78
N ARG A 32 8.56 -7.13 1.90
CA ARG A 32 9.31 -6.05 2.52
C ARG A 32 8.39 -4.85 2.79
N LEU A 33 7.68 -4.93 3.91
CA LEU A 33 6.76 -3.87 4.29
C LEU A 33 7.32 -3.14 5.52
N GLU A 34 7.42 -1.83 5.39
CA GLU A 34 7.94 -1.01 6.48
C GLU A 34 7.42 0.42 6.35
N ALA A 35 6.40 0.73 7.14
CA ALA A 35 5.82 2.06 7.12
C ALA A 35 6.62 2.97 8.04
N VAL A 36 6.56 4.26 7.74
CA VAL A 36 7.28 5.25 8.53
C VAL A 36 6.39 6.48 8.72
N THR A 37 5.40 6.33 9.59
CA THR A 37 4.48 7.42 9.88
C THR A 37 3.78 7.20 11.23
N SER A 38 3.31 8.29 11.79
CA SER A 38 2.63 8.22 13.08
C SER A 38 1.21 8.79 12.95
N ASN A 39 0.25 8.01 13.43
CA ASN A 39 -1.14 8.42 13.38
C ASN A 39 -1.92 7.72 14.49
N HIS A 40 -2.93 8.42 14.99
CA HIS A 40 -3.75 7.88 16.06
C HIS A 40 -2.89 7.61 17.28
N ASP A 41 -3.55 7.47 18.43
CA ASP A 41 -2.86 7.20 19.67
C ASP A 41 -3.81 6.53 20.65
N GLY A 42 -3.29 5.54 21.36
CA GLY A 42 -4.09 4.80 22.33
C GLY A 42 -3.89 3.29 22.18
N GLY A 43 -4.06 2.82 20.95
CA GLY A 43 -3.91 1.41 20.66
C GLY A 43 -4.66 1.02 19.38
N CYS A 44 -3.99 1.21 18.26
CA CYS A 44 -4.59 0.87 16.97
C CYS A 44 -3.62 -0.04 16.22
N ASP A 45 -4.21 -1.01 15.52
CA ASP A 45 -3.43 -1.96 14.76
C ASP A 45 -3.34 -1.50 13.31
N CYS A 46 -2.19 -0.96 12.96
CA CYS A 46 -1.98 -0.47 11.61
C CYS A 46 -1.49 -1.64 10.75
N TYR A 47 -1.92 -1.62 9.49
CA TYR A 47 -1.54 -2.67 8.56
C TYR A 47 -1.58 -2.17 7.11
N VAL A 48 -0.76 -2.79 6.28
CA VAL A 48 -0.69 -2.41 4.88
C VAL A 48 -1.68 -3.25 4.07
N GLN A 49 -2.09 -2.70 2.94
CA GLN A 49 -3.04 -3.38 2.08
C GLN A 49 -2.72 -3.11 0.60
N GLY A 50 -2.49 -4.19 -0.13
CA GLY A 50 -2.17 -4.08 -1.54
C GLY A 50 -3.41 -4.32 -2.41
N SER A 51 -3.64 -3.39 -3.32
CA SER A 51 -4.79 -3.50 -4.21
C SER A 51 -4.32 -3.42 -5.66
N VAL A 52 -4.82 -4.36 -6.46
CA VAL A 52 -4.46 -4.42 -7.87
C VAL A 52 -5.73 -4.30 -8.71
N ALA A 53 -5.55 -3.84 -9.94
CA ALA A 53 -6.66 -3.67 -10.85
C ALA A 53 -6.24 -4.12 -12.25
N ASN A 54 -6.82 -5.24 -12.68
CA ASN A 54 -6.51 -5.79 -13.99
C ASN A 54 -7.72 -5.61 -14.90
N ARG A 55 -7.58 -6.13 -16.12
CA ARG A 55 -8.65 -6.02 -17.11
C ARG A 55 -9.72 -7.08 -16.85
N THR A 56 -9.53 -7.81 -15.75
CA THR A 56 -10.46 -8.86 -15.38
C THR A 56 -11.26 -8.45 -14.15
N GLY A 57 -10.75 -7.46 -13.45
CA GLY A 57 -11.39 -6.96 -12.25
C GLY A 57 -10.40 -6.25 -11.34
N SER A 58 -10.31 -6.74 -10.11
CA SER A 58 -9.41 -6.16 -9.12
C SER A 58 -9.21 -7.13 -7.96
N VAL A 59 -8.14 -6.90 -7.22
CA VAL A 59 -7.83 -7.74 -6.08
C VAL A 59 -7.45 -6.86 -4.88
N GLU A 60 -7.25 -7.50 -3.74
CA GLU A 60 -6.88 -6.79 -2.54
C GLU A 60 -6.28 -7.75 -1.51
N ALA A 61 -5.25 -7.28 -0.83
CA ALA A 61 -4.57 -8.08 0.17
C ALA A 61 -4.03 -7.17 1.28
N GLN A 62 -3.59 -7.80 2.35
CA GLN A 62 -3.04 -7.05 3.47
C GLN A 62 -2.18 -7.97 4.35
N THR A 63 -1.46 -7.35 5.27
CA THR A 63 -0.60 -8.09 6.17
C THR A 63 -1.28 -8.28 7.53
N ALA A 64 -0.56 -8.94 8.43
CA ALA A 64 -1.08 -9.18 9.76
C ALA A 64 -0.96 -7.91 10.60
N LEU A 65 -2.05 -7.57 11.27
CA LEU A 65 -2.07 -6.37 12.10
C LEU A 65 -0.80 -6.33 12.95
N LYS A 66 -0.33 -5.11 13.20
CA LYS A 66 0.87 -4.91 13.98
C LYS A 66 0.71 -3.66 14.85
N LYS A 67 1.32 -3.71 16.02
CA LYS A 67 1.25 -2.58 16.94
C LYS A 67 1.82 -1.34 16.26
N ARG A 68 1.13 -0.22 16.45
CA ARG A 68 1.55 1.04 15.85
C ARG A 68 2.96 1.40 16.33
N GLN A 69 3.83 1.64 15.37
CA GLN A 69 5.21 1.99 15.66
C GLN A 69 5.72 3.04 14.66
N LEU A 70 6.66 3.84 15.13
CA LEU A 70 7.24 4.87 14.29
C LEU A 70 7.78 4.25 13.00
N HIS A 71 8.10 2.96 13.10
CA HIS A 71 8.63 2.24 11.96
C HIS A 71 8.26 0.76 12.08
N THR A 72 7.01 0.47 11.77
CA THR A 72 6.52 -0.90 11.84
C THR A 72 7.10 -1.73 10.69
N THR A 73 7.27 -3.02 10.97
CA THR A 73 7.82 -3.92 9.98
C THR A 73 7.01 -5.23 9.95
N TRP A 74 6.98 -5.84 8.78
CA TRP A 74 6.25 -7.09 8.59
C TRP A 74 7.24 -8.14 8.08
N GLU A 75 7.06 -9.36 8.57
CA GLU A 75 7.92 -10.46 8.15
C GLU A 75 7.41 -11.07 6.85
N GLU A 76 6.12 -10.89 6.62
CA GLU A 76 5.50 -11.42 5.42
C GLU A 76 5.31 -10.31 4.38
N GLY A 77 4.55 -10.64 3.34
CA GLY A 77 4.28 -9.68 2.28
C GLY A 77 2.88 -9.90 1.69
N LEU A 78 2.56 -9.08 0.70
CA LEU A 78 1.27 -9.17 0.05
C LEU A 78 1.43 -9.84 -1.32
N VAL A 79 0.33 -10.34 -1.83
CA VAL A 79 0.34 -11.00 -3.13
C VAL A 79 -1.04 -10.86 -3.79
N LEU A 80 -1.02 -10.43 -5.03
CA LEU A 80 -2.25 -10.24 -5.79
C LEU A 80 -2.17 -11.02 -7.10
N PRO A 81 -3.32 -11.59 -7.50
CA PRO A 81 -3.39 -12.36 -8.73
C PRO A 81 -3.39 -11.44 -9.95
N LEU A 82 -2.46 -11.70 -10.85
CA LEU A 82 -2.34 -10.91 -12.06
C LEU A 82 -1.66 -11.75 -13.15
N ALA A 83 -2.14 -11.58 -14.37
CA ALA A 83 -1.60 -12.31 -15.50
C ALA A 83 -0.48 -11.48 -16.15
N GLU A 84 0.56 -12.17 -16.57
CA GLU A 84 1.69 -11.52 -17.20
C GLU A 84 1.22 -10.67 -18.39
N GLU A 85 0.02 -10.99 -18.86
CA GLU A 85 -0.56 -10.27 -19.99
C GLU A 85 -1.28 -9.02 -19.50
N GLU A 86 -1.52 -8.98 -18.19
CA GLU A 86 -2.20 -7.85 -17.59
C GLU A 86 -1.22 -7.00 -16.78
N LEU A 87 0.05 -7.41 -16.84
CA LEU A 87 1.09 -6.71 -16.13
C LEU A 87 1.09 -5.23 -16.54
N PRO A 88 1.13 -5.01 -17.88
CA PRO A 88 1.13 -3.66 -18.42
C PRO A 88 -0.26 -3.04 -18.33
N THR A 89 -1.25 -3.90 -18.10
CA THR A 89 -2.62 -3.45 -17.99
C THR A 89 -3.14 -3.64 -16.57
N ALA A 90 -2.24 -3.45 -15.61
CA ALA A 90 -2.58 -3.60 -14.21
C ALA A 90 -1.74 -2.64 -13.38
N THR A 91 -2.28 -2.29 -12.22
CA THR A 91 -1.59 -1.38 -11.32
C THR A 91 -1.80 -1.81 -9.87
N LEU A 92 -0.72 -1.74 -9.10
CA LEU A 92 -0.77 -2.11 -7.70
C LEU A 92 -0.76 -0.85 -6.84
N THR A 93 -1.82 -0.69 -6.06
CA THR A 93 -1.95 0.47 -5.19
C THR A 93 -1.89 0.03 -3.72
N LEU A 94 -0.91 0.57 -3.01
CA LEU A 94 -0.74 0.25 -1.60
C LEU A 94 -1.67 1.14 -0.78
N THR A 95 -2.07 0.61 0.38
CA THR A 95 -2.96 1.33 1.27
C THR A 95 -2.68 0.94 2.73
N LEU A 96 -2.56 1.96 3.57
CA LEU A 96 -2.29 1.74 4.97
C LEU A 96 -3.55 2.05 5.78
N ARG A 97 -4.29 1.00 6.09
CA ARG A 97 -5.52 1.14 6.85
C ARG A 97 -5.23 0.99 8.35
N THR A 98 -6.19 1.47 9.14
CA THR A 98 -6.05 1.38 10.59
C THR A 98 -7.23 0.61 11.20
N CYS A 99 -6.88 -0.31 12.08
CA CYS A 99 -7.89 -1.14 12.74
C CYS A 99 -8.56 -0.30 13.83
N ASP A 100 -9.85 -0.52 13.99
CA ASP A 100 -10.61 0.20 15.00
C ASP A 100 -12.06 -0.28 14.98
N ARG A 101 -12.76 0.03 16.06
CA ARG A 101 -14.15 -0.38 16.18
C ARG A 101 -14.88 -0.20 14.85
N PHE A 102 -14.96 1.06 14.43
CA PHE A 102 -15.62 1.39 13.18
C PHE A 102 -14.62 1.80 12.11
N SER A 103 -13.69 2.65 12.52
CA SER A 103 -12.65 3.13 11.61
C SER A 103 -13.23 4.19 10.67
N ARG A 104 -13.99 5.10 11.25
CA ARG A 104 -14.60 6.17 10.48
C ARG A 104 -13.53 7.02 9.81
N HIS A 105 -13.09 6.55 8.64
CA HIS A 105 -12.08 7.26 7.89
C HIS A 105 -11.68 6.43 6.66
N SER A 106 -10.68 6.94 5.95
CA SER A 106 -10.20 6.26 4.76
C SER A 106 -8.80 5.69 5.00
N VAL A 107 -8.09 5.45 3.91
CA VAL A 107 -6.75 4.90 3.99
C VAL A 107 -5.84 5.90 4.72
N ALA A 108 -4.89 5.36 5.47
CA ALA A 108 -3.95 6.19 6.21
C ALA A 108 -2.82 6.62 5.29
N GLY A 109 -2.85 6.10 4.06
CA GLY A 109 -1.83 6.42 3.09
C GLY A 109 -1.91 5.48 1.89
N GLU A 110 -2.03 6.07 0.71
CA GLU A 110 -2.11 5.31 -0.52
C GLU A 110 -0.85 5.50 -1.36
N LEU A 111 -0.44 4.42 -2.01
CA LEU A 111 0.74 4.45 -2.85
C LEU A 111 0.45 3.74 -4.18
N ARG A 112 0.90 4.36 -5.25
CA ARG A 112 0.69 3.80 -6.58
C ARG A 112 1.99 3.19 -7.10
N LEU A 113 1.89 1.96 -7.58
CA LEU A 113 3.05 1.26 -8.12
C LEU A 113 2.71 0.70 -9.49
N GLY A 114 3.72 0.16 -10.15
CA GLY A 114 3.54 -0.42 -11.47
C GLY A 114 4.13 -1.84 -11.53
N LEU A 115 3.50 -2.67 -12.35
CA LEU A 115 3.95 -4.04 -12.50
C LEU A 115 4.72 -4.17 -13.82
N ASP A 116 4.25 -3.43 -14.82
CA ASP A 116 4.88 -3.46 -16.13
C ASP A 116 6.40 -3.38 -15.96
N GLY A 117 6.81 -2.68 -14.91
CA GLY A 117 8.23 -2.53 -14.62
C GLY A 117 8.69 -1.11 -14.93
N THR A 118 7.74 -0.20 -14.97
CA THR A 118 8.04 1.19 -15.25
C THR A 118 8.19 1.99 -13.95
N SER A 119 7.06 2.41 -13.42
CA SER A 119 7.05 3.18 -12.19
C SER A 119 8.10 2.62 -11.22
N VAL A 120 7.95 1.35 -10.90
CA VAL A 120 8.87 0.68 -9.99
C VAL A 120 9.23 -0.69 -10.56
N PRO A 121 10.54 -1.04 -10.43
CA PRO A 121 11.02 -2.32 -10.91
C PRO A 121 10.59 -3.45 -9.99
N LEU A 122 10.83 -4.67 -10.45
CA LEU A 122 10.47 -5.85 -9.68
C LEU A 122 11.71 -6.38 -8.94
N GLY A 123 11.45 -7.09 -7.85
CA GLY A 123 12.53 -7.65 -7.06
C GLY A 123 13.52 -6.56 -6.63
N ALA A 124 13.01 -5.33 -6.58
CA ALA A 124 13.82 -4.20 -6.19
C ALA A 124 13.14 -3.45 -5.04
N ALA A 125 13.63 -3.70 -3.84
CA ALA A 125 13.07 -3.06 -2.66
C ALA A 125 13.36 -1.57 -2.72
N GLN A 126 12.27 -0.79 -2.71
CA GLN A 126 12.39 0.66 -2.76
C GLN A 126 11.38 1.31 -1.82
N TRP A 127 11.82 2.37 -1.16
CA TRP A 127 10.96 3.08 -0.23
C TRP A 127 10.15 4.11 -1.02
N GLY A 128 8.85 4.11 -0.75
CA GLY A 128 7.95 5.02 -1.44
C GLY A 128 7.05 5.75 -0.44
N GLU A 129 6.92 7.05 -0.64
CA GLU A 129 6.10 7.88 0.23
C GLU A 129 4.62 7.61 -0.04
N LEU A 130 3.84 7.62 1.04
CA LEU A 130 2.41 7.38 0.93
C LEU A 130 1.71 8.69 0.53
N LYS A 131 0.91 8.58 -0.53
CA LYS A 131 0.18 9.73 -1.02
C LYS A 131 -1.22 9.75 -0.40
N THR A 132 -1.25 10.00 0.92
CA THR A 132 -2.50 10.04 1.64
C THR A 132 -3.59 10.71 0.79
N SER A 133 -4.41 9.87 0.18
CA SER A 133 -5.49 10.37 -0.66
C SER A 133 -6.83 10.21 0.07
N GLY A 134 -7.87 10.74 -0.56
CA GLY A 134 -9.20 10.67 0.00
C GLY A 134 -9.78 9.25 -0.11
N PRO A 135 -11.14 9.17 -0.10
CA PRO A 135 -11.82 7.90 -0.20
C PRO A 135 -11.77 7.37 -1.63
N SER A 136 -11.30 6.13 -1.75
CA SER A 136 -11.20 5.50 -3.05
C SER A 136 -10.93 4.00 -2.88
N SER A 137 -11.95 3.30 -2.40
CA SER A 137 -11.83 1.87 -2.19
C SER A 137 -12.96 1.14 -2.90
N GLY A 138 -14.18 1.55 -2.59
CA GLY A 138 -15.36 0.94 -3.20
C GLY A 138 -15.42 1.25 -4.69
N GLY A 1 -27.06 16.40 2.51
CA GLY A 1 -25.70 15.91 2.35
C GLY A 1 -24.68 16.88 2.94
N SER A 2 -23.53 16.34 3.29
CA SER A 2 -22.47 17.15 3.88
C SER A 2 -21.27 16.27 4.22
N SER A 3 -20.15 16.93 4.47
CA SER A 3 -18.92 16.22 4.80
C SER A 3 -17.82 17.22 5.16
N GLY A 4 -16.72 16.68 5.66
CA GLY A 4 -15.60 17.52 6.06
C GLY A 4 -14.29 16.73 5.97
N SER A 5 -13.20 17.40 6.35
CA SER A 5 -11.89 16.79 6.32
C SER A 5 -10.85 17.75 6.92
N SER A 6 -9.70 17.18 7.26
CA SER A 6 -8.62 17.97 7.83
C SER A 6 -7.39 17.09 8.02
N GLY A 7 -6.25 17.76 8.22
CA GLY A 7 -5.00 17.05 8.43
C GLY A 7 -3.83 18.03 8.49
N SER A 8 -2.69 17.53 8.94
CA SER A 8 -1.50 18.33 9.06
C SER A 8 -0.35 17.50 9.63
N TRP A 9 0.85 17.79 9.15
CA TRP A 9 2.04 17.08 9.60
C TRP A 9 3.25 17.69 8.90
N ASN A 10 4.41 17.45 9.48
CA ASN A 10 5.65 17.96 8.93
C ASN A 10 6.26 16.92 8.00
N GLN A 11 6.47 15.73 8.55
CA GLN A 11 7.06 14.64 7.77
C GLN A 11 5.99 13.99 6.91
N ALA A 12 6.45 13.10 6.02
CA ALA A 12 5.54 12.40 5.13
C ALA A 12 5.55 10.91 5.48
N PRO A 13 4.40 10.24 5.19
CA PRO A 13 4.26 8.83 5.46
C PRO A 13 5.04 7.99 4.46
N LYS A 14 5.94 7.16 4.98
CA LYS A 14 6.75 6.31 4.14
C LYS A 14 6.26 4.87 4.27
N LEU A 15 6.28 4.17 3.14
CA LEU A 15 5.85 2.78 3.11
C LEU A 15 6.79 1.97 2.22
N HIS A 16 7.61 1.15 2.87
CA HIS A 16 8.56 0.33 2.15
C HIS A 16 7.85 -0.90 1.58
N TYR A 17 8.24 -1.26 0.37
CA TYR A 17 7.66 -2.40 -0.30
C TYR A 17 8.59 -2.95 -1.38
N CYS A 18 8.55 -4.26 -1.56
CA CYS A 18 9.38 -4.92 -2.55
C CYS A 18 8.47 -5.69 -3.51
N LEU A 19 8.18 -5.04 -4.63
CA LEU A 19 7.33 -5.65 -5.64
C LEU A 19 8.10 -6.74 -6.37
N ASP A 20 7.44 -7.88 -6.55
CA ASP A 20 8.06 -9.01 -7.23
C ASP A 20 6.95 -9.90 -7.81
N TYR A 21 6.95 -9.98 -9.14
CA TYR A 21 5.97 -10.80 -9.83
C TYR A 21 6.55 -12.17 -10.19
N ASP A 22 5.89 -13.20 -9.70
CA ASP A 22 6.32 -14.57 -9.98
C ASP A 22 5.51 -15.14 -11.13
N CYS A 23 5.98 -14.88 -12.34
CA CYS A 23 5.31 -15.36 -13.53
C CYS A 23 4.88 -16.81 -13.28
N GLN A 24 5.69 -17.51 -12.51
CA GLN A 24 5.40 -18.90 -12.19
C GLN A 24 4.04 -19.01 -11.49
N LYS A 25 3.85 -18.17 -10.49
CA LYS A 25 2.60 -18.16 -9.74
C LYS A 25 1.60 -17.26 -10.44
N ALA A 26 2.12 -16.30 -11.20
CA ALA A 26 1.28 -15.37 -11.93
C ALA A 26 0.54 -14.48 -10.93
N GLU A 27 1.25 -14.08 -9.90
CA GLU A 27 0.68 -13.23 -8.87
C GLU A 27 1.69 -12.19 -8.40
N LEU A 28 1.21 -10.96 -8.24
CA LEU A 28 2.05 -9.87 -7.80
C LEU A 28 2.24 -9.95 -6.29
N PHE A 29 3.45 -9.63 -5.85
CA PHE A 29 3.77 -9.66 -4.44
C PHE A 29 4.28 -8.29 -3.96
N VAL A 30 3.98 -7.99 -2.71
CA VAL A 30 4.40 -6.72 -2.12
C VAL A 30 5.02 -6.99 -0.75
N THR A 31 6.19 -7.61 -0.77
CA THR A 31 6.89 -7.93 0.47
C THR A 31 7.66 -6.71 0.97
N ARG A 32 8.56 -6.96 1.90
CA ARG A 32 9.37 -5.89 2.48
C ARG A 32 8.48 -4.71 2.87
N LEU A 33 7.57 -4.98 3.79
CA LEU A 33 6.66 -3.94 4.26
C LEU A 33 7.25 -3.26 5.50
N GLU A 34 7.49 -1.97 5.36
CA GLU A 34 8.05 -1.20 6.45
C GLU A 34 7.52 0.24 6.42
N ALA A 35 6.43 0.44 7.14
CA ALA A 35 5.81 1.76 7.20
C ALA A 35 6.69 2.69 8.05
N VAL A 36 6.68 3.96 7.67
CA VAL A 36 7.47 4.96 8.37
C VAL A 36 6.60 6.18 8.67
N THR A 37 5.82 6.07 9.74
CA THR A 37 4.93 7.15 10.13
C THR A 37 5.23 7.59 11.57
N SER A 38 5.09 8.88 11.79
CA SER A 38 5.35 9.44 13.11
C SER A 38 4.05 10.00 13.70
N ASN A 39 4.10 10.27 15.00
CA ASN A 39 2.94 10.81 15.70
C ASN A 39 1.84 9.76 15.72
N HIS A 40 1.63 9.17 16.89
CA HIS A 40 0.61 8.16 17.06
C HIS A 40 0.12 8.15 18.50
N ASP A 41 -1.19 8.25 18.65
CA ASP A 41 -1.80 8.26 19.98
C ASP A 41 -1.91 6.82 20.49
N GLY A 42 -1.29 6.60 21.63
CA GLY A 42 -1.30 5.28 22.25
C GLY A 42 -0.84 4.21 21.25
N GLY A 43 -1.58 3.11 21.24
CA GLY A 43 -1.25 2.01 20.34
C GLY A 43 -2.50 1.57 19.56
N CYS A 44 -2.41 1.73 18.24
CA CYS A 44 -3.52 1.35 17.37
C CYS A 44 -3.07 0.16 16.52
N ASP A 45 -3.99 -0.35 15.73
CA ASP A 45 -3.70 -1.48 14.85
C ASP A 45 -3.75 -1.01 13.40
N CYS A 46 -2.58 -0.99 12.79
CA CYS A 46 -2.46 -0.58 11.40
C CYS A 46 -1.95 -1.77 10.58
N TYR A 47 -2.19 -1.68 9.28
CA TYR A 47 -1.75 -2.74 8.37
C TYR A 47 -1.62 -2.22 6.94
N VAL A 48 -0.80 -2.92 6.18
CA VAL A 48 -0.58 -2.54 4.79
C VAL A 48 -1.58 -3.27 3.89
N GLN A 49 -2.15 -2.51 2.97
CA GLN A 49 -3.12 -3.07 2.04
C GLN A 49 -2.66 -2.89 0.59
N GLY A 50 -2.69 -3.99 -0.14
CA GLY A 50 -2.26 -3.97 -1.53
C GLY A 50 -3.37 -4.49 -2.45
N SER A 51 -3.90 -3.58 -3.25
CA SER A 51 -4.97 -3.93 -4.17
C SER A 51 -4.49 -3.77 -5.62
N VAL A 52 -4.98 -4.67 -6.47
CA VAL A 52 -4.60 -4.65 -7.86
C VAL A 52 -5.86 -4.54 -8.73
N ALA A 53 -5.66 -4.15 -9.98
CA ALA A 53 -6.77 -4.01 -10.91
C ALA A 53 -6.34 -4.54 -12.28
N ASN A 54 -6.96 -5.66 -12.66
CA ASN A 54 -6.66 -6.28 -13.94
C ASN A 54 -7.90 -6.21 -14.84
N ARG A 55 -7.69 -6.55 -16.10
CA ARG A 55 -8.78 -6.53 -17.07
C ARG A 55 -9.86 -7.54 -16.67
N THR A 56 -9.49 -8.43 -15.77
CA THR A 56 -10.42 -9.45 -15.30
C THR A 56 -11.25 -8.91 -14.14
N GLY A 57 -10.68 -7.95 -13.43
CA GLY A 57 -11.37 -7.35 -12.30
C GLY A 57 -10.37 -6.65 -11.38
N SER A 58 -10.34 -7.10 -10.13
CA SER A 58 -9.44 -6.52 -9.14
C SER A 58 -9.23 -7.51 -8.00
N VAL A 59 -8.13 -7.29 -7.28
CA VAL A 59 -7.80 -8.15 -6.15
C VAL A 59 -7.36 -7.28 -4.97
N GLU A 60 -7.22 -7.94 -3.82
CA GLU A 60 -6.81 -7.24 -2.61
C GLU A 60 -6.10 -8.21 -1.66
N ALA A 61 -5.29 -7.64 -0.78
CA ALA A 61 -4.55 -8.43 0.18
C ALA A 61 -3.88 -7.50 1.19
N GLN A 62 -3.80 -7.99 2.43
CA GLN A 62 -3.17 -7.22 3.48
C GLN A 62 -2.31 -8.12 4.37
N THR A 63 -1.60 -7.49 5.29
CA THR A 63 -0.74 -8.23 6.21
C THR A 63 -1.35 -8.28 7.60
N ALA A 64 -0.65 -8.92 8.51
CA ALA A 64 -1.11 -9.05 9.88
C ALA A 64 -0.93 -7.71 10.60
N LEU A 65 -1.96 -7.34 11.35
CA LEU A 65 -1.93 -6.08 12.08
C LEU A 65 -0.63 -6.01 12.90
N LYS A 66 -0.15 -4.79 13.07
CA LYS A 66 1.07 -4.57 13.82
C LYS A 66 0.91 -3.32 14.70
N LYS A 67 1.41 -3.43 15.92
CA LYS A 67 1.32 -2.33 16.86
C LYS A 67 2.05 -1.11 16.28
N ARG A 68 1.28 -0.05 16.06
CA ARG A 68 1.84 1.17 15.51
C ARG A 68 3.23 1.44 16.10
N GLN A 69 4.17 1.68 15.19
CA GLN A 69 5.54 1.96 15.61
C GLN A 69 6.18 2.98 14.67
N LEU A 70 7.31 3.52 15.11
CA LEU A 70 8.03 4.50 14.33
C LEU A 70 8.52 3.85 13.04
N HIS A 71 8.64 2.53 13.08
CA HIS A 71 9.10 1.79 11.92
C HIS A 71 8.62 0.34 12.03
N THR A 72 7.35 0.16 11.71
CA THR A 72 6.75 -1.17 11.75
C THR A 72 7.27 -2.04 10.62
N THR A 73 7.27 -3.34 10.85
CA THR A 73 7.74 -4.29 9.85
C THR A 73 6.93 -5.57 9.92
N TRP A 74 6.70 -6.16 8.75
CA TRP A 74 5.95 -7.39 8.66
C TRP A 74 6.89 -8.50 8.18
N GLU A 75 6.58 -9.72 8.58
CA GLU A 75 7.39 -10.87 8.20
C GLU A 75 6.76 -11.60 7.02
N GLU A 76 5.96 -10.86 6.27
CA GLU A 76 5.29 -11.44 5.11
C GLU A 76 5.03 -10.34 4.06
N GLY A 77 4.35 -10.74 2.99
CA GLY A 77 4.03 -9.82 1.92
C GLY A 77 2.67 -10.14 1.30
N LEU A 78 2.16 -9.18 0.55
CA LEU A 78 0.87 -9.35 -0.10
C LEU A 78 1.04 -10.23 -1.35
N VAL A 79 -0.09 -10.63 -1.91
CA VAL A 79 -0.09 -11.47 -3.09
C VAL A 79 -1.38 -11.23 -3.89
N LEU A 80 -1.20 -10.59 -5.03
CA LEU A 80 -2.33 -10.28 -5.89
C LEU A 80 -2.21 -11.09 -7.19
N PRO A 81 -3.32 -11.79 -7.54
CA PRO A 81 -3.35 -12.60 -8.75
C PRO A 81 -3.46 -11.72 -9.99
N LEU A 82 -2.48 -11.87 -10.89
CA LEU A 82 -2.46 -11.10 -12.11
C LEU A 82 -1.76 -11.91 -13.21
N ALA A 83 -2.18 -11.66 -14.44
CA ALA A 83 -1.60 -12.37 -15.57
C ALA A 83 -0.48 -11.51 -16.17
N GLU A 84 0.62 -12.19 -16.50
CA GLU A 84 1.77 -11.52 -17.08
C GLU A 84 1.35 -10.72 -18.31
N GLU A 85 0.21 -11.10 -18.87
CA GLU A 85 -0.31 -10.43 -20.05
C GLU A 85 -1.10 -9.18 -19.65
N GLU A 86 -1.32 -9.06 -18.35
CA GLU A 86 -2.06 -7.91 -17.83
C GLU A 86 -1.13 -7.02 -17.00
N LEU A 87 0.09 -7.51 -16.81
CA LEU A 87 1.08 -6.77 -16.03
C LEU A 87 1.01 -5.29 -16.41
N PRO A 88 1.06 -5.03 -17.75
CA PRO A 88 1.01 -3.67 -18.25
C PRO A 88 -0.41 -3.11 -18.17
N THR A 89 -1.37 -4.02 -18.20
CA THR A 89 -2.77 -3.63 -18.13
C THR A 89 -3.30 -3.79 -16.70
N ALA A 90 -2.38 -3.67 -15.75
CA ALA A 90 -2.73 -3.80 -14.34
C ALA A 90 -1.92 -2.81 -13.52
N THR A 91 -2.50 -2.39 -12.41
CA THR A 91 -1.82 -1.45 -11.52
C THR A 91 -2.07 -1.82 -10.06
N LEU A 92 -1.00 -1.78 -9.29
CA LEU A 92 -1.08 -2.11 -7.87
C LEU A 92 -1.14 -0.82 -7.06
N THR A 93 -1.98 -0.84 -6.02
CA THR A 93 -2.13 0.32 -5.17
C THR A 93 -2.00 -0.09 -3.70
N LEU A 94 -1.11 0.60 -2.99
CA LEU A 94 -0.90 0.32 -1.59
C LEU A 94 -1.73 1.28 -0.74
N THR A 95 -2.44 0.70 0.23
CA THR A 95 -3.28 1.49 1.11
C THR A 95 -3.00 1.14 2.56
N LEU A 96 -2.82 2.18 3.37
CA LEU A 96 -2.54 1.99 4.78
C LEU A 96 -3.76 2.41 5.60
N ARG A 97 -4.56 1.42 5.98
CA ARG A 97 -5.75 1.67 6.76
C ARG A 97 -5.48 1.42 8.25
N THR A 98 -6.14 2.22 9.07
CA THR A 98 -5.98 2.10 10.51
C THR A 98 -7.18 1.39 11.12
N CYS A 99 -6.88 0.33 11.86
CA CYS A 99 -7.93 -0.45 12.50
C CYS A 99 -8.55 0.40 13.60
N ASP A 100 -9.66 1.04 13.26
CA ASP A 100 -10.36 1.88 14.21
C ASP A 100 -11.81 1.39 14.36
N ARG A 101 -12.52 2.02 15.28
CA ARG A 101 -13.91 1.66 15.53
C ARG A 101 -14.67 1.50 14.21
N PHE A 102 -14.59 2.54 13.39
CA PHE A 102 -15.25 2.53 12.11
C PHE A 102 -14.24 2.49 10.96
N SER A 103 -13.17 3.26 11.14
CA SER A 103 -12.13 3.31 10.13
C SER A 103 -12.65 4.03 8.87
N ARG A 104 -13.37 5.10 9.10
CA ARG A 104 -13.93 5.87 8.01
C ARG A 104 -12.86 6.78 7.38
N HIS A 105 -13.29 7.57 6.42
CA HIS A 105 -12.39 8.49 5.74
C HIS A 105 -11.39 7.70 4.89
N SER A 106 -10.52 8.43 4.22
CA SER A 106 -9.52 7.80 3.36
C SER A 106 -8.52 7.02 4.22
N VAL A 107 -7.56 6.40 3.54
CA VAL A 107 -6.55 5.62 4.23
C VAL A 107 -5.51 6.56 4.83
N ALA A 108 -4.61 5.97 5.62
CA ALA A 108 -3.57 6.74 6.27
C ALA A 108 -2.51 7.13 5.23
N GLY A 109 -2.56 6.44 4.10
CA GLY A 109 -1.62 6.69 3.02
C GLY A 109 -1.91 5.80 1.81
N GLU A 110 -1.99 6.44 0.66
CA GLU A 110 -2.25 5.72 -0.58
C GLU A 110 -1.02 5.73 -1.49
N LEU A 111 -0.66 4.55 -1.98
CA LEU A 111 0.49 4.42 -2.84
C LEU A 111 0.09 3.64 -4.09
N ARG A 112 0.76 3.97 -5.19
CA ARG A 112 0.48 3.31 -6.46
C ARG A 112 1.78 2.82 -7.10
N LEU A 113 1.74 1.58 -7.57
CA LEU A 113 2.90 0.99 -8.21
C LEU A 113 2.52 0.50 -9.61
N GLY A 114 3.53 0.04 -10.33
CA GLY A 114 3.32 -0.46 -11.68
C GLY A 114 3.98 -1.83 -11.88
N LEU A 115 3.19 -2.75 -12.41
CA LEU A 115 3.68 -4.10 -12.65
C LEU A 115 4.27 -4.18 -14.06
N ASP A 116 4.34 -3.01 -14.69
CA ASP A 116 4.87 -2.94 -16.04
C ASP A 116 6.37 -2.62 -15.98
N GLY A 117 6.82 -2.28 -14.78
CA GLY A 117 8.22 -1.95 -14.57
C GLY A 117 8.53 -0.54 -15.06
N THR A 118 8.23 0.43 -14.21
CA THR A 118 8.48 1.82 -14.56
C THR A 118 8.67 2.66 -13.29
N SER A 119 7.55 3.09 -12.72
CA SER A 119 7.57 3.89 -11.52
C SER A 119 8.28 3.12 -10.40
N VAL A 120 8.11 1.82 -10.42
CA VAL A 120 8.72 0.96 -9.42
C VAL A 120 9.16 -0.35 -10.07
N PRO A 121 10.47 -0.69 -9.87
CA PRO A 121 11.02 -1.90 -10.43
C PRO A 121 10.55 -3.13 -9.64
N LEU A 122 10.84 -4.30 -10.19
CA LEU A 122 10.46 -5.55 -9.56
C LEU A 122 11.68 -6.16 -8.86
N GLY A 123 11.40 -7.00 -7.87
CA GLY A 123 12.46 -7.66 -7.13
C GLY A 123 13.40 -6.63 -6.49
N ALA A 124 12.92 -5.40 -6.42
CA ALA A 124 13.70 -4.31 -5.85
C ALA A 124 12.94 -3.74 -4.65
N ALA A 125 13.70 -3.13 -3.75
CA ALA A 125 13.12 -2.54 -2.55
C ALA A 125 13.38 -1.02 -2.57
N GLN A 126 12.30 -0.28 -2.78
CA GLN A 126 12.39 1.17 -2.81
C GLN A 126 11.42 1.79 -1.80
N TRP A 127 11.88 2.87 -1.18
CA TRP A 127 11.07 3.56 -0.19
C TRP A 127 10.17 4.56 -0.93
N GLY A 128 8.89 4.22 -0.98
CA GLY A 128 7.93 5.08 -1.66
C GLY A 128 7.05 5.81 -0.65
N GLU A 129 6.94 7.12 -0.84
CA GLU A 129 6.14 7.94 0.04
C GLU A 129 4.65 7.68 -0.19
N LEU A 130 3.89 7.75 0.89
CA LEU A 130 2.45 7.53 0.81
C LEU A 130 1.76 8.80 0.33
N LYS A 131 0.85 8.63 -0.61
CA LYS A 131 0.11 9.75 -1.16
C LYS A 131 -1.22 9.91 -0.41
N THR A 132 -1.10 10.14 0.89
CA THR A 132 -2.28 10.31 1.72
C THR A 132 -3.36 11.08 0.96
N SER A 133 -4.59 10.60 1.12
CA SER A 133 -5.72 11.22 0.46
C SER A 133 -5.66 10.97 -1.04
N GLY A 134 -6.81 10.62 -1.60
CA GLY A 134 -6.90 10.35 -3.02
C GLY A 134 -7.83 9.17 -3.29
N PRO A 135 -8.05 8.90 -4.61
CA PRO A 135 -8.92 7.80 -5.01
C PRO A 135 -8.21 6.45 -4.83
N SER A 136 -8.98 5.50 -4.32
CA SER A 136 -8.44 4.16 -4.08
C SER A 136 -8.41 3.37 -5.39
N SER A 137 -9.59 3.22 -5.99
CA SER A 137 -9.71 2.50 -7.24
C SER A 137 -10.39 3.38 -8.29
N GLY A 138 -10.24 2.97 -9.54
CA GLY A 138 -10.83 3.71 -10.64
C GLY A 138 -11.58 2.77 -11.60
N GLY A 1 -19.97 14.66 -6.39
CA GLY A 1 -19.19 15.64 -5.65
C GLY A 1 -18.08 16.22 -6.51
N SER A 2 -17.61 17.39 -6.10
CA SER A 2 -16.56 18.07 -6.83
C SER A 2 -15.59 18.75 -5.85
N SER A 3 -14.38 18.99 -6.33
CA SER A 3 -13.36 19.63 -5.51
C SER A 3 -12.98 18.71 -4.35
N GLY A 4 -11.90 19.08 -3.68
CA GLY A 4 -11.41 18.29 -2.55
C GLY A 4 -10.71 19.20 -1.52
N SER A 5 -9.72 18.62 -0.85
CA SER A 5 -8.98 19.35 0.15
C SER A 5 -7.52 18.86 0.17
N SER A 6 -6.68 19.63 0.85
CA SER A 6 -5.27 19.29 0.96
C SER A 6 -4.91 19.02 2.43
N GLY A 7 -3.70 18.53 2.62
CA GLY A 7 -3.21 18.23 3.96
C GLY A 7 -1.76 18.67 4.13
N SER A 8 -0.85 17.76 3.81
CA SER A 8 0.57 18.04 3.92
C SER A 8 0.95 18.27 5.39
N TRP A 9 1.96 17.55 5.83
CA TRP A 9 2.42 17.65 7.21
C TRP A 9 3.87 17.19 7.25
N ASN A 10 4.65 17.86 8.09
CA ASN A 10 6.06 17.54 8.24
C ASN A 10 6.23 16.03 8.26
N GLN A 11 7.45 15.59 7.97
CA GLN A 11 7.76 14.17 7.95
C GLN A 11 6.63 13.39 7.25
N ALA A 12 6.73 13.35 5.93
CA ALA A 12 5.73 12.65 5.14
C ALA A 12 5.76 11.16 5.49
N PRO A 13 4.62 10.48 5.22
CA PRO A 13 4.51 9.06 5.50
C PRO A 13 5.28 8.24 4.47
N LYS A 14 6.19 7.42 4.99
CA LYS A 14 7.01 6.57 4.13
C LYS A 14 6.54 5.12 4.27
N LEU A 15 6.64 4.39 3.15
CA LEU A 15 6.24 3.00 3.14
C LEU A 15 7.20 2.20 2.25
N HIS A 16 7.62 1.07 2.77
CA HIS A 16 8.55 0.21 2.03
C HIS A 16 7.77 -0.96 1.42
N TYR A 17 8.20 -1.36 0.23
CA TYR A 17 7.56 -2.46 -0.46
C TYR A 17 8.50 -3.06 -1.52
N CYS A 18 8.54 -4.38 -1.54
CA CYS A 18 9.39 -5.09 -2.49
C CYS A 18 8.49 -5.81 -3.49
N LEU A 19 8.40 -5.21 -4.68
CA LEU A 19 7.57 -5.79 -5.74
C LEU A 19 8.32 -6.97 -6.37
N ASP A 20 7.57 -8.03 -6.61
CA ASP A 20 8.14 -9.23 -7.21
C ASP A 20 7.03 -10.03 -7.89
N TYR A 21 7.10 -10.07 -9.21
CA TYR A 21 6.11 -10.79 -9.99
C TYR A 21 6.67 -12.14 -10.46
N ASP A 22 6.12 -13.21 -9.89
CA ASP A 22 6.56 -14.55 -10.25
C ASP A 22 5.72 -15.05 -11.42
N CYS A 23 6.17 -14.71 -12.62
CA CYS A 23 5.47 -15.12 -13.82
C CYS A 23 5.06 -16.58 -13.66
N GLN A 24 5.90 -17.33 -12.96
CA GLN A 24 5.64 -18.74 -12.73
C GLN A 24 4.25 -18.93 -12.11
N LYS A 25 3.99 -18.14 -11.07
CA LYS A 25 2.72 -18.21 -10.38
C LYS A 25 1.75 -17.19 -10.99
N ALA A 26 2.33 -16.16 -11.60
CA ALA A 26 1.54 -15.13 -12.23
C ALA A 26 0.79 -14.34 -11.16
N GLU A 27 1.48 -14.11 -10.04
CA GLU A 27 0.90 -13.37 -8.94
C GLU A 27 1.89 -12.32 -8.42
N LEU A 28 1.40 -11.10 -8.32
CA LEU A 28 2.21 -9.99 -7.85
C LEU A 28 2.42 -10.13 -6.33
N PHE A 29 3.61 -9.77 -5.89
CA PHE A 29 3.94 -9.84 -4.48
C PHE A 29 4.43 -8.49 -3.96
N VAL A 30 4.05 -8.20 -2.72
CA VAL A 30 4.45 -6.95 -2.09
C VAL A 30 5.05 -7.23 -0.72
N THR A 31 6.26 -7.77 -0.73
CA THR A 31 6.96 -8.10 0.49
C THR A 31 7.82 -6.92 0.95
N ARG A 32 8.54 -7.14 2.03
CA ARG A 32 9.41 -6.10 2.58
C ARG A 32 8.59 -4.87 2.93
N LEU A 33 7.52 -5.09 3.68
CA LEU A 33 6.65 -4.01 4.10
C LEU A 33 7.21 -3.37 5.37
N GLU A 34 7.42 -2.06 5.30
CA GLU A 34 7.95 -1.33 6.44
C GLU A 34 7.43 0.11 6.43
N ALA A 35 6.36 0.33 7.18
CA ALA A 35 5.76 1.64 7.26
C ALA A 35 6.65 2.56 8.10
N VAL A 36 6.62 3.84 7.77
CA VAL A 36 7.42 4.82 8.48
C VAL A 36 6.62 6.11 8.64
N THR A 37 5.72 6.09 9.62
CA THR A 37 4.88 7.25 9.88
C THR A 37 5.34 7.96 11.16
N SER A 38 5.31 9.28 11.10
CA SER A 38 5.72 10.08 12.25
C SER A 38 4.51 10.77 12.87
N ASN A 39 3.68 11.35 12.01
CA ASN A 39 2.49 12.04 12.45
C ASN A 39 1.83 11.23 13.59
N HIS A 40 1.87 11.81 14.77
CA HIS A 40 1.29 11.16 15.93
C HIS A 40 -0.16 10.79 15.64
N ASP A 41 -0.65 9.81 16.40
CA ASP A 41 -2.03 9.35 16.23
C ASP A 41 -2.46 8.60 17.48
N GLY A 42 -3.76 8.39 17.60
CA GLY A 42 -4.32 7.69 18.74
C GLY A 42 -3.60 6.37 18.98
N GLY A 43 -4.06 5.34 18.28
CA GLY A 43 -3.46 4.02 18.41
C GLY A 43 -4.07 3.05 17.40
N CYS A 44 -4.77 2.06 17.93
CA CYS A 44 -5.40 1.06 17.08
C CYS A 44 -4.30 0.27 16.38
N ASP A 45 -4.73 -0.70 15.56
CA ASP A 45 -3.79 -1.52 14.82
C ASP A 45 -3.78 -1.09 13.36
N CYS A 46 -2.58 -0.80 12.88
CA CYS A 46 -2.41 -0.38 11.50
C CYS A 46 -1.87 -1.56 10.69
N TYR A 47 -2.19 -1.55 9.40
CA TYR A 47 -1.74 -2.61 8.51
C TYR A 47 -1.65 -2.11 7.07
N VAL A 48 -0.80 -2.79 6.30
CA VAL A 48 -0.60 -2.42 4.91
C VAL A 48 -1.57 -3.23 4.04
N GLN A 49 -2.12 -2.56 3.04
CA GLN A 49 -3.05 -3.19 2.13
C GLN A 49 -2.64 -2.95 0.68
N GLY A 50 -2.73 -4.00 -0.11
CA GLY A 50 -2.37 -3.92 -1.52
C GLY A 50 -3.52 -4.39 -2.41
N SER A 51 -3.92 -3.52 -3.33
CA SER A 51 -4.99 -3.84 -4.25
C SER A 51 -4.49 -3.77 -5.69
N VAL A 52 -4.98 -4.70 -6.50
CA VAL A 52 -4.60 -4.75 -7.90
C VAL A 52 -5.85 -4.72 -8.78
N ALA A 53 -5.77 -3.94 -9.85
CA ALA A 53 -6.88 -3.80 -10.77
C ALA A 53 -6.42 -4.16 -12.18
N ASN A 54 -6.68 -5.40 -12.57
CA ASN A 54 -6.29 -5.88 -13.88
C ASN A 54 -7.49 -5.79 -14.82
N ARG A 55 -7.26 -6.18 -16.07
CA ARG A 55 -8.31 -6.14 -17.07
C ARG A 55 -9.22 -7.37 -16.93
N THR A 56 -8.97 -8.14 -15.88
CA THR A 56 -9.75 -9.33 -15.61
C THR A 56 -10.58 -9.15 -14.34
N GLY A 57 -10.20 -8.16 -13.56
CA GLY A 57 -10.89 -7.88 -12.31
C GLY A 57 -10.02 -7.06 -11.36
N SER A 58 -10.00 -7.49 -10.10
CA SER A 58 -9.21 -6.81 -9.10
C SER A 58 -9.01 -7.74 -7.89
N VAL A 59 -7.81 -7.66 -7.32
CA VAL A 59 -7.48 -8.47 -6.17
C VAL A 59 -6.95 -7.57 -5.05
N GLU A 60 -7.09 -8.06 -3.83
CA GLU A 60 -6.63 -7.31 -2.66
C GLU A 60 -5.95 -8.25 -1.67
N ALA A 61 -5.28 -7.64 -0.70
CA ALA A 61 -4.58 -8.41 0.32
C ALA A 61 -4.07 -7.45 1.40
N GLN A 62 -4.00 -7.97 2.61
CA GLN A 62 -3.53 -7.18 3.74
C GLN A 62 -2.58 -8.01 4.62
N THR A 63 -1.85 -7.31 5.47
CA THR A 63 -0.91 -7.97 6.36
C THR A 63 -1.52 -8.11 7.76
N ALA A 64 -0.76 -8.77 8.63
CA ALA A 64 -1.21 -8.99 9.99
C ALA A 64 -1.11 -7.67 10.76
N LEU A 65 -2.18 -7.37 11.49
CA LEU A 65 -2.23 -6.15 12.27
C LEU A 65 -0.98 -6.05 13.14
N LYS A 66 -0.54 -4.82 13.37
CA LYS A 66 0.64 -4.58 14.18
C LYS A 66 0.46 -3.29 14.97
N LYS A 67 1.30 -3.13 15.98
CA LYS A 67 1.23 -1.94 16.82
C LYS A 67 1.81 -0.75 16.05
N ARG A 68 1.06 0.34 16.06
CA ARG A 68 1.49 1.55 15.37
C ARG A 68 2.74 2.12 16.04
N GLN A 69 3.86 2.02 15.32
CA GLN A 69 5.13 2.52 15.83
C GLN A 69 5.77 3.44 14.81
N LEU A 70 6.95 3.92 15.15
CA LEU A 70 7.70 4.81 14.27
C LEU A 70 8.29 4.00 13.11
N HIS A 71 8.21 2.69 13.25
CA HIS A 71 8.73 1.79 12.23
C HIS A 71 8.20 0.38 12.47
N THR A 72 7.11 0.06 11.78
CA THR A 72 6.50 -1.26 11.91
C THR A 72 6.82 -2.12 10.70
N THR A 73 7.51 -3.22 10.95
CA THR A 73 7.88 -4.13 9.88
C THR A 73 7.15 -5.47 10.05
N TRP A 74 6.63 -5.96 8.92
CA TRP A 74 5.91 -7.22 8.92
C TRP A 74 6.88 -8.32 8.51
N GLU A 75 6.42 -9.56 8.65
CA GLU A 75 7.24 -10.71 8.30
C GLU A 75 6.80 -11.28 6.95
N GLU A 76 5.54 -11.01 6.61
CA GLU A 76 4.99 -11.49 5.36
C GLU A 76 4.71 -10.31 4.41
N GLY A 77 4.37 -10.65 3.18
CA GLY A 77 4.07 -9.64 2.17
C GLY A 77 2.64 -9.78 1.66
N LEU A 78 2.39 -9.14 0.53
CA LEU A 78 1.06 -9.18 -0.07
C LEU A 78 1.17 -9.71 -1.50
N VAL A 79 0.56 -10.85 -1.73
CA VAL A 79 0.59 -11.47 -3.05
C VAL A 79 -0.81 -11.40 -3.67
N LEU A 80 -0.86 -10.88 -4.89
CA LEU A 80 -2.11 -10.76 -5.60
C LEU A 80 -1.99 -11.43 -6.97
N PRO A 81 -3.10 -12.11 -7.37
CA PRO A 81 -3.12 -12.79 -8.66
C PRO A 81 -3.27 -11.80 -9.81
N LEU A 82 -2.32 -11.86 -10.73
CA LEU A 82 -2.32 -10.97 -11.88
C LEU A 82 -1.61 -11.65 -13.05
N ALA A 83 -2.27 -11.61 -14.20
CA ALA A 83 -1.71 -12.23 -15.40
C ALA A 83 -0.62 -11.31 -15.96
N GLU A 84 0.37 -11.95 -16.58
CA GLU A 84 1.48 -11.22 -17.17
C GLU A 84 1.00 -10.40 -18.36
N GLU A 85 -0.14 -10.81 -18.90
CA GLU A 85 -0.71 -10.12 -20.04
C GLU A 85 -1.50 -8.88 -19.58
N GLU A 86 -1.67 -8.79 -18.27
CA GLU A 86 -2.39 -7.67 -17.69
C GLU A 86 -1.44 -6.77 -16.91
N LEU A 87 -0.20 -7.22 -16.80
CA LEU A 87 0.81 -6.47 -16.08
C LEU A 87 0.71 -5.00 -16.46
N PRO A 88 0.68 -4.75 -17.80
CA PRO A 88 0.58 -3.39 -18.31
C PRO A 88 -0.83 -2.84 -18.14
N THR A 89 -1.78 -3.75 -17.99
CA THR A 89 -3.17 -3.37 -17.81
C THR A 89 -3.59 -3.56 -16.36
N ALA A 90 -2.60 -3.56 -15.48
CA ALA A 90 -2.86 -3.74 -14.06
C ALA A 90 -1.99 -2.75 -13.27
N THR A 91 -2.51 -2.36 -12.12
CA THR A 91 -1.81 -1.43 -11.26
C THR A 91 -1.89 -1.88 -9.80
N LEU A 92 -0.81 -1.61 -9.08
CA LEU A 92 -0.75 -1.98 -7.66
C LEU A 92 -0.81 -0.72 -6.81
N THR A 93 -1.90 -0.59 -6.07
CA THR A 93 -2.08 0.57 -5.21
C THR A 93 -2.08 0.14 -3.74
N LEU A 94 -1.04 0.56 -3.04
CA LEU A 94 -0.90 0.22 -1.63
C LEU A 94 -1.78 1.17 -0.80
N THR A 95 -2.25 0.66 0.33
CA THR A 95 -3.09 1.43 1.21
C THR A 95 -2.84 1.04 2.67
N LEU A 96 -2.78 2.05 3.52
CA LEU A 96 -2.55 1.83 4.94
C LEU A 96 -3.77 2.30 5.73
N ARG A 97 -4.61 1.34 6.09
CA ARG A 97 -5.82 1.64 6.86
C ARG A 97 -5.55 1.46 8.35
N THR A 98 -6.40 2.10 9.14
CA THR A 98 -6.28 2.01 10.59
C THR A 98 -7.44 1.22 11.18
N CYS A 99 -7.11 0.10 11.79
CA CYS A 99 -8.12 -0.76 12.39
C CYS A 99 -9.01 0.11 13.28
N ASP A 100 -10.28 0.18 12.90
CA ASP A 100 -11.24 0.97 13.64
C ASP A 100 -12.66 0.51 13.30
N ARG A 101 -13.60 0.87 14.16
CA ARG A 101 -14.99 0.50 13.97
C ARG A 101 -15.37 0.67 12.49
N PHE A 102 -15.16 1.88 11.99
CA PHE A 102 -15.48 2.19 10.61
C PHE A 102 -14.62 3.34 10.10
N SER A 103 -13.56 2.97 9.36
CA SER A 103 -12.67 3.97 8.81
C SER A 103 -13.37 4.77 7.72
N ARG A 104 -14.45 5.42 8.12
CA ARG A 104 -15.23 6.22 7.18
C ARG A 104 -14.30 7.04 6.29
N HIS A 105 -13.44 7.82 6.94
CA HIS A 105 -12.49 8.65 6.21
C HIS A 105 -11.65 7.78 5.27
N SER A 106 -10.77 8.44 4.54
CA SER A 106 -9.90 7.74 3.61
C SER A 106 -8.86 6.92 4.37
N VAL A 107 -7.94 6.35 3.62
CA VAL A 107 -6.89 5.54 4.22
C VAL A 107 -5.79 6.46 4.75
N ALA A 108 -5.00 5.92 5.67
CA ALA A 108 -3.92 6.68 6.26
C ALA A 108 -2.98 7.17 5.16
N GLY A 109 -3.00 6.46 4.05
CA GLY A 109 -2.16 6.81 2.92
C GLY A 109 -2.22 5.73 1.84
N GLU A 110 -1.87 6.14 0.62
CA GLU A 110 -1.88 5.21 -0.51
C GLU A 110 -0.57 5.34 -1.30
N LEU A 111 0.02 4.18 -1.57
CA LEU A 111 1.26 4.15 -2.32
C LEU A 111 1.01 3.56 -3.71
N ARG A 112 1.03 4.43 -4.71
CA ARG A 112 0.80 4.00 -6.07
C ARG A 112 2.07 3.38 -6.65
N LEU A 113 1.90 2.18 -7.21
CA LEU A 113 3.02 1.47 -7.80
C LEU A 113 2.58 0.87 -9.14
N GLY A 114 3.55 0.31 -9.85
CA GLY A 114 3.28 -0.31 -11.13
C GLY A 114 3.89 -1.70 -11.22
N LEU A 115 3.30 -2.52 -12.08
CA LEU A 115 3.78 -3.88 -12.26
C LEU A 115 4.37 -4.02 -13.67
N ASP A 116 3.79 -3.28 -14.60
CA ASP A 116 4.24 -3.32 -15.98
C ASP A 116 5.77 -3.29 -16.01
N GLY A 117 6.33 -2.69 -14.98
CA GLY A 117 7.78 -2.58 -14.88
C GLY A 117 8.26 -1.19 -15.28
N THR A 118 7.43 -0.20 -14.98
CA THR A 118 7.75 1.18 -15.31
C THR A 118 8.05 1.97 -14.03
N SER A 119 6.98 2.45 -13.41
CA SER A 119 7.11 3.22 -12.19
C SER A 119 8.20 2.63 -11.31
N VAL A 120 8.01 1.37 -10.93
CA VAL A 120 8.98 0.67 -10.10
C VAL A 120 9.25 -0.71 -10.69
N PRO A 121 10.56 -1.09 -10.66
CA PRO A 121 10.97 -2.38 -11.18
C PRO A 121 10.58 -3.51 -10.22
N LEU A 122 10.77 -4.74 -10.70
CA LEU A 122 10.45 -5.91 -9.89
C LEU A 122 11.71 -6.40 -9.20
N GLY A 123 11.50 -7.12 -8.10
CA GLY A 123 12.62 -7.66 -7.34
C GLY A 123 13.59 -6.56 -6.93
N ALA A 124 13.07 -5.34 -6.91
CA ALA A 124 13.88 -4.19 -6.54
C ALA A 124 13.24 -3.47 -5.36
N ALA A 125 13.77 -3.74 -4.18
CA ALA A 125 13.26 -3.12 -2.96
C ALA A 125 13.49 -1.62 -3.02
N GLN A 126 12.40 -0.88 -2.91
CA GLN A 126 12.47 0.58 -2.96
C GLN A 126 11.51 1.18 -1.93
N TRP A 127 11.82 2.41 -1.54
CA TRP A 127 11.00 3.11 -0.55
C TRP A 127 10.04 4.03 -1.32
N GLY A 128 8.98 4.44 -0.62
CA GLY A 128 7.99 5.31 -1.21
C GLY A 128 7.21 6.05 -0.13
N GLU A 129 6.74 7.24 -0.50
CA GLU A 129 5.97 8.07 0.42
C GLU A 129 4.48 7.93 0.15
N LEU A 130 3.75 7.58 1.19
CA LEU A 130 2.31 7.41 1.08
C LEU A 130 1.69 8.69 0.51
N LYS A 131 0.84 8.50 -0.49
CA LYS A 131 0.17 9.63 -1.12
C LYS A 131 -1.16 9.89 -0.43
N THR A 132 -1.06 10.40 0.80
CA THR A 132 -2.25 10.70 1.58
C THR A 132 -2.90 11.99 1.08
N SER A 133 -4.05 11.82 0.45
CA SER A 133 -4.79 12.96 -0.09
C SER A 133 -5.37 13.79 1.06
N GLY A 134 -6.21 13.14 1.85
CA GLY A 134 -6.84 13.79 2.98
C GLY A 134 -7.93 12.91 3.60
N PRO A 135 -8.22 13.18 4.90
CA PRO A 135 -9.23 12.43 5.61
C PRO A 135 -10.63 12.83 5.18
N SER A 136 -10.87 12.73 3.87
CA SER A 136 -12.16 13.09 3.32
C SER A 136 -12.72 11.92 2.50
N SER A 137 -13.68 11.23 3.09
CA SER A 137 -14.31 10.10 2.44
C SER A 137 -14.52 10.40 0.96
N GLY A 138 -14.56 9.34 0.16
CA GLY A 138 -14.76 9.48 -1.27
C GLY A 138 -15.05 8.13 -1.91
N GLY A 1 -25.11 14.18 -0.33
CA GLY A 1 -24.51 14.94 0.76
C GLY A 1 -23.01 14.65 0.86
N SER A 2 -22.27 15.68 1.21
CA SER A 2 -20.82 15.55 1.36
C SER A 2 -20.27 16.71 2.18
N SER A 3 -19.01 16.57 2.58
CA SER A 3 -18.36 17.60 3.38
C SER A 3 -16.90 17.75 2.94
N GLY A 4 -16.15 16.67 3.14
CA GLY A 4 -14.75 16.67 2.77
C GLY A 4 -13.86 16.62 4.02
N SER A 5 -12.56 16.51 3.78
CA SER A 5 -11.60 16.46 4.86
C SER A 5 -10.17 16.55 4.31
N SER A 6 -9.27 17.03 5.16
CA SER A 6 -7.88 17.17 4.76
C SER A 6 -7.03 17.51 5.98
N GLY A 7 -5.72 17.40 5.80
CA GLY A 7 -4.79 17.70 6.88
C GLY A 7 -3.34 17.64 6.39
N SER A 8 -2.43 18.00 7.27
CA SER A 8 -1.02 17.99 6.94
C SER A 8 -0.18 18.21 8.20
N TRP A 9 1.09 17.83 8.11
CA TRP A 9 2.00 17.97 9.23
C TRP A 9 3.41 17.68 8.73
N ASN A 10 4.38 18.01 9.57
CA ASN A 10 5.77 17.79 9.22
C ASN A 10 5.98 16.32 8.86
N GLN A 11 7.16 16.03 8.32
CA GLN A 11 7.49 14.68 7.93
C GLN A 11 6.43 14.11 6.98
N ALA A 12 6.74 12.97 6.39
CA ALA A 12 5.82 12.33 5.47
C ALA A 12 5.80 10.82 5.74
N PRO A 13 4.63 10.20 5.44
CA PRO A 13 4.47 8.78 5.65
C PRO A 13 5.21 7.97 4.57
N LYS A 14 5.93 6.96 5.01
CA LYS A 14 6.69 6.12 4.10
C LYS A 14 6.14 4.69 4.17
N LEU A 15 6.24 4.01 3.04
CA LEU A 15 5.77 2.63 2.96
C LEU A 15 6.73 1.82 2.09
N HIS A 16 7.39 0.87 2.74
CA HIS A 16 8.35 0.02 2.05
C HIS A 16 7.62 -1.19 1.46
N TYR A 17 7.99 -1.54 0.24
CA TYR A 17 7.39 -2.66 -0.44
C TYR A 17 8.31 -3.22 -1.52
N CYS A 18 8.39 -4.54 -1.58
CA CYS A 18 9.23 -5.20 -2.56
C CYS A 18 8.32 -5.90 -3.58
N LEU A 19 8.31 -5.35 -4.78
CA LEU A 19 7.49 -5.92 -5.85
C LEU A 19 8.25 -7.08 -6.50
N ASP A 20 7.53 -8.19 -6.66
CA ASP A 20 8.12 -9.37 -7.26
C ASP A 20 7.01 -10.20 -7.92
N TYR A 21 7.05 -10.25 -9.24
CA TYR A 21 6.06 -11.00 -9.99
C TYR A 21 6.61 -12.35 -10.42
N ASP A 22 5.99 -13.42 -9.91
CA ASP A 22 6.40 -14.76 -10.23
C ASP A 22 5.58 -15.29 -11.41
N CYS A 23 6.05 -14.98 -12.61
CA CYS A 23 5.36 -15.41 -13.82
C CYS A 23 4.93 -16.87 -13.63
N GLN A 24 5.76 -17.60 -12.90
CA GLN A 24 5.47 -19.01 -12.65
C GLN A 24 4.09 -19.16 -12.03
N LYS A 25 3.83 -18.36 -11.00
CA LYS A 25 2.56 -18.39 -10.32
C LYS A 25 1.59 -17.42 -11.00
N ALA A 26 2.15 -16.35 -11.51
CA ALA A 26 1.35 -15.34 -12.19
C ALA A 26 0.65 -14.46 -11.16
N GLU A 27 1.36 -14.19 -10.07
CA GLU A 27 0.82 -13.37 -9.00
C GLU A 27 1.85 -12.33 -8.55
N LEU A 28 1.36 -11.12 -8.34
CA LEU A 28 2.23 -10.04 -7.89
C LEU A 28 2.43 -10.12 -6.39
N PHE A 29 3.67 -9.92 -5.98
CA PHE A 29 4.01 -9.97 -4.56
C PHE A 29 4.57 -8.63 -4.07
N VAL A 30 4.26 -8.32 -2.83
CA VAL A 30 4.71 -7.06 -2.24
C VAL A 30 5.21 -7.34 -0.81
N THR A 31 6.46 -7.74 -0.72
CA THR A 31 7.07 -8.03 0.57
C THR A 31 7.82 -6.80 1.09
N ARG A 32 8.67 -7.05 2.08
CA ARG A 32 9.46 -5.98 2.67
C ARG A 32 8.55 -4.82 3.09
N LEU A 33 7.48 -5.17 3.80
CA LEU A 33 6.53 -4.18 4.27
C LEU A 33 7.13 -3.42 5.44
N GLU A 34 7.37 -2.14 5.22
CA GLU A 34 7.94 -1.29 6.26
C GLU A 34 7.30 0.09 6.24
N ALA A 35 6.20 0.22 6.96
CA ALA A 35 5.48 1.48 7.03
C ALA A 35 6.23 2.44 7.95
N VAL A 36 6.56 3.60 7.40
CA VAL A 36 7.27 4.61 8.15
C VAL A 36 6.39 5.85 8.32
N THR A 37 5.37 5.71 9.16
CA THR A 37 4.45 6.79 9.41
C THR A 37 4.96 7.68 10.55
N SER A 38 4.07 8.54 11.03
CA SER A 38 4.43 9.44 12.12
C SER A 38 3.16 9.89 12.85
N ASN A 39 2.77 9.10 13.83
CA ASN A 39 1.58 9.40 14.62
C ASN A 39 1.69 8.76 15.99
N HIS A 40 0.94 9.29 16.93
CA HIS A 40 0.95 8.78 18.30
C HIS A 40 0.79 7.26 18.27
N ASP A 41 1.78 6.58 18.83
CA ASP A 41 1.77 5.14 18.87
C ASP A 41 0.85 4.67 20.01
N GLY A 42 0.55 3.39 20.00
CA GLY A 42 -0.32 2.81 21.02
C GLY A 42 -1.76 3.23 20.81
N GLY A 43 -2.59 2.26 20.44
CA GLY A 43 -3.99 2.52 20.19
C GLY A 43 -4.42 2.06 18.81
N CYS A 44 -5.20 0.98 18.78
CA CYS A 44 -5.67 0.42 17.53
C CYS A 44 -4.46 -0.11 16.76
N ASP A 45 -4.69 -1.24 16.09
CA ASP A 45 -3.63 -1.87 15.31
C ASP A 45 -3.66 -1.32 13.89
N CYS A 46 -2.48 -1.09 13.34
CA CYS A 46 -2.36 -0.58 11.99
C CYS A 46 -1.95 -1.72 11.06
N TYR A 47 -2.24 -1.55 9.79
CA TYR A 47 -1.91 -2.56 8.79
C TYR A 47 -1.99 -1.99 7.37
N VAL A 48 -1.09 -2.46 6.53
CA VAL A 48 -1.05 -2.00 5.15
C VAL A 48 -1.91 -2.93 4.28
N GLN A 49 -2.34 -2.40 3.15
CA GLN A 49 -3.16 -3.17 2.24
C GLN A 49 -2.75 -2.89 0.79
N GLY A 50 -2.65 -3.96 0.02
CA GLY A 50 -2.27 -3.84 -1.38
C GLY A 50 -3.41 -4.28 -2.31
N SER A 51 -3.89 -3.33 -3.10
CA SER A 51 -4.96 -3.61 -4.02
C SER A 51 -4.44 -3.57 -5.47
N VAL A 52 -5.00 -4.45 -6.29
CA VAL A 52 -4.61 -4.53 -7.68
C VAL A 52 -5.85 -4.44 -8.57
N ALA A 53 -5.68 -3.82 -9.72
CA ALA A 53 -6.77 -3.66 -10.66
C ALA A 53 -6.28 -4.02 -12.07
N ASN A 54 -6.77 -5.15 -12.56
CA ASN A 54 -6.41 -5.60 -13.88
C ASN A 54 -7.59 -5.45 -14.83
N ARG A 55 -7.39 -5.87 -16.08
CA ARG A 55 -8.43 -5.78 -17.08
C ARG A 55 -9.41 -6.95 -16.94
N THR A 56 -9.21 -7.72 -15.89
CA THR A 56 -10.05 -8.88 -15.64
C THR A 56 -10.94 -8.62 -14.42
N GLY A 57 -10.38 -7.91 -13.45
CA GLY A 57 -11.10 -7.60 -12.23
C GLY A 57 -10.23 -6.79 -11.27
N SER A 58 -10.14 -7.29 -10.05
CA SER A 58 -9.34 -6.62 -9.03
C SER A 58 -9.16 -7.54 -7.82
N VAL A 59 -8.07 -7.33 -7.11
CA VAL A 59 -7.76 -8.13 -5.94
C VAL A 59 -7.42 -7.20 -4.76
N GLU A 60 -7.01 -7.83 -3.67
CA GLU A 60 -6.65 -7.07 -2.47
C GLU A 60 -5.80 -7.94 -1.55
N ALA A 61 -5.11 -7.26 -0.63
CA ALA A 61 -4.26 -7.95 0.33
C ALA A 61 -3.79 -6.96 1.39
N GLN A 62 -3.28 -7.50 2.48
CA GLN A 62 -2.79 -6.67 3.57
C GLN A 62 -1.89 -7.50 4.50
N THR A 63 -1.28 -6.81 5.46
CA THR A 63 -0.40 -7.46 6.40
C THR A 63 -1.17 -7.79 7.70
N ALA A 64 -0.41 -8.29 8.67
CA ALA A 64 -1.01 -8.65 9.95
C ALA A 64 -0.96 -7.44 10.88
N LEU A 65 -2.09 -7.18 11.53
CA LEU A 65 -2.19 -6.06 12.44
C LEU A 65 -0.90 -5.98 13.27
N LYS A 66 -0.55 -4.75 13.62
CA LYS A 66 0.65 -4.52 14.41
C LYS A 66 0.48 -3.22 15.21
N LYS A 67 1.39 -3.03 16.16
CA LYS A 67 1.35 -1.84 17.00
C LYS A 67 1.98 -0.67 16.24
N ARG A 68 1.16 0.35 16.01
CA ARG A 68 1.62 1.53 15.30
C ARG A 68 2.93 2.03 15.89
N GLN A 69 3.91 2.17 15.02
CA GLN A 69 5.23 2.64 15.44
C GLN A 69 5.77 3.67 14.44
N LEU A 70 6.92 4.22 14.78
CA LEU A 70 7.55 5.22 13.94
C LEU A 70 8.08 4.53 12.67
N HIS A 71 8.01 3.21 12.67
CA HIS A 71 8.47 2.43 11.54
C HIS A 71 8.14 0.95 11.76
N THR A 72 6.91 0.59 11.43
CA THR A 72 6.47 -0.79 11.60
C THR A 72 7.06 -1.67 10.50
N THR A 73 7.16 -2.96 10.81
CA THR A 73 7.70 -3.92 9.85
C THR A 73 7.06 -5.29 10.07
N TRP A 74 6.63 -5.88 8.96
CA TRP A 74 6.00 -7.19 9.01
C TRP A 74 7.04 -8.23 8.54
N GLU A 75 6.62 -9.48 8.59
CA GLU A 75 7.49 -10.57 8.19
C GLU A 75 6.89 -11.31 7.00
N GLU A 76 5.95 -10.66 6.35
CA GLU A 76 5.28 -11.24 5.20
C GLU A 76 5.14 -10.21 4.08
N GLY A 77 4.50 -10.63 3.00
CA GLY A 77 4.29 -9.76 1.86
C GLY A 77 2.85 -9.86 1.34
N LEU A 78 2.55 -9.03 0.35
CA LEU A 78 1.22 -9.02 -0.24
C LEU A 78 1.29 -9.62 -1.65
N VAL A 79 0.66 -10.78 -1.79
CA VAL A 79 0.64 -11.47 -3.06
C VAL A 79 -0.76 -11.39 -3.66
N LEU A 80 -0.83 -10.89 -4.88
CA LEU A 80 -2.10 -10.76 -5.57
C LEU A 80 -2.01 -11.42 -6.95
N PRO A 81 -3.15 -11.98 -7.40
CA PRO A 81 -3.21 -12.64 -8.69
C PRO A 81 -3.22 -11.62 -9.83
N LEU A 82 -2.29 -11.81 -10.76
CA LEU A 82 -2.18 -10.93 -11.90
C LEU A 82 -1.47 -11.66 -13.05
N ALA A 83 -2.08 -11.59 -14.21
CA ALA A 83 -1.52 -12.23 -15.39
C ALA A 83 -0.45 -11.32 -16.01
N GLU A 84 0.53 -11.95 -16.64
CA GLU A 84 1.61 -11.21 -17.27
C GLU A 84 1.07 -10.40 -18.45
N GLU A 85 -0.06 -10.85 -18.97
CA GLU A 85 -0.68 -10.17 -20.10
C GLU A 85 -1.47 -8.96 -19.62
N GLU A 86 -1.52 -8.80 -18.30
CA GLU A 86 -2.25 -7.69 -17.70
C GLU A 86 -1.27 -6.78 -16.95
N LEU A 87 -0.04 -7.24 -16.83
CA LEU A 87 0.98 -6.48 -16.15
C LEU A 87 0.87 -5.00 -16.53
N PRO A 88 0.82 -4.77 -17.88
CA PRO A 88 0.71 -3.42 -18.39
C PRO A 88 -0.70 -2.87 -18.22
N THR A 89 -1.65 -3.80 -18.12
CA THR A 89 -3.04 -3.43 -17.94
C THR A 89 -3.48 -3.65 -16.49
N ALA A 90 -2.52 -3.55 -15.59
CA ALA A 90 -2.78 -3.73 -14.17
C ALA A 90 -1.92 -2.76 -13.37
N THR A 91 -2.44 -2.38 -12.21
CA THR A 91 -1.74 -1.46 -11.33
C THR A 91 -1.98 -1.83 -9.87
N LEU A 92 -0.95 -1.64 -9.06
CA LEU A 92 -1.02 -1.95 -7.64
C LEU A 92 -1.24 -0.65 -6.87
N THR A 93 -2.22 -0.70 -5.97
CA THR A 93 -2.55 0.46 -5.15
C THR A 93 -2.35 0.13 -3.67
N LEU A 94 -1.21 0.54 -3.15
CA LEU A 94 -0.89 0.30 -1.75
C LEU A 94 -1.69 1.28 -0.88
N THR A 95 -2.44 0.71 0.05
CA THR A 95 -3.25 1.51 0.95
C THR A 95 -2.97 1.13 2.40
N LEU A 96 -2.50 2.11 3.16
CA LEU A 96 -2.18 1.88 4.56
C LEU A 96 -3.41 2.23 5.41
N ARG A 97 -4.15 1.19 5.78
CA ARG A 97 -5.35 1.37 6.59
C ARG A 97 -5.04 1.05 8.05
N THR A 98 -5.99 1.41 8.91
CA THR A 98 -5.85 1.17 10.33
C THR A 98 -7.00 0.32 10.86
N CYS A 99 -6.69 -0.47 11.88
CA CYS A 99 -7.69 -1.33 12.48
C CYS A 99 -8.99 -0.54 12.61
N ASP A 100 -10.10 -1.23 12.35
CA ASP A 100 -11.41 -0.60 12.43
C ASP A 100 -11.59 0.01 13.83
N ARG A 101 -12.12 1.22 13.84
CA ARG A 101 -12.34 1.93 15.09
C ARG A 101 -13.72 2.59 15.09
N PHE A 102 -13.94 3.43 14.08
CA PHE A 102 -15.21 4.13 13.96
C PHE A 102 -15.60 4.27 12.49
N SER A 103 -15.13 3.34 11.69
CA SER A 103 -15.43 3.35 10.26
C SER A 103 -14.93 4.65 9.64
N ARG A 104 -13.61 4.84 9.69
CA ARG A 104 -13.00 6.04 9.14
C ARG A 104 -12.78 5.87 7.64
N HIS A 105 -13.34 6.81 6.88
CA HIS A 105 -13.20 6.77 5.42
C HIS A 105 -11.75 7.03 5.04
N SER A 106 -11.45 6.80 3.77
CA SER A 106 -10.10 7.01 3.26
C SER A 106 -9.13 6.04 3.96
N VAL A 107 -7.87 6.16 3.58
CA VAL A 107 -6.84 5.31 4.14
C VAL A 107 -5.83 6.18 4.90
N ALA A 108 -4.91 5.51 5.58
CA ALA A 108 -3.89 6.21 6.34
C ALA A 108 -2.80 6.72 5.39
N GLY A 109 -2.90 6.27 4.15
CA GLY A 109 -1.94 6.66 3.14
C GLY A 109 -2.01 5.74 1.91
N GLU A 110 -1.89 6.35 0.74
CA GLU A 110 -1.96 5.60 -0.50
C GLU A 110 -0.57 5.53 -1.14
N LEU A 111 -0.35 4.46 -1.89
CA LEU A 111 0.91 4.26 -2.56
C LEU A 111 0.69 3.50 -3.87
N ARG A 112 0.73 4.25 -4.96
CA ARG A 112 0.53 3.66 -6.28
C ARG A 112 1.85 3.13 -6.82
N LEU A 113 1.73 2.05 -7.59
CA LEU A 113 2.91 1.42 -8.17
C LEU A 113 2.52 0.77 -9.51
N GLY A 114 3.53 0.28 -10.20
CA GLY A 114 3.31 -0.37 -11.49
C GLY A 114 3.90 -1.79 -11.49
N LEU A 115 3.33 -2.62 -12.34
CA LEU A 115 3.78 -4.00 -12.46
C LEU A 115 4.47 -4.19 -13.82
N ASP A 116 4.06 -3.37 -14.78
CA ASP A 116 4.63 -3.44 -16.11
C ASP A 116 6.15 -3.42 -16.02
N GLY A 117 6.64 -2.81 -14.94
CA GLY A 117 8.07 -2.72 -14.72
C GLY A 117 8.60 -1.35 -15.15
N THR A 118 7.85 -0.32 -14.77
CA THR A 118 8.22 1.04 -15.11
C THR A 118 8.42 1.87 -13.83
N SER A 119 7.33 2.39 -13.32
CA SER A 119 7.36 3.20 -12.11
C SER A 119 8.37 2.60 -11.12
N VAL A 120 8.21 1.31 -10.88
CA VAL A 120 9.10 0.62 -9.95
C VAL A 120 9.45 -0.75 -10.53
N PRO A 121 10.76 -1.10 -10.42
CA PRO A 121 11.23 -2.38 -10.93
C PRO A 121 10.82 -3.53 -10.00
N LEU A 122 11.05 -4.74 -10.47
CA LEU A 122 10.71 -5.93 -9.70
C LEU A 122 11.94 -6.41 -8.94
N GLY A 123 11.69 -7.12 -7.84
CA GLY A 123 12.76 -7.64 -7.02
C GLY A 123 13.64 -6.50 -6.49
N ALA A 124 13.12 -5.29 -6.59
CA ALA A 124 13.84 -4.12 -6.12
C ALA A 124 12.97 -3.35 -5.13
N ALA A 125 13.28 -3.56 -3.85
CA ALA A 125 12.53 -2.89 -2.79
C ALA A 125 12.80 -1.38 -2.87
N GLN A 126 11.75 -0.62 -2.59
CA GLN A 126 11.85 0.83 -2.62
C GLN A 126 11.08 1.44 -1.44
N TRP A 127 11.56 2.60 -1.01
CA TRP A 127 10.93 3.29 0.10
C TRP A 127 10.02 4.39 -0.47
N GLY A 128 8.81 3.99 -0.81
CA GLY A 128 7.84 4.93 -1.37
C GLY A 128 7.21 5.78 -0.28
N GLU A 129 6.55 6.84 -0.71
CA GLU A 129 5.91 7.75 0.22
C GLU A 129 4.39 7.70 0.04
N LEU A 130 3.69 7.55 1.15
CA LEU A 130 2.24 7.48 1.13
C LEU A 130 1.68 8.83 0.68
N LYS A 131 0.76 8.76 -0.27
CA LYS A 131 0.14 9.97 -0.80
C LYS A 131 -1.16 10.24 -0.05
N THR A 132 -1.04 10.39 1.26
CA THR A 132 -2.19 10.65 2.09
C THR A 132 -3.18 11.58 1.37
N SER A 133 -2.72 12.80 1.14
CA SER A 133 -3.55 13.78 0.46
C SER A 133 -3.08 13.95 -0.99
N GLY A 134 -3.67 13.15 -1.86
CA GLY A 134 -3.33 13.21 -3.27
C GLY A 134 -4.33 12.41 -4.10
N PRO A 135 -4.21 12.59 -5.45
CA PRO A 135 -5.09 11.89 -6.37
C PRO A 135 -4.71 10.41 -6.50
N SER A 136 -4.71 9.74 -5.36
CA SER A 136 -4.35 8.33 -5.33
C SER A 136 -5.40 7.55 -4.54
N SER A 137 -6.16 6.73 -5.26
CA SER A 137 -7.19 5.92 -4.65
C SER A 137 -7.51 4.71 -5.53
N GLY A 138 -7.23 3.53 -4.99
CA GLY A 138 -7.47 2.30 -5.71
C GLY A 138 -8.96 1.96 -5.71
N GLY A 1 -13.70 23.36 -8.54
CA GLY A 1 -13.36 22.72 -7.29
C GLY A 1 -13.37 23.72 -6.13
N SER A 2 -12.64 23.39 -5.09
CA SER A 2 -12.56 24.25 -3.92
C SER A 2 -11.57 23.67 -2.90
N SER A 3 -11.85 22.45 -2.47
CA SER A 3 -11.00 21.78 -1.51
C SER A 3 -9.53 22.02 -1.85
N GLY A 4 -8.68 21.88 -0.85
CA GLY A 4 -7.26 22.07 -1.03
C GLY A 4 -6.48 21.71 0.24
N SER A 5 -5.17 21.82 0.15
CA SER A 5 -4.31 21.50 1.28
C SER A 5 -3.13 22.47 1.32
N SER A 6 -2.40 22.41 2.42
CA SER A 6 -1.24 23.28 2.59
C SER A 6 -0.07 22.47 3.18
N GLY A 7 -0.31 21.90 4.35
CA GLY A 7 0.71 21.11 5.01
C GLY A 7 1.58 21.98 5.91
N SER A 8 2.37 22.83 5.29
CA SER A 8 3.26 23.72 6.02
C SER A 8 4.49 22.95 6.51
N TRP A 9 4.22 21.96 7.35
CA TRP A 9 5.29 21.14 7.91
C TRP A 9 6.03 20.48 6.73
N ASN A 10 7.25 20.05 7.01
CA ASN A 10 8.06 19.40 6.00
C ASN A 10 8.31 17.95 6.40
N GLN A 11 7.43 17.08 5.93
CA GLN A 11 7.54 15.67 6.24
C GLN A 11 6.45 14.88 5.51
N ALA A 12 6.78 13.63 5.19
CA ALA A 12 5.84 12.77 4.49
C ALA A 12 6.01 11.33 4.99
N PRO A 13 4.89 10.56 4.90
CA PRO A 13 4.91 9.17 5.33
C PRO A 13 5.65 8.29 4.32
N LYS A 14 6.37 7.31 4.86
CA LYS A 14 7.12 6.39 4.03
C LYS A 14 6.56 4.98 4.20
N LEU A 15 6.61 4.22 3.11
CA LEU A 15 6.12 2.85 3.12
C LEU A 15 7.10 1.95 2.38
N HIS A 16 7.59 0.96 3.08
CA HIS A 16 8.54 0.02 2.49
C HIS A 16 7.77 -1.13 1.84
N TYR A 17 8.12 -1.40 0.58
CA TYR A 17 7.48 -2.47 -0.16
C TYR A 17 8.36 -2.93 -1.32
N CYS A 18 8.33 -4.23 -1.56
CA CYS A 18 9.11 -4.81 -2.63
C CYS A 18 8.17 -5.51 -3.61
N LEU A 19 8.08 -4.94 -4.80
CA LEU A 19 7.21 -5.49 -5.83
C LEU A 19 7.98 -6.52 -6.65
N ASP A 20 7.47 -7.73 -6.64
CA ASP A 20 8.10 -8.82 -7.37
C ASP A 20 7.03 -9.76 -7.92
N TYR A 21 6.88 -9.73 -9.24
CA TYR A 21 5.90 -10.58 -9.90
C TYR A 21 6.50 -11.92 -10.30
N ASP A 22 5.71 -12.96 -10.11
CA ASP A 22 6.14 -14.31 -10.45
C ASP A 22 5.24 -14.88 -11.54
N CYS A 23 5.58 -14.57 -12.77
CA CYS A 23 4.81 -15.04 -13.91
C CYS A 23 4.43 -16.50 -13.66
N GLN A 24 5.31 -17.20 -12.97
CA GLN A 24 5.09 -18.60 -12.65
C GLN A 24 3.80 -18.75 -11.83
N LYS A 25 3.71 -17.92 -10.79
CA LYS A 25 2.55 -17.95 -9.92
C LYS A 25 1.49 -16.99 -10.45
N ALA A 26 1.91 -16.16 -11.39
CA ALA A 26 1.02 -15.18 -11.99
C ALA A 26 0.34 -14.37 -10.88
N GLU A 27 1.12 -14.07 -9.85
CA GLU A 27 0.63 -13.30 -8.72
C GLU A 27 1.67 -12.28 -8.27
N LEU A 28 1.22 -11.05 -8.10
CA LEU A 28 2.12 -9.98 -7.67
C LEU A 28 2.39 -10.12 -6.18
N PHE A 29 3.60 -9.76 -5.79
CA PHE A 29 3.99 -9.86 -4.40
C PHE A 29 4.54 -8.51 -3.90
N VAL A 30 4.19 -8.20 -2.66
CA VAL A 30 4.63 -6.95 -2.05
C VAL A 30 5.18 -7.23 -0.65
N THR A 31 6.36 -7.83 -0.62
CA THR A 31 7.00 -8.16 0.64
C THR A 31 7.76 -6.95 1.19
N ARG A 32 8.49 -7.18 2.27
CA ARG A 32 9.28 -6.13 2.89
C ARG A 32 8.37 -4.94 3.23
N LEU A 33 7.54 -5.13 4.25
CA LEU A 33 6.63 -4.10 4.69
C LEU A 33 7.24 -3.37 5.89
N GLU A 34 7.42 -2.06 5.71
CA GLU A 34 7.99 -1.24 6.78
C GLU A 34 7.52 0.21 6.63
N ALA A 35 6.45 0.52 7.33
CA ALA A 35 5.89 1.87 7.28
C ALA A 35 6.82 2.82 8.04
N VAL A 36 6.85 4.06 7.58
CA VAL A 36 7.68 5.07 8.21
C VAL A 36 6.89 6.36 8.35
N THR A 37 5.88 6.32 9.21
CA THR A 37 5.04 7.48 9.44
C THR A 37 5.29 8.06 10.84
N SER A 38 5.55 9.36 10.87
CA SER A 38 5.81 10.04 12.13
C SER A 38 4.57 10.81 12.57
N ASN A 39 4.47 11.01 13.87
CA ASN A 39 3.34 11.73 14.44
C ASN A 39 2.03 11.07 13.97
N HIS A 40 0.93 11.57 14.52
CA HIS A 40 -0.37 11.05 14.16
C HIS A 40 -0.49 9.60 14.62
N ASP A 41 -1.67 9.04 14.43
CA ASP A 41 -1.92 7.66 14.83
C ASP A 41 -1.69 7.50 16.32
N GLY A 42 -2.76 7.19 17.03
CA GLY A 42 -2.69 7.02 18.47
C GLY A 42 -2.49 5.55 18.83
N GLY A 43 -3.49 5.00 19.51
CA GLY A 43 -3.44 3.60 19.92
C GLY A 43 -4.43 2.76 19.12
N CYS A 44 -4.01 2.38 17.93
CA CYS A 44 -4.85 1.58 17.05
C CYS A 44 -3.94 0.65 16.24
N ASP A 45 -4.51 -0.47 15.84
CA ASP A 45 -3.76 -1.45 15.05
C ASP A 45 -3.68 -0.97 13.61
N CYS A 46 -2.50 -1.16 13.02
CA CYS A 46 -2.27 -0.76 11.65
C CYS A 46 -1.86 -1.99 10.85
N TYR A 47 -1.94 -1.85 9.53
CA TYR A 47 -1.58 -2.94 8.64
C TYR A 47 -1.46 -2.46 7.20
N VAL A 48 -0.71 -3.23 6.41
CA VAL A 48 -0.52 -2.89 5.01
C VAL A 48 -1.60 -3.57 4.17
N GLN A 49 -2.04 -2.86 3.14
CA GLN A 49 -3.06 -3.38 2.24
C GLN A 49 -2.69 -3.10 0.79
N GLY A 50 -2.72 -4.16 -0.01
CA GLY A 50 -2.39 -4.04 -1.42
C GLY A 50 -3.61 -4.36 -2.29
N SER A 51 -3.69 -3.65 -3.41
CA SER A 51 -4.80 -3.85 -4.34
C SER A 51 -4.28 -3.79 -5.78
N VAL A 52 -4.98 -4.49 -6.65
CA VAL A 52 -4.60 -4.52 -8.06
C VAL A 52 -5.87 -4.46 -8.92
N ALA A 53 -5.68 -4.07 -10.17
CA ALA A 53 -6.80 -3.96 -11.09
C ALA A 53 -6.36 -4.47 -12.47
N ASN A 54 -6.94 -5.59 -12.86
CA ASN A 54 -6.63 -6.19 -14.15
C ASN A 54 -7.85 -6.10 -15.06
N ARG A 55 -7.66 -6.56 -16.29
CA ARG A 55 -8.73 -6.53 -17.27
C ARG A 55 -9.76 -7.62 -16.96
N THR A 56 -9.45 -8.40 -15.93
CA THR A 56 -10.34 -9.48 -15.52
C THR A 56 -11.20 -9.05 -14.34
N GLY A 57 -10.64 -8.16 -13.54
CA GLY A 57 -11.34 -7.65 -12.36
C GLY A 57 -10.39 -6.87 -11.45
N SER A 58 -10.32 -7.30 -10.21
CA SER A 58 -9.46 -6.64 -9.24
C SER A 58 -9.19 -7.59 -8.06
N VAL A 59 -8.03 -7.41 -7.45
CA VAL A 59 -7.65 -8.23 -6.31
C VAL A 59 -7.13 -7.33 -5.19
N GLU A 60 -7.14 -7.88 -3.98
CA GLU A 60 -6.68 -7.13 -2.82
C GLU A 60 -6.03 -8.08 -1.81
N ALA A 61 -5.26 -7.50 -0.90
CA ALA A 61 -4.59 -8.27 0.12
C ALA A 61 -3.99 -7.33 1.16
N GLN A 62 -3.62 -7.91 2.29
CA GLN A 62 -3.04 -7.14 3.38
C GLN A 62 -2.26 -8.06 4.33
N THR A 63 -1.54 -7.43 5.24
CA THR A 63 -0.75 -8.16 6.21
C THR A 63 -1.49 -8.26 7.54
N ALA A 64 -0.81 -8.83 8.52
CA ALA A 64 -1.38 -8.99 9.85
C ALA A 64 -1.26 -7.68 10.62
N LEU A 65 -2.32 -7.35 11.34
CA LEU A 65 -2.34 -6.13 12.13
C LEU A 65 -1.11 -6.10 13.05
N LYS A 66 -0.51 -4.92 13.14
CA LYS A 66 0.66 -4.74 13.98
C LYS A 66 0.49 -3.49 14.83
N LYS A 67 1.37 -3.35 15.80
CA LYS A 67 1.34 -2.20 16.69
C LYS A 67 1.94 -0.98 15.98
N ARG A 68 1.21 0.11 16.01
CA ARG A 68 1.66 1.34 15.38
C ARG A 68 2.92 1.86 16.07
N GLN A 69 3.94 2.10 15.26
CA GLN A 69 5.21 2.61 15.78
C GLN A 69 5.86 3.54 14.77
N LEU A 70 6.98 4.13 15.18
CA LEU A 70 7.71 5.04 14.33
C LEU A 70 8.34 4.26 13.18
N HIS A 71 8.38 2.95 13.35
CA HIS A 71 8.95 2.08 12.33
C HIS A 71 8.50 0.63 12.58
N THR A 72 7.36 0.30 12.01
CA THR A 72 6.80 -1.03 12.15
C THR A 72 7.22 -1.91 10.98
N THR A 73 7.33 -3.21 11.25
CA THR A 73 7.72 -4.16 10.24
C THR A 73 6.85 -5.42 10.32
N TRP A 74 6.75 -6.11 9.19
CA TRP A 74 5.96 -7.32 9.12
C TRP A 74 6.88 -8.48 8.74
N GLU A 75 6.33 -9.67 8.76
CA GLU A 75 7.09 -10.87 8.42
C GLU A 75 6.67 -11.39 7.05
N GLU A 76 5.39 -11.21 6.74
CA GLU A 76 4.86 -11.66 5.46
C GLU A 76 4.55 -10.46 4.57
N GLY A 77 4.31 -10.76 3.30
CA GLY A 77 4.00 -9.72 2.33
C GLY A 77 2.58 -9.89 1.79
N LEU A 78 2.33 -9.21 0.68
CA LEU A 78 1.02 -9.27 0.05
C LEU A 78 1.11 -10.13 -1.22
N VAL A 79 -0.05 -10.64 -1.64
CA VAL A 79 -0.11 -11.46 -2.82
C VAL A 79 -1.39 -11.13 -3.60
N LEU A 80 -1.21 -10.91 -4.90
CA LEU A 80 -2.34 -10.59 -5.76
C LEU A 80 -2.20 -11.33 -7.08
N PRO A 81 -3.31 -12.00 -7.50
CA PRO A 81 -3.32 -12.75 -8.74
C PRO A 81 -3.38 -11.80 -9.95
N LEU A 82 -2.37 -11.92 -10.80
CA LEU A 82 -2.29 -11.09 -12.00
C LEU A 82 -1.54 -11.84 -13.09
N ALA A 83 -2.10 -11.82 -14.28
CA ALA A 83 -1.49 -12.49 -15.42
C ALA A 83 -0.36 -11.62 -15.97
N GLU A 84 0.61 -12.28 -16.58
CA GLU A 84 1.75 -11.58 -17.15
C GLU A 84 1.32 -10.80 -18.40
N GLU A 85 0.20 -11.23 -18.97
CA GLU A 85 -0.34 -10.59 -20.16
C GLU A 85 -1.14 -9.35 -19.78
N GLU A 86 -1.26 -9.13 -18.47
CA GLU A 86 -1.99 -7.98 -17.97
C GLU A 86 -1.06 -7.07 -17.15
N LEU A 87 0.15 -7.55 -16.95
CA LEU A 87 1.14 -6.79 -16.20
C LEU A 87 1.08 -5.32 -16.62
N PRO A 88 1.13 -5.10 -17.96
CA PRO A 88 1.08 -3.76 -18.51
C PRO A 88 -0.34 -3.19 -18.43
N THR A 89 -1.31 -4.10 -18.36
CA THR A 89 -2.70 -3.71 -18.28
C THR A 89 -3.23 -3.87 -16.85
N ALA A 90 -2.30 -3.82 -15.91
CA ALA A 90 -2.65 -3.95 -14.51
C ALA A 90 -1.79 -3.01 -13.68
N THR A 91 -2.36 -2.57 -12.55
CA THR A 91 -1.65 -1.66 -11.66
C THR A 91 -1.84 -2.10 -10.21
N LEU A 92 -0.86 -1.75 -9.39
CA LEU A 92 -0.90 -2.08 -7.98
C LEU A 92 -1.14 -0.82 -7.16
N THR A 93 -1.82 -0.99 -6.04
CA THR A 93 -2.13 0.12 -5.16
C THR A 93 -2.05 -0.31 -3.69
N LEU A 94 -1.16 0.35 -2.96
CA LEU A 94 -0.98 0.04 -1.55
C LEU A 94 -1.81 1.02 -0.71
N THR A 95 -2.25 0.53 0.44
CA THR A 95 -3.05 1.34 1.34
C THR A 95 -2.79 0.94 2.80
N LEU A 96 -2.60 1.95 3.63
CA LEU A 96 -2.33 1.72 5.04
C LEU A 96 -3.54 2.18 5.85
N ARG A 97 -4.39 1.21 6.20
CA ARG A 97 -5.58 1.50 6.98
C ARG A 97 -5.28 1.37 8.48
N THR A 98 -6.04 2.11 9.27
CA THR A 98 -5.87 2.09 10.70
C THR A 98 -7.09 1.46 11.38
N CYS A 99 -6.84 0.39 12.12
CA CYS A 99 -7.90 -0.32 12.81
C CYS A 99 -8.68 0.70 13.66
N ASP A 100 -9.83 1.08 13.15
CA ASP A 100 -10.68 2.05 13.85
C ASP A 100 -12.06 1.46 14.05
N ARG A 101 -12.94 2.26 14.61
CA ARG A 101 -14.31 1.84 14.86
C ARG A 101 -14.93 1.29 13.57
N PHE A 102 -14.93 2.12 12.55
CA PHE A 102 -15.49 1.73 11.26
C PHE A 102 -14.41 1.72 10.18
N SER A 103 -13.50 2.66 10.28
CA SER A 103 -12.41 2.77 9.33
C SER A 103 -12.97 3.11 7.94
N ARG A 104 -13.77 4.18 7.91
CA ARG A 104 -14.37 4.62 6.66
C ARG A 104 -13.29 5.20 5.73
N HIS A 105 -13.71 5.47 4.51
CA HIS A 105 -12.80 6.01 3.51
C HIS A 105 -11.89 7.06 4.16
N SER A 106 -10.62 6.71 4.25
CA SER A 106 -9.65 7.61 4.84
C SER A 106 -8.24 7.27 4.33
N VAL A 107 -7.81 6.06 4.65
CA VAL A 107 -6.50 5.59 4.23
C VAL A 107 -5.42 6.45 4.90
N ALA A 108 -4.53 5.77 5.60
CA ALA A 108 -3.45 6.46 6.29
C ALA A 108 -2.32 6.76 5.30
N GLY A 109 -2.44 6.17 4.12
CA GLY A 109 -1.44 6.36 3.09
C GLY A 109 -1.74 5.48 1.87
N GLU A 110 -1.39 6.01 0.70
CA GLU A 110 -1.62 5.29 -0.54
C GLU A 110 -0.33 5.26 -1.37
N LEU A 111 0.04 4.05 -1.76
CA LEU A 111 1.25 3.86 -2.55
C LEU A 111 0.91 3.03 -3.80
N ARG A 112 0.87 3.71 -4.93
CA ARG A 112 0.57 3.05 -6.19
C ARG A 112 1.85 2.69 -6.92
N LEU A 113 1.86 1.50 -7.51
CA LEU A 113 3.01 1.03 -8.24
C LEU A 113 2.57 0.55 -9.63
N GLY A 114 3.56 0.21 -10.44
CA GLY A 114 3.29 -0.26 -11.79
C GLY A 114 3.86 -1.66 -12.01
N LEU A 115 3.05 -2.50 -12.65
CA LEU A 115 3.46 -3.86 -12.93
C LEU A 115 4.02 -3.95 -14.34
N ASP A 116 4.22 -2.78 -14.95
CA ASP A 116 4.76 -2.70 -16.28
C ASP A 116 6.28 -2.56 -16.22
N GLY A 117 6.75 -2.16 -15.04
CA GLY A 117 8.18 -1.98 -14.83
C GLY A 117 8.63 -0.61 -15.34
N THR A 118 8.13 0.43 -14.69
CA THR A 118 8.48 1.79 -15.05
C THR A 118 8.65 2.65 -13.80
N SER A 119 7.53 3.11 -13.28
CA SER A 119 7.53 3.95 -12.09
C SER A 119 8.31 3.25 -10.97
N VAL A 120 8.14 1.93 -10.91
CA VAL A 120 8.83 1.15 -9.89
C VAL A 120 9.24 -0.20 -10.49
N PRO A 121 10.54 -0.54 -10.29
CA PRO A 121 11.07 -1.79 -10.80
C PRO A 121 10.60 -2.98 -9.96
N LEU A 122 10.87 -4.17 -10.47
CA LEU A 122 10.48 -5.39 -9.78
C LEU A 122 11.67 -5.93 -9.00
N GLY A 123 11.36 -6.67 -7.94
CA GLY A 123 12.39 -7.27 -7.11
C GLY A 123 13.30 -6.18 -6.53
N ALA A 124 12.82 -4.95 -6.57
CA ALA A 124 13.58 -3.83 -6.06
C ALA A 124 12.71 -3.03 -5.08
N ALA A 125 12.97 -3.24 -3.80
CA ALA A 125 12.24 -2.56 -2.76
C ALA A 125 12.50 -1.06 -2.84
N GLN A 126 11.42 -0.29 -2.73
CA GLN A 126 11.53 1.16 -2.80
C GLN A 126 10.86 1.80 -1.57
N TRP A 127 11.47 2.88 -1.10
CA TRP A 127 10.96 3.59 0.05
C TRP A 127 10.02 4.68 -0.45
N GLY A 128 8.96 4.25 -1.13
CA GLY A 128 7.99 5.18 -1.65
C GLY A 128 7.27 5.94 -0.53
N GLU A 129 6.83 7.14 -0.86
CA GLU A 129 6.14 7.98 0.11
C GLU A 129 4.62 7.78 -0.01
N LEU A 130 4.01 7.45 1.12
CA LEU A 130 2.57 7.25 1.15
C LEU A 130 1.86 8.49 0.62
N LYS A 131 0.85 8.24 -0.20
CA LYS A 131 0.08 9.33 -0.78
C LYS A 131 -1.21 9.52 0.02
N THR A 132 -1.03 9.82 1.29
CA THR A 132 -2.17 10.03 2.18
C THR A 132 -3.29 10.78 1.44
N SER A 133 -4.52 10.49 1.84
CA SER A 133 -5.67 11.11 1.22
C SER A 133 -5.66 10.87 -0.29
N GLY A 134 -6.65 11.45 -0.95
CA GLY A 134 -6.75 11.31 -2.40
C GLY A 134 -7.30 12.60 -3.03
N PRO A 135 -7.53 12.51 -4.37
CA PRO A 135 -8.05 13.65 -5.10
C PRO A 135 -9.55 13.85 -4.82
N SER A 136 -10.31 12.80 -5.06
CA SER A 136 -11.74 12.84 -4.84
C SER A 136 -12.04 13.09 -3.36
N SER A 137 -11.51 12.19 -2.53
CA SER A 137 -11.71 12.30 -1.09
C SER A 137 -13.20 12.16 -0.77
N GLY A 138 -13.50 11.17 0.06
CA GLY A 138 -14.87 10.92 0.47
C GLY A 138 -15.10 9.43 0.76
#